data_9HAO
#
_entry.id   9HAO
#
_cell.length_a   146.184
_cell.length_b   161.143
_cell.length_c   244.391
_cell.angle_alpha   90.000
_cell.angle_beta   90.000
_cell.angle_gamma   90.000
#
_symmetry.space_group_name_H-M   'P 21 21 21'
#
loop_
_entity.id
_entity.type
_entity.pdbx_description
1 polymer 'Multidrug efflux pump subunit AcrB'
2 polymer DARPIN
3 non-polymer DODECYL-BETA-D-MALTOSIDE
4 non-polymer N-OCTANE
5 non-polymer TETRADECANE
6 non-polymer 1,2-ETHANEDIOL
7 non-polymer GLYCEROL
8 non-polymer DODECANE
9 non-polymer HEXANE
10 non-polymer [3-(3-chloranyl-2-piperazin-1-yl-quinolin-6-yl)phenyl]methanamine
11 non-polymer DECANE
12 non-polymer '(2S)-3-hydroxypropane-1,2-diyl didecanoate'
13 non-polymer DECYLAMINE-N,N-DIMETHYL-N-OXIDE
14 non-polymer 'SULFATE ION'
15 non-polymer '(2S)-3-{[(R)-(2-aminoethoxy)(hydroxy)phosphoryl]oxy}-2-hydroxypropyl hexadecanoate'
16 water water
#
loop_
_entity_poly.entity_id
_entity_poly.type
_entity_poly.pdbx_seq_one_letter_code
_entity_poly.pdbx_strand_id
1 'polypeptide(L)'
;MPNFFIDRPIFAWVIAIIIMLAGGLAILKLPVAQYPTIAPPAVTISASYPGADAKTVQDTVTQVIEQNMNGIDNLMYMSS
NSDSTGTVQITLTFESGTDADIAQVQVQNKLQLAMPLLPQEVQQQGVSVEKSSSSFLMVVGVINTDGTMTQEDISDYVAA
NMKDAISRTSGVGDVQLFGSQYAMRIWMNPNELNKFQLTPVDVITAIKAQNAQVAAGQLGGTPPVKGQQLNASIIAQTRL
TSTEEFGKILLKVNQDGSRVLLRDVAKIELGGENYDIIAEFNGQPASGLGIKLATGANALDTAAAIRAELAKMEPFFPSG
LKIVYPYDTTPFVKISIHEVVKTLVEAIILVFLVMYLFLQNFRATLIPTIAVPVVLLGTFAVLAAFGFSINTLTMFGMVL
AIGLLVDDAIVVVENVERVMAEEGLPPKEATRKSMGQIQGALVGIAMVLSAVFVPMAFFGGSTGAIYRQFSITIVSAMAL
SVLVALILTPALCATMLKPIAKGDHGEGKKGFFGWFNRMFEKSTHHYTDSVGGILRSTGRYLVLYLIIVVGMAYLFVRLP
SSFLPDEDQGVFMTMVQLPAGATQERTQKVLNEVTHYYLTKEKNNVESVFAVNGFGFAGRGQNTGIAFVSLKDWADRPGE
ENKVEAITMRATRAFSQIKDAMVFAFNLPAIVELGTATGFDFELIDQAGLGHEKLTQARNQLLAEAAKHPDMLTSVRPNG
LEDTPQFKIDIDQEKAQALGVSINDINTTLGAAWGGSYVNDFIDRGRVKKVYVMSEAKYRMLPDDIGDWYVRAADGQMVP
FSAFSSSRWEYGSPRLERYNGLPSMEILGQAAPGKSTGEAMELMEQLASKLPTGVGYDWTGMSYQERLSGNQAPSLYAIS
LIVVFLCLAALYESWSIPFSVMLVVPLGVIGALLAATFRGLTNDVYFQVGLLTTIGLSAKNAILIVEFAKDLMDKEGKGL
IEATLDAVRMRLRPILMTSLAFILGVMPLVISTGAGSGAQNAVGTGVMGGMVTATVLAIFFVPVFFVVVRRRFSRKNEDI
EHSHTVDHHLEHHHHHH
;
A,B,C
2 'polypeptide(L)'
;MRGSHHHHHHGSDLGKKLLEAARAGRDDEVRILMANGADVNAADVVGWTPLHLAAYWGHLEIVEVLLKNGADVNAYDTLG
STPLHLAAHFGHLEIVEVLLKNGADVNAKDDNGITPLHLAANRGHLEIVEVLLKYGADVNAQDKFGKTAFDISINNGNED
LAEILQKLN
;
D,E
#
# COMPACT_ATOMS: atom_id res chain seq x y z
N MET A 1 23.91 25.57 32.67
CA MET A 1 22.42 25.68 32.67
C MET A 1 21.89 26.04 34.07
N PRO A 2 22.34 25.30 35.09
CA PRO A 2 21.88 25.61 36.46
C PRO A 2 22.04 27.08 36.80
N ASN A 3 23.27 27.59 36.76
CA ASN A 3 23.49 29.00 37.12
C ASN A 3 22.68 29.92 36.23
N PHE A 4 22.54 29.56 34.94
CA PHE A 4 21.76 30.38 34.03
C PHE A 4 20.31 30.52 34.50
N PHE A 5 19.68 29.40 34.86
CA PHE A 5 18.27 29.44 35.23
C PHE A 5 18.05 29.86 36.67
N ILE A 6 19.04 29.71 37.55
CA ILE A 6 18.91 30.25 38.90
C ILE A 6 18.62 31.75 38.85
N ASP A 7 19.21 32.44 37.88
CA ASP A 7 18.97 33.86 37.68
C ASP A 7 17.71 34.15 36.87
N ARG A 8 17.12 33.13 36.25
CA ARG A 8 15.98 33.30 35.35
C ARG A 8 14.92 32.27 35.68
N PRO A 9 14.21 32.43 36.81
CA PRO A 9 13.20 31.43 37.18
C PRO A 9 12.01 31.41 36.25
N ILE A 10 11.66 32.54 35.62
CA ILE A 10 10.53 32.56 34.72
C ILE A 10 10.86 31.80 33.43
N PHE A 11 12.08 31.98 32.92
CA PHE A 11 12.55 31.16 31.81
C PHE A 11 12.42 29.68 32.16
N ALA A 12 12.81 29.30 33.37
CA ALA A 12 12.69 27.90 33.79
C ALA A 12 11.24 27.45 33.73
N TRP A 13 10.34 28.23 34.30
CA TRP A 13 8.92 27.88 34.25
C TRP A 13 8.43 27.78 32.81
N VAL A 14 8.93 28.64 31.93
CA VAL A 14 8.48 28.62 30.54
C VAL A 14 8.85 27.30 29.88
N ILE A 15 10.06 26.79 30.17
CA ILE A 15 10.48 25.52 29.61
C ILE A 15 9.64 24.39 30.19
N ALA A 16 9.37 24.43 31.49
CA ALA A 16 8.53 23.40 32.09
C ALA A 16 7.13 23.44 31.51
N ILE A 17 6.59 24.63 31.31
CA ILE A 17 5.24 24.77 30.78
C ILE A 17 5.16 24.25 29.34
N ILE A 18 6.14 24.63 28.51
CA ILE A 18 6.15 24.13 27.13
C ILE A 18 6.25 22.61 27.11
N ILE A 19 7.10 22.05 27.97
CA ILE A 19 7.19 20.60 28.08
C ILE A 19 5.84 20.00 28.41
N MET A 20 5.12 20.62 29.35
CA MET A 20 3.83 20.07 29.77
C MET A 20 2.77 20.25 28.69
N LEU A 21 2.80 21.37 27.98
CA LEU A 21 1.87 21.58 26.88
C LEU A 21 2.08 20.55 25.78
N ALA A 22 3.35 20.29 25.43
CA ALA A 22 3.61 19.27 24.41
C ALA A 22 3.13 17.91 24.86
N GLY A 23 3.39 17.56 26.12
CA GLY A 23 2.89 16.29 26.65
C GLY A 23 1.38 16.24 26.69
N GLY A 24 0.74 17.37 27.01
CA GLY A 24 -0.71 17.40 27.02
C GLY A 24 -1.31 17.24 25.64
N LEU A 25 -0.71 17.90 24.65
CA LEU A 25 -1.18 17.71 23.27
C LEU A 25 -0.92 16.30 22.78
N ALA A 26 0.18 15.67 23.24
CA ALA A 26 0.42 14.28 22.90
C ALA A 26 -0.65 13.37 23.50
N ILE A 27 -1.06 13.65 24.74
CA ILE A 27 -2.06 12.81 25.38
C ILE A 27 -3.39 12.87 24.63
N LEU A 28 -3.69 14.01 24.01
CA LEU A 28 -4.96 14.16 23.31
C LEU A 28 -4.96 13.51 21.94
N LYS A 29 -3.78 13.22 21.37
CA LYS A 29 -3.70 12.72 20.01
C LYS A 29 -3.01 11.37 19.88
N LEU A 30 -2.35 10.89 20.92
CA LEU A 30 -1.64 9.62 20.82
C LEU A 30 -2.63 8.47 20.70
N PRO A 31 -2.32 7.44 19.91
CA PRO A 31 -3.17 6.25 19.91
C PRO A 31 -3.19 5.60 21.29
N VAL A 32 -4.32 5.00 21.62
CA VAL A 32 -4.48 4.24 22.86
C VAL A 32 -4.76 2.79 22.49
N ALA A 33 -4.05 1.87 23.13
CA ALA A 33 -4.18 0.45 22.84
C ALA A 33 -3.75 -0.34 24.07
N GLN A 34 -4.14 -1.62 24.10
CA GLN A 34 -3.75 -2.47 25.22
C GLN A 34 -2.26 -2.74 25.20
N TYR A 35 -1.73 -3.10 24.04
CA TYR A 35 -0.34 -3.48 23.84
C TYR A 35 0.13 -2.85 22.53
N PRO A 36 1.44 -2.78 22.33
CA PRO A 36 1.95 -2.50 20.98
C PRO A 36 1.58 -3.62 20.01
N THR A 37 1.53 -3.28 18.72
CA THR A 37 1.14 -4.24 17.69
C THR A 37 2.21 -5.31 17.57
N ILE A 38 1.81 -6.58 17.75
CA ILE A 38 2.76 -7.69 17.63
C ILE A 38 2.18 -8.80 16.77
N ALA A 39 0.90 -8.70 16.40
CA ALA A 39 0.22 -9.77 15.68
C ALA A 39 0.60 -9.75 14.20
N PRO A 40 0.95 -10.89 13.61
CA PRO A 40 1.32 -10.89 12.19
C PRO A 40 0.12 -10.68 11.29
N PRO A 41 0.27 -9.92 10.21
CA PRO A 41 -0.85 -9.72 9.27
C PRO A 41 -1.33 -11.04 8.66
N ALA A 42 -2.64 -11.14 8.47
CA ALA A 42 -3.28 -12.29 7.86
C ALA A 42 -4.27 -11.82 6.81
N VAL A 43 -4.11 -12.31 5.60
CA VAL A 43 -5.02 -12.04 4.50
C VAL A 43 -5.85 -13.29 4.24
N THR A 44 -7.15 -13.13 4.15
CA THR A 44 -8.07 -14.25 3.97
C THR A 44 -8.81 -14.09 2.66
N ILE A 45 -8.82 -15.16 1.87
CA ILE A 45 -9.64 -15.28 0.67
C ILE A 45 -10.85 -16.11 1.03
N SER A 46 -12.04 -15.63 0.67
CA SER A 46 -13.29 -16.32 0.97
C SER A 46 -14.10 -16.46 -0.29
N ALA A 47 -14.69 -17.63 -0.47
CA ALA A 47 -15.48 -17.89 -1.65
C ALA A 47 -16.59 -18.86 -1.25
N SER A 48 -17.59 -18.95 -2.12
CA SER A 48 -18.79 -19.72 -1.83
C SER A 48 -19.28 -20.39 -3.10
N TYR A 49 -19.60 -21.68 -3.00
CA TYR A 49 -20.07 -22.49 -4.13
C TYR A 49 -21.42 -23.05 -3.70
N PRO A 50 -22.52 -22.37 -4.00
CA PRO A 50 -23.82 -22.76 -3.47
C PRO A 50 -24.18 -24.20 -3.80
N GLY A 51 -24.51 -24.97 -2.77
CA GLY A 51 -24.90 -26.35 -2.96
C GLY A 51 -23.75 -27.31 -3.16
N ALA A 52 -22.51 -26.87 -3.02
CA ALA A 52 -21.35 -27.73 -3.23
C ALA A 52 -21.00 -28.45 -1.94
N ASP A 53 -20.56 -29.70 -2.09
CA ASP A 53 -19.96 -30.47 -1.01
C ASP A 53 -18.49 -30.08 -0.84
N ALA A 54 -17.90 -30.50 0.28
CA ALA A 54 -16.54 -30.10 0.61
C ALA A 54 -15.53 -30.50 -0.46
N LYS A 55 -15.67 -31.70 -1.03
CA LYS A 55 -14.68 -32.15 -2.00
C LYS A 55 -14.82 -31.37 -3.30
N THR A 56 -16.05 -31.07 -3.70
CA THR A 56 -16.27 -30.21 -4.86
C THR A 56 -15.67 -28.83 -4.66
N VAL A 57 -15.87 -28.24 -3.46
CA VAL A 57 -15.26 -26.95 -3.17
C VAL A 57 -13.75 -27.04 -3.31
N GLN A 58 -13.15 -28.03 -2.62
CA GLN A 58 -11.70 -28.17 -2.61
C GLN A 58 -11.15 -28.30 -4.03
N ASP A 59 -11.75 -29.18 -4.83
CA ASP A 59 -11.14 -29.59 -6.08
C ASP A 59 -11.47 -28.69 -7.26
N THR A 60 -12.49 -27.82 -7.15
CA THR A 60 -12.78 -26.85 -8.20
C THR A 60 -12.47 -25.41 -7.80
N VAL A 61 -12.18 -25.16 -6.53
CA VAL A 61 -11.91 -23.79 -6.09
C VAL A 61 -10.61 -23.71 -5.29
N THR A 62 -10.54 -24.44 -4.18
CA THR A 62 -9.45 -24.23 -3.24
C THR A 62 -8.09 -24.58 -3.87
N GLN A 63 -8.00 -25.74 -4.52
CA GLN A 63 -6.72 -26.15 -5.12
C GLN A 63 -6.30 -25.20 -6.22
N VAL A 64 -7.27 -24.72 -7.00
CA VAL A 64 -6.98 -23.81 -8.10
C VAL A 64 -6.39 -22.51 -7.56
N ILE A 65 -7.00 -21.97 -6.50
CA ILE A 65 -6.50 -20.73 -5.91
C ILE A 65 -5.13 -20.96 -5.29
N GLU A 66 -5.00 -22.03 -4.50
CA GLU A 66 -3.73 -22.32 -3.82
C GLU A 66 -2.58 -22.44 -4.81
N GLN A 67 -2.82 -23.08 -5.94
CA GLN A 67 -1.75 -23.31 -6.91
C GLN A 67 -1.28 -22.01 -7.54
N ASN A 68 -2.07 -20.94 -7.44
CA ASN A 68 -1.68 -19.64 -7.95
C ASN A 68 -1.05 -18.75 -6.89
N MET A 69 -0.97 -19.22 -5.64
CA MET A 69 -0.41 -18.44 -4.55
C MET A 69 1.10 -18.68 -4.50
N ASN A 70 1.84 -17.88 -5.26
CA ASN A 70 3.29 -17.99 -5.30
C ASN A 70 3.88 -16.60 -5.51
N GLY A 71 5.16 -16.48 -5.19
CA GLY A 71 5.84 -15.20 -5.37
C GLY A 71 5.27 -14.10 -4.51
N ILE A 72 4.89 -14.43 -3.28
CA ILE A 72 4.30 -13.47 -2.35
C ILE A 72 5.31 -13.21 -1.25
N ASP A 73 5.66 -11.94 -1.07
CA ASP A 73 6.69 -11.57 -0.10
C ASP A 73 6.21 -11.82 1.33
N ASN A 74 7.14 -12.26 2.18
CA ASN A 74 6.97 -12.29 3.62
C ASN A 74 5.91 -13.30 4.08
N LEU A 75 5.63 -14.30 3.26
CA LEU A 75 4.62 -15.32 3.58
C LEU A 75 5.21 -16.34 4.54
N MET A 76 4.57 -16.54 5.68
CA MET A 76 5.03 -17.55 6.62
C MET A 76 4.37 -18.89 6.37
N TYR A 77 3.05 -18.92 6.19
CA TYR A 77 2.36 -20.15 5.82
C TYR A 77 0.98 -19.82 5.27
N MET A 78 0.33 -20.84 4.73
CA MET A 78 -1.00 -20.75 4.15
C MET A 78 -1.82 -21.93 4.67
N SER A 79 -3.09 -21.69 4.99
CA SER A 79 -3.98 -22.76 5.42
C SER A 79 -5.35 -22.53 4.81
N SER A 80 -6.13 -23.61 4.69
CA SER A 80 -7.43 -23.50 4.06
C SER A 80 -8.40 -24.54 4.61
N ASN A 81 -9.69 -24.18 4.60
CA ASN A 81 -10.80 -25.09 4.87
C ASN A 81 -11.77 -25.04 3.70
N SER A 82 -12.20 -26.22 3.27
CA SER A 82 -13.25 -26.38 2.25
C SER A 82 -14.35 -27.21 2.90
N ASP A 83 -15.59 -26.68 2.92
CA ASP A 83 -16.61 -27.36 3.71
C ASP A 83 -17.89 -27.57 2.91
N SER A 84 -18.76 -28.41 3.45
CA SER A 84 -19.96 -28.82 2.74
C SER A 84 -21.10 -27.83 2.87
N THR A 85 -20.86 -26.65 3.44
CA THR A 85 -21.75 -25.51 3.19
C THR A 85 -21.44 -24.84 1.85
N GLY A 86 -20.42 -25.30 1.14
CA GLY A 86 -20.01 -24.66 -0.09
C GLY A 86 -18.97 -23.57 0.08
N THR A 87 -18.41 -23.43 1.27
CA THR A 87 -17.52 -22.33 1.60
C THR A 87 -16.07 -22.77 1.60
N VAL A 88 -15.19 -21.89 1.13
CA VAL A 88 -13.76 -22.05 1.30
C VAL A 88 -13.21 -20.78 1.94
N GLN A 89 -12.30 -20.95 2.89
CA GLN A 89 -11.48 -19.86 3.40
C GLN A 89 -10.01 -20.25 3.29
N ILE A 90 -9.22 -19.37 2.69
CA ILE A 90 -7.78 -19.53 2.55
C ILE A 90 -7.12 -18.37 3.27
N THR A 91 -6.30 -18.70 4.27
CA THR A 91 -5.66 -17.70 5.11
C THR A 91 -4.16 -17.72 4.84
N LEU A 92 -3.61 -16.56 4.47
CA LEU A 92 -2.17 -16.38 4.27
C LEU A 92 -1.66 -15.51 5.40
N THR A 93 -0.69 -16.02 6.15
CA THR A 93 -0.14 -15.34 7.32
C THR A 93 1.27 -14.87 7.01
N PHE A 94 1.55 -13.61 7.31
CA PHE A 94 2.76 -12.91 6.92
C PHE A 94 3.62 -12.57 8.13
N GLU A 95 4.91 -12.36 7.84
CA GLU A 95 5.86 -11.94 8.87
C GLU A 95 5.45 -10.64 9.54
N SER A 96 5.63 -10.58 10.85
CA SER A 96 5.44 -9.32 11.56
C SER A 96 6.22 -8.21 10.87
N GLY A 97 5.58 -7.05 10.75
CA GLY A 97 6.18 -5.91 10.08
C GLY A 97 5.81 -5.79 8.61
N THR A 98 5.22 -6.82 8.02
CA THR A 98 4.73 -6.75 6.65
C THR A 98 3.64 -5.68 6.53
N ASP A 99 3.70 -4.90 5.45
CA ASP A 99 2.65 -3.94 5.13
C ASP A 99 1.41 -4.69 4.63
N ALA A 100 0.33 -4.65 5.42
CA ALA A 100 -0.86 -5.42 5.05
C ALA A 100 -1.46 -4.95 3.74
N ASP A 101 -1.31 -3.66 3.40
CA ASP A 101 -1.83 -3.18 2.13
C ASP A 101 -1.16 -3.90 0.96
N ILE A 102 0.16 -4.05 1.02
CA ILE A 102 0.91 -4.71 -0.04
C ILE A 102 0.65 -6.21 -0.04
N ALA A 103 0.53 -6.81 1.14
CA ALA A 103 0.22 -8.24 1.20
C ALA A 103 -1.12 -8.52 0.54
N GLN A 104 -2.11 -7.66 0.79
CA GLN A 104 -3.42 -7.81 0.15
C GLN A 104 -3.31 -7.64 -1.35
N VAL A 105 -2.56 -6.62 -1.80
CA VAL A 105 -2.37 -6.39 -3.23
C VAL A 105 -1.71 -7.60 -3.88
N GLN A 106 -0.66 -8.14 -3.25
CA GLN A 106 0.04 -9.28 -3.84
C GLN A 106 -0.85 -10.51 -3.92
N VAL A 107 -1.60 -10.79 -2.84
CA VAL A 107 -2.52 -11.92 -2.84
C VAL A 107 -3.56 -11.77 -3.93
N GLN A 108 -4.15 -10.57 -4.05
CA GLN A 108 -5.18 -10.39 -5.07
C GLN A 108 -4.61 -10.48 -6.48
N ASN A 109 -3.41 -9.98 -6.71
CA ASN A 109 -2.82 -10.10 -8.05
C ASN A 109 -2.75 -11.56 -8.49
N LYS A 110 -2.42 -12.46 -7.57
CA LYS A 110 -2.39 -13.89 -7.88
C LYS A 110 -3.79 -14.48 -7.97
N LEU A 111 -4.70 -14.07 -7.08
CA LEU A 111 -6.07 -14.57 -7.14
C LEU A 111 -6.72 -14.27 -8.49
N GLN A 112 -6.48 -13.07 -9.03
CA GLN A 112 -7.07 -12.71 -10.32
C GLN A 112 -6.62 -13.62 -11.46
N LEU A 113 -5.46 -14.27 -11.32
CA LEU A 113 -5.07 -15.28 -12.28
C LEU A 113 -5.93 -16.53 -12.16
N ALA A 114 -6.35 -16.85 -10.93
CA ALA A 114 -7.18 -18.03 -10.72
C ALA A 114 -8.64 -17.77 -11.04
N MET A 115 -9.11 -16.52 -10.86
CA MET A 115 -10.54 -16.22 -10.95
C MET A 115 -11.19 -16.78 -12.20
N PRO A 116 -10.61 -16.65 -13.40
CA PRO A 116 -11.30 -17.15 -14.61
C PRO A 116 -11.42 -18.65 -14.66
N LEU A 117 -10.64 -19.38 -13.86
CA LEU A 117 -10.70 -20.83 -13.82
C LEU A 117 -11.73 -21.33 -12.83
N LEU A 118 -12.32 -20.47 -12.09
CA LEU A 118 -13.29 -20.87 -11.08
C LEU A 118 -14.68 -21.01 -11.69
N PRO A 119 -15.52 -21.87 -11.12
CA PRO A 119 -16.89 -21.99 -11.64
C PRO A 119 -17.60 -20.64 -11.62
N GLN A 120 -18.42 -20.41 -12.65
CA GLN A 120 -19.16 -19.17 -12.75
C GLN A 120 -20.01 -18.92 -11.50
N GLU A 121 -20.62 -19.97 -10.96
CA GLU A 121 -21.44 -19.82 -9.75
C GLU A 121 -20.63 -19.26 -8.60
N VAL A 122 -19.34 -19.59 -8.54
CA VAL A 122 -18.48 -19.10 -7.47
C VAL A 122 -18.12 -17.63 -7.72
N GLN A 123 -17.77 -17.31 -8.96
CA GLN A 123 -17.45 -15.93 -9.30
C GLN A 123 -18.63 -15.02 -9.00
N GLN A 124 -19.84 -15.45 -9.30
CA GLN A 124 -21.02 -14.62 -9.12
C GLN A 124 -21.47 -14.49 -7.67
N GLN A 125 -21.00 -15.37 -6.79
CA GLN A 125 -21.24 -15.15 -5.36
C GLN A 125 -20.36 -14.05 -4.81
N GLY A 126 -19.29 -13.71 -5.52
CA GLY A 126 -18.34 -12.73 -5.03
C GLY A 126 -17.24 -13.38 -4.23
N VAL A 127 -16.04 -13.33 -4.74
CA VAL A 127 -14.86 -13.73 -3.97
C VAL A 127 -14.38 -12.48 -3.24
N SER A 128 -13.93 -12.66 -1.99
CA SER A 128 -13.46 -11.53 -1.21
C SER A 128 -12.05 -11.79 -0.69
N VAL A 129 -11.28 -10.71 -0.58
CA VAL A 129 -9.94 -10.70 -0.03
C VAL A 129 -9.91 -9.66 1.08
N GLU A 130 -9.69 -10.09 2.31
CA GLU A 130 -9.74 -9.22 3.46
C GLU A 130 -8.45 -9.31 4.28
N LYS A 131 -8.16 -8.21 4.98
CA LYS A 131 -7.00 -8.10 5.85
C LYS A 131 -7.54 -7.68 7.21
N SER A 132 -7.79 -8.67 8.07
CA SER A 132 -8.42 -8.37 9.35
C SER A 132 -7.92 -9.34 10.40
N SER A 133 -8.09 -8.94 11.65
CA SER A 133 -7.91 -9.87 12.75
C SER A 133 -8.90 -11.02 12.61
N SER A 134 -8.57 -12.13 13.27
CA SER A 134 -9.42 -13.32 13.22
C SER A 134 -10.58 -13.23 14.20
N SER A 135 -10.41 -12.47 15.26
CA SER A 135 -11.39 -12.36 16.34
C SER A 135 -12.29 -11.15 16.12
N PHE A 136 -13.46 -11.17 16.76
CA PHE A 136 -14.40 -10.06 16.62
C PHE A 136 -13.96 -8.91 17.51
N LEU A 137 -13.93 -7.71 16.92
CA LEU A 137 -13.76 -6.49 17.69
C LEU A 137 -14.97 -6.25 18.58
N MET A 138 -16.16 -6.40 18.01
CA MET A 138 -17.43 -6.21 18.73
C MET A 138 -18.50 -6.89 17.91
N VAL A 139 -19.63 -7.16 18.56
CA VAL A 139 -20.86 -7.53 17.89
C VAL A 139 -21.88 -6.41 18.13
N VAL A 140 -22.40 -5.84 17.05
CA VAL A 140 -23.49 -4.87 17.13
C VAL A 140 -24.78 -5.65 16.97
N GLY A 141 -25.60 -5.69 18.01
CA GLY A 141 -26.86 -6.40 17.97
C GLY A 141 -28.02 -5.47 17.64
N VAL A 142 -29.05 -6.03 17.02
CA VAL A 142 -30.24 -5.26 16.65
C VAL A 142 -31.47 -6.08 16.98
N ILE A 143 -32.38 -5.48 17.75
CA ILE A 143 -33.62 -6.12 18.15
C ILE A 143 -34.77 -5.17 17.82
N ASN A 144 -35.99 -5.66 18.05
CA ASN A 144 -37.17 -4.82 17.96
C ASN A 144 -37.94 -4.95 19.27
N THR A 145 -37.97 -3.87 20.05
CA THR A 145 -38.54 -3.90 21.39
C THR A 145 -40.07 -3.95 21.37
N ASP A 146 -40.70 -3.54 20.27
CA ASP A 146 -42.13 -3.70 20.09
C ASP A 146 -42.50 -5.06 19.52
N GLY A 147 -41.52 -5.92 19.26
CA GLY A 147 -41.81 -7.24 18.72
C GLY A 147 -42.56 -7.24 17.41
N THR A 148 -42.47 -6.16 16.62
CA THR A 148 -43.19 -6.04 15.36
C THR A 148 -42.34 -6.43 14.15
N MET A 149 -41.15 -7.00 14.38
CA MET A 149 -40.30 -7.46 13.29
C MET A 149 -39.70 -8.79 13.68
N THR A 150 -39.84 -9.79 12.81
CA THR A 150 -39.26 -11.10 13.03
C THR A 150 -37.73 -11.06 12.92
N GLN A 151 -37.11 -12.17 13.30
CA GLN A 151 -35.67 -12.33 13.10
C GLN A 151 -35.29 -12.07 11.64
N GLU A 152 -36.06 -12.63 10.71
CA GLU A 152 -35.75 -12.48 9.29
C GLU A 152 -35.91 -11.03 8.85
N ASP A 153 -36.97 -10.37 9.32
CA ASP A 153 -37.18 -8.96 8.99
C ASP A 153 -36.01 -8.10 9.47
N ILE A 154 -35.59 -8.30 10.72
CA ILE A 154 -34.50 -7.50 11.27
C ILE A 154 -33.22 -7.72 10.49
N SER A 155 -32.93 -8.99 10.19
CA SER A 155 -31.71 -9.32 9.47
C SER A 155 -31.71 -8.61 8.12
N ASP A 156 -32.83 -8.66 7.40
CA ASP A 156 -32.88 -7.95 6.12
C ASP A 156 -32.71 -6.45 6.32
N TYR A 157 -33.33 -5.88 7.36
CA TYR A 157 -33.17 -4.44 7.57
C TYR A 157 -31.70 -4.09 7.81
N VAL A 158 -31.01 -4.88 8.63
CA VAL A 158 -29.59 -4.65 8.89
C VAL A 158 -28.80 -4.76 7.59
N ALA A 159 -29.06 -5.83 6.82
CA ALA A 159 -28.31 -6.06 5.59
C ALA A 159 -28.52 -4.93 4.59
N ALA A 160 -29.75 -4.43 4.49
CA ALA A 160 -30.10 -3.50 3.43
C ALA A 160 -29.88 -2.04 3.80
N ASN A 161 -29.75 -1.70 5.09
CA ASN A 161 -29.70 -0.31 5.54
C ASN A 161 -28.53 0.03 6.45
N MET A 162 -27.82 -0.96 6.99
CA MET A 162 -26.77 -0.71 7.98
C MET A 162 -25.42 -1.31 7.59
N LYS A 163 -25.41 -2.52 7.03
CA LYS A 163 -24.17 -3.27 6.92
C LYS A 163 -23.17 -2.61 5.97
N ASP A 164 -23.63 -2.08 4.84
CA ASP A 164 -22.69 -1.57 3.85
C ASP A 164 -21.90 -0.38 4.38
N ALA A 165 -22.58 0.58 5.05
CA ALA A 165 -21.87 1.73 5.57
C ALA A 165 -20.88 1.33 6.65
N ILE A 166 -21.25 0.36 7.49
CA ILE A 166 -20.28 -0.15 8.47
C ILE A 166 -19.11 -0.80 7.75
N SER A 167 -19.40 -1.59 6.71
CA SER A 167 -18.35 -2.29 5.97
C SER A 167 -17.39 -1.33 5.27
N ARG A 168 -17.85 -0.12 4.95
CA ARG A 168 -16.99 0.85 4.29
C ARG A 168 -16.18 1.68 5.27
N THR A 169 -16.45 1.56 6.57
CA THR A 169 -15.81 2.42 7.56
C THR A 169 -14.35 1.99 7.76
N SER A 170 -13.45 2.97 7.78
CA SER A 170 -12.02 2.67 7.84
C SER A 170 -11.68 1.97 9.14
N GLY A 171 -10.86 0.92 9.03
CA GLY A 171 -10.52 0.10 10.18
C GLY A 171 -11.41 -1.11 10.36
N VAL A 172 -12.54 -1.16 9.66
CA VAL A 172 -13.41 -2.32 9.65
C VAL A 172 -12.89 -3.27 8.57
N GLY A 173 -12.27 -4.37 8.99
CA GLY A 173 -11.66 -5.29 8.05
C GLY A 173 -12.60 -6.35 7.51
N ASP A 174 -13.64 -6.67 8.28
CA ASP A 174 -14.61 -7.69 7.90
C ASP A 174 -15.86 -7.51 8.74
N VAL A 175 -17.02 -7.76 8.12
CA VAL A 175 -18.30 -7.66 8.78
C VAL A 175 -19.08 -8.92 8.46
N GLN A 176 -19.53 -9.62 9.49
CA GLN A 176 -20.35 -10.82 9.38
C GLN A 176 -21.79 -10.46 9.76
N LEU A 177 -22.73 -10.73 8.86
CA LEU A 177 -24.15 -10.58 9.18
C LEU A 177 -24.62 -11.83 9.91
N PHE A 178 -25.19 -11.65 11.10
CA PHE A 178 -25.73 -12.78 11.86
C PHE A 178 -27.18 -12.94 11.45
N GLY A 179 -27.35 -13.50 10.27
CA GLY A 179 -28.62 -13.50 9.57
C GLY A 179 -28.35 -13.40 8.08
N SER A 180 -29.41 -13.10 7.33
CA SER A 180 -29.29 -13.06 5.89
C SER A 180 -30.16 -11.94 5.33
N GLN A 181 -29.65 -11.30 4.27
CA GLN A 181 -30.46 -10.37 3.50
C GLN A 181 -31.56 -11.13 2.77
N TYR A 182 -32.67 -10.44 2.53
CA TYR A 182 -33.73 -11.04 1.74
C TYR A 182 -33.29 -11.28 0.30
N ALA A 183 -33.80 -12.35 -0.26
CA ALA A 183 -33.78 -12.62 -1.69
C ALA A 183 -35.20 -12.93 -2.11
N MET A 184 -35.46 -12.82 -3.41
CA MET A 184 -36.71 -13.34 -3.96
C MET A 184 -36.58 -14.86 -4.04
N ARG A 185 -37.38 -15.57 -3.23
CA ARG A 185 -37.31 -17.03 -3.15
C ARG A 185 -38.41 -17.63 -4.02
N ILE A 186 -38.01 -18.40 -5.01
CA ILE A 186 -38.91 -19.20 -5.83
C ILE A 186 -38.79 -20.64 -5.31
N TRP A 187 -39.79 -21.12 -4.58
CA TRP A 187 -39.76 -22.46 -3.99
C TRP A 187 -40.52 -23.41 -4.90
N MET A 188 -39.78 -24.18 -5.69
CA MET A 188 -40.36 -24.99 -6.75
C MET A 188 -41.08 -26.22 -6.19
N ASN A 189 -42.13 -26.61 -6.88
CA ASN A 189 -42.93 -27.78 -6.55
C ASN A 189 -42.76 -28.79 -7.69
N PRO A 190 -42.14 -29.95 -7.45
CA PRO A 190 -41.88 -30.86 -8.57
C PRO A 190 -43.13 -31.50 -9.15
N ASN A 191 -44.17 -31.66 -8.34
CA ASN A 191 -45.43 -32.23 -8.83
C ASN A 191 -46.06 -31.31 -9.87
N GLU A 192 -46.16 -30.02 -9.54
CA GLU A 192 -46.74 -29.07 -10.48
C GLU A 192 -45.84 -28.91 -11.71
N LEU A 193 -44.53 -28.84 -11.52
CA LEU A 193 -43.63 -28.75 -12.67
C LEU A 193 -43.89 -29.90 -13.64
N ASN A 194 -43.93 -31.13 -13.11
CA ASN A 194 -44.14 -32.29 -13.97
C ASN A 194 -45.51 -32.23 -14.64
N LYS A 195 -46.54 -31.81 -13.89
CA LYS A 195 -47.88 -31.71 -14.45
C LYS A 195 -47.90 -30.89 -15.73
N PHE A 196 -47.12 -29.81 -15.79
CA PHE A 196 -47.09 -28.94 -16.95
C PHE A 196 -45.89 -29.21 -17.86
N GLN A 197 -45.21 -30.34 -17.68
CA GLN A 197 -44.05 -30.73 -18.50
C GLN A 197 -42.97 -29.66 -18.49
N LEU A 198 -42.68 -29.13 -17.31
CA LEU A 198 -41.66 -28.11 -17.12
C LEU A 198 -40.62 -28.61 -16.11
N THR A 199 -39.44 -28.01 -16.16
CA THR A 199 -38.34 -28.32 -15.24
C THR A 199 -37.79 -27.04 -14.64
N PRO A 200 -36.90 -27.16 -13.65
CA PRO A 200 -36.21 -25.97 -13.15
C PRO A 200 -35.46 -25.22 -14.25
N VAL A 201 -35.03 -25.90 -15.31
CA VAL A 201 -34.36 -25.20 -16.41
C VAL A 201 -35.30 -24.18 -17.03
N ASP A 202 -36.56 -24.56 -17.26
CA ASP A 202 -37.53 -23.63 -17.83
C ASP A 202 -37.81 -22.48 -16.88
N VAL A 203 -37.91 -22.76 -15.59
CA VAL A 203 -38.13 -21.71 -14.59
C VAL A 203 -36.99 -20.70 -14.65
N ILE A 204 -35.75 -21.18 -14.62
CA ILE A 204 -34.60 -20.29 -14.66
C ILE A 204 -34.61 -19.46 -15.95
N THR A 205 -34.82 -20.13 -17.10
CA THR A 205 -34.85 -19.42 -18.36
C THR A 205 -35.92 -18.32 -18.36
N ALA A 206 -37.10 -18.62 -17.82
CA ALA A 206 -38.19 -17.65 -17.84
C ALA A 206 -37.90 -16.47 -16.92
N ILE A 207 -37.24 -16.72 -15.78
CA ILE A 207 -36.89 -15.63 -14.87
C ILE A 207 -35.86 -14.71 -15.50
N LYS A 208 -34.86 -15.29 -16.18
CA LYS A 208 -33.86 -14.45 -16.85
C LYS A 208 -34.51 -13.61 -17.95
N ALA A 209 -35.52 -14.16 -18.61
CA ALA A 209 -36.16 -13.46 -19.72
C ALA A 209 -37.16 -12.41 -19.25
N GLN A 210 -37.86 -12.66 -18.14
CA GLN A 210 -38.95 -11.80 -17.70
C GLN A 210 -38.65 -11.02 -16.43
N ASN A 211 -37.51 -11.26 -15.80
CA ASN A 211 -36.95 -10.35 -14.81
C ASN A 211 -35.66 -9.76 -15.37
N ALA A 212 -35.82 -8.84 -16.32
CA ALA A 212 -34.72 -8.30 -17.10
C ALA A 212 -34.72 -6.78 -17.00
N GLN A 213 -33.54 -6.20 -17.25
CA GLN A 213 -33.36 -4.76 -17.28
C GLN A 213 -32.71 -4.45 -18.62
N VAL A 214 -33.49 -3.87 -19.54
CA VAL A 214 -33.14 -3.83 -20.95
C VAL A 214 -32.67 -2.45 -21.33
N ALA A 215 -31.49 -2.37 -21.93
CA ALA A 215 -31.02 -1.14 -22.58
C ALA A 215 -31.69 -1.04 -23.94
N ALA A 216 -32.48 0.02 -24.15
CA ALA A 216 -33.30 0.12 -25.34
C ALA A 216 -33.03 1.36 -26.18
N GLY A 217 -32.09 2.22 -25.78
CA GLY A 217 -31.75 3.36 -26.62
C GLY A 217 -32.70 4.52 -26.42
N GLN A 218 -32.76 5.38 -27.43
CA GLN A 218 -33.48 6.64 -27.35
C GLN A 218 -34.24 6.91 -28.64
N LEU A 219 -35.40 7.55 -28.50
CA LEU A 219 -35.99 8.30 -29.59
C LEU A 219 -35.16 9.54 -29.87
N GLY A 220 -34.90 9.82 -31.15
CA GLY A 220 -34.11 10.98 -31.50
C GLY A 220 -32.66 10.91 -31.05
N GLY A 221 -32.13 9.71 -30.87
CA GLY A 221 -30.79 9.56 -30.37
C GLY A 221 -29.74 9.99 -31.38
N THR A 222 -28.55 10.28 -30.87
CA THR A 222 -27.46 10.66 -31.76
C THR A 222 -26.85 9.42 -32.42
N PRO A 223 -26.41 9.53 -33.67
CA PRO A 223 -26.52 10.68 -34.57
C PRO A 223 -27.94 10.81 -35.11
N PRO A 224 -28.59 11.97 -35.01
CA PRO A 224 -29.99 12.08 -35.42
C PRO A 224 -30.13 12.53 -36.87
N VAL A 225 -31.37 12.49 -37.36
CA VAL A 225 -31.69 13.11 -38.63
C VAL A 225 -31.86 14.62 -38.44
N LYS A 226 -31.76 15.36 -39.54
CA LYS A 226 -31.99 16.79 -39.49
C LYS A 226 -33.46 17.06 -39.19
N GLY A 227 -33.71 18.10 -38.39
CA GLY A 227 -35.05 18.51 -38.04
C GLY A 227 -35.66 17.80 -36.85
N GLN A 228 -34.92 16.90 -36.21
CA GLN A 228 -35.47 16.16 -35.09
C GLN A 228 -35.84 17.13 -33.96
N GLN A 229 -37.05 16.95 -33.42
CA GLN A 229 -37.51 17.76 -32.29
C GLN A 229 -37.71 16.97 -31.01
N LEU A 230 -37.79 15.65 -31.08
CA LEU A 230 -38.05 14.79 -29.94
C LEU A 230 -36.79 14.02 -29.57
N ASN A 231 -36.39 14.10 -28.29
CA ASN A 231 -35.36 13.23 -27.72
C ASN A 231 -35.89 12.69 -26.41
N ALA A 232 -35.98 11.36 -26.30
CA ALA A 232 -36.48 10.71 -25.10
C ALA A 232 -35.89 9.31 -24.99
N SER A 233 -35.59 8.91 -23.76
CA SER A 233 -35.17 7.53 -23.49
C SER A 233 -36.31 6.56 -23.74
N ILE A 234 -35.98 5.44 -24.37
CA ILE A 234 -36.90 4.31 -24.44
C ILE A 234 -36.69 3.44 -23.22
N ILE A 235 -37.78 3.11 -22.54
CA ILE A 235 -37.79 2.26 -21.36
C ILE A 235 -38.53 0.98 -21.73
N ALA A 236 -37.84 -0.16 -21.62
CA ALA A 236 -38.47 -1.44 -21.89
C ALA A 236 -38.63 -2.21 -20.57
N GLN A 237 -38.33 -3.50 -20.56
CA GLN A 237 -38.43 -4.26 -19.33
C GLN A 237 -37.51 -3.70 -18.24
N THR A 238 -37.99 -3.77 -17.01
CA THR A 238 -37.24 -3.37 -15.82
C THR A 238 -37.30 -4.52 -14.82
N ARG A 239 -36.35 -4.52 -13.90
CA ARG A 239 -36.34 -5.57 -12.88
C ARG A 239 -37.68 -5.62 -12.17
N LEU A 240 -38.15 -6.83 -11.90
CA LEU A 240 -39.33 -7.00 -11.05
C LEU A 240 -38.99 -6.58 -9.63
N THR A 241 -40.04 -6.23 -8.86
CA THR A 241 -39.87 -5.64 -7.54
C THR A 241 -40.69 -6.32 -6.45
N SER A 242 -41.47 -7.34 -6.77
CA SER A 242 -42.41 -7.87 -5.80
C SER A 242 -42.69 -9.33 -6.10
N THR A 243 -43.13 -10.05 -5.07
CA THR A 243 -43.58 -11.42 -5.26
C THR A 243 -44.72 -11.49 -6.27
N GLU A 244 -45.62 -10.51 -6.25
CA GLU A 244 -46.74 -10.51 -7.19
C GLU A 244 -46.24 -10.54 -8.63
N GLU A 245 -45.27 -9.69 -8.96
CA GLU A 245 -44.76 -9.64 -10.33
C GLU A 245 -44.04 -10.94 -10.68
N PHE A 246 -43.25 -11.49 -9.76
CA PHE A 246 -42.61 -12.78 -10.05
C PHE A 246 -43.66 -13.88 -10.23
N GLY A 247 -44.76 -13.81 -9.48
CA GLY A 247 -45.79 -14.83 -9.60
C GLY A 247 -46.41 -14.93 -10.97
N LYS A 248 -46.52 -13.81 -11.69
CA LYS A 248 -47.17 -13.82 -12.99
C LYS A 248 -46.19 -13.93 -14.15
N ILE A 249 -44.93 -14.29 -13.88
CA ILE A 249 -44.05 -14.67 -14.97
C ILE A 249 -44.74 -15.78 -15.76
N LEU A 250 -44.73 -15.66 -17.08
CA LEU A 250 -45.45 -16.59 -17.94
C LEU A 250 -44.51 -17.71 -18.37
N LEU A 251 -44.76 -18.92 -17.88
CA LEU A 251 -43.90 -20.05 -18.21
C LEU A 251 -44.25 -20.66 -19.56
N LYS A 252 -45.54 -20.77 -19.87
CA LYS A 252 -45.95 -21.20 -21.20
C LYS A 252 -47.46 -21.05 -21.31
N VAL A 253 -47.94 -21.22 -22.54
CA VAL A 253 -49.36 -21.25 -22.87
C VAL A 253 -49.66 -22.60 -23.47
N ASN A 254 -50.67 -23.28 -22.95
CA ASN A 254 -51.02 -24.63 -23.37
C ASN A 254 -51.69 -24.59 -24.76
N GLN A 255 -52.06 -25.78 -25.25
CA GLN A 255 -52.73 -25.86 -26.55
C GLN A 255 -54.08 -25.15 -26.51
N ASP A 256 -54.83 -25.33 -25.42
CA ASP A 256 -56.14 -24.72 -25.28
C ASP A 256 -56.08 -23.24 -24.92
N GLY A 257 -54.88 -22.67 -24.83
CA GLY A 257 -54.72 -21.26 -24.53
C GLY A 257 -54.63 -20.90 -23.08
N SER A 258 -54.73 -21.87 -22.17
CA SER A 258 -54.55 -21.58 -20.75
C SER A 258 -53.10 -21.20 -20.47
N ARG A 259 -52.91 -20.39 -19.44
CA ARG A 259 -51.60 -19.85 -19.10
C ARG A 259 -51.05 -20.57 -17.87
N VAL A 260 -49.76 -20.92 -17.92
CA VAL A 260 -49.05 -21.46 -16.77
C VAL A 260 -48.17 -20.34 -16.24
N LEU A 261 -48.48 -19.87 -15.04
CA LEU A 261 -47.71 -18.83 -14.36
C LEU A 261 -46.75 -19.47 -13.37
N LEU A 262 -45.68 -18.74 -13.06
CA LEU A 262 -44.69 -19.24 -12.12
C LEU A 262 -45.33 -19.57 -10.78
N ARG A 263 -46.34 -18.79 -10.36
CA ARG A 263 -47.01 -19.09 -9.11
C ARG A 263 -47.84 -20.37 -9.20
N ASP A 264 -48.05 -20.92 -10.40
CA ASP A 264 -48.72 -22.21 -10.52
C ASP A 264 -47.79 -23.38 -10.23
N VAL A 265 -46.47 -23.17 -10.24
CA VAL A 265 -45.51 -24.25 -9.99
C VAL A 265 -44.60 -23.97 -8.80
N ALA A 266 -44.77 -22.83 -8.12
CA ALA A 266 -43.85 -22.47 -7.05
C ALA A 266 -44.55 -21.55 -6.05
N LYS A 267 -44.08 -21.60 -4.81
CA LYS A 267 -44.41 -20.59 -3.84
C LYS A 267 -43.36 -19.49 -3.91
N ILE A 268 -43.81 -18.25 -3.80
CA ILE A 268 -42.97 -17.09 -4.06
C ILE A 268 -43.04 -16.18 -2.84
N GLU A 269 -41.87 -15.89 -2.26
CA GLU A 269 -41.82 -15.07 -1.07
C GLU A 269 -40.44 -14.43 -0.96
N LEU A 270 -40.40 -13.31 -0.25
CA LEU A 270 -39.14 -12.76 0.22
C LEU A 270 -38.61 -13.64 1.33
N GLY A 271 -37.34 -14.02 1.24
CA GLY A 271 -36.71 -14.84 2.26
C GLY A 271 -35.21 -14.84 2.06
N GLY A 272 -34.51 -15.28 3.11
CA GLY A 272 -33.07 -15.09 3.16
C GLY A 272 -32.36 -15.69 1.96
N GLU A 273 -31.27 -15.03 1.56
CA GLU A 273 -30.32 -15.65 0.62
C GLU A 273 -29.89 -17.01 1.13
N ASN A 274 -29.65 -17.13 2.42
CA ASN A 274 -29.50 -18.41 3.09
C ASN A 274 -30.29 -18.40 4.39
N TYR A 275 -30.50 -19.59 4.93
CA TYR A 275 -31.28 -19.80 6.14
C TYR A 275 -30.44 -20.47 7.23
N ASP A 276 -29.13 -20.22 7.21
CA ASP A 276 -28.21 -20.93 8.10
C ASP A 276 -27.94 -20.21 9.41
N ILE A 277 -28.10 -18.90 9.48
CA ILE A 277 -27.65 -18.12 10.63
C ILE A 277 -28.86 -17.46 11.27
N ILE A 278 -29.09 -17.75 12.55
CA ILE A 278 -30.25 -17.27 13.29
C ILE A 278 -29.77 -16.89 14.69
N ALA A 279 -29.92 -15.63 15.05
CA ALA A 279 -29.41 -15.12 16.32
C ALA A 279 -30.52 -14.72 17.29
N GLU A 280 -30.17 -14.73 18.57
CA GLU A 280 -31.05 -14.29 19.65
C GLU A 280 -30.27 -13.41 20.61
N PHE A 281 -30.96 -12.43 21.19
CA PHE A 281 -30.38 -11.56 22.21
C PHE A 281 -31.20 -11.74 23.49
N ASN A 282 -30.57 -12.28 24.54
CA ASN A 282 -31.28 -12.63 25.77
C ASN A 282 -32.58 -13.36 25.45
N GLY A 283 -32.50 -14.34 24.55
CA GLY A 283 -33.64 -15.17 24.20
C GLY A 283 -34.64 -14.55 23.24
N GLN A 284 -34.45 -13.32 22.85
CA GLN A 284 -35.35 -12.58 21.98
C GLN A 284 -34.84 -12.56 20.53
N PRO A 285 -35.72 -12.49 19.54
CA PRO A 285 -35.25 -12.47 18.15
C PRO A 285 -34.30 -11.31 17.89
N ALA A 286 -33.24 -11.59 17.12
CA ALA A 286 -32.23 -10.57 16.90
C ALA A 286 -31.51 -10.81 15.58
N SER A 287 -30.81 -9.77 15.14
CA SER A 287 -29.75 -9.90 14.15
C SER A 287 -28.54 -9.14 14.67
N GLY A 288 -27.52 -8.97 13.85
CA GLY A 288 -26.39 -8.17 14.28
C GLY A 288 -25.27 -8.22 13.26
N LEU A 289 -24.23 -7.46 13.58
CA LEU A 289 -23.02 -7.37 12.76
C LEU A 289 -21.84 -7.77 13.63
N GLY A 290 -21.13 -8.80 13.22
CA GLY A 290 -19.86 -9.16 13.82
C GLY A 290 -18.74 -8.47 13.07
N ILE A 291 -18.01 -7.60 13.76
CA ILE A 291 -17.04 -6.70 13.14
C ILE A 291 -15.63 -7.14 13.56
N LYS A 292 -14.75 -7.28 12.56
CA LYS A 292 -13.35 -7.60 12.79
C LYS A 292 -12.50 -6.37 12.48
N LEU A 293 -11.43 -6.20 13.24
CA LEU A 293 -10.56 -5.03 13.11
C LEU A 293 -9.60 -5.23 11.95
N ALA A 294 -9.56 -4.25 11.04
CA ALA A 294 -8.59 -4.31 9.95
C ALA A 294 -7.17 -4.36 10.51
N THR A 295 -6.28 -5.05 9.77
CA THR A 295 -4.92 -5.28 10.24
C THR A 295 -4.25 -3.97 10.64
N GLY A 296 -3.70 -3.95 11.84
CA GLY A 296 -2.99 -2.79 12.33
C GLY A 296 -3.84 -1.59 12.69
N ALA A 297 -5.15 -1.65 12.54
CA ALA A 297 -5.97 -0.49 12.85
C ALA A 297 -6.13 -0.35 14.36
N ASN A 298 -6.42 0.87 14.80
CA ASN A 298 -6.62 1.13 16.22
C ASN A 298 -8.03 0.73 16.64
N ALA A 299 -8.10 -0.13 17.65
CA ALA A 299 -9.40 -0.65 18.08
C ALA A 299 -10.32 0.45 18.59
N LEU A 300 -9.80 1.37 19.41
CA LEU A 300 -10.67 2.38 20.00
C LEU A 300 -11.15 3.38 18.95
N ASP A 301 -10.26 3.83 18.06
CA ASP A 301 -10.69 4.75 17.00
C ASP A 301 -11.72 4.09 16.09
N THR A 302 -11.57 2.80 15.81
CA THR A 302 -12.50 2.14 14.92
C THR A 302 -13.86 1.97 15.59
N ALA A 303 -13.87 1.56 16.85
CA ALA A 303 -15.12 1.49 17.59
C ALA A 303 -15.82 2.84 17.63
N ALA A 304 -15.07 3.92 17.83
CA ALA A 304 -15.68 5.25 17.83
C ALA A 304 -16.31 5.56 16.49
N ALA A 305 -15.61 5.24 15.39
CA ALA A 305 -16.13 5.51 14.06
C ALA A 305 -17.37 4.65 13.77
N ILE A 306 -17.37 3.40 14.23
CA ILE A 306 -18.56 2.56 14.09
C ILE A 306 -19.77 3.18 14.80
N ARG A 307 -19.56 3.63 16.04
CA ARG A 307 -20.66 4.22 16.80
C ARG A 307 -21.19 5.47 16.11
N ALA A 308 -20.29 6.30 15.57
CA ALA A 308 -20.72 7.53 14.90
C ALA A 308 -21.56 7.22 13.66
N GLU A 309 -21.19 6.15 12.93
CA GLU A 309 -21.97 5.76 11.76
C GLU A 309 -23.31 5.20 12.17
N LEU A 310 -23.34 4.39 13.23
CA LEU A 310 -24.61 3.85 13.71
C LEU A 310 -25.53 4.98 14.17
N ALA A 311 -24.96 6.03 14.78
CA ALA A 311 -25.77 7.15 15.22
C ALA A 311 -26.48 7.83 14.05
N LYS A 312 -25.87 7.80 12.86
CA LYS A 312 -26.49 8.40 11.68
C LYS A 312 -27.68 7.60 11.16
N MET A 313 -27.76 6.31 11.49
CA MET A 313 -28.85 5.46 11.04
C MET A 313 -30.05 5.44 11.97
N GLU A 314 -29.79 5.54 13.28
CA GLU A 314 -30.84 5.38 14.28
C GLU A 314 -32.06 6.25 14.05
N PRO A 315 -31.95 7.52 13.66
CA PRO A 315 -33.17 8.34 13.51
C PRO A 315 -34.13 7.84 12.46
N PHE A 316 -33.68 6.99 11.53
CA PHE A 316 -34.52 6.53 10.43
C PHE A 316 -34.97 5.10 10.63
N PHE A 317 -34.72 4.52 11.79
CA PHE A 317 -35.14 3.16 12.09
C PHE A 317 -36.66 3.03 11.97
N PRO A 318 -37.16 1.86 11.59
CA PRO A 318 -38.58 1.58 11.78
C PRO A 318 -38.91 1.44 13.25
N SER A 319 -40.20 1.58 13.58
CA SER A 319 -40.59 1.64 14.98
C SER A 319 -40.22 0.35 15.71
N GLY A 320 -39.72 0.51 16.93
CA GLY A 320 -39.31 -0.60 17.74
C GLY A 320 -37.86 -1.04 17.56
N LEU A 321 -37.24 -0.73 16.43
CA LEU A 321 -35.89 -1.21 16.17
C LEU A 321 -34.89 -0.51 17.09
N LYS A 322 -33.98 -1.29 17.68
CA LYS A 322 -33.07 -0.78 18.69
C LYS A 322 -31.73 -1.50 18.56
N ILE A 323 -30.66 -0.71 18.64
CA ILE A 323 -29.30 -1.26 18.68
C ILE A 323 -28.98 -1.65 20.12
N VAL A 324 -28.49 -2.88 20.31
CA VAL A 324 -27.94 -3.31 21.59
C VAL A 324 -26.47 -3.66 21.37
N TYR A 325 -25.74 -3.75 22.48
CA TYR A 325 -24.29 -3.91 22.46
C TYR A 325 -23.90 -5.13 23.30
N PRO A 326 -24.07 -6.33 22.74
CA PRO A 326 -23.86 -7.55 23.52
C PRO A 326 -22.42 -8.05 23.64
N TYR A 327 -21.47 -7.46 22.94
CA TYR A 327 -20.10 -7.97 22.97
C TYR A 327 -19.18 -6.91 22.37
N ASP A 328 -18.32 -6.34 23.20
CA ASP A 328 -17.43 -5.27 22.79
C ASP A 328 -16.14 -5.44 23.57
N THR A 329 -15.03 -5.64 22.86
CA THR A 329 -13.73 -5.79 23.50
C THR A 329 -13.09 -4.45 23.82
N THR A 330 -13.67 -3.32 23.38
CA THR A 330 -12.93 -2.07 23.46
C THR A 330 -13.11 -1.36 24.80
N PRO A 331 -14.27 -1.43 25.48
CA PRO A 331 -14.35 -0.81 26.81
C PRO A 331 -13.24 -1.27 27.75
N PHE A 332 -12.90 -2.56 27.73
CA PHE A 332 -11.82 -3.05 28.58
C PHE A 332 -10.52 -2.31 28.30
N VAL A 333 -10.22 -2.06 27.02
CA VAL A 333 -9.01 -1.33 26.66
C VAL A 333 -9.06 0.06 27.28
N LYS A 334 -10.14 0.79 27.02
CA LYS A 334 -10.28 2.14 27.54
C LYS A 334 -10.23 2.16 29.07
N ILE A 335 -10.97 1.25 29.71
CA ILE A 335 -11.11 1.29 31.16
C ILE A 335 -9.83 0.80 31.83
N SER A 336 -9.20 -0.24 31.29
CA SER A 336 -7.95 -0.71 31.88
C SER A 336 -6.87 0.36 31.82
N ILE A 337 -6.80 1.11 30.73
CA ILE A 337 -5.82 2.18 30.62
C ILE A 337 -6.15 3.30 31.62
N HIS A 338 -7.42 3.66 31.74
CA HIS A 338 -7.78 4.70 32.69
C HIS A 338 -7.49 4.26 34.13
N GLU A 339 -7.56 2.96 34.42
CA GLU A 339 -7.23 2.49 35.75
C GLU A 339 -5.74 2.60 36.03
N VAL A 340 -4.91 2.44 35.00
CA VAL A 340 -3.48 2.68 35.21
C VAL A 340 -3.20 4.17 35.39
N VAL A 341 -3.96 5.03 34.71
CA VAL A 341 -3.82 6.47 34.91
C VAL A 341 -4.17 6.82 36.35
N LYS A 342 -5.29 6.26 36.85
CA LYS A 342 -5.70 6.48 38.22
C LYS A 342 -4.62 6.03 39.20
N THR A 343 -4.05 4.84 38.99
CA THR A 343 -2.98 4.41 39.89
C THR A 343 -1.73 5.26 39.72
N LEU A 344 -1.53 5.84 38.53
CA LEU A 344 -0.40 6.75 38.34
C LEU A 344 -0.59 8.02 39.17
N VAL A 345 -1.79 8.60 39.13
CA VAL A 345 -2.10 9.75 39.98
C VAL A 345 -1.96 9.38 41.44
N GLU A 346 -2.61 8.29 41.86
CA GLU A 346 -2.51 7.85 43.24
C GLU A 346 -1.07 7.61 43.66
N ALA A 347 -0.22 7.15 42.74
CA ALA A 347 1.18 6.94 43.09
C ALA A 347 1.87 8.28 43.36
N ILE A 348 1.52 9.32 42.60
CA ILE A 348 2.12 10.63 42.80
C ILE A 348 1.69 11.23 44.13
N ILE A 349 0.40 11.14 44.44
CA ILE A 349 -0.09 11.68 45.71
C ILE A 349 0.58 10.94 46.87
N LEU A 350 0.65 9.61 46.79
CA LEU A 350 1.26 8.83 47.85
C LEU A 350 2.74 9.16 48.01
N VAL A 351 3.38 9.64 46.95
CA VAL A 351 4.76 10.09 47.09
C VAL A 351 4.82 11.44 47.78
N PHE A 352 3.95 12.38 47.37
CA PHE A 352 3.90 13.68 48.01
C PHE A 352 3.68 13.58 49.51
N LEU A 353 2.90 12.58 49.96
CA LEU A 353 2.58 12.48 51.38
C LEU A 353 3.73 11.90 52.18
N VAL A 354 4.36 10.83 51.68
CA VAL A 354 5.50 10.24 52.37
C VAL A 354 6.66 11.21 52.48
N MET A 355 6.72 12.21 51.60
CA MET A 355 7.80 13.19 51.67
C MET A 355 7.47 14.29 52.68
N TYR A 356 6.23 14.78 52.68
CA TYR A 356 5.80 15.72 53.71
C TYR A 356 5.99 15.12 55.10
N LEU A 357 5.93 13.79 55.21
CA LEU A 357 6.18 13.13 56.48
C LEU A 357 7.64 13.28 56.89
N PHE A 358 8.56 13.14 55.95
CA PHE A 358 9.98 13.25 56.25
C PHE A 358 10.45 14.70 56.23
N LEU A 359 10.06 15.44 55.19
CA LEU A 359 10.51 16.83 55.05
C LEU A 359 9.77 17.76 56.00
N GLN A 360 8.49 17.51 56.22
CA GLN A 360 7.69 18.26 57.20
C GLN A 360 7.61 19.74 56.85
N ASN A 361 7.68 20.04 55.55
CA ASN A 361 7.57 21.41 55.05
C ASN A 361 6.96 21.34 53.66
N PHE A 362 5.83 22.02 53.47
CA PHE A 362 5.17 21.99 52.16
C PHE A 362 6.08 22.55 51.08
N ARG A 363 6.74 23.67 51.34
CA ARG A 363 7.67 24.25 50.39
C ARG A 363 8.72 23.23 49.96
N ALA A 364 9.47 22.68 50.93
CA ALA A 364 10.52 21.73 50.61
C ALA A 364 9.97 20.50 49.90
N THR A 365 8.74 20.11 50.22
CA THR A 365 8.13 18.94 49.59
C THR A 365 7.58 19.26 48.20
N LEU A 366 7.17 20.51 47.98
CA LEU A 366 6.49 20.84 46.73
C LEU A 366 7.43 20.73 45.53
N ILE A 367 8.68 21.18 45.67
CA ILE A 367 9.60 21.16 44.53
C ILE A 367 9.66 19.77 43.89
N PRO A 368 9.94 18.68 44.62
CA PRO A 368 9.83 17.35 43.99
C PRO A 368 8.46 17.07 43.41
N THR A 369 7.39 17.47 44.11
CA THR A 369 6.06 17.19 43.60
C THR A 369 5.81 17.87 42.26
N ILE A 370 6.51 18.98 41.98
CA ILE A 370 6.29 19.65 40.70
C ILE A 370 7.12 18.99 39.61
N ALA A 371 8.31 18.49 39.96
CA ALA A 371 9.21 17.95 38.94
C ALA A 371 8.62 16.71 38.27
N VAL A 372 8.00 15.83 39.05
CA VAL A 372 7.56 14.52 38.54
C VAL A 372 6.47 14.73 37.49
N PRO A 373 5.42 15.49 37.76
CA PRO A 373 4.43 15.74 36.70
C PRO A 373 5.03 16.34 35.45
N VAL A 374 5.98 17.26 35.59
CA VAL A 374 6.60 17.86 34.41
C VAL A 374 7.31 16.80 33.60
N VAL A 375 8.07 15.93 34.27
CA VAL A 375 8.83 14.89 33.58
C VAL A 375 7.88 13.88 32.93
N LEU A 376 6.85 13.45 33.65
CA LEU A 376 5.96 12.42 33.11
C LEU A 376 5.18 12.96 31.92
N LEU A 377 4.61 14.16 32.04
CA LEU A 377 3.96 14.77 30.89
C LEU A 377 4.90 14.88 29.70
N GLY A 378 6.14 15.31 29.93
CA GLY A 378 7.10 15.38 28.85
C GLY A 378 7.41 14.04 28.22
N THR A 379 7.37 12.98 29.02
CA THR A 379 7.63 11.65 28.47
C THR A 379 6.55 11.23 27.49
N PHE A 380 5.31 11.72 27.66
CA PHE A 380 4.28 11.47 26.66
C PHE A 380 4.65 12.09 25.32
N ALA A 381 5.19 13.31 25.34
CA ALA A 381 5.63 13.93 24.10
C ALA A 381 6.74 13.13 23.42
N VAL A 382 7.59 12.47 24.21
CA VAL A 382 8.64 11.64 23.63
C VAL A 382 8.05 10.39 23.02
N LEU A 383 7.00 9.84 23.62
CA LEU A 383 6.30 8.70 23.03
C LEU A 383 5.80 9.06 21.64
N ALA A 384 5.21 10.26 21.49
CA ALA A 384 4.77 10.72 20.18
C ALA A 384 5.94 10.84 19.22
N ALA A 385 7.08 11.33 19.71
CA ALA A 385 8.25 11.45 18.83
C ALA A 385 8.71 10.09 18.34
N PHE A 386 8.67 9.08 19.20
CA PHE A 386 9.05 7.72 18.82
C PHE A 386 7.94 6.97 18.09
N GLY A 387 6.78 7.58 17.90
CA GLY A 387 5.67 6.90 17.27
C GLY A 387 5.04 5.81 18.12
N PHE A 388 5.22 5.87 19.44
CA PHE A 388 4.64 4.87 20.31
C PHE A 388 3.20 5.26 20.67
N SER A 389 2.53 4.38 21.38
CA SER A 389 1.16 4.59 21.80
C SER A 389 1.08 4.61 23.32
N ILE A 390 -0.02 5.16 23.83
CA ILE A 390 -0.37 5.01 25.23
C ILE A 390 -0.94 3.60 25.41
N ASN A 391 -0.19 2.73 26.07
CA ASN A 391 -0.60 1.34 26.25
C ASN A 391 -0.20 0.88 27.64
N THR A 392 -0.48 -0.39 27.93
CA THR A 392 -0.23 -0.93 29.26
C THR A 392 1.23 -0.79 29.65
N LEU A 393 2.13 -1.00 28.69
CA LEU A 393 3.54 -1.02 29.04
C LEU A 393 4.14 0.38 29.11
N THR A 394 3.71 1.30 28.23
CA THR A 394 4.19 2.66 28.40
C THR A 394 3.60 3.30 29.66
N MET A 395 2.37 2.92 30.03
CA MET A 395 1.79 3.45 31.26
C MET A 395 2.49 2.87 32.49
N PHE A 396 2.82 1.58 32.47
CA PHE A 396 3.63 1.03 33.56
C PHE A 396 5.01 1.67 33.60
N GLY A 397 5.54 2.06 32.44
CA GLY A 397 6.79 2.81 32.44
C GLY A 397 6.68 4.13 33.17
N MET A 398 5.54 4.82 32.99
CA MET A 398 5.33 6.08 33.70
C MET A 398 5.38 5.86 35.21
N VAL A 399 4.68 4.84 35.69
CA VAL A 399 4.57 4.60 37.13
C VAL A 399 5.93 4.19 37.69
N LEU A 400 6.57 3.21 37.08
CA LEU A 400 7.82 2.68 37.61
C LEU A 400 8.98 3.66 37.45
N ALA A 401 8.90 4.59 36.49
CA ALA A 401 9.97 5.56 36.32
C ALA A 401 10.09 6.47 37.54
N ILE A 402 8.99 6.71 38.24
CA ILE A 402 9.01 7.58 39.41
C ILE A 402 10.10 7.15 40.39
N GLY A 403 10.17 5.87 40.69
CA GLY A 403 11.12 5.39 41.67
C GLY A 403 12.57 5.62 41.29
N LEU A 404 12.86 5.84 40.01
CA LEU A 404 14.23 5.99 39.54
C LEU A 404 14.62 7.45 39.31
N LEU A 405 13.67 8.38 39.38
CA LEU A 405 13.96 9.79 39.14
C LEU A 405 13.50 10.71 40.26
N VAL A 406 12.69 10.23 41.21
CA VAL A 406 12.19 11.10 42.27
C VAL A 406 13.33 11.65 43.10
N ASP A 407 14.43 10.91 43.22
CA ASP A 407 15.58 11.37 43.99
C ASP A 407 16.34 12.51 43.32
N ASP A 408 16.19 12.67 42.00
CA ASP A 408 16.93 13.71 41.29
C ASP A 408 16.77 15.07 41.97
N ALA A 409 15.51 15.51 42.12
CA ALA A 409 15.27 16.82 42.73
C ALA A 409 15.54 16.80 44.23
N ILE A 410 15.20 15.70 44.90
CA ILE A 410 15.45 15.59 46.34
C ILE A 410 16.93 15.79 46.63
N VAL A 411 17.80 15.12 45.88
CA VAL A 411 19.24 15.32 46.04
C VAL A 411 19.59 16.79 45.87
N VAL A 412 18.90 17.51 45.00
CA VAL A 412 19.19 18.93 44.78
C VAL A 412 18.65 19.77 45.92
N VAL A 413 17.37 19.61 46.25
CA VAL A 413 16.76 20.40 47.31
C VAL A 413 17.50 20.16 48.63
N GLU A 414 17.85 18.92 48.92
CA GLU A 414 18.47 18.60 50.20
C GLU A 414 19.92 19.08 50.25
N ASN A 415 20.68 18.88 49.18
CA ASN A 415 22.06 19.36 49.16
C ASN A 415 22.13 20.88 49.27
N VAL A 416 21.01 21.57 49.03
CA VAL A 416 20.95 23.01 49.26
C VAL A 416 20.58 23.32 50.70
N GLU A 417 19.48 22.73 51.20
CA GLU A 417 19.09 22.94 52.58
C GLU A 417 20.21 22.58 53.55
N ARG A 418 21.15 21.74 53.13
CA ARG A 418 22.32 21.45 53.95
C ARG A 418 23.34 22.56 53.86
N VAL A 419 23.57 23.11 52.67
CA VAL A 419 24.52 24.21 52.51
C VAL A 419 24.06 25.42 53.32
N MET A 420 22.75 25.63 53.42
CA MET A 420 22.24 26.75 54.20
C MET A 420 22.35 26.50 55.71
N ALA A 421 22.47 25.23 56.12
CA ALA A 421 22.67 24.90 57.53
C ALA A 421 24.17 24.93 57.89
N GLU A 422 25.00 24.28 57.07
CA GLU A 422 26.44 24.34 57.31
C GLU A 422 26.93 25.78 57.33
N GLU A 423 26.75 26.48 56.22
CA GLU A 423 27.07 27.90 56.14
C GLU A 423 25.78 28.70 56.40
N GLY A 424 25.77 29.96 56.00
CA GLY A 424 24.60 30.79 56.13
C GLY A 424 24.22 31.45 54.83
N LEU A 425 24.56 30.80 53.73
CA LEU A 425 24.29 31.38 52.42
C LEU A 425 22.79 31.49 52.19
N PRO A 426 22.33 32.56 51.54
CA PRO A 426 20.90 32.65 51.18
C PRO A 426 20.51 31.55 50.21
N PRO A 427 19.21 31.37 49.96
CA PRO A 427 18.80 30.28 49.06
C PRO A 427 19.38 30.40 47.66
N LYS A 428 19.49 31.60 47.12
CA LYS A 428 20.04 31.76 45.78
C LYS A 428 21.53 31.42 45.75
N GLU A 429 22.31 32.02 46.65
CA GLU A 429 23.75 31.77 46.66
C GLU A 429 24.05 30.29 46.91
N ALA A 430 23.30 29.65 47.80
CA ALA A 430 23.56 28.25 48.12
C ALA A 430 23.31 27.35 46.92
N THR A 431 22.24 27.62 46.17
CA THR A 431 21.89 26.76 45.04
C THR A 431 23.04 26.66 44.05
N ARG A 432 23.74 27.77 43.80
CA ARG A 432 24.76 27.78 42.76
C ARG A 432 25.88 26.79 43.08
N LYS A 433 26.50 26.92 44.26
CA LYS A 433 27.55 25.98 44.62
C LYS A 433 26.99 24.58 44.80
N SER A 434 25.79 24.47 45.36
CA SER A 434 25.15 23.16 45.50
C SER A 434 25.07 22.46 44.15
N MET A 435 24.58 23.17 43.12
CA MET A 435 24.50 22.57 41.79
C MET A 435 25.88 22.19 41.26
N GLY A 436 26.90 22.99 41.59
CA GLY A 436 28.25 22.68 41.13
C GLY A 436 28.82 21.41 41.70
N GLN A 437 28.28 20.94 42.83
CA GLN A 437 28.75 19.72 43.47
C GLN A 437 28.06 18.48 42.92
N ILE A 438 26.76 18.55 42.65
CA ILE A 438 25.97 17.38 42.30
C ILE A 438 25.65 17.28 40.82
N GLN A 439 25.71 18.39 40.09
CA GLN A 439 25.30 18.40 38.68
C GLN A 439 25.93 17.26 37.91
N GLY A 440 27.25 17.09 38.03
CA GLY A 440 27.94 16.07 37.26
C GLY A 440 27.56 14.65 37.64
N ALA A 441 27.48 14.38 38.94
CA ALA A 441 27.10 13.04 39.38
C ALA A 441 25.65 12.73 39.00
N LEU A 442 24.79 13.74 39.01
CA LEU A 442 23.40 13.53 38.61
C LEU A 442 23.33 13.02 37.17
N VAL A 443 24.00 13.71 36.25
CA VAL A 443 24.01 13.27 34.86
C VAL A 443 24.61 11.87 34.75
N GLY A 444 25.76 11.66 35.40
CA GLY A 444 26.46 10.39 35.22
C GLY A 444 25.72 9.21 35.81
N ILE A 445 25.08 9.40 36.96
CA ILE A 445 24.34 8.31 37.59
C ILE A 445 23.11 7.96 36.75
N ALA A 446 22.44 8.98 36.21
CA ALA A 446 21.32 8.72 35.31
C ALA A 446 21.77 7.89 34.11
N MET A 447 23.00 8.10 33.64
CA MET A 447 23.50 7.29 32.53
C MET A 447 23.75 5.85 32.98
N VAL A 448 24.29 5.67 34.19
CA VAL A 448 24.50 4.31 34.70
C VAL A 448 23.18 3.58 34.81
N LEU A 449 22.14 4.24 35.31
CA LEU A 449 20.85 3.58 35.46
C LEU A 449 20.22 3.32 34.09
N SER A 450 20.38 4.25 33.15
CA SER A 450 19.88 4.01 31.79
C SER A 450 20.48 2.75 31.19
N ALA A 451 21.73 2.45 31.52
CA ALA A 451 22.37 1.24 31.00
C ALA A 451 21.60 -0.01 31.38
N VAL A 452 20.87 0.03 32.50
CA VAL A 452 20.08 -1.13 32.90
C VAL A 452 19.05 -1.48 31.84
N PHE A 453 18.46 -0.46 31.21
CA PHE A 453 17.29 -0.64 30.36
C PHE A 453 17.60 -0.56 28.86
N VAL A 454 18.69 0.08 28.47
CA VAL A 454 18.97 0.27 27.04
C VAL A 454 19.10 -1.07 26.32
N PRO A 455 19.90 -2.04 26.79
CA PRO A 455 19.95 -3.34 26.09
C PRO A 455 18.60 -3.95 25.83
N MET A 456 17.69 -3.92 26.79
CA MET A 456 16.40 -4.55 26.64
C MET A 456 15.57 -3.93 25.51
N ALA A 457 15.90 -2.70 25.11
CA ALA A 457 15.21 -2.08 23.98
C ALA A 457 15.51 -2.77 22.67
N PHE A 458 16.59 -3.54 22.58
CA PHE A 458 16.93 -4.28 21.36
C PHE A 458 16.37 -5.68 21.36
N PHE A 459 15.30 -5.93 22.12
CA PHE A 459 14.66 -7.23 22.14
C PHE A 459 14.06 -7.52 20.77
N GLY A 460 14.23 -8.75 20.30
CA GLY A 460 13.76 -9.15 18.98
C GLY A 460 12.45 -9.92 19.03
N GLY A 461 11.96 -10.22 17.82
CA GLY A 461 10.74 -10.98 17.68
C GLY A 461 9.49 -10.12 17.81
N SER A 462 8.34 -10.80 17.79
CA SER A 462 7.08 -10.11 18.01
C SER A 462 6.99 -9.62 19.45
N THR A 463 7.49 -10.41 20.39
CA THR A 463 7.56 -9.99 21.79
C THR A 463 8.38 -8.70 21.97
N GLY A 464 9.21 -8.35 20.99
CA GLY A 464 10.20 -7.30 21.21
C GLY A 464 9.60 -5.93 21.46
N ALA A 465 8.52 -5.59 20.76
CA ALA A 465 7.94 -4.26 20.92
C ALA A 465 7.49 -4.02 22.36
N ILE A 466 7.08 -5.08 23.06
CA ILE A 466 6.65 -4.94 24.45
C ILE A 466 7.78 -4.37 25.30
N TYR A 467 8.94 -5.02 25.25
CA TYR A 467 10.08 -4.59 26.06
C TYR A 467 10.68 -3.29 25.54
N ARG A 468 10.60 -3.06 24.23
CA ARG A 468 11.17 -1.85 23.66
C ARG A 468 10.45 -0.61 24.14
N GLN A 469 9.12 -0.60 24.06
CA GLN A 469 8.39 0.60 24.45
C GLN A 469 8.53 0.86 25.95
N PHE A 470 8.56 -0.20 26.76
CA PHE A 470 8.75 0.00 28.20
C PHE A 470 10.12 0.62 28.47
N SER A 471 11.18 0.04 27.91
CA SER A 471 12.53 0.55 28.14
C SER A 471 12.67 2.00 27.70
N ILE A 472 12.18 2.32 26.49
CA ILE A 472 12.29 3.69 25.99
C ILE A 472 11.58 4.66 26.93
N THR A 473 10.42 4.24 27.45
CA THR A 473 9.67 5.12 28.36
C THR A 473 10.48 5.42 29.61
N ILE A 474 11.04 4.38 30.23
CA ILE A 474 11.84 4.54 31.44
C ILE A 474 13.02 5.47 31.17
N VAL A 475 13.80 5.17 30.12
CA VAL A 475 15.00 5.95 29.86
C VAL A 475 14.65 7.39 29.53
N SER A 476 13.63 7.59 28.70
CA SER A 476 13.22 8.95 28.35
C SER A 476 12.84 9.75 29.60
N ALA A 477 12.10 9.13 30.53
CA ALA A 477 11.71 9.83 31.75
C ALA A 477 12.92 10.21 32.59
N MET A 478 13.88 9.28 32.73
CA MET A 478 15.08 9.60 33.51
C MET A 478 15.88 10.71 32.85
N ALA A 479 15.98 10.69 31.51
CA ALA A 479 16.69 11.76 30.81
C ALA A 479 16.01 13.10 31.02
N LEU A 480 14.69 13.16 30.81
CA LEU A 480 13.96 14.40 31.05
C LEU A 480 14.08 14.82 32.51
N SER A 481 14.19 13.87 33.43
CA SER A 481 14.31 14.21 34.84
C SER A 481 15.60 14.99 35.10
N VAL A 482 16.71 14.50 34.55
CA VAL A 482 17.97 15.23 34.67
C VAL A 482 17.81 16.66 34.13
N LEU A 483 17.19 16.78 32.96
CA LEU A 483 17.01 18.10 32.36
C LEU A 483 16.18 19.00 33.26
N VAL A 484 15.08 18.47 33.83
CA VAL A 484 14.25 19.28 34.72
C VAL A 484 14.99 19.61 36.01
N ALA A 485 15.86 18.70 36.48
CA ALA A 485 16.60 18.93 37.70
C ALA A 485 17.73 19.94 37.51
N LEU A 486 18.12 20.19 36.26
CA LEU A 486 19.14 21.19 35.95
C LEU A 486 18.55 22.52 35.51
N ILE A 487 17.23 22.60 35.35
CA ILE A 487 16.59 23.81 34.82
C ILE A 487 15.57 24.33 35.82
N LEU A 488 14.55 23.52 36.11
CA LEU A 488 13.46 23.99 36.97
C LEU A 488 13.84 23.91 38.44
N THR A 489 14.35 22.76 38.87
CA THR A 489 14.61 22.55 40.30
C THR A 489 15.57 23.59 40.86
N PRO A 490 16.70 23.93 40.22
CA PRO A 490 17.55 24.98 40.77
C PRO A 490 16.85 26.33 40.88
N ALA A 491 16.00 26.65 39.90
CA ALA A 491 15.27 27.92 39.96
C ALA A 491 14.32 27.94 41.15
N LEU A 492 13.63 26.83 41.40
CA LEU A 492 12.70 26.78 42.53
C LEU A 492 13.44 26.74 43.86
N CYS A 493 14.61 26.09 43.90
CA CYS A 493 15.40 26.11 45.13
C CYS A 493 15.88 27.51 45.45
N ALA A 494 16.11 28.34 44.43
CA ALA A 494 16.63 29.69 44.62
C ALA A 494 15.53 30.74 44.75
N THR A 495 14.26 30.34 44.68
CA THR A 495 13.18 31.33 44.73
C THR A 495 12.17 30.99 45.82
N MET A 496 12.02 29.70 46.14
CA MET A 496 10.99 29.27 47.08
C MET A 496 11.55 28.75 48.40
N LEU A 497 12.70 28.09 48.40
CA LEU A 497 13.24 27.52 49.64
C LEU A 497 13.35 28.58 50.72
N LYS A 498 12.82 28.27 51.89
CA LYS A 498 12.89 29.20 53.01
C LYS A 498 14.32 29.24 53.55
N PRO A 499 14.93 30.43 53.65
CA PRO A 499 16.32 30.50 54.15
C PRO A 499 16.46 29.78 55.49
N ILE A 500 17.60 29.12 55.66
CA ILE A 500 17.88 28.35 56.86
C ILE A 500 18.94 29.05 57.69
N LYS A 510 7.57 19.05 69.46
CA LYS A 510 6.89 19.44 68.22
C LYS A 510 5.46 18.93 68.22
N GLY A 511 5.30 17.62 68.04
CA GLY A 511 3.99 17.00 67.97
C GLY A 511 4.11 15.58 67.45
N PHE A 512 3.31 15.24 66.43
CA PHE A 512 3.50 13.95 65.78
C PHE A 512 4.87 13.87 65.13
N PHE A 513 5.30 14.95 64.48
CA PHE A 513 6.62 14.96 63.84
C PHE A 513 7.72 14.83 64.89
N GLY A 514 7.62 15.58 65.99
CA GLY A 514 8.57 15.39 67.07
C GLY A 514 8.67 13.94 67.50
N TRP A 515 7.52 13.30 67.68
CA TRP A 515 7.51 11.86 67.96
C TRP A 515 8.21 11.09 66.86
N PHE A 516 7.87 11.37 65.60
CA PHE A 516 8.51 10.70 64.47
C PHE A 516 10.01 10.97 64.46
N ASN A 517 10.40 12.25 64.53
CA ASN A 517 11.83 12.59 64.44
C ASN A 517 12.62 11.87 65.52
N ARG A 518 12.18 11.94 66.76
CA ARG A 518 12.92 11.32 67.86
C ARG A 518 12.98 9.80 67.69
N MET A 519 11.84 9.17 67.38
CA MET A 519 11.84 7.74 67.09
C MET A 519 12.91 7.40 66.07
N PHE A 520 12.95 8.17 64.97
CA PHE A 520 13.95 7.92 63.93
C PHE A 520 15.37 8.16 64.45
N GLU A 521 15.55 9.24 65.23
CA GLU A 521 16.86 9.54 65.79
C GLU A 521 17.43 8.33 66.54
N LYS A 522 16.64 7.77 67.46
CA LYS A 522 17.08 6.59 68.20
C LYS A 522 17.33 5.43 67.23
N SER A 523 16.37 5.17 66.35
CA SER A 523 16.52 4.09 65.37
C SER A 523 17.79 4.26 64.57
N THR A 524 18.10 5.49 64.14
CA THR A 524 19.36 5.75 63.47
C THR A 524 20.54 5.36 64.35
N HIS A 525 20.41 5.57 65.66
CA HIS A 525 21.51 5.25 66.57
C HIS A 525 21.76 3.75 66.63
N HIS A 526 20.71 2.98 66.92
CA HIS A 526 20.86 1.53 66.93
C HIS A 526 21.28 1.00 65.57
N TYR A 527 20.88 1.69 64.50
CA TYR A 527 21.32 1.31 63.16
C TYR A 527 22.84 1.44 63.03
N THR A 528 23.35 2.67 63.17
CA THR A 528 24.79 2.89 63.04
C THR A 528 25.55 1.97 63.98
N ASP A 529 25.05 1.77 65.20
CA ASP A 529 25.67 0.81 66.11
C ASP A 529 25.70 -0.57 65.49
N SER A 530 24.56 -1.05 65.01
CA SER A 530 24.51 -2.36 64.36
C SER A 530 25.48 -2.43 63.19
N VAL A 531 25.59 -1.33 62.41
CA VAL A 531 26.49 -1.32 61.27
C VAL A 531 27.93 -1.54 61.72
N GLY A 532 28.39 -0.73 62.68
CA GLY A 532 29.75 -0.87 63.17
C GLY A 532 30.04 -2.28 63.65
N GLY A 533 29.08 -2.90 64.35
CA GLY A 533 29.27 -4.27 64.79
C GLY A 533 29.39 -5.24 63.62
N ILE A 534 28.65 -4.98 62.55
CA ILE A 534 28.70 -5.86 61.38
C ILE A 534 30.05 -5.74 60.68
N LEU A 535 30.61 -4.53 60.63
CA LEU A 535 31.91 -4.34 60.00
C LEU A 535 32.97 -5.20 60.65
N ARG A 536 32.86 -5.46 61.96
CA ARG A 536 33.82 -6.32 62.64
C ARG A 536 33.53 -7.79 62.44
N SER A 537 32.31 -8.15 62.04
CA SER A 537 31.90 -9.53 61.84
C SER A 537 31.64 -9.83 60.37
N THR A 538 32.30 -9.09 59.47
CA THR A 538 32.00 -9.18 58.04
C THR A 538 32.06 -10.63 57.55
N GLY A 539 33.03 -11.40 58.02
CA GLY A 539 33.17 -12.77 57.56
C GLY A 539 31.87 -13.56 57.63
N ARG A 540 31.14 -13.43 58.75
CA ARG A 540 29.88 -14.13 58.91
C ARG A 540 28.88 -13.70 57.84
N TYR A 541 28.75 -12.39 57.62
CA TYR A 541 27.76 -11.87 56.69
C TYR A 541 28.14 -12.14 55.25
N LEU A 542 29.42 -12.37 54.96
CA LEU A 542 29.82 -12.81 53.63
C LEU A 542 29.14 -14.12 53.29
N VAL A 543 29.14 -15.07 54.22
CA VAL A 543 28.48 -16.36 53.99
C VAL A 543 26.98 -16.18 53.85
N LEU A 544 26.39 -15.29 54.65
CA LEU A 544 24.96 -15.01 54.54
C LEU A 544 24.61 -14.48 53.15
N TYR A 545 25.53 -13.73 52.53
CA TYR A 545 25.25 -13.18 51.20
C TYR A 545 25.17 -14.28 50.15
N LEU A 546 26.06 -15.27 50.21
CA LEU A 546 26.09 -16.30 49.18
C LEU A 546 24.79 -17.11 49.18
N ILE A 547 24.24 -17.40 50.35
CA ILE A 547 23.01 -18.20 50.37
C ILE A 547 21.83 -17.36 49.90
N ILE A 548 21.88 -16.04 50.05
CA ILE A 548 20.89 -15.18 49.40
C ILE A 548 20.97 -15.37 47.89
N VAL A 549 22.19 -15.54 47.37
CA VAL A 549 22.38 -15.68 45.93
C VAL A 549 21.99 -17.08 45.46
N VAL A 550 22.21 -18.09 46.28
CA VAL A 550 21.77 -19.44 45.92
C VAL A 550 20.27 -19.55 46.04
N GLY A 551 19.69 -19.02 47.13
CA GLY A 551 18.24 -18.97 47.22
C GLY A 551 17.61 -18.28 46.04
N MET A 552 18.10 -17.07 45.71
CA MET A 552 17.66 -16.40 44.48
C MET A 552 17.76 -17.35 43.29
N ALA A 553 18.84 -18.11 43.20
CA ALA A 553 19.02 -19.02 42.08
C ALA A 553 17.95 -20.11 42.07
N TYR A 554 17.70 -20.72 43.23
CA TYR A 554 16.69 -21.76 43.32
C TYR A 554 15.32 -21.21 42.93
N LEU A 555 14.89 -20.13 43.58
CA LEU A 555 13.58 -19.57 43.30
C LEU A 555 13.43 -19.18 41.84
N PHE A 556 14.53 -18.77 41.20
CA PHE A 556 14.44 -18.40 39.79
C PHE A 556 14.09 -19.61 38.93
N VAL A 557 14.81 -20.72 39.10
CA VAL A 557 14.51 -21.91 38.33
C VAL A 557 13.19 -22.53 38.77
N ARG A 558 12.85 -22.41 40.05
CA ARG A 558 11.58 -22.95 40.53
C ARG A 558 10.38 -22.23 39.91
N LEU A 559 10.54 -20.95 39.59
CA LEU A 559 9.40 -20.15 39.16
C LEU A 559 8.99 -20.52 37.73
N PRO A 560 7.73 -20.88 37.49
CA PRO A 560 7.30 -21.15 36.12
C PRO A 560 7.29 -19.87 35.28
N SER A 561 7.24 -20.06 33.96
CA SER A 561 7.31 -18.94 33.03
C SER A 561 6.13 -18.97 32.07
N SER A 562 5.61 -17.79 31.75
CA SER A 562 4.52 -17.60 30.80
C SER A 562 4.82 -16.34 30.00
N PHE A 563 3.82 -15.84 29.26
CA PHE A 563 3.98 -14.63 28.46
C PHE A 563 3.18 -13.47 29.05
N LEU A 564 1.84 -13.52 29.01
CA LEU A 564 0.99 -12.44 29.53
C LEU A 564 -0.19 -13.09 30.26
N PRO A 565 -0.56 -12.58 31.44
CA PRO A 565 -1.71 -13.15 32.14
C PRO A 565 -3.02 -12.92 31.40
N ASP A 566 -3.92 -13.90 31.53
CA ASP A 566 -5.30 -13.68 31.13
C ASP A 566 -5.90 -12.55 31.95
N GLU A 567 -6.72 -11.73 31.31
CA GLU A 567 -7.44 -10.67 31.98
C GLU A 567 -8.93 -10.91 31.86
N ASP A 568 -9.66 -10.53 32.90
CA ASP A 568 -11.12 -10.44 32.83
C ASP A 568 -11.46 -9.17 32.05
N GLN A 569 -11.98 -9.34 30.84
CA GLN A 569 -12.28 -8.23 29.95
C GLN A 569 -13.76 -7.89 29.90
N GLY A 570 -14.55 -8.39 30.84
CA GLY A 570 -15.98 -8.14 30.86
C GLY A 570 -16.78 -8.88 29.82
N VAL A 571 -16.14 -9.74 29.02
CA VAL A 571 -16.80 -10.48 27.95
C VAL A 571 -16.12 -11.83 27.80
N PHE A 572 -16.83 -12.78 27.18
CA PHE A 572 -16.24 -14.05 26.79
C PHE A 572 -17.21 -14.74 25.83
N MET A 573 -16.77 -15.89 25.32
CA MET A 573 -17.50 -16.61 24.29
C MET A 573 -17.71 -18.04 24.72
N THR A 574 -18.75 -18.65 24.17
CA THR A 574 -19.04 -20.06 24.38
C THR A 574 -19.15 -20.72 23.02
N MET A 575 -18.39 -21.78 22.83
CA MET A 575 -18.38 -22.53 21.59
C MET A 575 -19.38 -23.69 21.70
N VAL A 576 -20.18 -23.87 20.66
CA VAL A 576 -21.11 -24.99 20.56
C VAL A 576 -20.77 -25.75 19.29
N GLN A 577 -20.38 -27.01 19.43
CA GLN A 577 -20.00 -27.85 18.30
C GLN A 577 -20.71 -29.18 18.41
N LEU A 578 -21.60 -29.44 17.49
CA LEU A 578 -22.25 -30.73 17.40
C LEU A 578 -21.59 -31.55 16.32
N PRO A 579 -21.74 -32.87 16.33
CA PRO A 579 -21.17 -33.67 15.25
C PRO A 579 -21.81 -33.29 13.92
N ALA A 580 -21.00 -33.30 12.86
CA ALA A 580 -21.55 -33.05 11.53
C ALA A 580 -22.67 -34.05 11.26
N GLY A 581 -23.63 -33.63 10.43
CA GLY A 581 -24.88 -34.34 10.27
C GLY A 581 -25.96 -33.93 11.25
N ALA A 582 -25.60 -33.29 12.36
CA ALA A 582 -26.61 -32.81 13.29
C ALA A 582 -27.38 -31.65 12.67
N THR A 583 -28.61 -31.46 13.12
CA THR A 583 -29.51 -30.51 12.49
C THR A 583 -29.52 -29.17 13.21
N GLN A 584 -29.95 -28.15 12.47
CA GLN A 584 -30.17 -26.83 13.02
C GLN A 584 -31.05 -26.91 14.27
N GLU A 585 -32.10 -27.72 14.23
CA GLU A 585 -32.98 -27.83 15.39
C GLU A 585 -32.25 -28.33 16.62
N ARG A 586 -31.34 -29.30 16.47
CA ARG A 586 -30.63 -29.79 17.65
C ARG A 586 -29.63 -28.77 18.16
N THR A 587 -29.00 -28.02 17.24
CA THR A 587 -28.06 -26.99 17.68
C THR A 587 -28.78 -25.91 18.47
N GLN A 588 -30.02 -25.57 18.07
CA GLN A 588 -30.80 -24.59 18.81
C GLN A 588 -31.16 -25.11 20.20
N LYS A 589 -31.48 -26.39 20.29
CA LYS A 589 -31.74 -26.98 21.59
C LYS A 589 -30.55 -26.81 22.51
N VAL A 590 -29.33 -27.05 22.01
CA VAL A 590 -28.15 -26.88 22.83
C VAL A 590 -27.92 -25.41 23.16
N LEU A 591 -28.12 -24.52 22.18
CA LEU A 591 -27.99 -23.10 22.45
C LEU A 591 -29.00 -22.62 23.49
N ASN A 592 -30.22 -23.14 23.44
CA ASN A 592 -31.19 -22.79 24.47
C ASN A 592 -30.67 -23.15 25.85
N GLU A 593 -30.08 -24.33 25.99
CA GLU A 593 -29.53 -24.74 27.28
C GLU A 593 -28.40 -23.80 27.73
N VAL A 594 -27.51 -23.44 26.80
CA VAL A 594 -26.44 -22.50 27.13
C VAL A 594 -27.03 -21.16 27.55
N THR A 595 -27.95 -20.62 26.76
CA THR A 595 -28.56 -19.33 27.11
C THR A 595 -29.28 -19.42 28.45
N HIS A 596 -30.03 -20.50 28.67
CA HIS A 596 -30.75 -20.69 29.92
C HIS A 596 -29.80 -20.62 31.11
N TYR A 597 -28.68 -21.33 31.02
CA TYR A 597 -27.71 -21.35 32.12
C TYR A 597 -27.25 -19.95 32.50
N TYR A 598 -26.86 -19.13 31.51
CA TYR A 598 -26.36 -17.80 31.82
C TYR A 598 -27.47 -16.89 32.35
N LEU A 599 -28.70 -17.04 31.84
CA LEU A 599 -29.79 -16.17 32.28
C LEU A 599 -30.38 -16.58 33.62
N THR A 600 -30.15 -17.81 34.08
CA THR A 600 -30.69 -18.27 35.35
C THR A 600 -29.63 -18.53 36.42
N LYS A 601 -28.48 -19.12 36.06
CA LYS A 601 -27.46 -19.47 37.04
C LYS A 601 -26.36 -18.42 37.19
N GLU A 602 -26.29 -17.42 36.31
CA GLU A 602 -25.30 -16.37 36.44
C GLU A 602 -25.97 -15.01 36.38
N LYS A 603 -27.14 -14.90 37.04
CA LYS A 603 -27.88 -13.65 37.08
C LYS A 603 -27.05 -12.50 37.62
N ASN A 604 -26.20 -12.78 38.61
CA ASN A 604 -25.42 -11.72 39.24
C ASN A 604 -24.26 -11.24 38.37
N ASN A 605 -23.82 -12.04 37.42
CA ASN A 605 -22.61 -11.75 36.66
C ASN A 605 -22.86 -11.43 35.20
N VAL A 606 -23.83 -12.09 34.57
CA VAL A 606 -24.04 -11.97 33.13
C VAL A 606 -25.08 -10.89 32.85
N GLU A 607 -24.72 -9.94 31.99
CA GLU A 607 -25.62 -8.89 31.55
C GLU A 607 -26.41 -9.29 30.31
N SER A 608 -25.76 -9.92 29.33
CA SER A 608 -26.45 -10.29 28.10
C SER A 608 -25.81 -11.51 27.47
N VAL A 609 -26.61 -12.22 26.68
CA VAL A 609 -26.17 -13.35 25.87
C VAL A 609 -26.67 -13.10 24.45
N PHE A 610 -25.75 -13.06 23.50
CA PHE A 610 -26.09 -12.98 22.08
C PHE A 610 -25.66 -14.31 21.48
N ALA A 611 -26.64 -15.15 21.13
CA ALA A 611 -26.39 -16.51 20.69
C ALA A 611 -26.70 -16.63 19.21
N VAL A 612 -25.80 -17.28 18.47
CA VAL A 612 -25.92 -17.40 17.03
C VAL A 612 -25.93 -18.88 16.68
N ASN A 613 -27.03 -19.32 16.07
CA ASN A 613 -27.14 -20.67 15.52
C ASN A 613 -26.65 -20.65 14.09
N GLY A 614 -25.71 -21.53 13.77
CA GLY A 614 -25.23 -21.70 12.40
C GLY A 614 -23.91 -21.04 12.12
N PHE A 615 -23.33 -20.33 13.08
CA PHE A 615 -22.04 -19.67 12.90
C PHE A 615 -21.06 -20.18 13.94
N GLY A 616 -19.89 -20.59 13.48
CA GLY A 616 -18.76 -20.85 14.35
C GLY A 616 -17.50 -20.25 13.75
N PHE A 617 -16.43 -20.26 14.54
CA PHE A 617 -15.19 -19.69 14.05
C PHE A 617 -14.51 -20.61 13.06
N ALA A 618 -14.58 -21.93 13.27
CA ALA A 618 -14.04 -22.86 12.29
C ALA A 618 -14.77 -22.71 10.95
N GLY A 619 -16.08 -22.51 11.01
CA GLY A 619 -16.87 -22.36 9.80
C GLY A 619 -18.35 -22.44 10.13
N ARG A 620 -19.16 -22.24 9.09
CA ARG A 620 -20.60 -22.37 9.22
C ARG A 620 -21.00 -23.84 9.33
N GLY A 621 -22.30 -24.07 9.39
CA GLY A 621 -22.85 -25.41 9.40
C GLY A 621 -24.08 -25.46 10.31
N GLN A 622 -24.96 -26.42 10.03
CA GLN A 622 -26.13 -26.62 10.88
C GLN A 622 -25.74 -27.04 12.28
N ASN A 623 -24.52 -27.55 12.44
CA ASN A 623 -24.08 -28.23 13.64
C ASN A 623 -23.16 -27.37 14.51
N THR A 624 -23.21 -26.05 14.34
CA THR A 624 -22.29 -25.18 15.05
C THR A 624 -23.00 -23.92 15.47
N GLY A 625 -22.54 -23.36 16.59
CA GLY A 625 -23.09 -22.10 17.08
C GLY A 625 -22.11 -21.46 18.04
N ILE A 626 -22.46 -20.26 18.48
CA ILE A 626 -21.61 -19.50 19.40
C ILE A 626 -22.51 -18.62 20.23
N ALA A 627 -22.10 -18.40 21.48
CA ALA A 627 -22.78 -17.46 22.36
C ALA A 627 -21.77 -16.41 22.80
N PHE A 628 -22.09 -15.15 22.54
CA PHE A 628 -21.31 -14.02 23.04
C PHE A 628 -21.91 -13.56 24.35
N VAL A 629 -21.09 -13.45 25.38
CA VAL A 629 -21.55 -13.14 26.73
C VAL A 629 -20.87 -11.86 27.20
N SER A 630 -21.69 -10.91 27.66
CA SER A 630 -21.20 -9.68 28.26
C SER A 630 -21.56 -9.66 29.73
N LEU A 631 -20.58 -9.29 30.57
CA LEU A 631 -20.73 -9.33 32.01
C LEU A 631 -21.04 -7.94 32.56
N LYS A 632 -21.57 -7.92 33.77
CA LYS A 632 -21.75 -6.66 34.48
C LYS A 632 -20.36 -6.08 34.81
N ASP A 633 -20.37 -4.81 35.23
CA ASP A 633 -19.10 -4.14 35.50
C ASP A 633 -18.30 -4.88 36.55
N TRP A 634 -16.97 -4.79 36.42
CA TRP A 634 -16.07 -5.40 37.39
C TRP A 634 -16.46 -5.04 38.82
N ALA A 635 -16.84 -3.78 39.05
CA ALA A 635 -17.18 -3.34 40.40
C ALA A 635 -18.36 -4.11 40.96
N ASP A 636 -19.25 -4.60 40.11
CA ASP A 636 -20.41 -5.38 40.55
C ASP A 636 -20.13 -6.87 40.60
N ARG A 637 -18.87 -7.28 40.42
CA ARG A 637 -18.48 -8.69 40.43
C ARG A 637 -17.30 -8.86 41.37
N PRO A 638 -17.51 -8.67 42.67
CA PRO A 638 -16.40 -8.79 43.62
C PRO A 638 -15.94 -10.24 43.76
N GLY A 639 -14.67 -10.39 44.10
CA GLY A 639 -14.11 -11.69 44.38
C GLY A 639 -13.80 -12.47 43.11
N GLU A 640 -12.89 -13.43 43.26
CA GLU A 640 -12.40 -14.14 42.08
C GLU A 640 -13.43 -15.14 41.57
N GLU A 641 -14.39 -15.55 42.40
CA GLU A 641 -15.43 -16.47 41.91
C GLU A 641 -16.38 -15.78 40.95
N ASN A 642 -16.39 -14.44 40.91
CA ASN A 642 -17.22 -13.67 40.01
C ASN A 642 -16.44 -13.09 38.84
N LYS A 643 -15.22 -13.59 38.60
CA LYS A 643 -14.41 -13.17 37.47
C LYS A 643 -14.48 -14.20 36.34
N VAL A 644 -14.04 -13.77 35.15
CA VAL A 644 -14.26 -14.57 33.94
C VAL A 644 -13.71 -15.98 34.10
N GLU A 645 -12.56 -16.12 34.75
CA GLU A 645 -11.94 -17.44 34.84
C GLU A 645 -12.86 -18.42 35.54
N ALA A 646 -13.36 -18.05 36.72
CA ALA A 646 -14.23 -18.95 37.47
C ALA A 646 -15.58 -19.12 36.79
N ILE A 647 -16.10 -18.04 36.19
CA ILE A 647 -17.37 -18.12 35.49
C ILE A 647 -17.29 -19.14 34.35
N THR A 648 -16.23 -19.04 33.52
CA THR A 648 -16.12 -19.95 32.38
C THR A 648 -15.84 -21.37 32.83
N MET A 649 -15.10 -21.55 33.92
N MET A 649 -15.10 -21.55 33.92
CA MET A 649 -14.86 -22.90 34.45
CA MET A 649 -14.86 -22.90 34.45
C MET A 649 -16.18 -23.55 34.88
C MET A 649 -16.18 -23.53 34.88
N ARG A 650 -16.98 -22.83 35.68
CA ARG A 650 -18.27 -23.37 36.11
C ARG A 650 -19.16 -23.66 34.92
N ALA A 651 -19.19 -22.76 33.94
CA ALA A 651 -20.07 -22.95 32.79
C ALA A 651 -19.68 -24.19 32.01
N THR A 652 -18.40 -24.33 31.70
CA THR A 652 -17.94 -25.51 30.97
C THR A 652 -18.27 -26.78 31.75
N ARG A 653 -18.05 -26.76 33.06
CA ARG A 653 -18.41 -27.91 33.88
C ARG A 653 -19.89 -28.21 33.78
N ALA A 654 -20.74 -27.18 33.83
CA ALA A 654 -22.17 -27.41 33.71
C ALA A 654 -22.53 -27.96 32.33
N PHE A 655 -21.90 -27.44 31.28
CA PHE A 655 -22.22 -27.87 29.92
C PHE A 655 -21.66 -29.25 29.58
N SER A 656 -20.73 -29.78 30.39
CA SER A 656 -20.17 -31.09 30.09
C SER A 656 -21.23 -32.17 30.09
N GLN A 657 -22.36 -31.94 30.75
CA GLN A 657 -23.45 -32.90 30.82
C GLN A 657 -24.43 -32.80 29.65
N ILE A 658 -24.11 -32.01 28.63
CA ILE A 658 -24.92 -31.94 27.42
C ILE A 658 -24.46 -33.03 26.47
N LYS A 659 -25.41 -33.80 25.95
CA LYS A 659 -25.10 -34.99 25.18
C LYS A 659 -24.91 -34.66 23.70
N ASP A 660 -24.01 -35.40 23.06
CA ASP A 660 -23.78 -35.31 21.61
C ASP A 660 -23.35 -33.91 21.18
N ALA A 661 -22.66 -33.19 22.07
CA ALA A 661 -22.22 -31.84 21.76
C ALA A 661 -20.97 -31.51 22.55
N MET A 662 -20.13 -30.71 21.93
CA MET A 662 -18.94 -30.14 22.58
C MET A 662 -19.26 -28.68 22.87
N VAL A 663 -19.34 -28.34 24.15
CA VAL A 663 -19.74 -27.01 24.58
C VAL A 663 -18.78 -26.56 25.66
N PHE A 664 -18.14 -25.40 25.46
CA PHE A 664 -17.23 -24.90 26.46
C PHE A 664 -17.14 -23.39 26.38
N ALA A 665 -17.06 -22.75 27.53
CA ALA A 665 -16.82 -21.33 27.64
C ALA A 665 -15.34 -21.09 27.87
N PHE A 666 -14.81 -20.04 27.26
CA PHE A 666 -13.38 -19.78 27.32
C PHE A 666 -13.14 -18.28 27.37
N ASN A 667 -12.06 -17.91 28.03
CA ASN A 667 -11.66 -16.51 28.10
C ASN A 667 -10.87 -16.14 26.87
N LEU A 668 -10.91 -14.86 26.52
CA LEU A 668 -10.07 -14.35 25.47
C LEU A 668 -8.62 -14.32 25.95
N PRO A 669 -7.67 -14.78 25.15
CA PRO A 669 -6.26 -14.64 25.55
C PRO A 669 -5.77 -13.22 25.28
N ALA A 670 -4.85 -12.77 26.13
CA ALA A 670 -4.29 -11.44 25.97
C ALA A 670 -3.88 -11.21 24.52
N ILE A 671 -3.03 -12.09 23.98
CA ILE A 671 -2.67 -12.10 22.57
C ILE A 671 -3.11 -13.45 22.02
N VAL A 672 -4.10 -13.42 21.11
CA VAL A 672 -4.55 -14.68 20.50
C VAL A 672 -3.42 -15.33 19.73
N GLU A 673 -2.56 -14.51 19.12
CA GLU A 673 -1.47 -15.04 18.29
C GLU A 673 -0.59 -15.99 19.10
N LEU A 674 -0.02 -15.50 20.20
CA LEU A 674 0.82 -16.35 21.04
C LEU A 674 0.02 -17.46 21.71
N GLY A 675 -1.28 -17.25 21.91
CA GLY A 675 -2.16 -18.30 22.37
C GLY A 675 -1.81 -18.84 23.74
N THR A 676 -2.05 -20.13 23.92
CA THR A 676 -1.92 -20.76 25.23
C THR A 676 -0.48 -20.67 25.74
N ALA A 677 -0.34 -20.67 27.07
CA ALA A 677 0.98 -20.71 27.68
C ALA A 677 1.61 -22.09 27.58
N THR A 678 0.80 -23.15 27.55
CA THR A 678 1.29 -24.53 27.48
C THR A 678 0.76 -25.27 26.25
N GLY A 679 0.03 -24.59 25.35
CA GLY A 679 -0.59 -25.26 24.23
C GLY A 679 0.30 -25.30 22.99
N PHE A 680 0.01 -26.27 22.11
CA PHE A 680 0.70 -26.38 20.84
C PHE A 680 -0.33 -26.52 19.72
N ASP A 681 0.13 -26.26 18.50
CA ASP A 681 -0.73 -26.24 17.31
C ASP A 681 -0.04 -27.04 16.24
N PHE A 682 -0.54 -28.25 15.98
CA PHE A 682 0.13 -29.27 15.19
C PHE A 682 -0.60 -29.46 13.87
N GLU A 683 0.17 -29.76 12.82
CA GLU A 683 -0.40 -30.02 11.49
C GLU A 683 0.12 -31.35 10.98
N LEU A 684 -0.80 -32.27 10.72
CA LEU A 684 -0.46 -33.53 10.08
C LEU A 684 -0.65 -33.37 8.57
N ILE A 685 0.35 -33.78 7.79
CA ILE A 685 0.42 -33.44 6.37
C ILE A 685 0.47 -34.71 5.55
N ASP A 686 -0.39 -34.78 4.53
CA ASP A 686 -0.32 -35.81 3.50
C ASP A 686 0.74 -35.40 2.49
N GLN A 687 1.91 -36.02 2.56
CA GLN A 687 3.07 -35.65 1.75
C GLN A 687 3.22 -36.48 0.49
N ALA A 688 2.32 -37.44 0.23
CA ALA A 688 2.53 -38.38 -0.86
C ALA A 688 1.24 -38.80 -1.54
N GLY A 689 0.25 -37.91 -1.60
CA GLY A 689 -1.00 -38.25 -2.24
C GLY A 689 -1.67 -39.46 -1.64
N LEU A 690 -1.54 -39.65 -0.33
CA LEU A 690 -2.18 -40.78 0.32
C LEU A 690 -3.70 -40.70 0.23
N GLY A 691 -4.25 -39.54 0.52
CA GLY A 691 -5.69 -39.35 0.49
C GLY A 691 -6.28 -39.20 1.88
N HIS A 692 -7.54 -38.74 1.91
CA HIS A 692 -8.19 -38.39 3.16
C HIS A 692 -8.32 -39.57 4.11
N GLU A 693 -8.70 -40.73 3.59
CA GLU A 693 -8.95 -41.87 4.47
C GLU A 693 -7.67 -42.33 5.16
N LYS A 694 -6.57 -42.42 4.40
CA LYS A 694 -5.29 -42.78 5.00
C LYS A 694 -4.82 -41.71 5.97
N LEU A 695 -5.02 -40.43 5.63
CA LEU A 695 -4.61 -39.38 6.55
C LEU A 695 -5.39 -39.46 7.85
N THR A 696 -6.70 -39.72 7.77
CA THR A 696 -7.51 -39.89 8.98
C THR A 696 -6.95 -41.02 9.84
N GLN A 697 -6.62 -42.15 9.21
CA GLN A 697 -6.06 -43.27 9.98
C GLN A 697 -4.73 -42.88 10.62
N ALA A 698 -3.87 -42.18 9.88
CA ALA A 698 -2.64 -41.68 10.47
C ALA A 698 -2.94 -40.76 11.64
N ARG A 699 -3.91 -39.86 11.47
CA ARG A 699 -4.33 -39.00 12.57
C ARG A 699 -4.74 -39.83 13.77
N ASN A 700 -5.59 -40.85 13.56
CA ASN A 700 -6.09 -41.63 14.67
C ASN A 700 -4.95 -42.37 15.36
N GLN A 701 -4.04 -42.96 14.58
CA GLN A 701 -2.85 -43.58 15.16
C GLN A 701 -2.10 -42.61 16.05
N LEU A 702 -1.89 -41.38 15.58
CA LEU A 702 -1.19 -40.37 16.38
C LEU A 702 -1.97 -39.99 17.62
N LEU A 703 -3.31 -39.89 17.50
CA LEU A 703 -4.12 -39.50 18.64
C LEU A 703 -4.14 -40.61 19.70
N ALA A 704 -4.12 -41.87 19.26
CA ALA A 704 -4.09 -42.98 20.21
C ALA A 704 -2.78 -42.99 20.99
N GLU A 705 -1.65 -42.82 20.30
CA GLU A 705 -0.36 -42.85 20.98
C GLU A 705 -0.21 -41.69 21.94
N ALA A 706 -0.81 -40.54 21.63
CA ALA A 706 -0.74 -39.40 22.54
C ALA A 706 -1.50 -39.68 23.83
N ALA A 707 -2.64 -40.39 23.73
CA ALA A 707 -3.39 -40.74 24.93
C ALA A 707 -2.57 -41.62 25.86
N LYS A 708 -1.66 -42.43 25.32
CA LYS A 708 -0.81 -43.29 26.13
C LYS A 708 0.24 -42.52 26.91
N HIS A 709 0.27 -41.20 26.84
CA HIS A 709 1.23 -40.38 27.58
C HIS A 709 0.52 -39.24 28.31
N PRO A 710 -0.41 -39.57 29.21
CA PRO A 710 -0.95 -38.51 30.09
C PRO A 710 0.15 -37.82 30.88
N ASP A 711 1.30 -38.47 31.02
CA ASP A 711 2.45 -37.87 31.71
C ASP A 711 2.77 -36.51 31.12
N MET A 712 2.85 -36.42 29.79
CA MET A 712 3.37 -35.23 29.13
C MET A 712 2.35 -34.49 28.26
N LEU A 713 1.40 -35.19 27.65
CA LEU A 713 0.43 -34.58 26.75
C LEU A 713 -0.95 -34.58 27.38
N THR A 714 -1.76 -33.59 27.00
CA THR A 714 -3.10 -33.42 27.56
C THR A 714 -4.03 -32.88 26.49
N SER A 715 -5.21 -33.50 26.35
CA SER A 715 -6.27 -33.00 25.50
C SER A 715 -5.84 -32.90 24.03
N VAL A 716 -5.08 -33.89 23.58
CA VAL A 716 -4.59 -33.93 22.20
C VAL A 716 -5.73 -34.38 21.30
N ARG A 717 -6.26 -33.45 20.50
CA ARG A 717 -7.51 -33.64 19.78
C ARG A 717 -7.41 -33.04 18.40
N PRO A 718 -8.27 -33.45 17.48
CA PRO A 718 -8.34 -32.78 16.17
C PRO A 718 -9.20 -31.54 16.25
N ASN A 719 -8.85 -30.55 15.43
CA ASN A 719 -9.61 -29.32 15.39
C ASN A 719 -10.77 -29.36 14.40
N GLY A 720 -10.79 -30.34 13.50
CA GLY A 720 -11.78 -30.41 12.45
C GLY A 720 -12.89 -31.39 12.74
N LEU A 721 -13.57 -31.83 11.68
CA LEU A 721 -14.79 -32.60 11.77
C LEU A 721 -14.61 -34.01 11.23
N GLU A 722 -15.47 -34.91 11.70
CA GLU A 722 -15.43 -36.31 11.31
C GLU A 722 -16.26 -36.54 10.06
N ASP A 723 -15.90 -37.59 9.34
CA ASP A 723 -16.69 -38.00 8.18
C ASP A 723 -18.13 -38.29 8.60
N THR A 724 -19.03 -38.19 7.64
CA THR A 724 -20.46 -38.38 7.89
C THR A 724 -21.06 -39.00 6.64
N PRO A 725 -22.23 -39.62 6.77
CA PRO A 725 -22.86 -40.24 5.60
C PRO A 725 -23.22 -39.20 4.55
N GLN A 726 -23.07 -39.58 3.29
CA GLN A 726 -23.48 -38.74 2.18
C GLN A 726 -24.16 -39.61 1.14
N PHE A 727 -25.05 -38.98 0.37
CA PHE A 727 -25.91 -39.64 -0.59
C PHE A 727 -25.25 -39.57 -1.96
N LYS A 728 -24.66 -40.68 -2.41
CA LYS A 728 -23.96 -40.73 -3.69
C LYS A 728 -24.94 -41.16 -4.79
N ILE A 729 -25.08 -40.33 -5.82
CA ILE A 729 -25.99 -40.61 -6.92
C ILE A 729 -25.17 -40.66 -8.21
N ASP A 730 -25.32 -41.76 -8.94
CA ASP A 730 -24.63 -41.97 -10.21
C ASP A 730 -25.62 -41.75 -11.35
N ILE A 731 -25.31 -40.81 -12.22
CA ILE A 731 -26.08 -40.61 -13.45
C ILE A 731 -25.56 -41.62 -14.47
N ASP A 732 -26.47 -42.35 -15.10
CA ASP A 732 -26.10 -43.36 -16.09
C ASP A 732 -26.08 -42.70 -17.46
N GLN A 733 -24.87 -42.48 -17.99
CA GLN A 733 -24.73 -41.76 -19.25
C GLN A 733 -25.45 -42.47 -20.39
N GLU A 734 -25.35 -43.79 -20.45
CA GLU A 734 -25.97 -44.53 -21.55
C GLU A 734 -27.49 -44.36 -21.51
N LYS A 735 -28.10 -44.53 -20.33
CA LYS A 735 -29.55 -44.42 -20.25
C LYS A 735 -30.03 -43.01 -20.60
N ALA A 736 -29.32 -41.98 -20.12
CA ALA A 736 -29.66 -40.61 -20.49
C ALA A 736 -29.54 -40.39 -21.99
N GLN A 737 -28.46 -40.89 -22.60
CA GLN A 737 -28.33 -40.76 -24.05
C GLN A 737 -29.48 -41.47 -24.76
N ALA A 738 -29.83 -42.68 -24.31
CA ALA A 738 -30.89 -43.43 -24.96
C ALA A 738 -32.24 -42.72 -24.83
N LEU A 739 -32.52 -42.19 -23.64
CA LEU A 739 -33.78 -41.48 -23.43
C LEU A 739 -33.77 -40.08 -24.02
N GLY A 740 -32.63 -39.61 -24.49
CA GLY A 740 -32.53 -38.24 -24.99
C GLY A 740 -32.64 -37.20 -23.90
N VAL A 741 -32.07 -37.48 -22.72
CA VAL A 741 -32.05 -36.54 -21.61
C VAL A 741 -30.67 -35.92 -21.55
N SER A 742 -30.63 -34.58 -21.60
CA SER A 742 -29.38 -33.85 -21.55
C SER A 742 -28.74 -33.95 -20.17
N ILE A 743 -27.41 -34.17 -20.15
CA ILE A 743 -26.71 -34.18 -18.88
C ILE A 743 -26.76 -32.81 -18.22
N ASN A 744 -26.77 -31.74 -19.01
CA ASN A 744 -26.88 -30.40 -18.45
C ASN A 744 -28.24 -30.19 -17.77
N ASP A 745 -29.31 -30.65 -18.40
CA ASP A 745 -30.63 -30.57 -17.79
C ASP A 745 -30.69 -31.35 -16.48
N ILE A 746 -30.08 -32.55 -16.46
CA ILE A 746 -30.08 -33.36 -15.25
C ILE A 746 -29.35 -32.63 -14.13
N ASN A 747 -28.16 -32.12 -14.41
CA ASN A 747 -27.36 -31.50 -13.34
C ASN A 747 -27.99 -30.20 -12.86
N THR A 748 -28.59 -29.44 -13.76
CA THR A 748 -29.27 -28.21 -13.35
C THR A 748 -30.51 -28.52 -12.52
N THR A 749 -31.30 -29.51 -12.93
CA THR A 749 -32.48 -29.89 -12.16
C THR A 749 -32.09 -30.35 -10.76
N LEU A 750 -31.07 -31.20 -10.67
CA LEU A 750 -30.63 -31.69 -9.37
C LEU A 750 -30.06 -30.57 -8.51
N GLY A 751 -29.14 -29.77 -9.06
CA GLY A 751 -28.51 -28.73 -8.28
C GLY A 751 -29.45 -27.60 -7.91
N ALA A 752 -30.29 -27.18 -8.86
CA ALA A 752 -31.24 -26.11 -8.58
C ALA A 752 -32.26 -26.52 -7.53
N ALA A 753 -32.79 -27.75 -7.64
CA ALA A 753 -33.83 -28.17 -6.71
C ALA A 753 -33.27 -28.40 -5.31
N TRP A 754 -32.16 -29.12 -5.21
CA TRP A 754 -31.65 -29.54 -3.90
C TRP A 754 -30.57 -28.64 -3.34
N GLY A 755 -29.93 -27.81 -4.16
CA GLY A 755 -28.87 -26.94 -3.68
C GLY A 755 -29.22 -25.48 -3.79
N GLY A 756 -30.12 -25.15 -4.71
CA GLY A 756 -30.47 -23.77 -4.98
C GLY A 756 -29.60 -23.16 -6.07
N SER A 757 -30.16 -22.15 -6.75
CA SER A 757 -29.48 -21.49 -7.85
C SER A 757 -29.75 -19.99 -7.82
N TYR A 758 -28.68 -19.21 -7.81
CA TYR A 758 -28.74 -17.76 -7.91
C TYR A 758 -28.97 -17.43 -9.38
N VAL A 759 -30.18 -16.99 -9.71
CA VAL A 759 -30.57 -16.82 -11.11
C VAL A 759 -30.12 -15.45 -11.62
N ASN A 760 -30.65 -14.38 -11.05
CA ASN A 760 -30.25 -13.02 -11.37
C ASN A 760 -30.71 -12.11 -10.23
N ASP A 761 -30.70 -10.80 -10.46
CA ASP A 761 -31.04 -9.83 -9.43
C ASP A 761 -32.40 -9.20 -9.68
N PHE A 762 -32.99 -8.67 -8.62
CA PHE A 762 -34.22 -7.89 -8.67
C PHE A 762 -34.02 -6.69 -7.76
N ILE A 763 -35.04 -5.83 -7.68
CA ILE A 763 -34.94 -4.61 -6.90
C ILE A 763 -36.01 -4.66 -5.81
N ASP A 764 -35.57 -4.68 -4.56
CA ASP A 764 -36.45 -4.73 -3.40
C ASP A 764 -36.37 -3.38 -2.71
N ARG A 765 -37.42 -2.58 -2.85
CA ARG A 765 -37.52 -1.28 -2.20
C ARG A 765 -36.27 -0.44 -2.48
N GLY A 766 -35.90 -0.37 -3.76
CA GLY A 766 -34.80 0.46 -4.20
C GLY A 766 -33.43 -0.18 -4.16
N ARG A 767 -33.28 -1.36 -3.54
CA ARG A 767 -31.98 -1.98 -3.36
C ARG A 767 -31.89 -3.25 -4.19
N VAL A 768 -30.79 -3.38 -4.95
CA VAL A 768 -30.56 -4.60 -5.71
C VAL A 768 -30.32 -5.77 -4.77
N LYS A 769 -31.01 -6.88 -5.04
CA LYS A 769 -30.91 -8.10 -4.24
C LYS A 769 -31.01 -9.30 -5.18
N LYS A 770 -30.82 -10.48 -4.62
CA LYS A 770 -30.72 -11.71 -5.41
C LYS A 770 -32.07 -12.42 -5.55
N VAL A 771 -32.15 -13.24 -6.61
CA VAL A 771 -33.27 -14.14 -6.87
C VAL A 771 -32.73 -15.57 -6.83
N TYR A 772 -33.35 -16.43 -6.02
CA TYR A 772 -32.97 -17.84 -5.90
C TYR A 772 -34.14 -18.75 -6.25
N VAL A 773 -33.87 -19.77 -7.05
CA VAL A 773 -34.79 -20.88 -7.24
C VAL A 773 -34.25 -22.06 -6.45
N MET A 774 -35.16 -22.84 -5.88
CA MET A 774 -34.83 -23.99 -5.05
C MET A 774 -36.11 -24.77 -4.85
N SER A 775 -35.97 -26.05 -4.56
CA SER A 775 -37.13 -26.83 -4.16
C SER A 775 -37.70 -26.30 -2.85
N GLU A 776 -39.03 -26.28 -2.76
CA GLU A 776 -39.66 -26.08 -1.46
C GLU A 776 -39.17 -27.17 -0.51
N ALA A 777 -39.01 -26.82 0.76
CA ALA A 777 -38.37 -27.70 1.72
C ALA A 777 -38.92 -29.12 1.67
N LYS A 778 -40.24 -29.28 1.56
CA LYS A 778 -40.85 -30.60 1.74
C LYS A 778 -40.46 -31.58 0.64
N TYR A 779 -39.92 -31.11 -0.48
CA TYR A 779 -39.56 -31.97 -1.60
C TYR A 779 -38.06 -32.25 -1.68
N ARG A 780 -37.27 -31.80 -0.72
CA ARG A 780 -35.84 -32.07 -0.69
C ARG A 780 -35.41 -32.53 0.70
N MET A 781 -36.27 -33.26 1.39
CA MET A 781 -35.96 -33.75 2.73
C MET A 781 -35.63 -35.24 2.77
N LEU A 782 -36.20 -36.05 1.86
CA LEU A 782 -36.11 -37.49 1.93
C LEU A 782 -35.42 -38.08 0.69
N PRO A 783 -34.57 -39.09 0.87
CA PRO A 783 -33.97 -39.74 -0.31
C PRO A 783 -34.98 -40.13 -1.38
N ASP A 784 -36.14 -40.65 -0.99
CA ASP A 784 -37.18 -41.01 -1.96
C ASP A 784 -37.65 -39.80 -2.77
N ASP A 785 -37.48 -38.58 -2.26
CA ASP A 785 -37.90 -37.41 -3.01
C ASP A 785 -37.13 -37.27 -4.32
N ILE A 786 -35.96 -37.90 -4.45
CA ILE A 786 -35.15 -37.75 -5.65
C ILE A 786 -35.95 -38.14 -6.89
N GLY A 787 -36.71 -39.22 -6.81
CA GLY A 787 -37.46 -39.71 -7.95
C GLY A 787 -38.72 -38.94 -8.30
N ASP A 788 -39.10 -37.97 -7.47
CA ASP A 788 -40.24 -37.11 -7.78
C ASP A 788 -39.86 -35.95 -8.70
N TRP A 789 -38.59 -35.82 -9.07
CA TRP A 789 -38.12 -34.76 -9.95
C TRP A 789 -37.97 -35.30 -11.37
N TYR A 790 -38.61 -34.63 -12.33
CA TYR A 790 -38.62 -35.04 -13.72
C TYR A 790 -37.84 -34.06 -14.58
N VAL A 791 -37.21 -34.60 -15.62
CA VAL A 791 -36.50 -33.82 -16.63
C VAL A 791 -37.14 -34.12 -17.98
N ARG A 792 -37.22 -33.10 -18.84
CA ARG A 792 -37.86 -33.26 -20.14
C ARG A 792 -36.81 -33.67 -21.18
N ALA A 793 -37.12 -34.72 -21.93
CA ALA A 793 -36.23 -35.24 -22.96
C ALA A 793 -36.45 -34.49 -24.28
N ALA A 794 -35.56 -34.78 -25.24
CA ALA A 794 -35.65 -34.12 -26.55
C ALA A 794 -37.00 -34.38 -27.22
N ASP A 795 -37.56 -35.57 -27.03
CA ASP A 795 -38.84 -35.92 -27.63
C ASP A 795 -40.03 -35.42 -26.82
N GLY A 796 -39.80 -34.63 -25.76
CA GLY A 796 -40.86 -34.03 -24.99
C GLY A 796 -41.36 -34.85 -23.82
N GLN A 797 -40.91 -36.09 -23.67
CA GLN A 797 -41.37 -36.92 -22.57
C GLN A 797 -40.68 -36.50 -21.27
N MET A 798 -41.43 -36.56 -20.18
CA MET A 798 -40.91 -36.29 -18.85
C MET A 798 -40.36 -37.57 -18.26
N VAL A 799 -39.10 -37.54 -17.83
CA VAL A 799 -38.37 -38.71 -17.38
C VAL A 799 -38.02 -38.52 -15.91
N PRO A 800 -38.42 -39.42 -15.01
CA PRO A 800 -38.04 -39.26 -13.60
C PRO A 800 -36.58 -39.61 -13.38
N PHE A 801 -35.98 -38.99 -12.36
CA PHE A 801 -34.60 -39.26 -12.01
C PHE A 801 -34.33 -40.74 -11.80
N SER A 802 -35.33 -41.48 -11.35
CA SER A 802 -35.16 -42.90 -11.09
C SER A 802 -34.85 -43.68 -12.35
N ALA A 803 -35.22 -43.16 -13.52
CA ALA A 803 -35.01 -43.89 -14.77
C ALA A 803 -33.57 -43.89 -15.24
N PHE A 804 -32.74 -42.93 -14.79
CA PHE A 804 -31.39 -42.80 -15.31
C PHE A 804 -30.36 -42.62 -14.21
N SER A 805 -30.68 -43.00 -12.97
CA SER A 805 -29.73 -42.82 -11.89
C SER A 805 -29.83 -43.98 -10.91
N SER A 806 -28.77 -44.15 -10.13
CA SER A 806 -28.73 -45.09 -9.02
C SER A 806 -28.06 -44.38 -7.86
N SER A 807 -28.27 -44.87 -6.65
CA SER A 807 -27.75 -44.17 -5.49
C SER A 807 -27.32 -45.16 -4.42
N ARG A 808 -26.44 -44.69 -3.55
CA ARG A 808 -25.97 -45.48 -2.41
C ARG A 808 -25.45 -44.53 -1.34
N TRP A 809 -25.47 -45.02 -0.10
CA TRP A 809 -24.86 -44.30 1.01
C TRP A 809 -23.36 -44.56 1.05
N GLU A 810 -22.60 -43.51 1.40
CA GLU A 810 -21.16 -43.63 1.61
C GLU A 810 -20.78 -42.63 2.70
N TYR A 811 -19.51 -42.63 3.08
CA TYR A 811 -18.98 -41.65 4.01
C TYR A 811 -18.04 -40.69 3.28
N GLY A 812 -17.99 -39.45 3.76
CA GLY A 812 -17.15 -38.41 3.18
C GLY A 812 -16.95 -37.31 4.18
N SER A 813 -16.08 -36.35 3.81
CA SER A 813 -15.70 -35.31 4.76
C SER A 813 -16.60 -34.09 4.62
N PRO A 814 -17.05 -33.49 5.73
CA PRO A 814 -17.74 -32.20 5.67
C PRO A 814 -16.82 -30.99 5.75
N ARG A 815 -15.53 -31.19 6.00
CA ARG A 815 -14.58 -30.08 6.09
C ARG A 815 -13.19 -30.62 5.81
N LEU A 816 -12.66 -30.32 4.64
CA LEU A 816 -11.33 -30.73 4.21
C LEU A 816 -10.35 -29.59 4.46
N GLU A 817 -9.24 -29.90 5.12
CA GLU A 817 -8.23 -28.94 5.53
C GLU A 817 -6.99 -29.10 4.68
N ARG A 818 -6.31 -27.98 4.41
CA ARG A 818 -5.04 -27.99 3.71
C ARG A 818 -4.07 -27.04 4.41
N TYR A 819 -2.80 -27.39 4.36
CA TYR A 819 -1.77 -26.59 5.00
C TYR A 819 -0.59 -26.47 4.05
N ASN A 820 -0.24 -25.24 3.70
CA ASN A 820 0.79 -24.96 2.70
C ASN A 820 0.56 -25.76 1.42
N GLY A 821 -0.72 -25.89 1.05
CA GLY A 821 -1.09 -26.43 -0.24
C GLY A 821 -1.27 -27.94 -0.29
N LEU A 822 -1.08 -28.64 0.84
CA LEU A 822 -1.23 -30.09 0.91
C LEU A 822 -2.37 -30.48 1.85
N PRO A 823 -2.99 -31.63 1.64
CA PRO A 823 -4.03 -32.08 2.57
C PRO A 823 -3.45 -32.20 3.98
N SER A 824 -4.24 -31.76 4.96
CA SER A 824 -3.75 -31.65 6.32
C SER A 824 -4.87 -31.88 7.31
N MET A 825 -4.47 -32.09 8.57
CA MET A 825 -5.40 -32.15 9.68
C MET A 825 -4.74 -31.47 10.87
N GLU A 826 -5.40 -30.44 11.38
CA GLU A 826 -4.87 -29.69 12.51
C GLU A 826 -5.18 -30.41 13.82
N ILE A 827 -4.18 -30.48 14.70
CA ILE A 827 -4.29 -31.16 15.97
C ILE A 827 -3.87 -30.18 17.06
N LEU A 828 -4.76 -29.96 18.02
CA LEU A 828 -4.50 -29.09 19.15
C LEU A 828 -4.13 -29.94 20.37
N GLY A 829 -3.45 -29.30 21.31
CA GLY A 829 -3.07 -30.00 22.53
C GLY A 829 -2.21 -29.09 23.39
N GLN A 830 -1.71 -29.67 24.48
CA GLN A 830 -0.93 -28.90 25.43
C GLN A 830 -0.08 -29.84 26.27
N ALA A 831 0.82 -29.26 27.04
CA ALA A 831 1.66 -30.01 27.95
C ALA A 831 0.90 -30.33 29.23
N ALA A 832 1.19 -31.50 29.80
CA ALA A 832 0.57 -31.91 31.05
C ALA A 832 1.12 -31.06 32.19
N PRO A 833 0.48 -31.11 33.36
CA PRO A 833 0.94 -30.28 34.48
C PRO A 833 2.42 -30.46 34.77
N GLY A 834 3.11 -29.34 34.98
CA GLY A 834 4.53 -29.37 35.29
C GLY A 834 5.42 -29.44 34.07
N LYS A 835 4.97 -30.15 33.04
CA LYS A 835 5.77 -30.31 31.83
C LYS A 835 5.79 -29.02 31.02
N SER A 836 6.85 -28.85 30.24
CA SER A 836 7.01 -27.68 29.41
C SER A 836 6.45 -27.92 28.01
N THR A 837 6.06 -26.84 27.35
CA THR A 837 5.58 -26.95 25.97
C THR A 837 6.65 -27.56 25.07
N GLY A 838 7.90 -27.14 25.24
CA GLY A 838 8.97 -27.73 24.45
C GLY A 838 9.07 -29.23 24.61
N GLU A 839 8.92 -29.72 25.84
CA GLU A 839 8.91 -31.17 26.06
C GLU A 839 7.74 -31.82 25.32
N ALA A 840 6.55 -31.23 25.45
CA ALA A 840 5.37 -31.79 24.79
C ALA A 840 5.57 -31.85 23.28
N MET A 841 6.06 -30.76 22.69
CA MET A 841 6.29 -30.73 21.25
C MET A 841 7.32 -31.78 20.84
N GLU A 842 8.40 -31.92 21.61
CA GLU A 842 9.42 -32.91 21.28
C GLU A 842 8.81 -34.31 21.21
N LEU A 843 7.92 -34.63 22.15
CA LEU A 843 7.28 -35.95 22.13
C LEU A 843 6.40 -36.10 20.89
N MET A 844 5.55 -35.10 20.61
CA MET A 844 4.72 -35.15 19.41
C MET A 844 5.58 -35.41 18.17
N GLU A 845 6.74 -34.79 18.09
CA GLU A 845 7.63 -35.04 16.95
C GLU A 845 8.08 -36.50 16.93
N GLN A 846 8.41 -37.06 18.10
CA GLN A 846 8.78 -38.46 18.17
C GLN A 846 7.64 -39.35 17.69
N LEU A 847 6.45 -39.13 18.23
CA LEU A 847 5.29 -39.92 17.82
C LEU A 847 5.04 -39.79 16.31
N ALA A 848 5.16 -38.57 15.78
CA ALA A 848 4.90 -38.35 14.37
C ALA A 848 5.89 -39.11 13.49
N SER A 849 7.12 -39.30 13.96
CA SER A 849 8.11 -40.00 13.15
C SER A 849 7.78 -41.47 12.93
N LYS A 850 6.89 -42.04 13.75
CA LYS A 850 6.54 -43.45 13.66
C LYS A 850 5.24 -43.68 12.89
N LEU A 851 4.80 -42.71 12.09
CA LEU A 851 3.54 -42.79 11.36
C LEU A 851 3.77 -43.38 9.98
N PRO A 852 2.70 -43.78 9.29
CA PRO A 852 2.85 -44.46 8.00
C PRO A 852 3.60 -43.62 6.96
N THR A 853 4.12 -44.32 5.96
CA THR A 853 4.89 -43.70 4.90
C THR A 853 4.06 -42.64 4.19
N GLY A 854 4.69 -41.49 3.93
CA GLY A 854 4.04 -40.40 3.24
C GLY A 854 3.36 -39.39 4.14
N VAL A 855 3.40 -39.60 5.46
CA VAL A 855 2.74 -38.72 6.43
C VAL A 855 3.80 -37.86 7.09
N GLY A 856 3.66 -36.54 6.96
CA GLY A 856 4.59 -35.61 7.56
C GLY A 856 3.89 -34.71 8.56
N TYR A 857 4.59 -33.68 9.02
CA TYR A 857 4.00 -32.78 10.01
C TYR A 857 4.67 -31.42 9.94
N ASP A 858 4.12 -30.48 10.70
CA ASP A 858 4.64 -29.14 10.80
C ASP A 858 3.98 -28.48 12.01
N TRP A 859 4.51 -27.33 12.41
CA TRP A 859 3.97 -26.53 13.49
C TRP A 859 3.50 -25.18 12.94
N THR A 860 2.37 -24.71 13.45
CA THR A 860 1.77 -23.47 12.95
C THR A 860 1.29 -22.65 14.14
N GLY A 861 0.85 -21.43 13.84
CA GLY A 861 0.28 -20.58 14.87
C GLY A 861 1.25 -20.35 16.02
N MET A 862 0.74 -20.52 17.24
CA MET A 862 1.56 -20.28 18.43
C MET A 862 2.81 -21.15 18.43
N SER A 863 2.72 -22.37 17.91
CA SER A 863 3.87 -23.26 17.89
C SER A 863 4.90 -22.85 16.85
N TYR A 864 4.47 -22.13 15.80
CA TYR A 864 5.41 -21.52 14.88
C TYR A 864 6.21 -20.42 15.57
N GLN A 865 5.54 -19.62 16.42
CA GLN A 865 6.23 -18.57 17.16
C GLN A 865 7.18 -19.15 18.21
N GLU A 866 6.74 -20.18 18.92
CA GLU A 866 7.58 -20.83 19.94
C GLU A 866 8.93 -21.23 19.36
N ARG A 867 8.93 -22.15 18.39
CA ARG A 867 10.19 -22.62 17.81
C ARG A 867 10.93 -21.49 17.12
N LEU A 868 10.21 -20.49 16.61
CA LEU A 868 10.84 -19.40 15.89
C LEU A 868 11.67 -18.51 16.82
N SER A 869 11.01 -17.87 17.79
CA SER A 869 11.68 -16.99 18.74
C SER A 869 11.90 -17.75 20.04
N GLY A 870 13.16 -18.07 20.32
CA GLY A 870 13.54 -18.75 21.54
C GLY A 870 13.86 -17.78 22.66
N ASN A 871 14.53 -18.30 23.68
CA ASN A 871 14.86 -17.52 24.86
C ASN A 871 16.07 -16.64 24.57
N GLN A 872 15.86 -15.31 24.66
CA GLN A 872 16.92 -14.35 24.44
C GLN A 872 17.09 -13.38 25.60
N ALA A 873 16.30 -13.53 26.68
CA ALA A 873 16.43 -12.61 27.81
C ALA A 873 17.76 -12.77 28.53
N PRO A 874 18.25 -13.98 28.84
CA PRO A 874 19.49 -14.08 29.63
C PRO A 874 20.65 -13.30 29.04
N SER A 875 20.88 -13.41 27.74
CA SER A 875 22.00 -12.69 27.13
C SER A 875 21.85 -11.19 27.32
N LEU A 876 20.63 -10.67 27.18
CA LEU A 876 20.44 -9.23 27.32
C LEU A 876 20.59 -8.79 28.78
N TYR A 877 20.25 -9.64 29.74
CA TYR A 877 20.54 -9.34 31.13
C TYR A 877 22.03 -9.33 31.40
N ALA A 878 22.78 -10.25 30.75
CA ALA A 878 24.23 -10.25 30.89
C ALA A 878 24.82 -8.96 30.33
N ILE A 879 24.36 -8.54 29.15
CA ILE A 879 24.84 -7.30 28.55
C ILE A 879 24.52 -6.11 29.45
N SER A 880 23.30 -6.07 29.99
CA SER A 880 22.92 -4.96 30.87
C SER A 880 23.88 -4.85 32.05
N LEU A 881 24.13 -5.97 32.73
CA LEU A 881 25.02 -5.94 33.88
C LEU A 881 26.42 -5.50 33.47
N ILE A 882 26.93 -6.02 32.36
CA ILE A 882 28.25 -5.64 31.87
C ILE A 882 28.31 -4.14 31.63
N VAL A 883 27.30 -3.60 30.95
CA VAL A 883 27.32 -2.19 30.60
C VAL A 883 27.18 -1.34 31.85
N VAL A 884 26.35 -1.78 32.80
CA VAL A 884 26.20 -1.04 34.06
C VAL A 884 27.54 -0.99 34.80
N PHE A 885 28.21 -2.14 34.89
CA PHE A 885 29.52 -2.17 35.52
C PHE A 885 30.47 -1.19 34.85
N LEU A 886 30.51 -1.19 33.51
CA LEU A 886 31.41 -0.31 32.79
C LEU A 886 31.09 1.16 33.07
N CYS A 887 29.79 1.52 33.04
CA CYS A 887 29.42 2.90 33.32
C CYS A 887 29.80 3.29 34.75
N LEU A 888 29.71 2.35 35.69
CA LEU A 888 30.15 2.62 37.06
C LEU A 888 31.66 2.80 37.11
N ALA A 889 32.40 1.97 36.37
CA ALA A 889 33.84 2.12 36.31
C ALA A 889 34.22 3.53 35.86
N ALA A 890 33.47 4.09 34.90
CA ALA A 890 33.75 5.44 34.43
C ALA A 890 33.36 6.46 35.49
N LEU A 891 32.23 6.25 36.17
CA LEU A 891 31.77 7.21 37.16
C LEU A 891 32.73 7.32 38.33
N TYR A 892 33.31 6.20 38.75
CA TYR A 892 34.19 6.15 39.92
C TYR A 892 35.65 6.04 39.55
N GLU A 893 35.99 6.05 38.27
CA GLU A 893 37.37 5.88 37.80
C GLU A 893 38.03 4.76 38.59
N SER A 894 37.46 3.57 38.47
CA SER A 894 37.89 2.41 39.24
C SER A 894 37.25 1.16 38.67
N TRP A 895 38.05 0.10 38.54
CA TRP A 895 37.52 -1.19 38.13
C TRP A 895 36.93 -1.99 39.30
N SER A 896 37.25 -1.61 40.54
CA SER A 896 36.85 -2.39 41.71
C SER A 896 35.64 -1.82 42.46
N ILE A 897 35.63 -0.48 42.61
CA ILE A 897 34.54 0.17 43.38
C ILE A 897 33.19 -0.18 42.80
N PRO A 898 33.02 -0.31 41.47
CA PRO A 898 31.70 -0.68 40.96
C PRO A 898 31.09 -1.91 41.62
N PHE A 899 31.91 -2.86 42.07
CA PHE A 899 31.36 -4.07 42.68
C PHE A 899 30.59 -3.76 43.97
N SER A 900 30.96 -2.71 44.68
CA SER A 900 30.20 -2.34 45.87
C SER A 900 28.76 -1.98 45.53
N VAL A 901 28.49 -1.63 44.28
CA VAL A 901 27.13 -1.39 43.81
C VAL A 901 26.54 -2.62 43.15
N MET A 902 27.33 -3.30 42.29
CA MET A 902 26.80 -4.47 41.58
C MET A 902 26.27 -5.52 42.55
N LEU A 903 26.99 -5.75 43.66
CA LEU A 903 26.63 -6.83 44.59
C LEU A 903 25.28 -6.61 45.25
N VAL A 904 24.70 -5.42 45.16
CA VAL A 904 23.38 -5.17 45.74
C VAL A 904 22.25 -5.70 44.87
N VAL A 905 22.53 -6.06 43.61
CA VAL A 905 21.46 -6.48 42.71
C VAL A 905 20.76 -7.74 43.21
N PRO A 906 21.45 -8.80 43.63
CA PRO A 906 20.74 -9.97 44.17
C PRO A 906 19.84 -9.62 45.35
N LEU A 907 20.23 -8.64 46.17
CA LEU A 907 19.42 -8.28 47.33
C LEU A 907 18.03 -7.79 46.92
N GLY A 908 17.90 -7.26 45.72
CA GLY A 908 16.60 -6.83 45.24
C GLY A 908 15.89 -7.93 44.46
N VAL A 909 16.65 -8.66 43.65
CA VAL A 909 16.06 -9.73 42.85
C VAL A 909 15.42 -10.79 43.73
N ILE A 910 16.00 -11.05 44.90
CA ILE A 910 15.43 -12.06 45.80
C ILE A 910 14.03 -11.67 46.21
N GLY A 911 13.83 -10.39 46.54
CA GLY A 911 12.51 -9.95 46.98
C GLY A 911 11.47 -10.06 45.88
N ALA A 912 11.85 -9.71 44.64
CA ALA A 912 10.90 -9.84 43.55
C ALA A 912 10.53 -11.29 43.30
N LEU A 913 11.50 -12.19 43.46
CA LEU A 913 11.20 -13.62 43.34
C LEU A 913 10.39 -14.11 44.53
N LEU A 914 10.72 -13.62 45.73
CA LEU A 914 9.93 -13.97 46.92
C LEU A 914 8.47 -13.59 46.73
N ALA A 915 8.22 -12.33 46.34
CA ALA A 915 6.86 -11.84 46.22
C ALA A 915 6.11 -12.60 45.11
N ALA A 916 6.76 -12.78 43.96
CA ALA A 916 6.10 -13.48 42.86
C ALA A 916 5.80 -14.93 43.23
N THR A 917 6.66 -15.55 44.05
CA THR A 917 6.44 -16.94 44.42
C THR A 917 5.31 -17.08 45.43
N PHE A 918 5.41 -16.37 46.56
CA PHE A 918 4.37 -16.48 47.59
C PHE A 918 3.00 -16.12 47.02
N ARG A 919 2.93 -15.06 46.21
CA ARG A 919 1.65 -14.66 45.62
C ARG A 919 1.24 -15.52 44.44
N GLY A 920 2.11 -16.42 43.97
CA GLY A 920 1.73 -17.39 42.96
C GLY A 920 1.84 -16.91 41.53
N LEU A 921 2.68 -15.92 41.26
CA LEU A 921 2.81 -15.39 39.91
C LEU A 921 3.87 -16.17 39.14
N THR A 922 3.95 -15.88 37.84
CA THR A 922 4.87 -16.56 36.94
C THR A 922 5.91 -15.58 36.38
N ASN A 923 6.92 -16.14 35.72
CA ASN A 923 7.95 -15.36 35.05
C ASN A 923 7.42 -14.98 33.66
N ASP A 924 6.65 -13.90 33.63
CA ASP A 924 6.00 -13.41 32.43
C ASP A 924 6.57 -12.04 32.06
N VAL A 925 5.92 -11.38 31.09
CA VAL A 925 6.36 -10.05 30.66
C VAL A 925 6.46 -9.11 31.85
N TYR A 926 5.44 -9.11 32.70
CA TYR A 926 5.36 -8.10 33.76
C TYR A 926 6.35 -8.38 34.88
N PHE A 927 6.73 -9.64 35.08
CA PHE A 927 7.76 -9.93 36.07
C PHE A 927 9.14 -9.49 35.58
N GLN A 928 9.35 -9.55 34.27
CA GLN A 928 10.65 -9.16 33.72
C GLN A 928 10.82 -7.65 33.69
N VAL A 929 9.78 -6.89 33.34
CA VAL A 929 9.92 -5.43 33.37
C VAL A 929 10.07 -4.95 34.80
N GLY A 930 9.43 -5.63 35.76
CA GLY A 930 9.66 -5.32 37.15
C GLY A 930 11.02 -5.77 37.63
N LEU A 931 11.54 -6.86 37.05
CA LEU A 931 12.86 -7.35 37.44
C LEU A 931 13.96 -6.39 36.96
N LEU A 932 13.82 -5.85 35.76
CA LEU A 932 14.75 -4.83 35.31
C LEU A 932 14.65 -3.58 36.18
N THR A 933 13.42 -3.15 36.48
CA THR A 933 13.24 -2.02 37.38
C THR A 933 13.90 -2.28 38.73
N THR A 934 13.76 -3.50 39.24
CA THR A 934 14.37 -3.85 40.52
C THR A 934 15.89 -3.69 40.46
N ILE A 935 16.49 -4.18 39.37
CA ILE A 935 17.95 -4.06 39.20
C ILE A 935 18.36 -2.59 39.26
N GLY A 936 17.63 -1.73 38.55
CA GLY A 936 17.96 -0.32 38.55
C GLY A 936 17.69 0.34 39.88
N LEU A 937 16.58 -0.01 40.51
CA LEU A 937 16.26 0.55 41.83
C LEU A 937 17.28 0.11 42.87
N SER A 938 17.72 -1.15 42.79
CA SER A 938 18.72 -1.65 43.73
C SER A 938 20.04 -0.92 43.56
N ALA A 939 20.54 -0.84 42.33
CA ALA A 939 21.76 -0.09 42.07
C ALA A 939 21.61 1.36 42.51
N LYS A 940 20.45 1.95 42.26
CA LYS A 940 20.19 3.34 42.68
C LYS A 940 20.37 3.49 44.18
N ASN A 941 19.71 2.63 44.96
CA ASN A 941 19.82 2.73 46.42
C ASN A 941 21.26 2.55 46.88
N ALA A 942 21.99 1.64 46.24
CA ALA A 942 23.39 1.43 46.63
C ALA A 942 24.23 2.67 46.36
N ILE A 943 23.94 3.37 45.25
CA ILE A 943 24.70 4.57 44.92
C ILE A 943 24.35 5.71 45.88
N LEU A 944 23.14 5.71 46.44
CA LEU A 944 22.79 6.69 47.46
C LEU A 944 23.61 6.52 48.73
N ILE A 945 24.34 5.41 48.86
CA ILE A 945 25.26 5.19 49.97
C ILE A 945 26.71 5.36 49.53
N VAL A 946 27.11 4.67 48.45
CA VAL A 946 28.50 4.66 48.04
C VAL A 946 28.97 6.05 47.65
N GLU A 947 28.14 6.79 46.92
CA GLU A 947 28.55 8.11 46.45
C GLU A 947 28.97 9.01 47.61
N PHE A 948 28.36 8.84 48.78
CA PHE A 948 28.68 9.65 49.94
C PHE A 948 29.84 9.07 50.73
N ALA A 949 29.81 7.77 50.99
CA ALA A 949 30.93 7.13 51.69
C ALA A 949 32.25 7.44 50.97
N LYS A 950 32.26 7.34 49.64
CA LYS A 950 33.48 7.66 48.90
C LYS A 950 33.73 9.15 48.86
N ASP A 951 32.68 9.97 48.97
CA ASP A 951 32.86 11.42 48.92
C ASP A 951 33.62 11.93 50.13
N LEU A 952 33.54 11.23 51.26
CA LEU A 952 34.24 11.66 52.46
C LEU A 952 35.71 11.22 52.44
N MET A 953 35.98 9.99 51.98
CA MET A 953 37.36 9.54 51.87
C MET A 953 38.16 10.34 50.83
N ASP A 954 37.48 11.02 49.91
CA ASP A 954 38.14 11.78 48.86
C ASP A 954 38.15 13.28 49.11
N LYS A 955 37.17 13.79 49.85
CA LYS A 955 37.03 15.23 50.07
C LYS A 955 37.23 15.62 51.53
N GLU A 956 36.75 14.82 52.48
CA GLU A 956 37.00 15.04 53.89
C GLU A 956 38.16 14.21 54.43
N GLY A 957 38.78 13.39 53.59
CA GLY A 957 39.95 12.63 54.01
C GLY A 957 39.71 11.66 55.13
N LYS A 958 38.45 11.33 55.43
CA LYS A 958 38.15 10.41 56.53
C LYS A 958 38.51 8.98 56.13
N GLY A 959 38.82 8.17 57.14
CA GLY A 959 39.21 6.79 56.91
C GLY A 959 38.08 5.96 56.33
N LEU A 960 38.40 4.69 56.00
CA LEU A 960 37.42 3.81 55.38
C LEU A 960 36.23 3.56 56.30
N ILE A 961 36.50 3.18 57.55
CA ILE A 961 35.44 2.76 58.44
C ILE A 961 34.65 3.96 58.95
N GLU A 962 35.34 5.09 59.18
CA GLU A 962 34.64 6.28 59.64
C GLU A 962 33.74 6.85 58.55
N ALA A 963 34.25 6.93 57.33
CA ALA A 963 33.45 7.46 56.22
C ALA A 963 32.20 6.60 56.00
N THR A 964 32.36 5.28 56.02
CA THR A 964 31.22 4.40 55.81
C THR A 964 30.14 4.64 56.85
N LEU A 965 30.50 4.62 58.13
CA LEU A 965 29.51 4.76 59.19
C LEU A 965 28.94 6.18 59.26
N ASP A 966 29.72 7.18 58.86
CA ASP A 966 29.20 8.54 58.81
C ASP A 966 28.18 8.69 57.69
N ALA A 967 28.40 8.02 56.56
CA ALA A 967 27.49 8.13 55.44
C ALA A 967 26.16 7.44 55.74
N VAL A 968 26.20 6.22 56.25
CA VAL A 968 24.97 5.47 56.51
C VAL A 968 24.08 6.24 57.49
N ARG A 969 24.67 6.80 58.54
CA ARG A 969 23.88 7.58 59.49
C ARG A 969 23.30 8.82 58.83
N MET A 970 24.08 9.48 57.98
CA MET A 970 23.57 10.62 57.23
C MET A 970 22.48 10.20 56.24
N ARG A 971 22.70 9.08 55.55
CA ARG A 971 21.86 8.70 54.42
C ARG A 971 20.72 7.78 54.80
N LEU A 972 20.69 7.26 56.03
CA LEU A 972 19.61 6.35 56.39
C LEU A 972 18.24 7.02 56.28
N ARG A 973 18.15 8.29 56.67
CA ARG A 973 16.86 8.98 56.60
C ARG A 973 16.45 9.27 55.17
N PRO A 974 17.26 9.95 54.34
CA PRO A 974 16.82 10.22 52.97
C PRO A 974 16.60 8.97 52.15
N ILE A 975 17.39 7.92 52.36
CA ILE A 975 17.20 6.68 51.62
C ILE A 975 15.84 6.05 51.95
N LEU A 976 15.57 5.88 53.25
CA LEU A 976 14.28 5.31 53.65
C LEU A 976 13.13 6.22 53.24
N MET A 977 13.37 7.52 53.11
CA MET A 977 12.33 8.41 52.61
C MET A 977 11.93 8.00 51.19
N THR A 978 12.87 8.14 50.25
CA THR A 978 12.54 7.90 48.85
C THR A 978 12.12 6.45 48.62
N SER A 979 12.75 5.51 49.34
CA SER A 979 12.44 4.10 49.12
C SER A 979 11.02 3.77 49.58
N LEU A 980 10.67 4.16 50.81
CA LEU A 980 9.34 3.86 51.31
C LEU A 980 8.27 4.61 50.52
N ALA A 981 8.56 5.83 50.07
CA ALA A 981 7.60 6.57 49.26
C ALA A 981 7.23 5.79 48.01
N PHE A 982 8.21 5.19 47.34
CA PHE A 982 7.92 4.45 46.11
C PHE A 982 7.25 3.12 46.43
N ILE A 983 7.70 2.44 47.49
CA ILE A 983 7.02 1.23 47.94
C ILE A 983 5.53 1.51 48.15
N LEU A 984 5.23 2.59 48.87
CA LEU A 984 3.84 2.99 49.02
C LEU A 984 3.25 3.45 47.69
N GLY A 985 4.07 4.12 46.87
CA GLY A 985 3.58 4.62 45.60
C GLY A 985 3.09 3.53 44.67
N VAL A 986 3.68 2.34 44.75
CA VAL A 986 3.27 1.24 43.87
C VAL A 986 2.25 0.38 44.58
N MET A 987 1.77 0.85 45.74
CA MET A 987 0.70 0.14 46.43
C MET A 987 -0.55 0.02 45.57
N PRO A 988 -1.04 1.07 44.92
CA PRO A 988 -2.25 0.93 44.08
C PRO A 988 -2.10 -0.12 43.00
N LEU A 989 -0.87 -0.45 42.58
CA LEU A 989 -0.70 -1.53 41.62
C LEU A 989 -0.93 -2.89 42.27
N VAL A 990 -0.54 -3.04 43.54
CA VAL A 990 -0.64 -4.34 44.20
C VAL A 990 -2.08 -4.63 44.61
N ILE A 991 -2.77 -3.64 45.19
CA ILE A 991 -4.11 -3.86 45.73
C ILE A 991 -5.16 -3.57 44.66
N SER A 992 -4.72 -3.49 43.41
CA SER A 992 -5.61 -3.10 42.32
C SER A 992 -6.69 -4.14 42.08
N THR A 993 -7.92 -3.67 41.91
CA THR A 993 -9.01 -4.49 41.41
C THR A 993 -9.66 -3.73 40.26
N GLY A 994 -10.46 -4.46 39.48
CA GLY A 994 -11.07 -3.88 38.29
C GLY A 994 -10.27 -4.14 37.04
N ALA A 995 -10.60 -3.37 36.00
CA ALA A 995 -10.11 -3.65 34.66
C ALA A 995 -8.59 -3.58 34.60
N GLY A 996 -7.98 -4.66 34.13
CA GLY A 996 -6.55 -4.73 34.00
C GLY A 996 -5.81 -5.01 35.28
N SER A 997 -6.52 -5.34 36.37
CA SER A 997 -5.86 -5.57 37.64
C SER A 997 -4.90 -6.76 37.59
N GLY A 998 -5.10 -7.68 36.66
CA GLY A 998 -4.15 -8.79 36.53
C GLY A 998 -2.76 -8.29 36.19
N ALA A 999 -2.66 -7.42 35.20
CA ALA A 999 -1.36 -6.84 34.84
C ALA A 999 -0.85 -5.94 35.96
N GLN A 1000 -1.72 -5.12 36.54
CA GLN A 1000 -1.30 -4.23 37.61
C GLN A 1000 -0.75 -5.02 38.79
N ASN A 1001 -1.54 -5.97 39.30
CA ASN A 1001 -1.09 -6.80 40.42
C ASN A 1001 0.25 -7.46 40.11
N ALA A 1002 0.40 -8.00 38.90
CA ALA A 1002 1.63 -8.72 38.57
C ALA A 1002 2.83 -7.80 38.61
N VAL A 1003 2.76 -6.65 37.95
CA VAL A 1003 3.93 -5.79 37.86
C VAL A 1003 4.25 -5.18 39.21
N GLY A 1004 3.22 -4.86 40.00
CA GLY A 1004 3.46 -4.28 41.31
C GLY A 1004 4.11 -5.26 42.27
N THR A 1005 3.66 -6.51 42.28
CA THR A 1005 4.15 -7.49 43.24
C THR A 1005 5.67 -7.65 43.14
N GLY A 1006 6.18 -7.83 41.92
CA GLY A 1006 7.61 -8.03 41.75
C GLY A 1006 8.41 -6.81 42.17
N VAL A 1007 7.93 -5.61 41.81
CA VAL A 1007 8.68 -4.39 42.09
C VAL A 1007 8.68 -4.09 43.58
N MET A 1008 7.51 -4.15 44.22
CA MET A 1008 7.44 -3.86 45.65
C MET A 1008 8.23 -4.89 46.44
N GLY A 1009 8.03 -6.17 46.15
CA GLY A 1009 8.82 -7.21 46.80
C GLY A 1009 10.31 -6.97 46.62
N GLY A 1010 10.71 -6.49 45.45
CA GLY A 1010 12.12 -6.22 45.21
C GLY A 1010 12.62 -4.97 45.90
N MET A 1011 11.76 -3.97 46.07
CA MET A 1011 12.16 -2.76 46.79
C MET A 1011 12.36 -3.04 48.28
N VAL A 1012 11.45 -3.80 48.88
CA VAL A 1012 11.55 -4.08 50.32
C VAL A 1012 12.88 -4.74 50.63
N THR A 1013 13.18 -5.86 49.96
CA THR A 1013 14.45 -6.53 50.20
C THR A 1013 15.62 -5.64 49.81
N ALA A 1014 15.48 -4.87 48.73
CA ALA A 1014 16.56 -4.01 48.28
C ALA A 1014 16.81 -2.85 49.23
N THR A 1015 15.86 -2.51 50.11
CA THR A 1015 16.02 -1.40 51.04
C THR A 1015 16.48 -1.86 52.42
N VAL A 1016 15.84 -2.88 52.98
CA VAL A 1016 16.23 -3.34 54.31
C VAL A 1016 17.60 -3.99 54.28
N LEU A 1017 17.88 -4.78 53.24
CA LEU A 1017 19.18 -5.45 53.16
C LEU A 1017 20.29 -4.50 52.72
N ALA A 1018 19.97 -3.49 51.91
CA ALA A 1018 21.01 -2.61 51.39
C ALA A 1018 21.64 -1.77 52.49
N ILE A 1019 20.83 -1.24 53.40
CA ILE A 1019 21.35 -0.38 54.46
C ILE A 1019 22.32 -1.15 55.37
N PHE A 1020 22.24 -2.47 55.39
CA PHE A 1020 23.17 -3.29 56.16
C PHE A 1020 24.31 -3.86 55.31
N PHE A 1021 24.01 -4.28 54.07
CA PHE A 1021 25.00 -4.95 53.25
C PHE A 1021 25.88 -4.00 52.45
N VAL A 1022 25.32 -2.90 51.94
CA VAL A 1022 26.12 -1.95 51.18
C VAL A 1022 27.36 -1.50 51.96
N PRO A 1023 27.24 -1.07 53.22
CA PRO A 1023 28.47 -0.77 53.99
C PRO A 1023 29.47 -1.92 54.00
N VAL A 1024 28.97 -3.15 54.04
CA VAL A 1024 29.86 -4.31 54.03
C VAL A 1024 30.52 -4.45 52.66
N PHE A 1025 29.74 -4.30 51.59
CA PHE A 1025 30.30 -4.40 50.24
C PHE A 1025 31.40 -3.36 50.04
N PHE A 1026 31.14 -2.11 50.44
CA PHE A 1026 32.09 -1.04 50.22
C PHE A 1026 33.38 -1.29 50.99
N VAL A 1027 33.27 -1.60 52.28
CA VAL A 1027 34.47 -1.75 53.11
C VAL A 1027 35.27 -2.97 52.68
N VAL A 1028 34.60 -4.07 52.34
CA VAL A 1028 35.31 -5.28 51.94
C VAL A 1028 36.00 -5.07 50.59
N VAL A 1029 35.31 -4.44 49.64
CA VAL A 1029 35.88 -4.26 48.31
C VAL A 1029 37.11 -3.38 48.37
N ARG A 1030 37.03 -2.27 49.10
CA ARG A 1030 38.16 -1.33 49.16
C ARG A 1030 39.35 -1.94 49.90
N ARG A 1031 39.09 -2.69 50.97
CA ARG A 1031 40.17 -3.37 51.67
C ARG A 1031 40.94 -4.29 50.72
N ARG A 1032 40.20 -5.13 49.97
CA ARG A 1032 40.85 -6.06 49.05
C ARG A 1032 41.68 -5.32 48.01
N PHE A 1033 41.04 -4.39 47.28
CA PHE A 1033 41.69 -3.71 46.17
C PHE A 1033 42.19 -2.35 46.67
N SER A 1034 43.37 -2.37 47.26
CA SER A 1034 44.00 -1.17 47.80
C SER A 1034 45.46 -1.50 48.09
N ARG A 1035 46.21 -0.49 48.55
CA ARG A 1035 47.63 -0.66 48.82
C ARG A 1035 48.05 0.09 50.07
N LYS A 1036 48.20 1.43 49.97
CA LYS A 1036 48.56 2.29 51.08
C LYS A 1036 47.70 3.56 51.01
N ASN A 1037 46.42 3.41 51.32
CA ASN A 1037 45.47 4.51 51.19
C ASN A 1037 44.61 4.68 52.44
N GLU A 1038 43.65 3.79 52.65
CA GLU A 1038 42.55 4.03 53.57
C GLU A 1038 42.90 3.46 54.95
N ASP A 1039 41.87 3.23 55.77
CA ASP A 1039 41.94 2.71 57.13
C ASP A 1039 42.56 3.70 58.12
N ILE A 1040 42.96 4.89 57.67
CA ILE A 1040 43.47 5.92 58.57
C ILE A 1040 43.00 7.29 58.07
N MET B 1 27.30 33.00 19.60
CA MET B 1 27.44 32.56 18.18
C MET B 1 27.85 33.74 17.30
N PRO B 2 27.25 34.91 17.50
CA PRO B 2 27.76 36.09 16.79
C PRO B 2 29.22 36.40 17.08
N ASN B 3 29.64 36.35 18.35
CA ASN B 3 31.05 36.60 18.65
C ASN B 3 31.94 35.54 18.02
N PHE B 4 31.47 34.29 18.00
CA PHE B 4 32.22 33.21 17.37
C PHE B 4 32.54 33.56 15.93
N PHE B 5 31.55 34.03 15.17
CA PHE B 5 31.74 34.27 13.75
C PHE B 5 32.30 35.64 13.43
N ILE B 6 32.17 36.62 14.33
CA ILE B 6 32.87 37.89 14.16
C ILE B 6 34.36 37.64 14.05
N ASP B 7 34.90 36.73 14.87
CA ASP B 7 36.30 36.37 14.83
C ASP B 7 36.63 35.32 13.77
N ARG B 8 35.63 34.75 13.11
CA ARG B 8 35.82 33.71 12.10
C ARG B 8 35.00 34.04 10.85
N PRO B 9 35.34 35.14 10.17
CA PRO B 9 34.56 35.52 8.98
C PRO B 9 34.66 34.52 7.83
N ILE B 10 35.73 33.74 7.75
CA ILE B 10 35.85 32.78 6.66
C ILE B 10 34.91 31.60 6.89
N PHE B 11 34.86 31.11 8.13
CA PHE B 11 33.84 30.12 8.48
C PHE B 11 32.45 30.61 8.12
N ALA B 12 32.15 31.89 8.41
CA ALA B 12 30.83 32.41 8.10
C ALA B 12 30.59 32.46 6.60
N TRP B 13 31.61 32.85 5.83
CA TRP B 13 31.49 32.83 4.38
C TRP B 13 31.26 31.40 3.87
N VAL B 14 31.93 30.43 4.49
CA VAL B 14 31.78 29.04 4.07
C VAL B 14 30.34 28.58 4.26
N ILE B 15 29.72 28.94 5.38
CA ILE B 15 28.32 28.59 5.60
C ILE B 15 27.46 29.26 4.53
N ALA B 16 27.69 30.55 4.28
CA ALA B 16 26.96 31.24 3.21
C ALA B 16 27.12 30.53 1.87
N ILE B 17 28.35 30.13 1.55
CA ILE B 17 28.60 29.48 0.26
C ILE B 17 27.86 28.15 0.18
N ILE B 18 27.93 27.34 1.25
CA ILE B 18 27.20 26.08 1.27
C ILE B 18 25.71 26.32 1.07
N ILE B 19 25.16 27.31 1.77
CA ILE B 19 23.75 27.63 1.62
C ILE B 19 23.44 28.01 0.18
N MET B 20 24.30 28.83 -0.43
CA MET B 20 24.03 29.30 -1.79
C MET B 20 24.13 28.16 -2.79
N LEU B 21 25.03 27.20 -2.56
CA LEU B 21 25.14 26.06 -3.47
C LEU B 21 23.94 25.14 -3.33
N ALA B 22 23.53 24.85 -2.09
CA ALA B 22 22.32 24.06 -1.89
C ALA B 22 21.12 24.73 -2.54
N GLY B 23 21.00 26.05 -2.39
CA GLY B 23 19.89 26.75 -3.02
C GLY B 23 19.98 26.77 -4.53
N GLY B 24 21.19 26.92 -5.07
CA GLY B 24 21.35 26.84 -6.51
C GLY B 24 20.97 25.47 -7.03
N LEU B 25 21.42 24.42 -6.35
CA LEU B 25 21.02 23.07 -6.71
C LEU B 25 19.51 22.91 -6.64
N ALA B 26 18.87 23.49 -5.62
CA ALA B 26 17.43 23.33 -5.45
C ALA B 26 16.67 24.05 -6.57
N ILE B 27 17.12 25.24 -6.96
CA ILE B 27 16.44 25.96 -8.04
C ILE B 27 16.47 25.17 -9.34
N LEU B 28 17.53 24.40 -9.58
CA LEU B 28 17.61 23.60 -10.80
C LEU B 28 16.70 22.39 -10.74
N LYS B 29 16.58 21.75 -9.58
CA LYS B 29 15.84 20.51 -9.45
C LYS B 29 14.37 20.70 -9.09
N LEU B 30 13.99 21.87 -8.59
CA LEU B 30 12.67 22.04 -7.99
C LEU B 30 11.56 21.89 -9.03
N PRO B 31 10.52 21.12 -8.75
CA PRO B 31 9.35 21.13 -9.62
C PRO B 31 8.74 22.52 -9.73
N VAL B 32 8.04 22.75 -10.85
CA VAL B 32 7.36 24.02 -11.13
C VAL B 32 5.96 23.70 -11.61
N ALA B 33 4.96 24.31 -10.98
CA ALA B 33 3.57 24.12 -11.33
C ALA B 33 2.78 25.34 -10.88
N GLN B 34 1.62 25.55 -11.50
CA GLN B 34 0.80 26.69 -11.11
C GLN B 34 0.37 26.59 -9.65
N TYR B 35 -0.22 25.46 -9.28
CA TYR B 35 -0.63 25.20 -7.91
C TYR B 35 -0.21 23.80 -7.51
N PRO B 36 0.06 23.57 -6.24
CA PRO B 36 0.33 22.21 -5.77
C PRO B 36 -0.98 21.46 -5.58
N THR B 37 -0.85 20.19 -5.23
CA THR B 37 -2.02 19.39 -4.92
C THR B 37 -2.65 19.87 -3.62
N ILE B 38 -3.95 20.18 -3.67
CA ILE B 38 -4.69 20.77 -2.57
C ILE B 38 -5.86 19.89 -2.15
N ALA B 39 -6.64 19.40 -3.13
CA ALA B 39 -7.85 18.66 -2.83
C ALA B 39 -7.50 17.29 -2.23
N PRO B 40 -8.38 16.75 -1.38
CA PRO B 40 -8.15 15.40 -0.87
C PRO B 40 -8.15 14.41 -2.00
N PRO B 41 -7.40 13.31 -1.87
CA PRO B 41 -7.34 12.34 -2.98
C PRO B 41 -8.71 11.77 -3.28
N ALA B 42 -9.01 11.67 -4.57
CA ALA B 42 -10.28 11.15 -5.04
C ALA B 42 -10.02 10.16 -6.17
N VAL B 43 -10.76 9.06 -6.16
CA VAL B 43 -10.69 8.02 -7.17
C VAL B 43 -12.06 7.93 -7.84
N THR B 44 -12.07 7.88 -9.17
CA THR B 44 -13.31 7.81 -9.92
C THR B 44 -13.40 6.49 -10.68
N ILE B 45 -14.53 5.82 -10.54
CA ILE B 45 -14.88 4.62 -11.30
C ILE B 45 -15.83 5.06 -12.40
N SER B 46 -15.50 4.76 -13.65
CA SER B 46 -16.34 5.17 -14.77
C SER B 46 -16.69 3.95 -15.60
N ALA B 47 -17.97 3.83 -15.95
CA ALA B 47 -18.43 2.73 -16.76
C ALA B 47 -19.43 3.24 -17.79
N SER B 48 -19.55 2.48 -18.87
CA SER B 48 -20.42 2.82 -19.97
C SER B 48 -21.27 1.60 -20.32
N TYR B 49 -22.54 1.85 -20.62
CA TYR B 49 -23.51 0.82 -20.95
C TYR B 49 -24.28 1.36 -22.13
N PRO B 50 -23.82 1.06 -23.36
CA PRO B 50 -24.42 1.69 -24.54
C PRO B 50 -25.91 1.44 -24.64
N GLY B 51 -26.66 2.52 -24.85
CA GLY B 51 -28.10 2.45 -24.99
C GLY B 51 -28.88 2.37 -23.69
N ALA B 52 -28.21 2.39 -22.53
CA ALA B 52 -28.90 2.23 -21.27
C ALA B 52 -29.42 3.57 -20.76
N ASP B 53 -30.58 3.53 -20.12
CA ASP B 53 -31.16 4.65 -19.39
C ASP B 53 -30.56 4.73 -17.99
N ALA B 54 -30.85 5.84 -17.32
CA ALA B 54 -30.24 6.11 -16.02
C ALA B 54 -30.57 5.02 -15.00
N LYS B 55 -31.83 4.57 -14.98
CA LYS B 55 -32.22 3.57 -13.99
C LYS B 55 -31.60 2.21 -14.30
N THR B 56 -31.53 1.82 -15.57
CA THR B 56 -30.83 0.59 -15.94
C THR B 56 -29.39 0.64 -15.49
N VAL B 57 -28.69 1.75 -15.77
CA VAL B 57 -27.31 1.91 -15.32
C VAL B 57 -27.24 1.78 -13.80
N GLN B 58 -28.09 2.53 -13.09
CA GLN B 58 -28.01 2.55 -11.64
C GLN B 58 -28.22 1.16 -11.05
N ASP B 59 -29.21 0.43 -11.56
CA ASP B 59 -29.69 -0.76 -10.89
C ASP B 59 -28.99 -2.03 -11.35
N THR B 60 -28.23 -1.99 -12.45
CA THR B 60 -27.41 -3.12 -12.86
C THR B 60 -25.92 -2.87 -12.76
N VAL B 61 -25.50 -1.62 -12.56
CA VAL B 61 -24.08 -1.30 -12.48
C VAL B 61 -23.75 -0.57 -11.19
N THR B 62 -24.34 0.62 -11.01
CA THR B 62 -23.91 1.50 -9.93
C THR B 62 -24.14 0.86 -8.56
N GLN B 63 -25.33 0.32 -8.31
CA GLN B 63 -25.60 -0.27 -7.01
C GLN B 63 -24.68 -1.45 -6.74
N VAL B 64 -24.43 -2.27 -7.76
CA VAL B 64 -23.57 -3.44 -7.58
C VAL B 64 -22.16 -3.02 -7.18
N ILE B 65 -21.58 -2.08 -7.92
CA ILE B 65 -20.23 -1.60 -7.60
C ILE B 65 -20.22 -0.98 -6.21
N GLU B 66 -21.19 -0.11 -5.92
CA GLU B 66 -21.23 0.54 -4.60
C GLU B 66 -21.26 -0.50 -3.47
N GLN B 67 -22.07 -1.53 -3.63
CA GLN B 67 -22.19 -2.57 -2.60
C GLN B 67 -20.90 -3.36 -2.40
N ASN B 68 -19.89 -3.17 -3.25
CA ASN B 68 -18.62 -3.87 -3.11
C ASN B 68 -17.46 -2.96 -2.71
N MET B 69 -17.73 -1.69 -2.41
CA MET B 69 -16.66 -0.75 -2.06
C MET B 69 -16.31 -0.82 -0.57
N ASN B 70 -16.20 -2.05 -0.06
CA ASN B 70 -15.97 -2.32 1.35
C ASN B 70 -14.51 -2.66 1.60
N GLY B 71 -14.10 -2.49 2.86
CA GLY B 71 -12.76 -2.87 3.27
C GLY B 71 -11.66 -2.05 2.65
N ILE B 72 -11.98 -0.84 2.19
CA ILE B 72 -11.01 0.11 1.67
C ILE B 72 -10.67 1.10 2.78
N ASP B 73 -9.40 1.45 2.90
CA ASP B 73 -8.95 2.29 4.00
C ASP B 73 -9.14 3.78 3.69
N ASN B 74 -9.46 4.54 4.74
CA ASN B 74 -9.35 5.99 4.75
C ASN B 74 -10.39 6.68 3.86
N LEU B 75 -11.51 6.02 3.62
CA LEU B 75 -12.58 6.60 2.81
C LEU B 75 -13.37 7.61 3.64
N MET B 76 -13.55 8.82 3.10
CA MET B 76 -14.41 9.82 3.75
C MET B 76 -15.85 9.71 3.28
N TYR B 77 -16.07 9.66 1.97
CA TYR B 77 -17.42 9.48 1.44
C TYR B 77 -17.35 9.03 0.00
N MET B 78 -18.50 8.62 -0.52
CA MET B 78 -18.66 8.07 -1.85
C MET B 78 -19.87 8.73 -2.50
N SER B 79 -19.78 9.08 -3.78
CA SER B 79 -20.90 9.66 -4.49
C SER B 79 -20.95 9.11 -5.92
N SER B 80 -22.14 9.11 -6.50
CA SER B 80 -22.27 8.58 -7.86
C SER B 80 -23.39 9.29 -8.61
N ASN B 81 -23.28 9.26 -9.94
CA ASN B 81 -24.41 9.57 -10.81
C ASN B 81 -24.49 8.53 -11.92
N SER B 82 -25.72 8.19 -12.27
CA SER B 82 -26.04 7.29 -13.37
C SER B 82 -26.98 8.03 -14.30
N ASP B 83 -26.65 8.12 -15.57
CA ASP B 83 -27.40 9.01 -16.45
C ASP B 83 -27.83 8.30 -17.72
N SER B 84 -28.68 9.01 -18.47
CA SER B 84 -29.37 8.49 -19.63
C SER B 84 -28.51 8.42 -20.87
N THR B 85 -27.26 8.87 -20.81
CA THR B 85 -26.31 8.56 -21.87
C THR B 85 -25.67 7.20 -21.68
N GLY B 86 -26.09 6.45 -20.66
CA GLY B 86 -25.55 5.14 -20.42
C GLY B 86 -24.27 5.14 -19.61
N THR B 87 -24.05 6.16 -18.80
CA THR B 87 -22.79 6.38 -18.11
C THR B 87 -22.99 6.40 -16.61
N VAL B 88 -22.04 5.82 -15.88
CA VAL B 88 -21.97 5.97 -14.44
C VAL B 88 -20.59 6.46 -14.07
N GLN B 89 -20.53 7.36 -13.10
CA GLN B 89 -19.30 7.77 -12.46
C GLN B 89 -19.51 7.67 -10.96
N ILE B 90 -18.64 6.92 -10.30
CA ILE B 90 -18.61 6.81 -8.85
C ILE B 90 -17.30 7.42 -8.39
N THR B 91 -17.38 8.35 -7.44
CA THR B 91 -16.20 9.04 -6.93
C THR B 91 -16.06 8.71 -5.45
N LEU B 92 -14.91 8.19 -5.08
CA LEU B 92 -14.56 7.89 -3.70
C LEU B 92 -13.51 8.90 -3.24
N THR B 93 -13.81 9.62 -2.16
CA THR B 93 -12.95 10.67 -1.67
C THR B 93 -12.35 10.23 -0.35
N PHE B 94 -11.04 10.39 -0.24
CA PHE B 94 -10.25 9.86 0.86
C PHE B 94 -9.73 10.97 1.74
N GLU B 95 -9.34 10.60 2.97
CA GLU B 95 -8.77 11.56 3.90
C GLU B 95 -7.53 12.21 3.31
N SER B 96 -7.34 13.49 3.65
CA SER B 96 -6.10 14.16 3.29
C SER B 96 -4.92 13.41 3.89
N GLY B 97 -3.86 13.26 3.09
CA GLY B 97 -2.72 12.47 3.50
C GLY B 97 -2.77 11.01 3.10
N THR B 98 -3.91 10.53 2.60
CA THR B 98 -3.98 9.16 2.10
C THR B 98 -3.06 9.01 0.89
N ASP B 99 -2.37 7.87 0.80
CA ASP B 99 -1.58 7.60 -0.41
C ASP B 99 -2.53 7.34 -1.58
N ALA B 100 -2.49 8.20 -2.58
CA ALA B 100 -3.45 8.10 -3.68
C ALA B 100 -3.28 6.82 -4.48
N ASP B 101 -2.05 6.29 -4.58
CA ASP B 101 -1.84 5.04 -5.29
C ASP B 101 -2.49 3.87 -4.56
N ILE B 102 -2.32 3.83 -3.23
CA ILE B 102 -2.92 2.78 -2.44
C ILE B 102 -4.44 2.88 -2.48
N ALA B 103 -4.98 4.10 -2.36
CA ALA B 103 -6.43 4.25 -2.44
C ALA B 103 -6.96 3.70 -3.74
N GLN B 104 -6.28 4.01 -4.85
CA GLN B 104 -6.76 3.60 -6.16
C GLN B 104 -6.64 2.09 -6.36
N VAL B 105 -5.54 1.48 -5.91
CA VAL B 105 -5.43 0.04 -6.12
C VAL B 105 -6.43 -0.69 -5.24
N GLN B 106 -6.70 -0.17 -4.04
CA GLN B 106 -7.71 -0.83 -3.19
C GLN B 106 -9.09 -0.74 -3.84
N VAL B 107 -9.42 0.42 -4.43
CA VAL B 107 -10.69 0.56 -5.14
C VAL B 107 -10.73 -0.37 -6.35
N GLN B 108 -9.67 -0.34 -7.16
CA GLN B 108 -9.59 -1.18 -8.35
C GLN B 108 -9.73 -2.65 -8.01
N ASN B 109 -9.13 -3.08 -6.90
CA ASN B 109 -9.19 -4.50 -6.54
C ASN B 109 -10.58 -4.92 -6.07
N LYS B 110 -11.28 -4.07 -5.31
CA LYS B 110 -12.66 -4.41 -4.97
C LYS B 110 -13.54 -4.41 -6.21
N LEU B 111 -13.27 -3.50 -7.16
CA LEU B 111 -14.02 -3.50 -8.40
C LEU B 111 -13.78 -4.79 -9.19
N GLN B 112 -12.51 -5.18 -9.34
CA GLN B 112 -12.20 -6.38 -10.08
C GLN B 112 -13.08 -7.54 -9.64
N LEU B 113 -13.26 -7.69 -8.34
CA LEU B 113 -14.01 -8.81 -7.80
C LEU B 113 -15.53 -8.63 -7.93
N ALA B 114 -15.99 -7.45 -8.34
CA ALA B 114 -17.40 -7.25 -8.66
C ALA B 114 -17.70 -7.36 -10.15
N MET B 115 -16.69 -7.41 -11.01
CA MET B 115 -16.93 -7.48 -12.45
C MET B 115 -17.82 -8.65 -12.85
N PRO B 116 -17.70 -9.85 -12.26
CA PRO B 116 -18.59 -10.95 -12.66
C PRO B 116 -20.05 -10.68 -12.40
N LEU B 117 -20.38 -9.68 -11.58
CA LEU B 117 -21.75 -9.36 -11.23
C LEU B 117 -22.37 -8.33 -12.18
N LEU B 118 -21.60 -7.75 -13.08
CA LEU B 118 -22.07 -6.69 -13.96
C LEU B 118 -22.56 -7.27 -15.27
N PRO B 119 -23.41 -6.54 -16.00
CA PRO B 119 -23.90 -7.04 -17.29
C PRO B 119 -22.76 -7.31 -18.26
N GLN B 120 -22.98 -8.31 -19.12
CA GLN B 120 -21.96 -8.65 -20.13
C GLN B 120 -21.58 -7.44 -20.97
N GLU B 121 -22.56 -6.61 -21.35
CA GLU B 121 -22.25 -5.45 -22.17
C GLU B 121 -21.32 -4.49 -21.45
N VAL B 122 -21.43 -4.41 -20.12
CA VAL B 122 -20.58 -3.52 -19.34
C VAL B 122 -19.21 -4.15 -19.10
N GLN B 123 -19.17 -5.46 -18.83
CA GLN B 123 -17.90 -6.16 -18.80
C GLN B 123 -17.15 -5.97 -20.12
N GLN B 124 -17.88 -5.97 -21.23
CA GLN B 124 -17.25 -5.83 -22.54
C GLN B 124 -16.66 -4.43 -22.72
N GLN B 125 -17.46 -3.40 -22.44
CA GLN B 125 -16.94 -2.03 -22.48
C GLN B 125 -15.78 -1.83 -21.51
N GLY B 126 -15.85 -2.48 -20.36
CA GLY B 126 -14.89 -2.27 -19.31
C GLY B 126 -15.26 -1.11 -18.40
N VAL B 127 -14.64 -1.11 -17.23
CA VAL B 127 -14.89 -0.12 -16.18
C VAL B 127 -13.55 0.45 -15.74
N SER B 128 -13.37 1.76 -15.92
CA SER B 128 -12.09 2.42 -15.65
C SER B 128 -12.05 2.96 -14.23
N VAL B 129 -10.88 2.84 -13.59
CA VAL B 129 -10.63 3.40 -12.26
C VAL B 129 -9.43 4.32 -12.38
N GLU B 130 -9.63 5.60 -12.04
CA GLU B 130 -8.61 6.62 -12.24
C GLU B 130 -8.56 7.54 -11.04
N LYS B 131 -7.39 8.10 -10.79
CA LYS B 131 -7.28 9.20 -9.84
C LYS B 131 -7.94 10.45 -10.42
N SER B 132 -8.76 11.11 -9.63
CA SER B 132 -9.50 12.28 -10.09
C SER B 132 -8.64 13.54 -9.98
N SER B 133 -8.73 14.38 -11.01
CA SER B 133 -7.98 15.63 -11.05
C SER B 133 -8.52 16.55 -12.13
N SER B 134 -8.85 17.79 -11.78
CA SER B 134 -9.36 18.77 -12.73
C SER B 134 -8.28 19.71 -13.24
N SER B 135 -7.02 19.49 -12.86
CA SER B 135 -5.93 20.38 -13.25
C SER B 135 -5.31 19.87 -14.55
N PHE B 136 -5.55 20.60 -15.63
CA PHE B 136 -4.88 20.38 -16.91
C PHE B 136 -3.71 21.35 -17.03
N LEU B 137 -2.58 20.83 -17.52
CA LEU B 137 -1.47 21.71 -17.87
C LEU B 137 -1.81 22.57 -19.08
N MET B 138 -2.47 21.97 -20.06
CA MET B 138 -2.84 22.66 -21.29
C MET B 138 -3.82 21.77 -22.02
N VAL B 139 -4.55 22.37 -22.95
CA VAL B 139 -5.41 21.65 -23.87
C VAL B 139 -4.93 21.98 -25.27
N VAL B 140 -4.50 20.96 -26.00
CA VAL B 140 -4.09 21.11 -27.38
C VAL B 140 -5.29 20.80 -28.26
N GLY B 141 -5.74 21.80 -29.03
CA GLY B 141 -6.80 21.59 -29.99
C GLY B 141 -6.24 21.16 -31.34
N VAL B 142 -7.02 20.34 -32.05
CA VAL B 142 -6.66 19.87 -33.38
C VAL B 142 -7.85 20.12 -34.28
N ILE B 143 -7.66 20.93 -35.32
CA ILE B 143 -8.76 21.36 -36.17
C ILE B 143 -8.40 21.09 -37.62
N ASN B 144 -9.42 21.13 -38.46
CA ASN B 144 -9.27 21.00 -39.91
C ASN B 144 -9.87 22.24 -40.56
N THR B 145 -9.04 22.97 -41.32
CA THR B 145 -9.44 24.26 -41.86
C THR B 145 -9.95 24.20 -43.29
N ASP B 146 -9.55 23.19 -44.07
CA ASP B 146 -9.97 23.11 -45.47
C ASP B 146 -11.22 22.25 -45.65
N GLY B 147 -11.95 21.98 -44.57
CA GLY B 147 -13.22 21.29 -44.66
C GLY B 147 -13.16 19.88 -45.21
N THR B 148 -12.01 19.22 -45.13
CA THR B 148 -11.86 17.86 -45.66
C THR B 148 -11.99 16.79 -44.60
N MET B 149 -12.15 17.14 -43.32
CA MET B 149 -12.16 16.16 -42.24
C MET B 149 -13.27 16.47 -41.25
N THR B 150 -13.99 15.43 -40.85
CA THR B 150 -14.95 15.52 -39.75
C THR B 150 -14.19 15.44 -38.41
N GLN B 151 -14.91 15.80 -37.34
CA GLN B 151 -14.31 15.65 -36.01
C GLN B 151 -13.92 14.20 -35.75
N GLU B 152 -14.69 13.24 -36.27
CA GLU B 152 -14.32 11.84 -36.12
C GLU B 152 -13.03 11.53 -36.87
N ASP B 153 -12.88 12.08 -38.08
CA ASP B 153 -11.62 11.91 -38.81
C ASP B 153 -10.46 12.49 -38.01
N ILE B 154 -10.66 13.65 -37.38
CA ILE B 154 -9.57 14.29 -36.66
C ILE B 154 -9.22 13.48 -35.42
N SER B 155 -10.24 13.06 -34.67
CA SER B 155 -9.98 12.30 -33.45
C SER B 155 -9.21 11.03 -33.75
N ASP B 156 -9.56 10.35 -34.84
CA ASP B 156 -8.83 9.13 -35.19
C ASP B 156 -7.38 9.45 -35.54
N TYR B 157 -7.16 10.52 -36.30
CA TYR B 157 -5.78 10.90 -36.63
C TYR B 157 -4.99 11.19 -35.36
N VAL B 158 -5.58 11.95 -34.44
CA VAL B 158 -4.90 12.28 -33.19
C VAL B 158 -4.57 11.00 -32.43
N ALA B 159 -5.56 10.09 -32.31
CA ALA B 159 -5.33 8.85 -31.57
C ALA B 159 -4.23 8.01 -32.20
N ALA B 160 -4.20 7.94 -33.53
CA ALA B 160 -3.28 7.02 -34.19
C ALA B 160 -1.89 7.61 -34.36
N ASN B 161 -1.77 8.93 -34.41
CA ASN B 161 -0.53 9.57 -34.85
C ASN B 161 0.02 10.64 -33.93
N MET B 162 -0.68 10.99 -32.84
CA MET B 162 -0.20 12.06 -31.96
C MET B 162 -0.24 11.67 -30.49
N LYS B 163 -1.35 11.07 -30.05
CA LYS B 163 -1.58 10.90 -28.62
C LYS B 163 -0.42 10.18 -27.95
N ASP B 164 0.03 9.06 -28.53
CA ASP B 164 1.04 8.24 -27.87
C ASP B 164 2.37 8.97 -27.73
N ALA B 165 2.80 9.69 -28.77
CA ALA B 165 4.06 10.42 -28.68
C ALA B 165 3.98 11.54 -27.65
N ILE B 166 2.81 12.15 -27.50
CA ILE B 166 2.65 13.14 -26.44
C ILE B 166 2.74 12.48 -25.07
N SER B 167 2.07 11.33 -24.90
CA SER B 167 2.14 10.61 -23.64
C SER B 167 3.57 10.25 -23.26
N ARG B 168 4.44 10.05 -24.25
CA ARG B 168 5.84 9.71 -23.99
C ARG B 168 6.72 10.93 -23.81
N THR B 169 6.17 12.13 -23.95
CA THR B 169 6.96 13.35 -23.83
C THR B 169 7.32 13.61 -22.38
N SER B 170 8.55 14.08 -22.16
CA SER B 170 9.05 14.32 -20.81
C SER B 170 8.11 15.24 -20.03
N GLY B 171 7.74 14.82 -18.82
CA GLY B 171 6.92 15.61 -17.94
C GLY B 171 5.42 15.39 -18.09
N VAL B 172 4.99 14.65 -19.11
CA VAL B 172 3.57 14.45 -19.33
C VAL B 172 3.10 13.29 -18.45
N GLY B 173 2.10 13.55 -17.62
CA GLY B 173 1.63 12.54 -16.69
C GLY B 173 0.42 11.81 -17.21
N ASP B 174 -0.39 12.49 -18.03
CA ASP B 174 -1.59 11.87 -18.56
C ASP B 174 -2.05 12.66 -19.76
N VAL B 175 -2.67 11.96 -20.71
CA VAL B 175 -3.19 12.57 -21.92
C VAL B 175 -4.57 12.00 -22.20
N GLN B 176 -5.56 12.86 -22.34
CA GLN B 176 -6.94 12.46 -22.55
C GLN B 176 -7.39 12.94 -23.92
N LEU B 177 -7.91 12.01 -24.72
CA LEU B 177 -8.38 12.33 -26.06
C LEU B 177 -9.80 12.87 -26.01
N PHE B 178 -10.03 14.02 -26.65
CA PHE B 178 -11.37 14.62 -26.73
C PHE B 178 -12.04 14.10 -28.00
N GLY B 179 -12.59 12.90 -27.89
CA GLY B 179 -13.14 12.14 -28.99
C GLY B 179 -12.69 10.70 -28.86
N SER B 180 -12.92 9.91 -29.92
CA SER B 180 -12.48 8.53 -29.96
C SER B 180 -11.75 8.24 -31.26
N GLN B 181 -10.96 7.17 -31.24
CA GLN B 181 -10.51 6.57 -32.48
C GLN B 181 -11.72 6.04 -33.24
N TYR B 182 -11.54 5.81 -34.53
CA TYR B 182 -12.62 5.27 -35.36
C TYR B 182 -13.23 4.02 -34.73
N ALA B 183 -14.51 3.81 -35.03
CA ALA B 183 -15.16 2.52 -34.90
C ALA B 183 -15.72 2.13 -36.26
N MET B 184 -15.74 0.84 -36.53
CA MET B 184 -16.47 0.34 -37.69
C MET B 184 -17.97 0.47 -37.41
N ARG B 185 -18.66 1.30 -38.18
CA ARG B 185 -20.08 1.55 -37.97
C ARG B 185 -20.90 0.81 -39.02
N ILE B 186 -21.79 -0.06 -38.55
CA ILE B 186 -22.75 -0.77 -39.38
C ILE B 186 -24.12 -0.14 -39.12
N TRP B 187 -24.65 0.61 -40.08
CA TRP B 187 -25.92 1.32 -39.92
C TRP B 187 -27.03 0.52 -40.59
N MET B 188 -27.86 -0.13 -39.79
CA MET B 188 -28.80 -1.11 -40.30
C MET B 188 -30.04 -0.43 -40.91
N ASN B 189 -30.62 -1.13 -41.88
CA ASN B 189 -31.84 -0.70 -42.57
C ASN B 189 -32.93 -1.72 -42.31
N PRO B 190 -33.99 -1.38 -41.56
CA PRO B 190 -35.00 -2.41 -41.23
C PRO B 190 -35.80 -2.90 -42.43
N ASN B 191 -35.97 -2.07 -43.45
CA ASN B 191 -36.71 -2.50 -44.63
C ASN B 191 -35.95 -3.58 -45.39
N GLU B 192 -34.65 -3.37 -45.58
CA GLU B 192 -33.85 -4.40 -46.26
C GLU B 192 -33.73 -5.65 -45.42
N LEU B 193 -33.52 -5.51 -44.12
CA LEU B 193 -33.47 -6.70 -43.26
C LEU B 193 -34.75 -7.51 -43.38
N ASN B 194 -35.91 -6.84 -43.37
CA ASN B 194 -37.17 -7.56 -43.48
C ASN B 194 -37.33 -8.19 -44.86
N LYS B 195 -36.89 -7.49 -45.91
CA LYS B 195 -36.97 -8.05 -47.26
C LYS B 195 -36.31 -9.42 -47.33
N PHE B 196 -35.21 -9.62 -46.61
CA PHE B 196 -34.50 -10.90 -46.61
C PHE B 196 -34.78 -11.71 -45.35
N GLN B 197 -35.82 -11.37 -44.59
CA GLN B 197 -36.20 -12.09 -43.38
C GLN B 197 -35.02 -12.20 -42.41
N LEU B 198 -34.31 -11.08 -42.23
CA LEU B 198 -33.17 -11.01 -41.32
C LEU B 198 -33.44 -9.98 -40.23
N THR B 199 -32.67 -10.09 -39.14
CA THR B 199 -32.78 -9.18 -38.01
C THR B 199 -31.39 -8.79 -37.52
N PRO B 200 -31.29 -7.81 -36.62
CA PRO B 200 -29.97 -7.48 -36.05
C PRO B 200 -29.31 -8.65 -35.36
N VAL B 201 -30.08 -9.63 -34.89
CA VAL B 201 -29.48 -10.82 -34.31
C VAL B 201 -28.62 -11.52 -35.34
N ASP B 202 -29.14 -11.69 -36.56
CA ASP B 202 -28.38 -12.33 -37.62
C ASP B 202 -27.14 -11.53 -37.97
N VAL B 203 -27.27 -10.20 -38.01
CA VAL B 203 -26.12 -9.35 -38.31
C VAL B 203 -25.02 -9.57 -37.29
N ILE B 204 -25.37 -9.56 -36.01
CA ILE B 204 -24.39 -9.71 -34.94
C ILE B 204 -23.74 -11.09 -35.01
N THR B 205 -24.54 -12.13 -35.21
CA THR B 205 -24.00 -13.48 -35.30
C THR B 205 -23.01 -13.61 -36.44
N ALA B 206 -23.34 -13.02 -37.59
CA ALA B 206 -22.44 -13.10 -38.74
C ALA B 206 -21.15 -12.34 -38.51
N ILE B 207 -21.22 -11.15 -37.91
CA ILE B 207 -20.02 -10.39 -37.63
C ILE B 207 -19.11 -11.14 -36.66
N LYS B 208 -19.70 -11.74 -35.63
CA LYS B 208 -18.89 -12.47 -34.66
C LYS B 208 -18.23 -13.69 -35.28
N ALA B 209 -18.85 -14.27 -36.30
CA ALA B 209 -18.28 -15.45 -36.95
C ALA B 209 -17.24 -15.06 -37.99
N GLN B 210 -17.46 -13.98 -38.73
CA GLN B 210 -16.62 -13.63 -39.88
C GLN B 210 -15.63 -12.52 -39.59
N ASN B 211 -15.64 -11.94 -38.39
CA ASN B 211 -14.60 -11.01 -37.92
C ASN B 211 -14.12 -11.54 -36.58
N ALA B 212 -13.10 -12.40 -36.62
CA ALA B 212 -12.65 -13.10 -35.42
C ALA B 212 -11.23 -13.60 -35.62
N GLN B 213 -10.56 -13.82 -34.50
CA GLN B 213 -9.26 -14.47 -34.44
C GLN B 213 -9.47 -15.92 -34.03
N VAL B 214 -8.92 -16.86 -34.81
CA VAL B 214 -9.13 -18.28 -34.60
C VAL B 214 -7.77 -18.94 -34.37
N ALA B 215 -7.64 -19.63 -33.25
CA ALA B 215 -6.43 -20.38 -32.96
C ALA B 215 -6.39 -21.65 -33.79
N ALA B 216 -5.19 -22.03 -34.23
CA ALA B 216 -5.02 -23.25 -35.00
C ALA B 216 -4.03 -24.16 -34.30
N GLY B 217 -2.74 -23.95 -34.55
CA GLY B 217 -1.72 -24.76 -33.93
C GLY B 217 -0.42 -24.68 -34.69
N GLN B 218 0.30 -25.80 -34.81
CA GLN B 218 1.58 -25.84 -35.49
C GLN B 218 1.68 -27.09 -36.37
N LEU B 219 2.41 -26.94 -37.46
CA LEU B 219 2.96 -28.08 -38.19
C LEU B 219 4.23 -28.54 -37.48
N GLY B 220 4.36 -29.86 -37.32
CA GLY B 220 5.55 -30.39 -36.68
C GLY B 220 5.71 -29.95 -35.24
N GLY B 221 4.60 -29.67 -34.56
CA GLY B 221 4.68 -29.27 -33.17
C GLY B 221 5.00 -30.44 -32.27
N THR B 222 5.48 -30.11 -31.07
CA THR B 222 5.82 -31.14 -30.09
C THR B 222 4.55 -31.71 -29.47
N PRO B 223 4.56 -32.99 -29.08
CA PRO B 223 5.59 -34.00 -29.35
C PRO B 223 5.55 -34.37 -30.84
N PRO B 224 6.67 -34.39 -31.54
CA PRO B 224 6.65 -34.66 -32.97
C PRO B 224 6.86 -36.14 -33.28
N VAL B 225 6.71 -36.49 -34.55
CA VAL B 225 7.31 -37.71 -35.08
C VAL B 225 8.77 -37.40 -35.35
N LYS B 226 9.67 -38.16 -34.71
CA LYS B 226 11.10 -37.96 -34.97
C LYS B 226 11.35 -38.09 -36.47
N GLY B 227 12.33 -37.32 -36.96
CA GLY B 227 12.57 -37.20 -38.37
C GLY B 227 11.86 -36.02 -39.02
N GLN B 228 10.95 -35.37 -38.29
CA GLN B 228 10.33 -34.15 -38.78
C GLN B 228 11.41 -33.10 -39.04
N GLN B 229 11.34 -32.46 -40.22
CA GLN B 229 12.36 -31.48 -40.58
C GLN B 229 11.89 -30.04 -40.46
N LEU B 230 10.59 -29.79 -40.28
CA LEU B 230 10.10 -28.41 -40.26
C LEU B 230 9.05 -28.22 -39.17
N ASN B 231 9.16 -27.09 -38.48
CA ASN B 231 8.18 -26.67 -37.48
C ASN B 231 7.73 -25.26 -37.84
N ALA B 232 6.42 -25.08 -38.00
CA ALA B 232 5.88 -23.80 -38.41
C ALA B 232 4.50 -23.59 -37.78
N SER B 233 4.22 -22.34 -37.39
CA SER B 233 2.91 -21.99 -36.89
C SER B 233 1.88 -22.04 -38.01
N ILE B 234 0.69 -22.48 -37.68
CA ILE B 234 -0.46 -22.39 -38.58
C ILE B 234 -1.21 -21.10 -38.24
N ILE B 235 -1.45 -20.27 -39.25
CA ILE B 235 -2.27 -19.08 -39.13
C ILE B 235 -3.62 -19.37 -39.77
N ALA B 236 -4.70 -19.22 -39.01
CA ALA B 236 -6.04 -19.38 -39.57
C ALA B 236 -6.73 -18.03 -39.65
N GLN B 237 -8.02 -17.98 -39.34
CA GLN B 237 -8.77 -16.74 -39.47
C GLN B 237 -8.19 -15.66 -38.57
N THR B 238 -8.08 -14.44 -39.12
CA THR B 238 -7.71 -13.25 -38.37
C THR B 238 -8.73 -12.15 -38.62
N ARG B 239 -8.76 -11.18 -37.73
CA ARG B 239 -9.77 -10.13 -37.76
C ARG B 239 -9.76 -9.35 -39.07
N LEU B 240 -10.95 -8.90 -39.48
CA LEU B 240 -11.07 -8.05 -40.66
C LEU B 240 -10.42 -6.69 -40.41
N THR B 241 -10.13 -5.97 -41.51
CA THR B 241 -9.35 -4.74 -41.43
C THR B 241 -9.93 -3.57 -42.22
N SER B 242 -11.08 -3.71 -42.85
CA SER B 242 -11.53 -2.67 -43.76
C SER B 242 -13.05 -2.69 -43.92
N THR B 243 -13.61 -1.52 -44.25
CA THR B 243 -15.03 -1.43 -44.54
C THR B 243 -15.42 -2.37 -45.67
N GLU B 244 -14.55 -2.51 -46.67
CA GLU B 244 -14.84 -3.41 -47.79
C GLU B 244 -15.12 -4.83 -47.30
N GLU B 245 -14.27 -5.34 -46.42
CA GLU B 245 -14.44 -6.70 -45.93
C GLU B 245 -15.73 -6.84 -45.10
N PHE B 246 -16.10 -5.81 -44.35
CA PHE B 246 -17.32 -5.91 -43.56
C PHE B 246 -18.54 -5.94 -44.46
N GLY B 247 -18.53 -5.15 -45.55
CA GLY B 247 -19.64 -5.18 -46.49
C GLY B 247 -19.82 -6.52 -47.18
N LYS B 248 -18.72 -7.26 -47.38
CA LYS B 248 -18.80 -8.56 -48.02
C LYS B 248 -19.19 -9.68 -47.04
N ILE B 249 -19.35 -9.37 -45.76
CA ILE B 249 -19.81 -10.39 -44.81
C ILE B 249 -21.07 -11.04 -45.35
N LEU B 250 -21.13 -12.37 -45.29
CA LEU B 250 -22.24 -13.12 -45.87
C LEU B 250 -23.31 -13.35 -44.81
N LEU B 251 -24.54 -12.94 -45.12
CA LEU B 251 -25.66 -13.08 -44.20
C LEU B 251 -26.59 -14.21 -44.57
N LYS B 252 -26.78 -14.48 -45.87
CA LYS B 252 -27.77 -15.46 -46.29
C LYS B 252 -27.52 -15.81 -47.75
N VAL B 253 -27.77 -17.08 -48.08
CA VAL B 253 -27.79 -17.55 -49.45
C VAL B 253 -29.22 -17.94 -49.79
N ASN B 254 -29.78 -17.28 -50.80
CA ASN B 254 -31.19 -17.47 -51.15
C ASN B 254 -31.38 -18.77 -51.92
N GLN B 255 -32.65 -19.14 -52.11
CA GLN B 255 -32.96 -20.37 -52.84
C GLN B 255 -32.40 -20.33 -54.26
N ASP B 256 -32.63 -19.23 -54.97
CA ASP B 256 -32.13 -19.09 -56.34
C ASP B 256 -30.62 -19.01 -56.41
N GLY B 257 -29.92 -18.95 -55.28
CA GLY B 257 -28.48 -18.90 -55.25
C GLY B 257 -27.90 -17.52 -54.99
N SER B 258 -28.70 -16.47 -55.10
CA SER B 258 -28.19 -15.13 -54.86
C SER B 258 -27.78 -14.96 -53.40
N ARG B 259 -26.85 -14.04 -53.17
CA ARG B 259 -26.20 -13.87 -51.87
C ARG B 259 -26.63 -12.55 -51.24
N VAL B 260 -26.93 -12.59 -49.96
CA VAL B 260 -27.24 -11.39 -49.18
C VAL B 260 -25.99 -11.03 -48.38
N LEU B 261 -25.39 -9.91 -48.71
CA LEU B 261 -24.22 -9.40 -48.01
C LEU B 261 -24.62 -8.33 -47.01
N LEU B 262 -23.74 -8.10 -46.03
CA LEU B 262 -24.03 -7.09 -45.03
C LEU B 262 -24.27 -5.73 -45.65
N ARG B 263 -23.53 -5.42 -46.73
CA ARG B 263 -23.71 -4.14 -47.40
C ARG B 263 -25.07 -4.02 -48.10
N ASP B 264 -25.82 -5.12 -48.19
CA ASP B 264 -27.17 -5.08 -48.77
C ASP B 264 -28.24 -4.68 -47.76
N VAL B 265 -27.90 -4.57 -46.48
CA VAL B 265 -28.90 -4.26 -45.44
C VAL B 265 -28.36 -3.18 -44.51
N ALA B 266 -27.20 -2.62 -44.83
CA ALA B 266 -26.59 -1.63 -43.95
C ALA B 266 -25.61 -0.77 -44.72
N LYS B 267 -25.48 0.48 -44.27
CA LYS B 267 -24.40 1.35 -44.68
C LYS B 267 -23.22 1.11 -43.75
N ILE B 268 -22.02 1.11 -44.33
CA ILE B 268 -20.82 0.72 -43.60
C ILE B 268 -19.76 1.81 -43.78
N GLU B 269 -19.24 2.30 -42.67
CA GLU B 269 -18.27 3.39 -42.70
C GLU B 269 -17.47 3.37 -41.42
N LEU B 270 -16.27 3.95 -41.49
CA LEU B 270 -15.54 4.31 -40.28
C LEU B 270 -16.16 5.58 -39.70
N GLY B 271 -16.47 5.54 -38.41
CA GLY B 271 -17.07 6.66 -37.73
C GLY B 271 -16.61 6.76 -36.30
N GLY B 272 -17.37 7.47 -35.46
CA GLY B 272 -17.02 7.60 -34.07
C GLY B 272 -17.61 6.49 -33.23
N GLU B 273 -17.05 6.32 -32.02
CA GLU B 273 -17.66 5.39 -31.08
C GLU B 273 -18.98 5.91 -30.54
N ASN B 274 -19.12 7.23 -30.44
CA ASN B 274 -20.36 7.83 -29.97
C ASN B 274 -20.54 9.16 -30.69
N TYR B 275 -21.78 9.64 -30.71
CA TYR B 275 -22.12 10.86 -31.42
C TYR B 275 -22.79 11.89 -30.51
N ASP B 276 -22.59 11.78 -29.19
CA ASP B 276 -23.23 12.69 -28.25
C ASP B 276 -22.59 14.07 -28.22
N ILE B 277 -21.32 14.18 -28.60
CA ILE B 277 -20.59 15.44 -28.53
C ILE B 277 -20.35 15.94 -29.95
N ILE B 278 -20.60 17.22 -30.17
CA ILE B 278 -20.18 17.91 -31.38
C ILE B 278 -19.25 19.03 -30.95
N ALA B 279 -18.00 18.97 -31.41
CA ALA B 279 -16.96 19.90 -31.00
C ALA B 279 -16.54 20.76 -32.18
N GLU B 280 -16.57 22.07 -31.98
CA GLU B 280 -16.21 23.02 -33.02
C GLU B 280 -15.25 24.06 -32.46
N PHE B 281 -14.31 24.47 -33.29
CA PHE B 281 -13.34 25.51 -32.95
C PHE B 281 -13.53 26.63 -33.96
N ASN B 282 -14.12 27.73 -33.53
CA ASN B 282 -14.47 28.81 -34.44
C ASN B 282 -15.27 28.28 -35.63
N GLY B 283 -16.23 27.40 -35.34
CA GLY B 283 -17.10 26.83 -36.35
C GLY B 283 -16.52 25.69 -37.14
N GLN B 284 -15.27 25.31 -36.89
CA GLN B 284 -14.62 24.25 -37.65
C GLN B 284 -14.53 22.96 -36.84
N PRO B 285 -14.63 21.79 -37.49
CA PRO B 285 -14.53 20.53 -36.75
C PRO B 285 -13.24 20.45 -35.94
N ALA B 286 -13.34 19.90 -34.73
CA ALA B 286 -12.18 19.90 -33.84
C ALA B 286 -12.15 18.64 -32.99
N SER B 287 -10.93 18.27 -32.61
CA SER B 287 -10.67 17.31 -31.55
C SER B 287 -9.61 17.95 -30.66
N GLY B 288 -9.00 17.18 -29.78
CA GLY B 288 -7.93 17.74 -28.97
C GLY B 288 -7.44 16.74 -27.95
N LEU B 289 -6.45 17.20 -27.19
CA LEU B 289 -5.81 16.42 -26.14
C LEU B 289 -5.76 17.25 -24.87
N GLY B 290 -6.29 16.71 -23.78
CA GLY B 290 -6.09 17.30 -22.47
C GLY B 290 -4.88 16.71 -21.79
N ILE B 291 -3.88 17.53 -21.48
CA ILE B 291 -2.59 17.07 -20.98
C ILE B 291 -2.46 17.46 -19.51
N LYS B 292 -2.09 16.49 -18.67
CA LYS B 292 -1.80 16.74 -17.27
C LYS B 292 -0.30 16.62 -17.03
N LEU B 293 0.18 17.39 -16.07
CA LEU B 293 1.59 17.37 -15.70
C LEU B 293 1.88 16.19 -14.78
N ALA B 294 3.04 15.57 -14.99
CA ALA B 294 3.44 14.44 -14.16
C ALA B 294 3.94 14.92 -12.81
N THR B 295 3.79 14.05 -11.80
CA THR B 295 4.26 14.38 -10.47
C THR B 295 5.74 14.73 -10.49
N GLY B 296 6.09 15.83 -9.81
CA GLY B 296 7.47 16.29 -9.73
C GLY B 296 8.01 16.92 -10.98
N ALA B 297 7.21 17.05 -12.04
CA ALA B 297 7.73 17.58 -13.29
C ALA B 297 7.78 19.11 -13.26
N ASN B 298 8.41 19.68 -14.28
CA ASN B 298 8.53 21.12 -14.44
C ASN B 298 7.53 21.56 -15.50
N ALA B 299 6.53 22.34 -15.10
CA ALA B 299 5.47 22.72 -16.02
C ALA B 299 6.04 23.45 -17.24
N LEU B 300 7.04 24.30 -17.02
CA LEU B 300 7.60 25.08 -18.12
C LEU B 300 8.38 24.19 -19.10
N ASP B 301 9.20 23.28 -18.58
CA ASP B 301 9.93 22.37 -19.45
C ASP B 301 8.99 21.44 -20.20
N THR B 302 7.91 21.00 -19.54
CA THR B 302 6.99 20.06 -20.17
C THR B 302 6.23 20.72 -21.31
N ALA B 303 5.74 21.95 -21.09
CA ALA B 303 5.05 22.66 -22.16
C ALA B 303 5.96 22.85 -23.36
N ALA B 304 7.22 23.24 -23.11
CA ALA B 304 8.17 23.38 -24.21
C ALA B 304 8.39 22.04 -24.91
N ALA B 305 8.52 20.95 -24.15
CA ALA B 305 8.72 19.64 -24.75
C ALA B 305 7.51 19.22 -25.58
N ILE B 306 6.31 19.49 -25.08
CA ILE B 306 5.10 19.18 -25.84
C ILE B 306 5.11 19.92 -27.17
N ARG B 307 5.45 21.21 -27.14
CA ARG B 307 5.43 22.00 -28.37
C ARG B 307 6.49 21.50 -29.35
N ALA B 308 7.66 21.13 -28.84
CA ALA B 308 8.70 20.58 -29.70
C ALA B 308 8.26 19.28 -30.35
N GLU B 309 7.57 18.41 -29.60
CA GLU B 309 7.10 17.17 -30.19
C GLU B 309 6.03 17.44 -31.24
N LEU B 310 5.12 18.37 -30.97
CA LEU B 310 4.10 18.70 -31.95
C LEU B 310 4.74 19.27 -33.22
N ALA B 311 5.85 20.00 -33.07
CA ALA B 311 6.57 20.49 -34.24
C ALA B 311 7.09 19.34 -35.10
N LYS B 312 7.68 18.32 -34.47
CA LYS B 312 8.18 17.17 -35.21
C LYS B 312 7.07 16.47 -35.98
N MET B 313 5.83 16.56 -35.50
CA MET B 313 4.72 15.89 -36.17
C MET B 313 4.19 16.71 -37.34
N GLU B 314 4.37 18.03 -37.29
CA GLU B 314 3.85 18.95 -38.31
C GLU B 314 4.08 18.48 -39.74
N PRO B 315 5.27 18.02 -40.14
CA PRO B 315 5.49 17.63 -41.54
C PRO B 315 4.59 16.50 -42.01
N PHE B 316 3.94 15.77 -41.11
CA PHE B 316 3.16 14.59 -41.48
C PHE B 316 1.66 14.82 -41.37
N PHE B 317 1.23 16.00 -40.95
CA PHE B 317 -0.20 16.26 -40.82
C PHE B 317 -0.86 16.22 -42.19
N PRO B 318 -2.09 15.72 -42.29
CA PRO B 318 -2.86 15.90 -43.53
C PRO B 318 -3.12 17.37 -43.79
N SER B 319 -3.47 17.67 -45.04
CA SER B 319 -3.78 19.05 -45.41
C SER B 319 -4.98 19.54 -44.62
N GLY B 320 -4.89 20.79 -44.16
CA GLY B 320 -5.94 21.40 -43.40
C GLY B 320 -5.81 21.25 -41.89
N LEU B 321 -5.02 20.28 -41.43
CA LEU B 321 -4.88 20.03 -40.00
C LEU B 321 -3.99 21.10 -39.37
N LYS B 322 -4.49 21.71 -38.31
CA LYS B 322 -3.74 22.75 -37.61
C LYS B 322 -3.84 22.50 -36.10
N ILE B 323 -2.76 22.84 -35.41
CA ILE B 323 -2.70 22.77 -33.95
C ILE B 323 -3.04 24.13 -33.37
N VAL B 324 -3.87 24.15 -32.33
CA VAL B 324 -4.20 25.36 -31.60
C VAL B 324 -4.07 25.08 -30.11
N TYR B 325 -3.93 26.15 -29.33
CA TYR B 325 -3.67 26.06 -27.89
C TYR B 325 -4.70 26.90 -27.14
N PRO B 326 -5.95 26.42 -27.08
CA PRO B 326 -7.00 27.21 -26.41
C PRO B 326 -6.85 27.34 -24.92
N TYR B 327 -6.02 26.50 -24.29
CA TYR B 327 -5.78 26.58 -22.85
C TYR B 327 -4.34 26.17 -22.59
N ASP B 328 -3.59 27.04 -21.91
CA ASP B 328 -2.20 26.76 -21.58
C ASP B 328 -1.84 27.63 -20.39
N THR B 329 -1.59 26.98 -19.25
CA THR B 329 -1.29 27.69 -18.01
C THR B 329 0.13 28.25 -17.97
N THR B 330 1.05 27.72 -18.79
CA THR B 330 2.46 28.01 -18.57
C THR B 330 2.80 29.47 -18.88
N PRO B 331 2.18 30.12 -19.87
CA PRO B 331 2.36 31.58 -20.00
C PRO B 331 2.08 32.32 -18.70
N PHE B 332 0.98 31.98 -18.01
CA PHE B 332 0.70 32.58 -16.71
C PHE B 332 1.81 32.27 -15.72
N VAL B 333 2.17 30.98 -15.60
CA VAL B 333 3.18 30.57 -14.62
C VAL B 333 4.50 31.30 -14.89
N LYS B 334 4.84 31.48 -16.15
CA LYS B 334 6.08 32.18 -16.49
C LYS B 334 6.01 33.63 -16.04
N ILE B 335 4.86 34.28 -16.19
CA ILE B 335 4.71 35.66 -15.74
C ILE B 335 4.83 35.75 -14.23
N SER B 336 4.21 34.81 -13.50
CA SER B 336 4.31 34.81 -12.05
C SER B 336 5.76 34.78 -11.60
N ILE B 337 6.54 33.81 -12.12
CA ILE B 337 7.94 33.70 -11.72
C ILE B 337 8.68 34.98 -12.07
N HIS B 338 8.46 35.51 -13.26
CA HIS B 338 9.11 36.76 -13.65
C HIS B 338 8.74 37.89 -12.72
N GLU B 339 7.45 38.03 -12.43
CA GLU B 339 7.01 39.12 -11.56
C GLU B 339 7.58 38.97 -10.15
N VAL B 340 7.65 37.74 -9.64
CA VAL B 340 8.14 37.54 -8.28
C VAL B 340 9.63 37.82 -8.20
N VAL B 341 10.40 37.29 -9.16
CA VAL B 341 11.83 37.60 -9.23
C VAL B 341 12.03 39.10 -9.34
N LYS B 342 11.17 39.78 -10.10
CA LYS B 342 11.23 41.23 -10.20
C LYS B 342 11.03 41.88 -8.82
N THR B 343 10.00 41.43 -8.09
CA THR B 343 9.72 42.01 -6.78
C THR B 343 10.91 41.84 -5.84
N LEU B 344 11.54 40.66 -5.86
CA LEU B 344 12.66 40.40 -4.95
C LEU B 344 13.88 41.23 -5.33
N VAL B 345 14.15 41.36 -6.63
CA VAL B 345 15.27 42.18 -7.07
C VAL B 345 15.03 43.65 -6.72
N GLU B 346 13.86 44.18 -7.10
CA GLU B 346 13.52 45.55 -6.77
C GLU B 346 13.56 45.79 -5.25
N ALA B 347 13.11 44.81 -4.46
CA ALA B 347 13.18 44.94 -3.02
C ALA B 347 14.63 45.07 -2.56
N ILE B 348 15.53 44.32 -3.18
CA ILE B 348 16.93 44.40 -2.81
C ILE B 348 17.53 45.72 -3.25
N ILE B 349 17.09 46.25 -4.39
CA ILE B 349 17.55 47.56 -4.84
C ILE B 349 17.05 48.65 -3.91
N LEU B 350 15.78 48.57 -3.51
CA LEU B 350 15.22 49.59 -2.63
C LEU B 350 15.93 49.61 -1.29
N VAL B 351 16.26 48.44 -0.75
CA VAL B 351 17.05 48.40 0.48
C VAL B 351 18.40 49.07 0.27
N PHE B 352 19.01 48.84 -0.90
CA PHE B 352 20.28 49.49 -1.22
C PHE B 352 20.13 51.01 -1.17
N LEU B 353 19.08 51.53 -1.79
CA LEU B 353 18.87 52.98 -1.82
C LEU B 353 18.60 53.53 -0.42
N VAL B 354 17.71 52.88 0.33
CA VAL B 354 17.40 53.35 1.68
C VAL B 354 18.63 53.26 2.57
N MET B 355 19.43 52.21 2.40
CA MET B 355 20.64 52.07 3.20
C MET B 355 21.63 53.19 2.90
N TYR B 356 21.73 53.60 1.64
CA TYR B 356 22.64 54.68 1.30
C TYR B 356 22.08 56.04 1.73
N LEU B 357 20.78 56.25 1.57
CA LEU B 357 20.15 57.49 2.01
C LEU B 357 20.46 57.77 3.47
N PHE B 358 20.33 56.77 4.33
CA PHE B 358 20.47 56.95 5.77
C PHE B 358 21.89 56.76 6.26
N LEU B 359 22.62 55.80 5.70
CA LEU B 359 23.96 55.47 6.19
C LEU B 359 25.07 56.06 5.33
N GLN B 360 24.80 56.36 4.06
CA GLN B 360 25.66 57.20 3.25
C GLN B 360 27.07 56.63 3.11
N ASN B 361 27.16 55.30 3.02
CA ASN B 361 28.41 54.66 2.64
C ASN B 361 28.06 53.35 1.93
N PHE B 362 28.81 53.04 0.87
CA PHE B 362 28.48 51.88 0.05
C PHE B 362 28.82 50.57 0.76
N ARG B 363 29.83 50.58 1.64
CA ARG B 363 30.20 49.35 2.32
C ARG B 363 29.05 48.78 3.13
N ALA B 364 28.23 49.66 3.73
CA ALA B 364 27.08 49.17 4.49
C ALA B 364 25.98 48.67 3.57
N THR B 365 25.80 49.32 2.42
CA THR B 365 24.76 48.90 1.49
C THR B 365 25.02 47.50 0.93
N LEU B 366 26.25 47.03 0.98
CA LEU B 366 26.57 45.73 0.41
C LEU B 366 26.15 44.58 1.31
N ILE B 367 26.00 44.82 2.61
CA ILE B 367 25.83 43.74 3.57
C ILE B 367 24.43 43.13 3.41
N PRO B 368 23.36 43.91 3.32
CA PRO B 368 22.06 43.31 3.00
C PRO B 368 22.00 42.75 1.59
N THR B 369 22.74 43.36 0.66
CA THR B 369 22.75 42.87 -0.71
C THR B 369 23.32 41.47 -0.80
N ILE B 370 24.18 41.10 0.14
CA ILE B 370 24.68 39.74 0.26
C ILE B 370 23.72 38.88 1.08
N ALA B 371 23.30 39.38 2.23
CA ALA B 371 22.57 38.55 3.19
C ALA B 371 21.23 38.09 2.63
N VAL B 372 20.49 38.97 1.98
CA VAL B 372 19.12 38.65 1.57
C VAL B 372 19.13 37.58 0.49
N PRO B 373 19.98 37.68 -0.55
CA PRO B 373 20.04 36.57 -1.53
C PRO B 373 20.43 35.24 -0.91
N VAL B 374 21.37 35.24 0.03
CA VAL B 374 21.75 34.01 0.70
C VAL B 374 20.54 33.38 1.38
N VAL B 375 19.74 34.19 2.08
CA VAL B 375 18.58 33.66 2.77
C VAL B 375 17.58 33.09 1.77
N LEU B 376 17.31 33.83 0.70
CA LEU B 376 16.35 33.35 -0.29
C LEU B 376 16.81 32.02 -0.90
N LEU B 377 18.11 31.92 -1.22
CA LEU B 377 18.62 30.68 -1.79
C LEU B 377 18.49 29.52 -0.81
N GLY B 378 18.84 29.75 0.45
CA GLY B 378 18.67 28.71 1.45
C GLY B 378 17.23 28.28 1.60
N THR B 379 16.29 29.21 1.42
CA THR B 379 14.87 28.87 1.52
C THR B 379 14.46 27.87 0.44
N PHE B 380 14.96 28.05 -0.79
CA PHE B 380 14.66 27.07 -1.83
C PHE B 380 15.19 25.69 -1.47
N ALA B 381 16.37 25.65 -0.84
CA ALA B 381 16.94 24.37 -0.42
C ALA B 381 16.05 23.68 0.60
N VAL B 382 15.53 24.44 1.57
CA VAL B 382 14.64 23.85 2.57
C VAL B 382 13.34 23.42 1.90
N LEU B 383 12.83 24.25 0.98
CA LEU B 383 11.63 23.90 0.24
C LEU B 383 11.79 22.57 -0.46
N ALA B 384 12.89 22.42 -1.21
CA ALA B 384 13.19 21.14 -1.85
C ALA B 384 13.24 20.01 -0.82
N ALA B 385 13.96 20.25 0.29
CA ALA B 385 14.07 19.21 1.31
C ALA B 385 12.71 18.75 1.79
N PHE B 386 11.79 19.69 2.00
CA PHE B 386 10.43 19.35 2.42
C PHE B 386 9.58 18.79 1.27
N GLY B 387 10.12 18.74 0.05
CA GLY B 387 9.38 18.19 -1.06
C GLY B 387 8.38 19.14 -1.70
N PHE B 388 8.55 20.44 -1.51
CA PHE B 388 7.62 21.42 -2.06
C PHE B 388 8.02 21.77 -3.50
N SER B 389 7.14 22.49 -4.17
CA SER B 389 7.38 22.95 -5.53
C SER B 389 7.42 24.47 -5.57
N ILE B 390 7.99 24.98 -6.66
CA ILE B 390 7.88 26.38 -7.01
C ILE B 390 6.50 26.55 -7.66
N ASN B 391 5.59 27.21 -6.95
CA ASN B 391 4.23 27.38 -7.44
C ASN B 391 3.72 28.75 -6.99
N THR B 392 2.50 29.10 -7.46
CA THR B 392 1.94 30.41 -7.16
C THR B 392 1.96 30.70 -5.67
N LEU B 393 1.67 29.69 -4.85
CA LEU B 393 1.54 29.91 -3.41
C LEU B 393 2.90 30.06 -2.74
N THR B 394 3.84 29.16 -3.06
CA THR B 394 5.14 29.25 -2.42
C THR B 394 5.89 30.51 -2.84
N MET B 395 5.67 30.98 -4.08
N MET B 395 5.68 30.95 -4.08
CA MET B 395 6.41 32.16 -4.53
CA MET B 395 6.35 32.15 -4.57
C MET B 395 5.86 33.44 -3.90
C MET B 395 5.85 33.38 -3.84
N PHE B 396 4.54 33.54 -3.73
CA PHE B 396 3.99 34.68 -3.02
C PHE B 396 4.28 34.60 -1.53
N GLY B 397 4.43 33.39 -0.99
CA GLY B 397 4.90 33.25 0.37
C GLY B 397 6.24 33.93 0.59
N MET B 398 7.15 33.79 -0.38
CA MET B 398 8.44 34.47 -0.24
C MET B 398 8.29 35.98 -0.39
N VAL B 399 7.40 36.43 -1.27
CA VAL B 399 7.11 37.86 -1.35
C VAL B 399 6.58 38.37 -0.02
N LEU B 400 5.63 37.64 0.58
CA LEU B 400 5.06 38.08 1.85
C LEU B 400 6.06 38.07 2.98
N ALA B 401 7.20 37.40 2.81
CA ALA B 401 8.23 37.34 3.82
C ALA B 401 9.33 38.37 3.61
N ILE B 402 9.21 39.22 2.58
CA ILE B 402 10.31 40.10 2.20
C ILE B 402 10.62 41.09 3.33
N GLY B 403 9.58 41.71 3.88
CA GLY B 403 9.80 42.65 4.97
C GLY B 403 10.59 42.04 6.10
N LEU B 404 10.23 40.81 6.49
CA LEU B 404 10.93 40.15 7.58
C LEU B 404 12.40 39.93 7.25
N LEU B 405 12.71 39.52 6.01
CA LEU B 405 14.09 39.27 5.62
C LEU B 405 14.88 40.56 5.51
N VAL B 406 14.30 41.55 4.83
CA VAL B 406 14.95 42.86 4.72
C VAL B 406 15.22 43.42 6.11
N ASP B 407 14.28 43.20 7.05
CA ASP B 407 14.42 43.80 8.36
C ASP B 407 15.60 43.21 9.14
N ASP B 408 15.80 41.90 9.07
CA ASP B 408 16.94 41.30 9.76
C ASP B 408 18.25 41.91 9.28
N ALA B 409 18.33 42.23 7.99
CA ALA B 409 19.57 42.81 7.46
C ALA B 409 19.74 44.25 7.94
N ILE B 410 18.69 45.07 7.78
CA ILE B 410 18.75 46.46 8.21
C ILE B 410 19.04 46.55 9.71
N VAL B 411 18.33 45.75 10.52
CA VAL B 411 18.47 45.85 11.97
C VAL B 411 19.89 45.60 12.41
N VAL B 412 20.52 44.55 11.87
CA VAL B 412 21.87 44.20 12.32
C VAL B 412 22.86 45.28 11.92
N VAL B 413 22.79 45.76 10.68
CA VAL B 413 23.78 46.71 10.19
C VAL B 413 23.55 48.09 10.79
N GLU B 414 22.30 48.53 10.85
CA GLU B 414 22.01 49.86 11.38
C GLU B 414 22.46 49.97 12.84
N ASN B 415 22.27 48.92 13.62
CA ASN B 415 22.63 49.01 15.04
C ASN B 415 24.13 49.16 15.21
N VAL B 416 24.92 48.48 14.38
CA VAL B 416 26.38 48.66 14.47
C VAL B 416 26.76 50.08 14.10
N GLU B 417 26.11 50.64 13.07
CA GLU B 417 26.42 52.00 12.65
C GLU B 417 26.09 52.99 13.77
N ARG B 418 24.94 52.82 14.42
CA ARG B 418 24.61 53.69 15.55
C ARG B 418 25.64 53.56 16.66
N VAL B 419 25.95 52.34 17.08
CA VAL B 419 26.90 52.13 18.17
C VAL B 419 28.22 52.83 17.87
N MET B 420 28.71 52.72 16.63
CA MET B 420 29.97 53.37 16.29
C MET B 420 29.86 54.88 16.40
N ALA B 421 28.76 55.46 15.89
CA ALA B 421 28.62 56.90 15.91
C ALA B 421 28.38 57.45 17.31
N GLU B 422 27.88 56.63 18.23
CA GLU B 422 27.56 57.09 19.57
C GLU B 422 28.67 56.85 20.57
N GLU B 423 29.61 55.95 20.28
CA GLU B 423 30.71 55.66 21.19
C GLU B 423 32.07 55.65 20.54
N GLY B 424 32.16 55.74 19.21
CA GLY B 424 33.45 55.76 18.55
C GLY B 424 34.20 54.45 18.57
N LEU B 425 33.53 53.34 18.85
CA LEU B 425 34.20 52.05 18.87
C LEU B 425 34.58 51.61 17.46
N PRO B 426 35.66 50.86 17.30
CA PRO B 426 36.01 50.31 15.98
C PRO B 426 34.96 49.32 15.51
N PRO B 427 34.88 49.08 14.19
CA PRO B 427 33.84 48.16 13.68
C PRO B 427 33.75 46.83 14.41
N LYS B 428 34.89 46.16 14.64
CA LYS B 428 34.85 44.84 15.27
C LYS B 428 34.28 44.92 16.68
N GLU B 429 34.82 45.81 17.51
CA GLU B 429 34.30 45.96 18.86
C GLU B 429 32.87 46.46 18.85
N ALA B 430 32.53 47.34 17.90
CA ALA B 430 31.16 47.82 17.77
C ALA B 430 30.20 46.68 17.45
N THR B 431 30.58 45.82 16.50
CA THR B 431 29.72 44.70 16.13
C THR B 431 29.52 43.76 17.32
N ARG B 432 30.57 43.49 18.08
CA ARG B 432 30.41 42.69 19.29
C ARG B 432 29.39 43.29 20.24
N LYS B 433 29.53 44.58 20.54
CA LYS B 433 28.59 45.24 21.45
C LYS B 433 27.19 45.31 20.82
N SER B 434 27.13 45.61 19.52
CA SER B 434 25.83 45.71 18.87
C SER B 434 25.09 44.38 18.92
N MET B 435 25.76 43.28 18.55
CA MET B 435 25.10 41.98 18.58
C MET B 435 24.70 41.59 19.99
N GLY B 436 25.49 41.96 20.99
CA GLY B 436 25.11 41.69 22.36
C GLY B 436 23.81 42.37 22.75
N GLN B 437 23.46 43.47 22.06
CA GLN B 437 22.23 44.19 22.39
C GLN B 437 21.00 43.56 21.75
N ILE B 438 21.15 42.85 20.64
CA ILE B 438 20.01 42.39 19.85
C ILE B 438 19.95 40.87 19.68
N GLN B 439 20.99 40.12 20.03
CA GLN B 439 21.02 38.70 19.70
C GLN B 439 19.94 37.92 20.45
N GLY B 440 19.76 38.21 21.75
CA GLY B 440 18.69 37.57 22.48
C GLY B 440 17.32 37.86 21.89
N ALA B 441 17.09 39.11 21.49
CA ALA B 441 15.81 39.49 20.89
C ALA B 441 15.60 38.80 19.55
N LEU B 442 16.66 38.70 18.74
CA LEU B 442 16.54 38.02 17.45
C LEU B 442 16.09 36.57 17.64
N VAL B 443 16.64 35.89 18.65
CA VAL B 443 16.23 34.52 18.93
C VAL B 443 14.78 34.50 19.42
N GLY B 444 14.43 35.39 20.35
CA GLY B 444 13.05 35.46 20.79
C GLY B 444 12.10 35.77 19.66
N ILE B 445 12.51 36.66 18.76
CA ILE B 445 11.71 36.99 17.58
C ILE B 445 11.50 35.75 16.73
N ALA B 446 12.54 34.93 16.57
CA ALA B 446 12.42 33.71 15.78
C ALA B 446 11.41 32.76 16.41
N MET B 447 11.49 32.57 17.72
CA MET B 447 10.52 31.71 18.40
C MET B 447 9.12 32.29 18.29
N VAL B 448 8.97 33.60 18.48
CA VAL B 448 7.65 34.22 18.43
C VAL B 448 7.04 34.05 17.04
N LEU B 449 7.82 34.34 16.00
CA LEU B 449 7.31 34.18 14.65
C LEU B 449 6.99 32.73 14.33
N SER B 450 7.78 31.78 14.86
CA SER B 450 7.44 30.37 14.67
C SER B 450 6.10 30.04 15.33
N ALA B 451 5.87 30.58 16.53
CA ALA B 451 4.60 30.37 17.21
C ALA B 451 3.44 30.94 16.41
N VAL B 452 3.68 32.01 15.64
CA VAL B 452 2.64 32.62 14.83
C VAL B 452 2.33 31.75 13.61
N PHE B 453 3.37 31.32 12.89
CA PHE B 453 3.18 30.73 11.57
C PHE B 453 3.07 29.20 11.58
N VAL B 454 3.76 28.52 12.50
CA VAL B 454 3.76 27.05 12.46
C VAL B 454 2.36 26.48 12.66
N PRO B 455 1.56 26.93 13.63
CA PRO B 455 0.23 26.34 13.80
C PRO B 455 -0.63 26.45 12.55
N MET B 456 -0.37 27.46 11.72
CA MET B 456 -1.10 27.64 10.47
C MET B 456 -0.92 26.45 9.53
N ALA B 457 0.12 25.65 9.71
CA ALA B 457 0.33 24.48 8.89
C ALA B 457 -0.49 23.28 9.34
N PHE B 458 -1.20 23.38 10.46
CA PHE B 458 -1.90 22.25 11.02
C PHE B 458 -3.41 22.33 10.83
N PHE B 459 -3.89 23.21 9.97
CA PHE B 459 -5.26 23.11 9.50
C PHE B 459 -5.40 21.90 8.58
N GLY B 460 -6.56 21.26 8.64
CA GLY B 460 -6.79 20.08 7.84
C GLY B 460 -7.45 20.38 6.52
N GLY B 461 -7.55 19.36 5.68
CA GLY B 461 -8.30 19.52 4.45
C GLY B 461 -7.60 20.42 3.44
N SER B 462 -8.42 20.96 2.53
CA SER B 462 -7.89 21.73 1.41
C SER B 462 -7.35 23.09 1.85
N THR B 463 -8.07 23.76 2.75
CA THR B 463 -7.58 25.06 3.22
C THR B 463 -6.28 24.89 3.98
N GLY B 464 -6.18 23.85 4.79
CA GLY B 464 -4.93 23.57 5.48
C GLY B 464 -3.78 23.33 4.53
N ALA B 465 -4.05 22.62 3.42
CA ALA B 465 -3.00 22.39 2.43
C ALA B 465 -2.52 23.72 1.84
N ILE B 466 -3.44 24.64 1.57
CA ILE B 466 -3.06 25.95 1.08
C ILE B 466 -2.25 26.71 2.13
N TYR B 467 -2.79 26.79 3.34
CA TYR B 467 -2.09 27.51 4.40
C TYR B 467 -0.71 26.92 4.66
N ARG B 468 -0.59 25.60 4.57
CA ARG B 468 0.68 24.94 4.83
C ARG B 468 1.76 25.38 3.85
N GLN B 469 1.38 25.66 2.60
CA GLN B 469 2.35 26.16 1.63
C GLN B 469 2.98 27.47 2.12
N PHE B 470 2.14 28.41 2.55
CA PHE B 470 2.66 29.69 3.06
C PHE B 470 3.42 29.48 4.36
N SER B 471 2.89 28.66 5.25
CA SER B 471 3.49 28.48 6.57
C SER B 471 4.92 27.95 6.46
N ILE B 472 5.11 26.87 5.72
CA ILE B 472 6.45 26.29 5.62
C ILE B 472 7.40 27.25 4.90
N THR B 473 6.91 27.92 3.86
CA THR B 473 7.77 28.84 3.13
C THR B 473 8.22 29.99 4.03
N ILE B 474 7.28 30.58 4.78
CA ILE B 474 7.61 31.77 5.57
C ILE B 474 8.47 31.39 6.78
N VAL B 475 8.08 30.35 7.49
CA VAL B 475 8.86 29.90 8.65
C VAL B 475 10.28 29.55 8.24
N SER B 476 10.44 28.87 7.09
CA SER B 476 11.76 28.49 6.62
C SER B 476 12.60 29.73 6.30
N ALA B 477 12.02 30.67 5.56
CA ALA B 477 12.74 31.90 5.23
C ALA B 477 13.09 32.67 6.49
N MET B 478 12.12 32.81 7.40
CA MET B 478 12.34 33.52 8.64
C MET B 478 13.43 32.86 9.47
N ALA B 479 13.44 31.52 9.52
CA ALA B 479 14.45 30.82 10.32
C ALA B 479 15.84 30.98 9.73
N LEU B 480 15.94 30.93 8.40
CA LEU B 480 17.23 31.17 7.75
C LEU B 480 17.68 32.61 7.93
N SER B 481 16.72 33.54 7.90
CA SER B 481 17.07 34.96 8.09
C SER B 481 17.76 35.17 9.43
N VAL B 482 17.22 34.59 10.49
CA VAL B 482 17.80 34.78 11.82
C VAL B 482 19.15 34.06 11.93
N LEU B 483 19.25 32.85 11.37
CA LEU B 483 20.56 32.19 11.34
C LEU B 483 21.59 33.06 10.64
N VAL B 484 21.21 33.65 9.50
CA VAL B 484 22.15 34.49 8.76
C VAL B 484 22.45 35.76 9.54
N ALA B 485 21.49 36.28 10.31
CA ALA B 485 21.70 37.47 11.11
C ALA B 485 22.62 37.20 12.29
N LEU B 486 22.69 35.96 12.75
CA LEU B 486 23.54 35.58 13.86
C LEU B 486 24.89 35.04 13.42
N ILE B 487 25.07 34.72 12.14
CA ILE B 487 26.29 34.05 11.68
C ILE B 487 27.03 34.92 10.69
N LEU B 488 26.35 35.33 9.62
CA LEU B 488 27.01 35.96 8.49
C LEU B 488 27.09 37.49 8.63
N THR B 489 25.95 38.15 8.80
CA THR B 489 25.96 39.61 8.82
C THR B 489 26.83 40.19 9.93
N PRO B 490 26.92 39.60 11.13
CA PRO B 490 27.93 40.10 12.09
C PRO B 490 29.34 40.03 11.55
N ALA B 491 29.71 38.92 10.91
CA ALA B 491 31.03 38.80 10.32
C ALA B 491 31.23 39.84 9.23
N LEU B 492 30.20 40.09 8.43
CA LEU B 492 30.32 41.11 7.37
C LEU B 492 30.43 42.50 7.98
N CYS B 493 29.68 42.78 9.04
CA CYS B 493 29.76 44.08 9.69
C CYS B 493 31.17 44.33 10.22
N ALA B 494 31.73 43.36 10.94
CA ALA B 494 33.03 43.52 11.57
C ALA B 494 34.15 43.69 10.54
N THR B 495 34.02 43.07 9.36
CA THR B 495 35.10 43.09 8.38
C THR B 495 34.91 44.15 7.29
N MET B 496 33.69 44.63 7.07
CA MET B 496 33.42 45.51 5.93
C MET B 496 33.15 46.95 6.31
N LEU B 497 32.60 47.22 7.49
CA LEU B 497 32.23 48.58 7.85
C LEU B 497 33.46 49.39 8.25
N LYS B 498 33.47 50.66 7.85
CA LYS B 498 34.53 51.58 8.25
C LYS B 498 34.16 52.32 9.54
N PRO B 499 35.14 52.77 10.30
CA PRO B 499 34.83 53.41 11.59
C PRO B 499 34.06 54.70 11.42
N ILE B 500 33.44 55.13 12.52
CA ILE B 500 32.76 56.42 12.59
C ILE B 500 33.23 57.12 13.87
N ALA B 501 33.62 58.38 13.73
CA ALA B 501 34.09 59.14 14.88
C ALA B 501 32.95 59.39 15.85
N LYS B 502 33.25 59.23 17.14
CA LYS B 502 32.27 59.48 18.18
C LYS B 502 31.61 60.84 17.98
N GLY B 503 30.27 60.86 18.01
CA GLY B 503 29.51 62.07 17.81
C GLY B 503 29.21 62.41 16.36
N ASP B 504 29.83 61.73 15.40
CA ASP B 504 29.68 62.07 13.99
C ASP B 504 28.35 61.55 13.46
N HIS B 505 27.40 62.47 13.24
CA HIS B 505 26.10 62.13 12.68
C HIS B 505 25.89 62.78 11.31
N GLY B 506 26.98 63.16 10.64
CA GLY B 506 26.92 63.69 9.30
C GLY B 506 26.29 65.06 9.17
N GLU B 507 26.02 65.74 10.28
CA GLU B 507 25.42 67.06 10.19
C GLU B 507 26.39 68.07 9.59
N GLY B 508 27.69 67.83 9.71
CA GLY B 508 28.70 68.69 9.11
C GLY B 508 28.95 68.47 7.65
N LYS B 509 28.36 67.43 7.06
CA LYS B 509 28.50 67.21 5.63
C LYS B 509 27.84 68.34 4.86
N LYS B 510 28.17 68.43 3.58
CA LYS B 510 27.62 69.44 2.69
C LYS B 510 26.68 68.78 1.68
N GLY B 511 25.93 69.63 0.99
CA GLY B 511 25.03 69.13 -0.04
C GLY B 511 23.81 68.43 0.54
N PHE B 512 23.28 67.48 -0.23
CA PHE B 512 22.03 66.85 0.13
C PHE B 512 22.14 66.04 1.42
N PHE B 513 23.22 65.27 1.57
CA PHE B 513 23.31 64.37 2.72
C PHE B 513 23.54 65.13 4.02
N GLY B 514 24.30 66.23 3.97
CA GLY B 514 24.39 67.08 5.14
C GLY B 514 23.06 67.66 5.54
N TRP B 515 22.31 68.17 4.55
CA TRP B 515 20.97 68.67 4.82
C TRP B 515 20.04 67.56 5.32
N PHE B 516 20.16 66.37 4.73
CA PHE B 516 19.30 65.27 5.16
C PHE B 516 19.57 64.91 6.61
N ASN B 517 20.85 64.83 6.99
CA ASN B 517 21.20 64.42 8.34
C ASN B 517 20.70 65.43 9.37
N ARG B 518 20.88 66.72 9.10
CA ARG B 518 20.33 67.74 9.98
C ARG B 518 18.82 67.61 10.06
N MET B 519 18.17 67.47 8.91
CA MET B 519 16.72 67.30 8.90
C MET B 519 16.31 66.11 9.77
N PHE B 520 17.00 64.99 9.62
CA PHE B 520 16.55 63.79 10.33
C PHE B 520 16.89 63.86 11.83
N GLU B 521 18.05 64.42 12.18
CA GLU B 521 18.36 64.60 13.59
C GLU B 521 17.36 65.50 14.27
N LYS B 522 16.98 66.60 13.60
CA LYS B 522 15.96 67.47 14.16
C LYS B 522 14.61 66.75 14.23
N SER B 523 14.28 65.97 13.20
CA SER B 523 13.00 65.25 13.23
C SER B 523 12.96 64.22 14.33
N THR B 524 14.10 63.62 14.67
CA THR B 524 14.13 62.66 15.78
C THR B 524 13.80 63.35 17.10
N HIS B 525 14.35 64.54 17.33
CA HIS B 525 14.03 65.29 18.54
C HIS B 525 12.56 65.67 18.58
N HIS B 526 12.00 66.08 17.44
CA HIS B 526 10.56 66.32 17.39
C HIS B 526 9.79 65.05 17.75
N TYR B 527 10.30 63.90 17.33
CA TYR B 527 9.63 62.64 17.62
C TYR B 527 9.66 62.34 19.12
N THR B 528 10.84 62.43 19.74
CA THR B 528 10.94 62.13 21.16
C THR B 528 10.17 63.15 22.01
N ASP B 529 10.13 64.41 21.58
CA ASP B 529 9.30 65.40 22.26
C ASP B 529 7.83 64.97 22.25
N SER B 530 7.34 64.53 21.08
CA SER B 530 5.95 64.11 20.97
C SER B 530 5.67 62.91 21.88
N VAL B 531 6.59 61.94 21.91
CA VAL B 531 6.39 60.79 22.78
C VAL B 531 6.38 61.23 24.24
N GLY B 532 7.24 62.20 24.59
CA GLY B 532 7.19 62.76 25.93
C GLY B 532 5.81 63.28 26.28
N GLY B 533 5.23 64.08 25.39
CA GLY B 533 3.88 64.59 25.63
C GLY B 533 2.84 63.49 25.66
N ILE B 534 2.96 62.51 24.76
CA ILE B 534 2.08 61.34 24.79
C ILE B 534 2.16 60.67 26.16
N LEU B 535 3.38 60.44 26.65
CA LEU B 535 3.54 59.71 27.91
C LEU B 535 3.11 60.54 29.12
N ARG B 536 2.93 61.85 28.94
CA ARG B 536 2.39 62.69 30.01
C ARG B 536 0.89 62.57 30.15
N SER B 537 0.23 61.90 29.20
CA SER B 537 -1.22 61.83 29.15
C SER B 537 -1.64 60.52 28.47
N THR B 538 -1.33 59.40 29.12
CA THR B 538 -1.51 58.10 28.46
C THR B 538 -2.98 57.69 28.38
N GLY B 539 -3.77 57.99 29.41
CA GLY B 539 -5.15 57.54 29.42
C GLY B 539 -5.90 57.90 28.15
N ARG B 540 -5.65 59.09 27.62
CA ARG B 540 -6.27 59.50 26.37
C ARG B 540 -5.91 58.57 25.23
N TYR B 541 -4.68 58.05 25.22
CA TYR B 541 -4.29 57.16 24.13
C TYR B 541 -4.76 55.73 24.35
N LEU B 542 -4.94 55.31 25.60
CA LEU B 542 -5.60 54.03 25.84
C LEU B 542 -7.02 54.04 25.30
N VAL B 543 -7.69 55.19 25.38
CA VAL B 543 -9.03 55.32 24.81
C VAL B 543 -8.95 55.22 23.28
N LEU B 544 -8.00 55.91 22.67
CA LEU B 544 -7.85 55.85 21.23
C LEU B 544 -7.50 54.44 20.77
N TYR B 545 -6.75 53.69 21.59
CA TYR B 545 -6.44 52.30 21.25
C TYR B 545 -7.72 51.46 21.20
N LEU B 546 -8.57 51.59 22.23
CA LEU B 546 -9.82 50.84 22.22
C LEU B 546 -10.68 51.22 21.02
N ILE B 547 -10.66 52.50 20.62
CA ILE B 547 -11.35 52.92 19.41
C ILE B 547 -10.81 52.14 18.21
N ILE B 548 -9.48 52.13 18.05
CA ILE B 548 -8.85 51.36 16.97
C ILE B 548 -9.31 49.90 17.02
N VAL B 549 -9.29 49.31 18.22
CA VAL B 549 -9.68 47.90 18.35
C VAL B 549 -11.12 47.71 17.89
N VAL B 550 -12.01 48.63 18.28
CA VAL B 550 -13.41 48.51 17.91
C VAL B 550 -13.59 48.73 16.41
N GLY B 551 -12.88 49.71 15.85
CA GLY B 551 -12.96 49.91 14.41
C GLY B 551 -12.41 48.73 13.64
N MET B 552 -11.35 48.11 14.16
CA MET B 552 -10.83 46.88 13.55
C MET B 552 -11.90 45.80 13.52
N ALA B 553 -12.45 45.46 14.69
CA ALA B 553 -13.50 44.45 14.78
C ALA B 553 -14.64 44.77 13.82
N TYR B 554 -15.14 45.99 13.86
CA TYR B 554 -16.23 46.38 12.97
C TYR B 554 -15.85 46.15 11.51
N LEU B 555 -14.71 46.70 11.09
CA LEU B 555 -14.29 46.54 9.70
C LEU B 555 -14.04 45.08 9.37
N PHE B 556 -13.64 44.28 10.36
CA PHE B 556 -13.41 42.86 10.13
C PHE B 556 -14.72 42.13 9.81
N VAL B 557 -15.76 42.41 10.60
CA VAL B 557 -17.04 41.71 10.43
C VAL B 557 -17.65 42.03 9.07
N ARG B 558 -17.48 43.28 8.60
CA ARG B 558 -18.09 43.70 7.34
C ARG B 558 -17.29 43.31 6.11
N LEU B 559 -16.04 42.87 6.27
CA LEU B 559 -15.20 42.59 5.11
C LEU B 559 -15.55 41.23 4.52
N PRO B 560 -16.08 41.18 3.30
CA PRO B 560 -16.47 39.88 2.72
C PRO B 560 -15.28 38.95 2.58
N SER B 561 -15.50 37.68 2.92
CA SER B 561 -14.45 36.68 2.92
C SER B 561 -14.57 35.80 1.68
N SER B 562 -13.42 35.48 1.10
CA SER B 562 -13.31 34.53 0.00
C SER B 562 -12.03 33.73 0.20
N PHE B 563 -11.68 32.90 -0.79
CA PHE B 563 -10.52 32.03 -0.70
C PHE B 563 -9.38 32.56 -1.57
N LEU B 564 -9.53 32.55 -2.90
CA LEU B 564 -8.49 33.05 -3.78
C LEU B 564 -9.11 33.97 -4.81
N PRO B 565 -8.45 35.07 -5.16
CA PRO B 565 -9.07 36.05 -6.06
C PRO B 565 -9.12 35.58 -7.50
N ASP B 566 -10.23 35.88 -8.15
CA ASP B 566 -10.36 35.60 -9.58
C ASP B 566 -9.22 36.25 -10.35
N GLU B 567 -8.89 35.67 -11.49
CA GLU B 567 -7.83 36.16 -12.33
C GLU B 567 -8.31 36.20 -13.77
N ASP B 568 -7.75 37.12 -14.55
CA ASP B 568 -7.97 37.13 -15.99
C ASP B 568 -6.96 36.15 -16.59
N GLN B 569 -7.32 34.88 -16.55
CA GLN B 569 -6.47 33.81 -17.04
C GLN B 569 -6.52 33.65 -18.55
N GLY B 570 -7.11 34.60 -19.26
CA GLY B 570 -7.18 34.54 -20.70
C GLY B 570 -8.21 33.59 -21.25
N VAL B 571 -9.08 33.04 -20.39
CA VAL B 571 -10.08 32.06 -20.80
C VAL B 571 -11.27 32.16 -19.87
N PHE B 572 -12.44 31.81 -20.37
CA PHE B 572 -13.64 31.71 -19.55
C PHE B 572 -14.65 30.85 -20.29
N MET B 573 -15.71 30.46 -19.58
CA MET B 573 -16.72 29.56 -20.09
C MET B 573 -18.03 30.28 -20.33
N THR B 574 -18.85 29.67 -21.18
CA THR B 574 -20.23 30.09 -21.40
C THR B 574 -21.11 28.86 -21.29
N MET B 575 -21.95 28.81 -20.26
CA MET B 575 -22.95 27.75 -20.12
C MET B 575 -24.07 27.97 -21.12
N VAL B 576 -24.53 26.87 -21.71
CA VAL B 576 -25.66 26.88 -22.64
C VAL B 576 -26.57 25.73 -22.21
N GLN B 577 -27.72 26.07 -21.65
CA GLN B 577 -28.69 25.08 -21.18
C GLN B 577 -30.04 25.36 -21.84
N LEU B 578 -30.53 24.39 -22.59
CA LEU B 578 -31.83 24.45 -23.24
C LEU B 578 -32.85 23.65 -22.44
N PRO B 579 -34.14 23.88 -22.68
CA PRO B 579 -35.17 23.12 -21.97
C PRO B 579 -34.97 21.63 -22.05
N ALA B 580 -35.66 20.89 -21.19
CA ALA B 580 -35.59 19.44 -21.21
C ALA B 580 -36.13 18.88 -22.52
N GLY B 581 -35.52 17.80 -23.00
CA GLY B 581 -35.93 17.18 -24.24
C GLY B 581 -35.46 17.89 -25.49
N ALA B 582 -34.78 19.02 -25.35
CA ALA B 582 -34.24 19.73 -26.50
C ALA B 582 -33.20 18.86 -27.22
N THR B 583 -33.22 18.91 -28.55
CA THR B 583 -32.38 18.05 -29.37
C THR B 583 -31.02 18.70 -29.64
N GLN B 584 -30.10 17.85 -30.11
CA GLN B 584 -28.73 18.29 -30.37
C GLN B 584 -28.68 19.45 -31.37
N GLU B 585 -29.50 19.37 -32.42
CA GLU B 585 -29.51 20.44 -33.43
C GLU B 585 -29.97 21.77 -32.83
N ARG B 586 -30.92 21.73 -31.90
CA ARG B 586 -31.36 22.96 -31.26
C ARG B 586 -30.25 23.57 -30.43
N THR B 587 -29.56 22.75 -29.63
CA THR B 587 -28.43 23.26 -28.85
C THR B 587 -27.37 23.84 -29.79
N GLN B 588 -27.18 23.23 -30.95
CA GLN B 588 -26.16 23.70 -31.88
C GLN B 588 -26.49 25.09 -32.41
N LYS B 589 -27.78 25.36 -32.68
CA LYS B 589 -28.17 26.69 -33.12
C LYS B 589 -27.81 27.74 -32.09
N VAL B 590 -28.09 27.46 -30.82
CA VAL B 590 -27.75 28.41 -29.75
C VAL B 590 -26.24 28.59 -29.68
N LEU B 591 -25.48 27.49 -29.73
CA LEU B 591 -24.03 27.61 -29.67
C LEU B 591 -23.49 28.42 -30.83
N ASN B 592 -24.06 28.25 -32.02
CA ASN B 592 -23.66 29.06 -33.15
C ASN B 592 -23.86 30.55 -32.87
N GLU B 593 -25.02 30.91 -32.32
CA GLU B 593 -25.26 32.30 -31.93
C GLU B 593 -24.20 32.78 -30.95
N VAL B 594 -23.90 31.97 -29.94
CA VAL B 594 -22.90 32.34 -28.95
C VAL B 594 -21.55 32.57 -29.63
N THR B 595 -21.10 31.59 -30.41
CA THR B 595 -19.84 31.74 -31.14
C THR B 595 -19.86 32.99 -32.02
N HIS B 596 -20.98 33.25 -32.69
CA HIS B 596 -21.06 34.40 -33.59
C HIS B 596 -20.91 35.70 -32.81
N TYR B 597 -21.49 35.76 -31.61
CA TYR B 597 -21.37 36.96 -30.79
C TYR B 597 -19.91 37.26 -30.45
N TYR B 598 -19.20 36.28 -29.89
CA TYR B 598 -17.84 36.54 -29.43
C TYR B 598 -16.92 36.92 -30.58
N LEU B 599 -17.12 36.35 -31.76
CA LEU B 599 -16.26 36.63 -32.90
C LEU B 599 -16.66 37.90 -33.65
N THR B 600 -17.77 38.54 -33.28
CA THR B 600 -18.20 39.80 -33.86
C THR B 600 -18.12 40.94 -32.85
N LYS B 601 -18.90 40.84 -31.76
CA LYS B 601 -18.97 41.92 -30.78
C LYS B 601 -17.76 41.96 -29.86
N GLU B 602 -16.96 40.88 -29.82
CA GLU B 602 -15.77 40.83 -28.98
C GLU B 602 -14.55 40.44 -29.81
N LYS B 603 -14.55 40.81 -31.09
CA LYS B 603 -13.52 40.36 -32.02
C LYS B 603 -12.15 40.94 -31.70
N ASN B 604 -12.08 42.05 -30.98
CA ASN B 604 -10.78 42.59 -30.59
C ASN B 604 -10.19 41.88 -29.37
N ASN B 605 -11.02 41.15 -28.62
CA ASN B 605 -10.57 40.46 -27.42
C ASN B 605 -10.50 38.95 -27.56
N VAL B 606 -11.37 38.35 -28.37
CA VAL B 606 -11.53 36.89 -28.42
C VAL B 606 -10.68 36.33 -29.55
N GLU B 607 -9.89 35.31 -29.24
CA GLU B 607 -9.13 34.58 -30.25
C GLU B 607 -9.91 33.38 -30.79
N SER B 608 -10.66 32.68 -29.94
CA SER B 608 -11.35 31.48 -30.40
C SER B 608 -12.48 31.14 -29.45
N VAL B 609 -13.47 30.43 -29.99
CA VAL B 609 -14.55 29.83 -29.23
C VAL B 609 -14.54 28.33 -29.50
N PHE B 610 -14.36 27.54 -28.45
CA PHE B 610 -14.36 26.08 -28.55
C PHE B 610 -15.74 25.63 -28.06
N ALA B 611 -16.62 25.35 -29.01
CA ALA B 611 -18.01 25.00 -28.71
C ALA B 611 -18.14 23.48 -28.57
N VAL B 612 -18.67 23.04 -27.43
CA VAL B 612 -18.83 21.63 -27.13
C VAL B 612 -20.32 21.39 -26.90
N ASN B 613 -20.99 20.83 -27.89
CA ASN B 613 -22.40 20.48 -27.82
C ASN B 613 -22.56 19.09 -27.25
N GLY B 614 -23.36 18.96 -26.19
CA GLY B 614 -23.66 17.68 -25.57
C GLY B 614 -23.01 17.47 -24.22
N PHE B 615 -22.18 18.39 -23.74
CA PHE B 615 -21.51 18.26 -22.47
C PHE B 615 -21.92 19.40 -21.54
N GLY B 616 -22.19 19.06 -20.28
CA GLY B 616 -22.52 20.03 -19.27
C GLY B 616 -22.17 19.54 -17.88
N PHE B 617 -21.49 20.38 -17.09
CA PHE B 617 -21.04 19.94 -15.78
C PHE B 617 -22.21 19.54 -14.89
N ALA B 618 -23.36 20.19 -15.04
CA ALA B 618 -24.54 19.82 -14.26
C ALA B 618 -25.19 18.54 -14.74
N GLY B 619 -24.77 18.00 -15.87
CA GLY B 619 -25.35 16.81 -16.45
C GLY B 619 -25.18 16.86 -17.96
N ARG B 620 -25.09 15.68 -18.56
CA ARG B 620 -24.89 15.55 -19.99
C ARG B 620 -26.22 15.44 -20.73
N GLY B 621 -26.15 15.45 -22.05
CA GLY B 621 -27.36 15.34 -22.85
C GLY B 621 -27.42 16.27 -24.03
N GLN B 622 -28.37 16.02 -24.92
CA GLN B 622 -28.49 16.81 -26.15
C GLN B 622 -28.86 18.26 -25.87
N ASN B 623 -29.41 18.56 -24.70
CA ASN B 623 -29.92 19.89 -24.41
C ASN B 623 -28.92 20.76 -23.66
N THR B 624 -27.63 20.40 -23.69
CA THR B 624 -26.63 21.13 -22.91
C THR B 624 -25.35 21.27 -23.71
N GLY B 625 -24.61 22.33 -23.43
CA GLY B 625 -23.37 22.62 -24.13
C GLY B 625 -22.56 23.65 -23.39
N ILE B 626 -21.28 23.72 -23.76
CA ILE B 626 -20.33 24.68 -23.22
C ILE B 626 -19.61 25.35 -24.38
N ALA B 627 -19.27 26.62 -24.20
CA ALA B 627 -18.45 27.35 -25.14
C ALA B 627 -17.25 27.88 -24.37
N PHE B 628 -16.08 27.31 -24.64
CA PHE B 628 -14.84 27.73 -23.99
C PHE B 628 -14.21 28.84 -24.82
N VAL B 629 -14.14 30.04 -24.23
CA VAL B 629 -13.71 31.24 -24.93
C VAL B 629 -12.26 31.51 -24.56
N SER B 630 -11.40 31.53 -25.57
CA SER B 630 -9.98 31.84 -25.40
C SER B 630 -9.73 33.24 -25.95
N LEU B 631 -9.07 34.06 -25.16
CA LEU B 631 -8.88 35.48 -25.49
C LEU B 631 -7.50 35.72 -26.06
N LYS B 632 -7.35 36.88 -26.69
CA LYS B 632 -6.04 37.32 -27.15
C LYS B 632 -5.18 37.71 -25.94
N ASP B 633 -3.90 37.92 -26.20
CA ASP B 633 -2.98 38.19 -25.11
C ASP B 633 -3.38 39.47 -24.37
N TRP B 634 -3.12 39.47 -23.05
CA TRP B 634 -3.41 40.65 -22.24
C TRP B 634 -2.88 41.93 -22.90
N ALA B 635 -1.72 41.83 -23.54
CA ALA B 635 -1.09 43.00 -24.14
C ALA B 635 -1.94 43.62 -25.24
N ASP B 636 -2.92 42.89 -25.79
CA ASP B 636 -3.81 43.40 -26.81
C ASP B 636 -5.22 43.67 -26.28
N ARG B 637 -5.41 43.57 -24.97
CA ARG B 637 -6.72 43.81 -24.34
C ARG B 637 -6.56 44.87 -23.24
N PRO B 638 -6.10 46.07 -23.61
CA PRO B 638 -5.79 47.08 -22.60
C PRO B 638 -7.04 47.62 -21.93
N GLY B 639 -6.98 47.75 -20.61
CA GLY B 639 -8.07 48.36 -19.86
C GLY B 639 -9.06 47.34 -19.34
N GLU B 640 -9.68 47.69 -18.21
CA GLU B 640 -10.69 46.83 -17.61
C GLU B 640 -11.78 46.44 -18.61
N GLU B 641 -12.09 47.34 -19.55
CA GLU B 641 -13.16 47.06 -20.50
C GLU B 641 -12.90 45.76 -21.27
N ASN B 642 -11.64 45.44 -21.53
CA ASN B 642 -11.27 44.27 -22.31
C ASN B 642 -10.77 43.12 -21.44
N LYS B 643 -11.24 43.04 -20.20
CA LYS B 643 -10.89 41.95 -19.30
C LYS B 643 -12.05 40.99 -19.15
N VAL B 644 -11.75 39.78 -18.65
CA VAL B 644 -12.73 38.71 -18.60
C VAL B 644 -13.99 39.16 -17.88
N GLU B 645 -13.83 39.81 -16.72
CA GLU B 645 -15.00 40.17 -15.94
C GLU B 645 -15.93 41.09 -16.73
N ALA B 646 -15.36 42.05 -17.45
CA ALA B 646 -16.19 42.94 -18.27
C ALA B 646 -16.76 42.20 -19.47
N ILE B 647 -15.92 41.46 -20.19
CA ILE B 647 -16.40 40.67 -21.32
C ILE B 647 -17.51 39.74 -20.87
N THR B 648 -17.29 39.03 -19.76
CA THR B 648 -18.30 38.12 -19.25
C THR B 648 -19.61 38.83 -18.97
N MET B 649 -19.56 39.94 -18.24
CA MET B 649 -20.77 40.69 -17.91
C MET B 649 -21.51 41.12 -19.18
N ARG B 650 -20.77 41.66 -20.16
CA ARG B 650 -21.41 42.06 -21.41
C ARG B 650 -22.06 40.87 -22.11
N ALA B 651 -21.35 39.74 -22.17
CA ALA B 651 -21.89 38.57 -22.83
C ALA B 651 -23.17 38.08 -22.15
N THR B 652 -23.17 38.02 -20.82
CA THR B 652 -24.32 37.48 -20.10
C THR B 652 -25.56 38.33 -20.34
N ARG B 653 -25.40 39.66 -20.32
CA ARG B 653 -26.53 40.53 -20.60
C ARG B 653 -26.99 40.38 -22.05
N ALA B 654 -26.03 40.30 -22.98
CA ALA B 654 -26.38 40.16 -24.39
C ALA B 654 -27.17 38.87 -24.64
N PHE B 655 -26.87 37.80 -23.89
CA PHE B 655 -27.53 36.51 -24.09
C PHE B 655 -28.83 36.39 -23.32
N SER B 656 -29.17 37.36 -22.47
CA SER B 656 -30.46 37.34 -21.77
C SER B 656 -31.62 37.27 -22.75
N GLN B 657 -31.42 37.77 -23.97
CA GLN B 657 -32.50 37.81 -24.96
C GLN B 657 -32.84 36.43 -25.50
N ILE B 658 -31.89 35.49 -25.47
CA ILE B 658 -32.11 34.19 -26.10
C ILE B 658 -33.35 33.54 -25.53
N LYS B 659 -34.17 32.99 -26.42
CA LYS B 659 -35.45 32.41 -26.06
C LYS B 659 -35.31 30.89 -25.94
N ASP B 660 -35.93 30.33 -24.91
CA ASP B 660 -35.90 28.89 -24.67
C ASP B 660 -34.46 28.40 -24.51
N ALA B 661 -33.68 29.12 -23.72
CA ALA B 661 -32.32 28.72 -23.42
C ALA B 661 -31.76 29.62 -22.33
N MET B 662 -31.06 29.02 -21.37
CA MET B 662 -30.32 29.74 -20.35
C MET B 662 -28.86 29.79 -20.80
N VAL B 663 -28.37 30.99 -21.08
CA VAL B 663 -27.02 31.18 -21.63
C VAL B 663 -26.34 32.27 -20.82
N PHE B 664 -25.22 31.94 -20.18
CA PHE B 664 -24.52 32.92 -19.38
C PHE B 664 -23.03 32.57 -19.33
N ALA B 665 -22.21 33.60 -19.18
CA ALA B 665 -20.77 33.46 -19.11
C ALA B 665 -20.29 33.68 -17.68
N PHE B 666 -19.19 33.02 -17.34
CA PHE B 666 -18.59 33.19 -16.02
C PHE B 666 -17.10 32.88 -16.10
N ASN B 667 -16.36 33.46 -15.16
CA ASN B 667 -14.93 33.27 -15.07
C ASN B 667 -14.61 31.94 -14.40
N LEU B 668 -13.36 31.51 -14.55
CA LEU B 668 -12.93 30.28 -13.91
C LEU B 668 -12.51 30.55 -12.47
N PRO B 669 -12.56 29.54 -11.61
CA PRO B 669 -11.97 29.69 -10.28
C PRO B 669 -10.46 29.69 -10.37
N ALA B 670 -9.83 30.33 -9.38
CA ALA B 670 -8.37 30.38 -9.33
C ALA B 670 -7.80 28.97 -9.38
N ILE B 671 -8.27 28.10 -8.50
CA ILE B 671 -7.82 26.72 -8.45
C ILE B 671 -8.93 25.88 -9.08
N VAL B 672 -8.73 25.49 -10.34
CA VAL B 672 -9.73 24.69 -11.04
C VAL B 672 -9.76 23.27 -10.47
N GLU B 673 -8.63 22.78 -9.96
CA GLU B 673 -8.62 21.52 -9.22
C GLU B 673 -9.73 21.47 -8.18
N LEU B 674 -10.13 22.63 -7.66
CA LEU B 674 -11.29 22.75 -6.79
C LEU B 674 -12.36 23.52 -7.52
N GLY B 675 -13.59 23.40 -7.03
CA GLY B 675 -14.69 24.15 -7.61
C GLY B 675 -14.60 25.61 -7.23
N THR B 676 -15.77 26.26 -7.16
CA THR B 676 -15.78 27.65 -6.72
C THR B 676 -15.41 27.77 -5.25
N ALA B 677 -15.64 26.72 -4.47
CA ALA B 677 -15.38 26.76 -3.02
C ALA B 677 -16.00 28.00 -2.38
N THR B 678 -17.15 28.42 -2.89
CA THR B 678 -17.95 29.50 -2.33
C THR B 678 -19.39 29.02 -2.24
N GLY B 679 -19.97 29.12 -1.05
CA GLY B 679 -21.28 28.57 -0.76
C GLY B 679 -21.19 27.29 0.03
N PHE B 680 -22.24 26.49 -0.11
CA PHE B 680 -22.32 25.23 0.58
C PHE B 680 -22.72 24.12 -0.40
N ASP B 681 -22.53 22.89 0.06
CA ASP B 681 -22.71 21.69 -0.75
C ASP B 681 -23.46 20.66 0.10
N PHE B 682 -24.75 20.51 -0.18
CA PHE B 682 -25.71 19.79 0.65
C PHE B 682 -26.19 18.55 -0.08
N GLU B 683 -26.35 17.46 0.67
CA GLU B 683 -26.88 16.20 0.13
C GLU B 683 -28.17 15.83 0.85
N LEU B 684 -29.26 15.74 0.10
CA LEU B 684 -30.50 15.19 0.60
C LEU B 684 -30.51 13.68 0.35
N ILE B 685 -30.86 12.90 1.36
CA ILE B 685 -30.62 11.46 1.34
C ILE B 685 -31.90 10.70 1.62
N ASP B 686 -32.17 9.68 0.80
CA ASP B 686 -33.26 8.74 1.00
C ASP B 686 -32.80 7.64 1.96
N GLN B 687 -33.22 7.74 3.22
CA GLN B 687 -32.76 6.87 4.29
C GLN B 687 -33.68 5.68 4.56
N ALA B 688 -34.77 5.52 3.82
CA ALA B 688 -35.74 4.50 4.19
C ALA B 688 -36.47 3.97 2.96
N GLY B 689 -35.76 3.86 1.84
CA GLY B 689 -36.35 3.26 0.65
C GLY B 689 -37.54 4.02 0.12
N LEU B 690 -37.56 5.35 0.24
CA LEU B 690 -38.72 6.12 -0.18
C LEU B 690 -38.89 6.11 -1.69
N GLY B 691 -37.79 6.12 -2.45
CA GLY B 691 -37.89 6.13 -3.88
C GLY B 691 -37.71 7.51 -4.48
N HIS B 692 -37.46 7.54 -5.80
CA HIS B 692 -37.06 8.76 -6.48
C HIS B 692 -38.14 9.85 -6.38
N GLU B 693 -39.40 9.48 -6.56
CA GLU B 693 -40.47 10.47 -6.58
C GLU B 693 -40.66 11.13 -5.22
N LYS B 694 -40.68 10.31 -4.14
CA LYS B 694 -40.78 10.89 -2.81
C LYS B 694 -39.58 11.75 -2.46
N LEU B 695 -38.39 11.36 -2.92
CA LEU B 695 -37.21 12.18 -2.64
C LEU B 695 -37.32 13.52 -3.36
N THR B 696 -37.81 13.51 -4.60
CA THR B 696 -38.00 14.76 -5.33
C THR B 696 -38.97 15.67 -4.59
N GLN B 697 -40.10 15.12 -4.14
CA GLN B 697 -41.05 15.91 -3.38
C GLN B 697 -40.40 16.52 -2.15
N ALA B 698 -39.60 15.74 -1.43
CA ALA B 698 -38.92 16.27 -0.25
C ALA B 698 -37.91 17.34 -0.63
N ARG B 699 -37.22 17.16 -1.75
CA ARG B 699 -36.32 18.20 -2.24
C ARG B 699 -37.07 19.49 -2.50
N ASN B 700 -38.20 19.39 -3.22
CA ASN B 700 -38.96 20.59 -3.56
C ASN B 700 -39.45 21.30 -2.31
N GLN B 701 -39.90 20.54 -1.32
CA GLN B 701 -40.28 21.11 -0.03
C GLN B 701 -39.13 21.92 0.55
N LEU B 702 -37.92 21.37 0.52
CA LEU B 702 -36.77 22.08 1.09
C LEU B 702 -36.43 23.32 0.28
N LEU B 703 -36.48 23.21 -1.05
CA LEU B 703 -36.14 24.36 -1.90
C LEU B 703 -37.15 25.49 -1.70
N ALA B 704 -38.43 25.15 -1.53
CA ALA B 704 -39.46 26.17 -1.34
C ALA B 704 -39.26 26.89 -0.01
N GLU B 705 -39.01 26.14 1.06
CA GLU B 705 -38.74 26.76 2.35
C GLU B 705 -37.50 27.64 2.28
N ALA B 706 -36.43 27.15 1.65
CA ALA B 706 -35.23 27.96 1.54
C ALA B 706 -35.51 29.27 0.82
N ALA B 707 -36.41 29.25 -0.16
CA ALA B 707 -36.74 30.47 -0.89
C ALA B 707 -37.46 31.50 -0.02
N LYS B 708 -37.99 31.08 1.13
CA LYS B 708 -38.66 32.00 2.05
C LYS B 708 -37.69 32.70 2.98
N HIS B 709 -36.39 32.49 2.84
CA HIS B 709 -35.38 33.16 3.65
C HIS B 709 -34.33 33.81 2.76
N PRO B 710 -34.75 34.69 1.84
CA PRO B 710 -33.75 35.43 1.06
C PRO B 710 -32.74 36.20 1.90
N ASP B 711 -33.07 36.50 3.17
CA ASP B 711 -32.14 37.20 4.04
C ASP B 711 -30.96 36.34 4.44
N MET B 712 -31.09 35.02 4.36
CA MET B 712 -30.09 34.08 4.83
C MET B 712 -29.52 33.21 3.73
N LEU B 713 -30.35 32.77 2.77
CA LEU B 713 -29.95 31.83 1.74
C LEU B 713 -30.18 32.45 0.38
N THR B 714 -29.27 32.17 -0.55
CA THR B 714 -29.32 32.71 -1.90
C THR B 714 -29.00 31.61 -2.91
N SER B 715 -29.85 31.49 -3.93
CA SER B 715 -29.56 30.61 -5.07
C SER B 715 -29.48 29.15 -4.64
N VAL B 716 -30.36 28.75 -3.72
CA VAL B 716 -30.46 27.35 -3.32
C VAL B 716 -31.15 26.59 -4.45
N ARG B 717 -30.43 25.63 -5.03
CA ARG B 717 -30.87 25.02 -6.27
C ARG B 717 -30.35 23.59 -6.32
N PRO B 718 -31.03 22.70 -7.04
CA PRO B 718 -30.46 21.36 -7.27
C PRO B 718 -29.30 21.43 -8.24
N ASN B 719 -28.31 20.57 -8.02
CA ASN B 719 -27.18 20.48 -8.94
C ASN B 719 -27.45 19.56 -10.12
N GLY B 720 -28.49 18.73 -10.05
CA GLY B 720 -28.75 17.71 -11.04
C GLY B 720 -29.86 18.09 -12.00
N LEU B 721 -30.50 17.07 -12.56
CA LEU B 721 -31.46 17.23 -13.64
C LEU B 721 -32.85 16.85 -13.17
N GLU B 722 -33.84 17.43 -13.84
CA GLU B 722 -35.24 17.14 -13.58
C GLU B 722 -35.72 15.98 -14.44
N ASP B 723 -36.75 15.29 -13.94
CA ASP B 723 -37.38 14.22 -14.69
C ASP B 723 -37.89 14.72 -16.04
N THR B 724 -37.90 13.83 -17.02
CA THR B 724 -38.27 14.16 -18.38
C THR B 724 -39.20 13.08 -18.93
N PRO B 725 -39.93 13.39 -20.00
CA PRO B 725 -40.77 12.36 -20.65
C PRO B 725 -39.91 11.25 -21.24
N GLN B 726 -40.34 10.01 -21.02
CA GLN B 726 -39.69 8.86 -21.61
C GLN B 726 -40.74 7.91 -22.18
N PHE B 727 -40.29 7.11 -23.13
CA PHE B 727 -41.16 6.26 -23.96
C PHE B 727 -41.12 4.86 -23.39
N LYS B 728 -42.18 4.48 -22.68
CA LYS B 728 -42.28 3.17 -22.04
C LYS B 728 -42.89 2.17 -23.01
N ILE B 729 -42.16 1.12 -23.34
CA ILE B 729 -42.65 0.08 -24.24
C ILE B 729 -42.71 -1.24 -23.48
N ASP B 730 -43.91 -1.83 -23.43
CA ASP B 730 -44.15 -3.11 -22.78
C ASP B 730 -44.22 -4.20 -23.83
N ILE B 731 -43.37 -5.22 -23.70
CA ILE B 731 -43.46 -6.40 -24.55
C ILE B 731 -44.49 -7.34 -23.96
N ASP B 732 -45.42 -7.82 -24.79
CA ASP B 732 -46.44 -8.74 -24.32
C ASP B 732 -45.90 -10.17 -24.43
N GLN B 733 -45.60 -10.77 -23.28
CA GLN B 733 -44.99 -12.10 -23.26
C GLN B 733 -45.91 -13.14 -23.89
N GLU B 734 -47.20 -13.11 -23.56
CA GLU B 734 -48.13 -14.08 -24.11
C GLU B 734 -48.15 -14.01 -25.63
N LYS B 735 -48.26 -12.81 -26.20
CA LYS B 735 -48.29 -12.67 -27.65
C LYS B 735 -46.97 -13.13 -28.27
N ALA B 736 -45.85 -12.79 -27.64
CA ALA B 736 -44.56 -13.27 -28.16
C ALA B 736 -44.51 -14.79 -28.17
N GLN B 737 -44.97 -15.43 -27.10
CA GLN B 737 -44.94 -16.89 -27.03
C GLN B 737 -45.93 -17.50 -28.02
N ALA B 738 -47.09 -16.87 -28.21
CA ALA B 738 -48.06 -17.41 -29.16
C ALA B 738 -47.53 -17.37 -30.59
N LEU B 739 -46.81 -16.32 -30.94
CA LEU B 739 -46.26 -16.20 -32.29
C LEU B 739 -44.94 -16.93 -32.47
N GLY B 740 -44.37 -17.48 -31.41
CA GLY B 740 -43.08 -18.13 -31.52
C GLY B 740 -41.91 -17.17 -31.66
N VAL B 741 -42.01 -15.99 -31.07
CA VAL B 741 -40.93 -15.00 -31.11
C VAL B 741 -40.24 -14.99 -29.75
N SER B 742 -38.92 -15.19 -29.74
CA SER B 742 -38.19 -15.22 -28.48
C SER B 742 -37.96 -13.81 -27.94
N ILE B 743 -37.99 -13.69 -26.62
CA ILE B 743 -37.79 -12.40 -25.98
C ILE B 743 -36.38 -11.89 -26.21
N ASN B 744 -35.41 -12.79 -26.34
CA ASN B 744 -34.04 -12.36 -26.57
C ASN B 744 -33.88 -11.73 -27.95
N ASP B 745 -34.55 -12.29 -28.96
CA ASP B 745 -34.54 -11.68 -30.29
C ASP B 745 -35.23 -10.33 -30.26
N ILE B 746 -36.33 -10.21 -29.51
CA ILE B 746 -37.03 -8.94 -29.40
C ILE B 746 -36.13 -7.89 -28.77
N ASN B 747 -35.57 -8.21 -27.61
CA ASN B 747 -34.81 -7.20 -26.88
C ASN B 747 -33.48 -6.90 -27.56
N THR B 748 -32.86 -7.88 -28.21
CA THR B 748 -31.66 -7.58 -28.99
C THR B 748 -32.00 -6.70 -30.19
N THR B 749 -33.09 -7.02 -30.90
CA THR B 749 -33.48 -6.21 -32.05
C THR B 749 -33.74 -4.77 -31.62
N LEU B 750 -34.48 -4.58 -30.52
CA LEU B 750 -34.77 -3.23 -30.05
C LEU B 750 -33.50 -2.53 -29.61
N GLY B 751 -32.71 -3.18 -28.75
CA GLY B 751 -31.54 -2.51 -28.20
C GLY B 751 -30.47 -2.25 -29.23
N ALA B 752 -30.20 -3.22 -30.10
CA ALA B 752 -29.16 -3.05 -31.10
C ALA B 752 -29.52 -1.96 -32.10
N ALA B 753 -30.78 -1.92 -32.54
CA ALA B 753 -31.18 -0.93 -33.53
C ALA B 753 -31.26 0.46 -32.93
N TRP B 754 -31.94 0.61 -31.79
CA TRP B 754 -32.22 1.92 -31.23
C TRP B 754 -31.17 2.41 -30.25
N GLY B 755 -30.49 1.50 -29.54
CA GLY B 755 -29.44 1.92 -28.64
C GLY B 755 -28.05 1.67 -29.19
N GLY B 756 -27.93 0.77 -30.14
CA GLY B 756 -26.62 0.38 -30.65
C GLY B 756 -25.99 -0.72 -29.81
N SER B 757 -25.10 -1.47 -30.45
CA SER B 757 -24.49 -2.64 -29.82
C SER B 757 -23.02 -2.77 -30.23
N TYR B 758 -22.16 -2.86 -29.23
CA TYR B 758 -20.74 -3.13 -29.42
C TYR B 758 -20.56 -4.63 -29.65
N VAL B 759 -20.20 -5.02 -30.87
CA VAL B 759 -20.19 -6.43 -31.25
C VAL B 759 -18.86 -7.06 -30.89
N ASN B 760 -17.78 -6.61 -31.53
CA ASN B 760 -16.43 -7.10 -31.25
C ASN B 760 -15.45 -6.11 -31.87
N ASP B 761 -14.18 -6.52 -31.97
CA ASP B 761 -13.12 -5.63 -32.44
C ASP B 761 -12.61 -6.05 -33.81
N PHE B 762 -12.08 -5.06 -34.53
CA PHE B 762 -11.36 -5.28 -35.78
C PHE B 762 -10.05 -4.51 -35.69
N ILE B 763 -9.23 -4.59 -36.74
CA ILE B 763 -7.89 -4.01 -36.72
C ILE B 763 -7.79 -3.05 -37.91
N ASP B 764 -7.65 -1.76 -37.61
CA ASP B 764 -7.63 -0.69 -38.61
C ASP B 764 -6.20 -0.17 -38.68
N ARG B 765 -5.50 -0.51 -39.76
CA ARG B 765 -4.13 -0.03 -39.99
C ARG B 765 -3.25 -0.32 -38.78
N GLY B 766 -3.36 -1.52 -38.24
CA GLY B 766 -2.51 -1.96 -37.15
C GLY B 766 -2.99 -1.60 -35.75
N ARG B 767 -4.16 -0.98 -35.61
CA ARG B 767 -4.68 -0.58 -34.31
C ARG B 767 -6.05 -1.22 -34.10
N VAL B 768 -6.24 -1.81 -32.93
CA VAL B 768 -7.50 -2.50 -32.61
C VAL B 768 -8.57 -1.46 -32.31
N LYS B 769 -9.74 -1.63 -32.93
CA LYS B 769 -10.84 -0.67 -32.79
C LYS B 769 -12.15 -1.44 -32.75
N LYS B 770 -13.21 -0.74 -32.31
CA LYS B 770 -14.49 -1.38 -32.03
C LYS B 770 -15.37 -1.46 -33.27
N VAL B 771 -16.29 -2.44 -33.24
CA VAL B 771 -17.33 -2.61 -34.26
C VAL B 771 -18.68 -2.38 -33.57
N TYR B 772 -19.45 -1.43 -34.11
CA TYR B 772 -20.79 -1.13 -33.59
C TYR B 772 -21.84 -1.33 -34.67
N VAL B 773 -22.93 -2.00 -34.33
CA VAL B 773 -24.12 -2.03 -35.16
C VAL B 773 -25.16 -1.12 -34.52
N MET B 774 -25.92 -0.43 -35.36
CA MET B 774 -26.99 0.46 -34.90
C MET B 774 -27.84 0.79 -36.12
N SER B 775 -29.10 1.14 -35.86
CA SER B 775 -29.96 1.57 -36.95
C SER B 775 -29.42 2.85 -37.58
N GLU B 776 -29.51 2.93 -38.90
CA GLU B 776 -29.40 4.22 -39.57
C GLU B 776 -30.38 5.21 -38.93
N ALA B 777 -29.99 6.48 -38.90
CA ALA B 777 -30.70 7.46 -38.07
C ALA B 777 -32.20 7.50 -38.40
N LYS B 778 -32.56 7.47 -39.68
CA LYS B 778 -33.94 7.73 -40.06
C LYS B 778 -34.91 6.63 -39.64
N TYR B 779 -34.43 5.49 -39.15
CA TYR B 779 -35.34 4.42 -38.74
C TYR B 779 -35.43 4.28 -37.22
N ARG B 780 -34.88 5.23 -36.47
CA ARG B 780 -34.92 5.16 -35.02
C ARG B 780 -35.19 6.54 -34.42
N MET B 781 -36.05 7.33 -35.06
CA MET B 781 -36.29 8.70 -34.61
C MET B 781 -37.60 8.86 -33.84
N LEU B 782 -38.66 8.17 -34.21
CA LEU B 782 -40.00 8.48 -33.72
C LEU B 782 -40.74 7.20 -33.37
N PRO B 783 -41.77 7.30 -32.52
CA PRO B 783 -42.53 6.08 -32.15
C PRO B 783 -43.05 5.29 -33.34
N ASP B 784 -43.50 5.94 -34.40
CA ASP B 784 -43.96 5.22 -35.58
C ASP B 784 -42.87 4.36 -36.21
N ASP B 785 -41.60 4.65 -35.95
CA ASP B 785 -40.52 3.83 -36.51
C ASP B 785 -40.42 2.47 -35.81
N ILE B 786 -40.96 2.36 -34.59
CA ILE B 786 -40.90 1.10 -33.86
C ILE B 786 -41.49 -0.03 -34.69
N GLY B 787 -42.64 0.22 -35.32
CA GLY B 787 -43.35 -0.80 -36.05
C GLY B 787 -42.71 -1.19 -37.37
N ASP B 788 -41.63 -0.53 -37.77
CA ASP B 788 -40.92 -0.92 -38.99
C ASP B 788 -39.84 -1.96 -38.73
N TRP B 789 -39.63 -2.35 -37.47
CA TRP B 789 -38.62 -3.34 -37.10
C TRP B 789 -39.29 -4.70 -36.92
N TYR B 790 -38.80 -5.69 -37.65
CA TYR B 790 -39.38 -7.03 -37.65
C TYR B 790 -38.44 -8.01 -36.98
N VAL B 791 -39.04 -9.01 -36.33
CA VAL B 791 -38.33 -10.10 -35.68
C VAL B 791 -38.82 -11.41 -36.30
N ARG B 792 -37.89 -12.32 -36.58
CA ARG B 792 -38.27 -13.60 -37.16
C ARG B 792 -38.71 -14.57 -36.07
N ALA B 793 -39.90 -15.14 -36.23
CA ALA B 793 -40.40 -16.14 -35.30
C ALA B 793 -39.78 -17.50 -35.63
N ALA B 794 -40.04 -18.47 -34.75
CA ALA B 794 -39.49 -19.81 -34.93
C ALA B 794 -39.94 -20.44 -36.25
N ASP B 795 -41.15 -20.12 -36.70
CA ASP B 795 -41.69 -20.70 -37.93
C ASP B 795 -41.31 -19.92 -39.18
N GLY B 796 -40.38 -18.97 -39.06
CA GLY B 796 -39.87 -18.24 -40.19
C GLY B 796 -40.60 -16.96 -40.55
N GLN B 797 -41.79 -16.74 -40.01
CA GLN B 797 -42.53 -15.53 -40.33
C GLN B 797 -41.91 -14.32 -39.65
N MET B 798 -41.87 -13.20 -40.37
CA MET B 798 -41.41 -11.94 -39.82
C MET B 798 -42.58 -11.24 -39.14
N VAL B 799 -42.37 -10.79 -37.91
CA VAL B 799 -43.43 -10.22 -37.07
C VAL B 799 -43.03 -8.79 -36.71
N PRO B 800 -43.88 -7.79 -36.96
CA PRO B 800 -43.51 -6.42 -36.61
C PRO B 800 -43.62 -6.18 -35.12
N PHE B 801 -42.80 -5.24 -34.63
CA PHE B 801 -42.82 -4.91 -33.21
C PHE B 801 -44.21 -4.52 -32.74
N SER B 802 -44.99 -3.90 -33.61
CA SER B 802 -46.33 -3.47 -33.21
C SER B 802 -47.20 -4.64 -32.76
N ALA B 803 -46.92 -5.85 -33.28
CA ALA B 803 -47.80 -6.98 -32.99
C ALA B 803 -47.68 -7.48 -31.56
N PHE B 804 -46.58 -7.20 -30.87
CA PHE B 804 -46.38 -7.78 -29.54
C PHE B 804 -45.92 -6.74 -28.53
N SER B 805 -46.23 -5.46 -28.76
CA SER B 805 -45.82 -4.40 -27.85
C SER B 805 -46.89 -3.32 -27.75
N SER B 806 -46.82 -2.57 -26.66
CA SER B 806 -47.64 -1.38 -26.47
C SER B 806 -46.78 -0.33 -25.79
N SER B 807 -47.14 0.94 -25.95
CA SER B 807 -46.31 2.03 -25.45
C SER B 807 -47.14 3.15 -24.87
N ARG B 808 -46.52 3.91 -23.98
CA ARG B 808 -47.12 5.07 -23.36
C ARG B 808 -46.02 6.01 -22.86
N TRP B 809 -46.35 7.30 -22.79
CA TRP B 809 -45.45 8.27 -22.21
C TRP B 809 -45.50 8.22 -20.69
N GLU B 810 -44.33 8.38 -20.08
CA GLU B 810 -44.23 8.50 -18.63
C GLU B 810 -43.03 9.40 -18.34
N TYR B 811 -42.87 9.77 -17.08
CA TYR B 811 -41.72 10.55 -16.65
C TYR B 811 -40.72 9.65 -15.94
N GLY B 812 -39.44 9.98 -16.10
CA GLY B 812 -38.37 9.31 -15.38
C GLY B 812 -37.15 10.20 -15.32
N SER B 813 -36.15 9.73 -14.59
CA SER B 813 -34.98 10.56 -14.35
C SER B 813 -33.94 10.35 -15.44
N PRO B 814 -33.35 11.42 -15.98
CA PRO B 814 -32.18 11.28 -16.85
C PRO B 814 -30.85 11.24 -16.09
N ARG B 815 -30.87 11.42 -14.77
CA ARG B 815 -29.63 11.43 -14.00
C ARG B 815 -29.99 11.14 -12.55
N LEU B 816 -29.69 9.93 -12.10
CA LEU B 816 -29.94 9.49 -10.73
C LEU B 816 -28.66 9.63 -9.91
N GLU B 817 -28.77 10.19 -8.72
CA GLU B 817 -27.63 10.46 -7.86
C GLU B 817 -27.67 9.57 -6.62
N ARG B 818 -26.50 9.24 -6.09
CA ARG B 818 -26.40 8.48 -4.86
C ARG B 818 -25.26 9.05 -4.03
N TYR B 819 -25.40 8.92 -2.72
CA TYR B 819 -24.41 9.44 -1.79
C TYR B 819 -24.24 8.41 -0.68
N ASN B 820 -22.99 8.00 -0.45
CA ASN B 820 -22.70 6.90 0.47
C ASN B 820 -23.67 5.73 0.27
N GLY B 821 -23.93 5.40 -0.99
CA GLY B 821 -24.67 4.20 -1.32
C GLY B 821 -26.18 4.32 -1.31
N LEU B 822 -26.72 5.50 -0.96
CA LEU B 822 -28.15 5.70 -0.89
C LEU B 822 -28.61 6.74 -1.91
N PRO B 823 -29.84 6.63 -2.42
CA PRO B 823 -30.36 7.67 -3.30
C PRO B 823 -30.22 9.04 -2.66
N SER B 824 -29.86 10.02 -3.49
CA SER B 824 -29.56 11.36 -2.97
C SER B 824 -29.84 12.41 -4.04
N MET B 825 -29.90 13.66 -3.60
CA MET B 825 -29.98 14.82 -4.48
C MET B 825 -29.11 15.92 -3.91
N GLU B 826 -28.14 16.37 -4.70
CA GLU B 826 -27.21 17.38 -4.27
C GLU B 826 -27.84 18.76 -4.45
N ILE B 827 -27.67 19.61 -3.45
CA ILE B 827 -28.24 20.95 -3.44
C ILE B 827 -27.13 21.94 -3.16
N LEU B 828 -26.99 22.92 -4.04
CA LEU B 828 -26.00 23.99 -3.90
C LEU B 828 -26.70 25.27 -3.46
N GLY B 829 -25.92 26.14 -2.83
CA GLY B 829 -26.42 27.44 -2.42
C GLY B 829 -25.32 28.23 -1.75
N GLN B 830 -25.67 29.43 -1.29
CA GLN B 830 -24.70 30.28 -0.63
C GLN B 830 -25.42 31.15 0.39
N ALA B 831 -24.65 31.66 1.34
CA ALA B 831 -25.18 32.59 2.32
C ALA B 831 -25.51 33.93 1.66
N ALA B 832 -26.57 34.56 2.16
CA ALA B 832 -26.97 35.87 1.66
C ALA B 832 -25.89 36.90 2.00
N PRO B 833 -25.91 38.06 1.32
CA PRO B 833 -24.91 39.10 1.62
C PRO B 833 -24.90 39.43 3.10
N GLY B 834 -23.69 39.59 3.65
CA GLY B 834 -23.53 39.91 5.05
C GLY B 834 -23.63 38.74 6.00
N LYS B 835 -24.09 37.58 5.54
CA LYS B 835 -24.22 36.40 6.38
C LYS B 835 -23.07 35.44 6.12
N SER B 836 -22.72 34.68 7.16
CA SER B 836 -21.65 33.69 7.07
C SER B 836 -22.20 32.37 6.54
N THR B 837 -21.34 31.62 5.85
CA THR B 837 -21.76 30.30 5.37
C THR B 837 -22.18 29.42 6.55
N GLY B 838 -21.51 29.55 7.69
CA GLY B 838 -21.91 28.78 8.86
C GLY B 838 -23.36 29.03 9.24
N GLU B 839 -23.80 30.29 9.20
CA GLU B 839 -25.18 30.59 9.53
C GLU B 839 -26.15 30.01 8.51
N ALA B 840 -25.80 30.12 7.22
CA ALA B 840 -26.62 29.53 6.18
C ALA B 840 -26.72 28.01 6.35
N MET B 841 -25.61 27.37 6.73
CA MET B 841 -25.66 25.92 6.96
C MET B 841 -26.58 25.58 8.12
N GLU B 842 -26.52 26.38 9.19
CA GLU B 842 -27.40 26.18 10.33
C GLU B 842 -28.87 26.16 9.91
N LEU B 843 -29.27 27.15 9.11
CA LEU B 843 -30.67 27.22 8.67
C LEU B 843 -31.02 26.03 7.81
N MET B 844 -30.17 25.70 6.82
CA MET B 844 -30.42 24.51 6.00
C MET B 844 -30.70 23.30 6.87
N GLU B 845 -29.91 23.11 7.93
CA GLU B 845 -30.11 21.97 8.82
C GLU B 845 -31.44 22.07 9.55
N GLN B 846 -31.82 23.28 9.97
CA GLN B 846 -33.11 23.46 10.61
C GLN B 846 -34.25 23.13 9.65
N LEU B 847 -34.17 23.64 8.41
CA LEU B 847 -35.21 23.33 7.44
C LEU B 847 -35.23 21.84 7.13
N ALA B 848 -34.07 21.21 7.04
CA ALA B 848 -34.05 19.78 6.71
C ALA B 848 -34.68 18.95 7.81
N SER B 849 -34.66 19.43 9.06
CA SER B 849 -35.23 18.67 10.17
C SER B 849 -36.75 18.61 10.11
N LYS B 850 -37.39 19.34 9.21
CA LYS B 850 -38.84 19.37 9.11
C LYS B 850 -39.34 18.68 7.85
N LEU B 851 -38.50 17.87 7.23
CA LEU B 851 -38.87 17.15 6.01
C LEU B 851 -39.53 15.83 6.37
N PRO B 852 -40.18 15.18 5.41
CA PRO B 852 -40.91 13.95 5.70
C PRO B 852 -40.02 12.87 6.31
N THR B 853 -40.69 11.91 6.97
CA THR B 853 -40.02 10.78 7.60
C THR B 853 -39.19 10.01 6.58
N GLY B 854 -37.97 9.65 6.97
CA GLY B 854 -37.09 8.88 6.11
C GLY B 854 -36.13 9.70 5.27
N VAL B 855 -36.22 11.02 5.30
CA VAL B 855 -35.36 11.89 4.51
C VAL B 855 -34.29 12.47 5.43
N GLY B 856 -33.03 12.16 5.16
CA GLY B 856 -31.91 12.71 5.89
C GLY B 856 -31.07 13.64 5.02
N TYR B 857 -29.92 14.04 5.57
CA TYR B 857 -29.03 14.93 4.82
C TYR B 857 -27.60 14.75 5.30
N ASP B 858 -26.69 15.34 4.54
CA ASP B 858 -25.28 15.35 4.89
C ASP B 858 -24.62 16.53 4.18
N TRP B 859 -23.47 16.94 4.70
CA TRP B 859 -22.61 17.93 4.06
C TRP B 859 -21.46 17.22 3.35
N THR B 860 -21.11 17.70 2.16
CA THR B 860 -20.04 17.12 1.37
C THR B 860 -19.17 18.23 0.81
N GLY B 861 -18.09 17.82 0.15
CA GLY B 861 -17.22 18.75 -0.56
C GLY B 861 -16.70 19.87 0.34
N MET B 862 -16.77 21.10 -0.18
CA MET B 862 -16.31 22.27 0.56
C MET B 862 -16.95 22.36 1.94
N SER B 863 -18.22 21.98 2.05
CA SER B 863 -18.92 22.11 3.33
C SER B 863 -18.38 21.12 4.35
N TYR B 864 -18.16 19.87 3.93
CA TYR B 864 -17.40 18.93 4.75
C TYR B 864 -16.06 19.54 5.14
N GLN B 865 -15.38 20.21 4.21
CA GLN B 865 -14.06 20.79 4.48
C GLN B 865 -14.15 21.97 5.45
N GLU B 866 -15.18 22.81 5.31
CA GLU B 866 -15.24 24.00 6.15
C GLU B 866 -15.55 23.65 7.60
N ARG B 867 -16.41 22.64 7.83
CA ARG B 867 -16.75 22.26 9.19
C ARG B 867 -15.53 21.75 9.94
N LEU B 868 -14.70 20.95 9.28
CA LEU B 868 -13.54 20.38 9.95
C LEU B 868 -12.46 21.42 10.19
N SER B 869 -12.21 22.29 9.21
CA SER B 869 -11.22 23.35 9.39
C SER B 869 -11.67 24.32 10.47
N GLY B 870 -12.96 24.60 10.56
CA GLY B 870 -13.45 25.52 11.57
C GLY B 870 -13.33 24.96 12.98
N ASN B 871 -13.55 23.66 13.13
CA ASN B 871 -13.44 23.02 14.44
C ASN B 871 -12.01 23.08 14.98
N GLN B 872 -11.01 23.23 14.12
CA GLN B 872 -9.62 23.30 14.55
C GLN B 872 -9.17 24.70 14.90
N ALA B 873 -9.78 25.73 14.29
CA ALA B 873 -9.22 27.08 14.37
C ALA B 873 -9.09 27.57 15.80
N PRO B 874 -10.10 27.44 16.66
CA PRO B 874 -9.95 27.96 18.04
C PRO B 874 -8.72 27.41 18.75
N SER B 875 -8.44 26.12 18.63
CA SER B 875 -7.30 25.57 19.36
C SER B 875 -5.98 25.99 18.74
N LEU B 876 -5.95 26.25 17.43
CA LEU B 876 -4.71 26.68 16.81
C LEU B 876 -4.39 28.13 17.16
N TYR B 877 -5.41 29.00 17.17
CA TYR B 877 -5.23 30.35 17.68
C TYR B 877 -4.71 30.35 19.12
N ALA B 878 -5.33 29.53 19.97
CA ALA B 878 -4.93 29.48 21.38
C ALA B 878 -3.47 29.08 21.52
N ILE B 879 -3.06 28.04 20.80
CA ILE B 879 -1.68 27.57 20.91
C ILE B 879 -0.72 28.66 20.44
N SER B 880 -1.08 29.37 19.36
CA SER B 880 -0.23 30.46 18.89
C SER B 880 -0.13 31.57 19.94
N LEU B 881 -1.27 32.02 20.46
CA LEU B 881 -1.25 33.07 21.47
C LEU B 881 -0.48 32.63 22.71
N ILE B 882 -0.73 31.41 23.17
CA ILE B 882 -0.08 30.92 24.39
C ILE B 882 1.44 30.85 24.19
N VAL B 883 1.88 30.26 23.08
CA VAL B 883 3.31 30.08 22.88
C VAL B 883 4.00 31.42 22.66
N VAL B 884 3.33 32.36 21.97
CA VAL B 884 3.90 33.69 21.81
C VAL B 884 4.16 34.32 23.17
N PHE B 885 3.15 34.27 24.04
CA PHE B 885 3.30 34.84 25.38
C PHE B 885 4.46 34.20 26.11
N LEU B 886 4.57 32.87 26.05
CA LEU B 886 5.59 32.18 26.82
C LEU B 886 6.98 32.51 26.32
N CYS B 887 7.15 32.61 25.00
CA CYS B 887 8.45 32.99 24.45
C CYS B 887 8.85 34.40 24.90
N LEU B 888 7.90 35.33 24.86
CA LEU B 888 8.20 36.69 25.30
C LEU B 888 8.51 36.72 26.80
N ALA B 889 7.75 35.96 27.59
CA ALA B 889 8.01 35.93 29.03
C ALA B 889 9.41 35.44 29.32
N ALA B 890 9.88 34.43 28.59
CA ALA B 890 11.25 33.98 28.76
C ALA B 890 12.24 35.04 28.28
N LEU B 891 11.92 35.72 27.18
CA LEU B 891 12.82 36.74 26.65
C LEU B 891 13.02 37.86 27.66
N TYR B 892 11.95 38.33 28.28
CA TYR B 892 12.00 39.48 29.17
C TYR B 892 12.06 39.10 30.64
N GLU B 893 12.03 37.81 30.97
CA GLU B 893 12.01 37.36 32.36
C GLU B 893 10.90 38.07 33.13
N SER B 894 9.70 38.05 32.55
CA SER B 894 8.57 38.77 33.14
C SER B 894 7.26 38.22 32.60
N TRP B 895 6.29 37.98 33.49
CA TRP B 895 4.97 37.55 33.08
C TRP B 895 4.11 38.68 32.53
N SER B 896 4.51 39.94 32.71
CA SER B 896 3.68 41.08 32.35
C SER B 896 4.18 41.86 31.15
N ILE B 897 5.49 42.02 31.01
CA ILE B 897 6.06 42.82 29.92
C ILE B 897 5.66 42.25 28.56
N PRO B 898 5.49 40.93 28.40
CA PRO B 898 4.99 40.42 27.11
C PRO B 898 3.77 41.17 26.59
N PHE B 899 2.86 41.58 27.48
CA PHE B 899 1.65 42.26 27.04
C PHE B 899 1.96 43.53 26.24
N SER B 900 3.05 44.23 26.59
CA SER B 900 3.37 45.47 25.90
C SER B 900 3.72 45.23 24.44
N VAL B 901 4.22 44.04 24.12
CA VAL B 901 4.44 43.67 22.72
C VAL B 901 3.15 43.19 22.08
N MET B 902 2.42 42.31 22.77
CA MET B 902 1.24 41.67 22.17
C MET B 902 0.14 42.68 21.86
N LEU B 903 0.13 43.82 22.55
CA LEU B 903 -0.86 44.87 22.25
C LEU B 903 -0.67 45.49 20.88
N VAL B 904 0.44 45.22 20.18
CA VAL B 904 0.65 45.86 18.89
C VAL B 904 -0.25 45.28 17.81
N VAL B 905 -0.84 44.10 18.03
CA VAL B 905 -1.49 43.37 16.95
C VAL B 905 -2.48 44.23 16.17
N PRO B 906 -3.39 44.98 16.81
CA PRO B 906 -4.39 45.73 16.04
C PRO B 906 -3.80 46.82 15.16
N LEU B 907 -2.61 47.31 15.46
CA LEU B 907 -2.13 48.52 14.79
C LEU B 907 -1.90 48.27 13.30
N GLY B 908 -1.34 47.13 12.94
CA GLY B 908 -1.20 46.77 11.54
C GLY B 908 -2.51 46.32 10.92
N VAL B 909 -3.30 45.55 11.69
CA VAL B 909 -4.51 44.96 11.14
C VAL B 909 -5.48 46.05 10.68
N ILE B 910 -5.55 47.17 11.41
CA ILE B 910 -6.52 48.20 11.08
C ILE B 910 -6.24 48.78 9.70
N GLY B 911 -4.97 49.04 9.39
CA GLY B 911 -4.63 49.61 8.10
C GLY B 911 -4.79 48.62 6.95
N ALA B 912 -4.56 47.34 7.22
CA ALA B 912 -4.82 46.33 6.21
C ALA B 912 -6.31 46.25 5.91
N LEU B 913 -7.14 46.23 6.95
CA LEU B 913 -8.59 46.23 6.75
C LEU B 913 -9.05 47.48 6.02
N LEU B 914 -8.49 48.64 6.36
CA LEU B 914 -8.89 49.89 5.71
C LEU B 914 -8.55 49.85 4.22
N ALA B 915 -7.33 49.45 3.88
CA ALA B 915 -6.92 49.41 2.48
C ALA B 915 -7.75 48.41 1.69
N ALA B 916 -8.02 47.25 2.27
CA ALA B 916 -8.83 46.24 1.58
C ALA B 916 -10.24 46.74 1.35
N THR B 917 -10.87 47.29 2.40
CA THR B 917 -12.22 47.82 2.27
C THR B 917 -12.28 48.93 1.23
N PHE B 918 -11.40 49.92 1.35
CA PHE B 918 -11.40 51.04 0.43
C PHE B 918 -11.24 50.56 -1.01
N ARG B 919 -10.35 49.60 -1.24
CA ARG B 919 -10.10 49.12 -2.60
C ARG B 919 -11.12 48.09 -3.05
N GLY B 920 -12.03 47.66 -2.18
CA GLY B 920 -13.04 46.70 -2.57
C GLY B 920 -12.56 45.28 -2.72
N LEU B 921 -11.59 44.86 -1.92
CA LEU B 921 -11.07 43.51 -1.95
C LEU B 921 -11.79 42.68 -0.89
N THR B 922 -11.32 41.45 -0.68
CA THR B 922 -11.94 40.53 0.24
C THR B 922 -10.92 40.00 1.23
N ASN B 923 -11.44 39.36 2.28
CA ASN B 923 -10.62 38.68 3.28
C ASN B 923 -10.30 37.29 2.73
N ASP B 924 -9.32 37.25 1.84
CA ASP B 924 -8.89 36.03 1.18
C ASP B 924 -7.57 35.56 1.77
N VAL B 925 -7.04 34.45 1.21
CA VAL B 925 -5.89 33.80 1.80
C VAL B 925 -4.67 34.71 1.77
N TYR B 926 -4.47 35.43 0.67
CA TYR B 926 -3.32 36.33 0.59
C TYR B 926 -3.44 37.46 1.60
N PHE B 927 -4.64 38.01 1.76
CA PHE B 927 -4.86 39.04 2.77
C PHE B 927 -4.52 38.52 4.16
N GLN B 928 -4.95 37.30 4.48
CA GLN B 928 -4.76 36.74 5.81
C GLN B 928 -3.29 36.49 6.11
N VAL B 929 -2.57 35.86 5.17
CA VAL B 929 -1.16 35.59 5.43
C VAL B 929 -0.39 36.90 5.56
N GLY B 930 -0.76 37.90 4.75
CA GLY B 930 -0.14 39.21 4.88
C GLY B 930 -0.39 39.86 6.24
N LEU B 931 -1.59 39.67 6.80
CA LEU B 931 -1.85 40.16 8.15
C LEU B 931 -0.85 39.58 9.13
N LEU B 932 -0.53 38.29 8.98
CA LEU B 932 0.39 37.65 9.90
C LEU B 932 1.81 38.19 9.73
N THR B 933 2.23 38.45 8.49
CA THR B 933 3.59 39.00 8.31
C THR B 933 3.64 40.47 8.71
N THR B 934 2.54 41.21 8.58
CA THR B 934 2.50 42.58 9.08
C THR B 934 2.51 42.59 10.61
N ILE B 935 1.66 41.78 11.22
CA ILE B 935 1.69 41.61 12.67
C ILE B 935 3.09 41.19 13.12
N GLY B 936 3.68 40.23 12.40
CA GLY B 936 4.99 39.72 12.80
C GLY B 936 6.04 40.81 12.83
N LEU B 937 6.10 41.62 11.77
CA LEU B 937 7.10 42.66 11.67
C LEU B 937 6.84 43.79 12.67
N SER B 938 5.57 44.13 12.90
CA SER B 938 5.28 45.13 13.92
C SER B 938 5.62 44.60 15.31
N ALA B 939 5.35 43.31 15.56
CA ALA B 939 5.73 42.73 16.84
C ALA B 939 7.24 42.72 17.02
N LYS B 940 7.97 42.52 15.92
CA LYS B 940 9.42 42.60 15.97
C LYS B 940 9.88 44.01 16.34
N ASN B 941 9.28 45.03 15.71
CA ASN B 941 9.62 46.40 16.05
C ASN B 941 9.43 46.65 17.54
N ALA B 942 8.29 46.22 18.07
CA ALA B 942 8.00 46.44 19.49
C ALA B 942 8.93 45.63 20.38
N ILE B 943 9.27 44.41 19.96
CA ILE B 943 10.16 43.57 20.77
C ILE B 943 11.48 44.27 21.01
N LEU B 944 12.02 44.93 19.98
CA LEU B 944 13.31 45.58 20.12
C LEU B 944 13.22 46.90 20.89
N ILE B 945 12.11 47.63 20.75
CA ILE B 945 11.91 48.81 21.59
C ILE B 945 11.86 48.41 23.06
N VAL B 946 11.02 47.42 23.38
CA VAL B 946 10.88 46.98 24.76
C VAL B 946 12.17 46.39 25.29
N GLU B 947 12.90 45.64 24.44
CA GLU B 947 14.17 45.09 24.87
C GLU B 947 15.13 46.20 25.26
N PHE B 948 15.29 47.20 24.39
CA PHE B 948 16.21 48.30 24.67
C PHE B 948 15.80 49.04 25.94
N ALA B 949 14.51 49.37 26.07
CA ALA B 949 14.04 50.10 27.25
C ALA B 949 14.28 49.30 28.51
N LYS B 950 13.90 48.02 28.51
CA LYS B 950 14.08 47.19 29.71
C LYS B 950 15.55 47.07 30.07
N ASP B 951 16.42 46.88 29.06
CA ASP B 951 17.84 46.73 29.35
C ASP B 951 18.43 48.02 29.93
N LEU B 952 18.00 49.17 29.43
CA LEU B 952 18.43 50.44 30.02
C LEU B 952 18.01 50.53 31.48
N MET B 953 16.77 50.15 31.79
CA MET B 953 16.33 50.17 33.18
C MET B 953 17.13 49.18 34.03
N ASP B 954 17.39 47.99 33.50
CA ASP B 954 18.04 46.94 34.28
C ASP B 954 19.53 47.18 34.45
N LYS B 955 20.22 47.56 33.37
CA LYS B 955 21.67 47.65 33.43
C LYS B 955 22.18 49.04 33.80
N GLU B 956 21.55 50.09 33.29
CA GLU B 956 21.98 51.46 33.53
C GLU B 956 21.11 52.20 34.53
N GLY B 957 20.20 51.49 35.21
CA GLY B 957 19.40 52.08 36.26
C GLY B 957 18.56 53.26 35.83
N LYS B 958 18.28 53.40 34.54
CA LYS B 958 17.50 54.53 34.07
C LYS B 958 16.03 54.37 34.45
N GLY B 959 15.33 55.50 34.45
CA GLY B 959 13.92 55.51 34.80
C GLY B 959 13.04 54.97 33.69
N LEU B 960 11.78 54.70 34.05
CA LEU B 960 10.83 54.13 33.10
C LEU B 960 10.66 55.03 31.89
N ILE B 961 10.40 56.31 32.12
CA ILE B 961 10.18 57.23 31.00
C ILE B 961 11.50 57.49 30.29
N GLU B 962 12.58 57.66 31.05
CA GLU B 962 13.88 57.92 30.44
C GLU B 962 14.28 56.80 29.50
N ALA B 963 14.18 55.56 29.98
CA ALA B 963 14.57 54.41 29.16
C ALA B 963 13.65 54.26 27.95
N THR B 964 12.35 54.46 28.16
CA THR B 964 11.42 54.36 27.03
C THR B 964 11.75 55.39 25.96
N LEU B 965 12.04 56.64 26.36
CA LEU B 965 12.36 57.68 25.39
C LEU B 965 13.67 57.39 24.67
N ASP B 966 14.69 56.93 25.41
CA ASP B 966 15.95 56.59 24.76
C ASP B 966 15.77 55.41 23.82
N ALA B 967 14.91 54.45 24.18
CA ALA B 967 14.70 53.29 23.33
C ALA B 967 14.02 53.67 22.03
N VAL B 968 12.92 54.43 22.10
CA VAL B 968 12.24 54.80 20.87
C VAL B 968 13.12 55.73 20.04
N ARG B 969 13.98 56.51 20.70
CA ARG B 969 14.94 57.32 19.95
C ARG B 969 15.85 56.44 19.09
N MET B 970 16.42 55.40 19.71
CA MET B 970 17.37 54.55 19.02
C MET B 970 16.70 53.72 17.93
N ARG B 971 15.46 53.27 18.17
CA ARG B 971 14.78 52.38 17.23
C ARG B 971 14.07 53.13 16.10
N LEU B 972 14.03 54.45 16.15
CA LEU B 972 13.29 55.20 15.13
C LEU B 972 13.87 54.97 13.74
N ARG B 973 15.18 55.15 13.58
CA ARG B 973 15.78 55.06 12.25
C ARG B 973 15.60 53.70 11.61
N PRO B 974 15.97 52.58 12.27
CA PRO B 974 15.81 51.27 11.61
C PRO B 974 14.37 50.94 11.27
N ILE B 975 13.43 51.24 12.17
CA ILE B 975 12.03 51.03 11.85
C ILE B 975 11.66 51.76 10.57
N LEU B 976 12.06 53.03 10.46
CA LEU B 976 11.69 53.82 9.28
C LEU B 976 12.38 53.30 8.02
N MET B 977 13.61 52.82 8.15
CA MET B 977 14.33 52.30 7.00
C MET B 977 13.63 51.06 6.42
N THR B 978 13.32 50.08 7.28
CA THR B 978 12.60 48.91 6.81
C THR B 978 11.26 49.28 6.21
N SER B 979 10.48 50.10 6.91
CA SER B 979 9.14 50.45 6.42
C SER B 979 9.19 51.18 5.09
N LEU B 980 10.15 52.09 4.93
CA LEU B 980 10.27 52.81 3.66
C LEU B 980 10.61 51.85 2.52
N ALA B 981 11.62 51.00 2.73
CA ALA B 981 12.00 50.04 1.70
C ALA B 981 10.86 49.07 1.38
N PHE B 982 10.25 48.50 2.43
CA PHE B 982 9.25 47.45 2.21
C PHE B 982 7.98 48.02 1.60
N ILE B 983 7.55 49.20 2.05
CA ILE B 983 6.34 49.81 1.50
C ILE B 983 6.52 50.12 0.02
N LEU B 984 7.65 50.71 -0.34
CA LEU B 984 7.92 50.95 -1.76
C LEU B 984 8.05 49.63 -2.53
N GLY B 985 8.57 48.59 -1.89
CA GLY B 985 8.77 47.33 -2.58
C GLY B 985 7.47 46.63 -2.95
N VAL B 986 6.40 46.85 -2.16
CA VAL B 986 5.10 46.25 -2.48
C VAL B 986 4.23 47.18 -3.32
N MET B 987 4.63 48.43 -3.51
CA MET B 987 3.87 49.36 -4.33
C MET B 987 3.54 48.81 -5.71
N PRO B 988 4.48 48.24 -6.47
CA PRO B 988 4.11 47.71 -7.78
C PRO B 988 3.03 46.64 -7.72
N LEU B 989 2.98 45.85 -6.66
CA LEU B 989 1.95 44.84 -6.53
C LEU B 989 0.57 45.49 -6.40
N VAL B 990 0.49 46.62 -5.71
CA VAL B 990 -0.80 47.27 -5.48
C VAL B 990 -1.38 47.82 -6.78
N ILE B 991 -0.55 48.53 -7.54
CA ILE B 991 -1.02 49.19 -8.76
C ILE B 991 -1.05 48.27 -9.97
N SER B 992 -0.51 47.07 -9.85
CA SER B 992 -0.48 46.15 -10.98
C SER B 992 -1.90 45.89 -11.50
N THR B 993 -2.02 45.83 -12.83
CA THR B 993 -3.29 45.54 -13.48
C THR B 993 -3.16 44.48 -14.57
N GLY B 994 -2.01 43.83 -14.68
CA GLY B 994 -1.75 42.86 -15.73
C GLY B 994 -2.15 41.45 -15.34
N ALA B 995 -1.45 40.48 -15.94
CA ALA B 995 -1.73 39.09 -15.65
C ALA B 995 -1.28 38.74 -14.24
N GLY B 996 -2.09 37.96 -13.54
CA GLY B 996 -1.82 37.65 -12.15
C GLY B 996 -1.96 38.80 -11.20
N SER B 997 -2.56 39.92 -11.64
CA SER B 997 -2.69 41.07 -10.76
C SER B 997 -3.71 40.86 -9.65
N GLY B 998 -4.61 39.88 -9.80
CA GLY B 998 -5.52 39.57 -8.71
C GLY B 998 -4.79 39.15 -7.45
N ALA B 999 -3.86 38.20 -7.59
CA ALA B 999 -3.06 37.78 -6.44
C ALA B 999 -2.07 38.85 -6.02
N GLN B 1000 -1.44 39.53 -6.99
CA GLN B 1000 -0.52 40.61 -6.64
C GLN B 1000 -1.23 41.71 -5.86
N ASN B 1001 -2.45 42.07 -6.28
CA ASN B 1001 -3.21 43.09 -5.56
C ASN B 1001 -3.53 42.61 -4.14
N ALA B 1002 -3.94 41.34 -4.01
CA ALA B 1002 -4.33 40.84 -2.69
C ALA B 1002 -3.13 40.75 -1.75
N VAL B 1003 -1.94 40.51 -2.28
CA VAL B 1003 -0.74 40.47 -1.45
C VAL B 1003 -0.35 41.88 -1.03
N GLY B 1004 -0.37 42.83 -1.96
CA GLY B 1004 0.17 44.15 -1.72
C GLY B 1004 -0.73 45.10 -0.96
N THR B 1005 -2.02 45.12 -1.29
CA THR B 1005 -2.92 46.11 -0.70
C THR B 1005 -2.96 45.98 0.82
N GLY B 1006 -3.27 44.79 1.31
CA GLY B 1006 -3.32 44.59 2.76
C GLY B 1006 -1.98 44.85 3.42
N VAL B 1007 -0.89 44.44 2.77
CA VAL B 1007 0.43 44.61 3.36
C VAL B 1007 0.79 46.10 3.41
N MET B 1008 0.51 46.84 2.34
CA MET B 1008 0.89 48.24 2.31
C MET B 1008 0.11 49.04 3.34
N GLY B 1009 -1.22 48.88 3.36
CA GLY B 1009 -2.02 49.56 4.35
C GLY B 1009 -1.64 49.14 5.76
N GLY B 1010 -1.43 47.85 5.97
CA GLY B 1010 -1.05 47.38 7.29
C GLY B 1010 0.31 47.89 7.73
N MET B 1011 1.23 48.03 6.78
CA MET B 1011 2.55 48.56 7.12
C MET B 1011 2.48 50.05 7.42
N VAL B 1012 1.61 50.78 6.71
CA VAL B 1012 1.47 52.21 6.97
C VAL B 1012 1.02 52.46 8.40
N THR B 1013 -0.12 51.87 8.78
CA THR B 1013 -0.64 52.10 10.13
C THR B 1013 0.25 51.46 11.18
N ALA B 1014 0.83 50.28 10.89
CA ALA B 1014 1.70 49.64 11.85
C ALA B 1014 2.91 50.52 12.16
N THR B 1015 3.44 51.19 11.13
CA THR B 1015 4.61 52.04 11.32
C THR B 1015 4.23 53.31 12.07
N VAL B 1016 3.24 54.03 11.57
CA VAL B 1016 2.85 55.29 12.18
C VAL B 1016 2.39 55.07 13.61
N LEU B 1017 1.51 54.09 13.82
CA LEU B 1017 0.92 53.92 15.14
C LEU B 1017 1.90 53.32 16.14
N ALA B 1018 2.75 52.38 15.71
CA ALA B 1018 3.57 51.66 16.67
C ALA B 1018 4.64 52.55 17.30
N ILE B 1019 5.19 53.49 16.53
CA ILE B 1019 6.25 54.33 17.10
C ILE B 1019 5.69 55.27 18.17
N PHE B 1020 4.38 55.47 18.20
CA PHE B 1020 3.74 56.25 19.26
C PHE B 1020 3.05 55.39 20.30
N PHE B 1021 2.48 54.24 19.91
CA PHE B 1021 1.72 53.42 20.85
C PHE B 1021 2.59 52.44 21.63
N VAL B 1022 3.64 51.89 21.03
CA VAL B 1022 4.51 50.97 21.76
C VAL B 1022 5.04 51.59 23.04
N PRO B 1023 5.61 52.81 23.02
CA PRO B 1023 6.02 53.40 24.31
C PRO B 1023 4.87 53.49 25.30
N VAL B 1024 3.65 53.78 24.84
CA VAL B 1024 2.50 53.79 25.71
C VAL B 1024 2.29 52.41 26.33
N PHE B 1025 2.28 51.36 25.49
CA PHE B 1025 2.08 50.00 25.98
C PHE B 1025 3.08 49.67 27.08
N PHE B 1026 4.36 49.95 26.84
CA PHE B 1026 5.38 49.56 27.80
C PHE B 1026 5.20 50.32 29.11
N VAL B 1027 4.96 51.63 29.05
CA VAL B 1027 4.84 52.44 30.25
C VAL B 1027 3.59 52.02 31.04
N VAL B 1028 2.45 51.92 30.37
CA VAL B 1028 1.21 51.55 31.05
C VAL B 1028 1.33 50.18 31.70
N VAL B 1029 2.01 49.24 31.03
CA VAL B 1029 2.10 47.88 31.55
C VAL B 1029 3.08 47.81 32.72
N ARG B 1030 4.22 48.49 32.63
CA ARG B 1030 5.15 48.50 33.76
C ARG B 1030 4.51 49.17 34.98
N ARG B 1031 3.80 50.28 34.76
CA ARG B 1031 3.14 50.95 35.88
C ARG B 1031 2.14 50.03 36.56
N ARG B 1032 1.34 49.31 35.76
CA ARG B 1032 0.32 48.44 36.33
C ARG B 1032 0.93 47.32 37.16
N PHE B 1033 2.09 46.81 36.74
CA PHE B 1033 2.73 45.64 37.36
C PHE B 1033 4.12 46.04 37.86
N SER B 1034 4.19 46.52 39.09
CA SER B 1034 5.48 46.83 39.71
C SER B 1034 6.00 45.64 40.51
N MET C 1 39.22 17.71 25.96
CA MET C 1 38.90 16.26 26.09
C MET C 1 40.15 15.43 26.37
N PRO C 2 41.24 15.67 25.62
CA PRO C 2 42.45 14.87 25.86
C PRO C 2 42.97 14.96 27.29
N ASN C 3 43.03 16.17 27.86
CA ASN C 3 43.49 16.31 29.24
C ASN C 3 42.54 15.62 30.21
N PHE C 4 41.24 15.75 29.99
CA PHE C 4 40.26 15.05 30.81
C PHE C 4 40.56 13.56 30.88
N PHE C 5 40.83 12.94 29.73
CA PHE C 5 41.01 11.49 29.70
C PHE C 5 42.43 11.05 30.02
N ILE C 6 43.42 11.92 29.88
CA ILE C 6 44.76 11.58 30.33
C ILE C 6 44.74 11.25 31.81
N ASP C 7 43.95 11.99 32.59
CA ASP C 7 43.81 11.73 34.02
C ASP C 7 42.77 10.66 34.34
N ARG C 8 41.92 10.29 33.38
CA ARG C 8 40.85 9.31 33.60
C ARG C 8 40.99 8.18 32.58
N PRO C 9 42.03 7.36 32.71
CA PRO C 9 42.25 6.29 31.72
C PRO C 9 41.19 5.20 31.77
N ILE C 10 40.51 5.01 32.91
CA ILE C 10 39.48 3.98 32.97
C ILE C 10 38.24 4.43 32.22
N PHE C 11 37.81 5.68 32.45
CA PHE C 11 36.75 6.27 31.64
C PHE C 11 37.03 6.10 30.15
N ALA C 12 38.26 6.35 29.73
CA ALA C 12 38.60 6.21 28.32
C ALA C 12 38.42 4.76 27.86
N TRP C 13 38.91 3.80 28.65
CA TRP C 13 38.74 2.39 28.29
C TRP C 13 37.26 2.01 28.23
N VAL C 14 36.45 2.56 29.13
CA VAL C 14 35.04 2.20 29.18
C VAL C 14 34.34 2.62 27.90
N ILE C 15 34.65 3.81 27.40
CA ILE C 15 34.08 4.26 26.13
C ILE C 15 34.46 3.30 25.01
N ALA C 16 35.72 2.90 24.96
CA ALA C 16 36.18 2.01 23.90
C ALA C 16 35.57 0.62 24.03
N ILE C 17 35.43 0.11 25.26
CA ILE C 17 34.86 -1.21 25.46
C ILE C 17 33.39 -1.24 25.08
N ILE C 18 32.64 -0.20 25.45
CA ILE C 18 31.23 -0.15 25.09
C ILE C 18 31.08 -0.09 23.57
N ILE C 19 31.93 0.70 22.90
CA ILE C 19 31.91 0.72 21.44
C ILE C 19 32.17 -0.68 20.88
N MET C 20 33.21 -1.34 21.39
CA MET C 20 33.54 -2.67 20.88
C MET C 20 32.43 -3.67 21.16
N LEU C 21 31.82 -3.58 22.35
CA LEU C 21 30.72 -4.48 22.67
C LEU C 21 29.55 -4.27 21.71
N ALA C 22 29.15 -3.01 21.52
CA ALA C 22 28.07 -2.73 20.59
C ALA C 22 28.39 -3.25 19.20
N GLY C 23 29.66 -3.16 18.79
CA GLY C 23 30.04 -3.64 17.48
C GLY C 23 30.07 -5.14 17.38
N GLY C 24 30.50 -5.81 18.44
CA GLY C 24 30.50 -7.27 18.42
C GLY C 24 29.09 -7.82 18.35
N LEU C 25 28.18 -7.26 19.15
CA LEU C 25 26.78 -7.66 19.06
C LEU C 25 26.21 -7.40 17.67
N ALA C 26 26.61 -6.28 17.06
CA ALA C 26 26.13 -5.96 15.71
C ALA C 26 26.52 -7.03 14.70
N ILE C 27 27.76 -7.52 14.78
CA ILE C 27 28.22 -8.51 13.81
C ILE C 27 27.32 -9.74 13.83
N LEU C 28 26.83 -10.12 15.02
CA LEU C 28 26.01 -11.32 15.14
C LEU C 28 24.75 -11.21 14.29
N LYS C 29 24.17 -10.02 14.22
CA LYS C 29 22.88 -9.81 13.57
C LYS C 29 22.98 -9.28 12.15
N LEU C 30 24.13 -8.74 11.76
CA LEU C 30 24.26 -8.13 10.44
C LEU C 30 24.08 -9.18 9.35
N PRO C 31 23.29 -8.91 8.32
CA PRO C 31 23.23 -9.83 7.17
C PRO C 31 24.50 -9.76 6.34
N VAL C 32 24.62 -10.72 5.43
CA VAL C 32 25.81 -10.93 4.62
C VAL C 32 25.41 -11.15 3.17
N ALA C 33 26.16 -10.56 2.25
CA ALA C 33 25.86 -10.66 0.83
C ALA C 33 27.11 -10.26 0.07
N GLN C 34 27.09 -10.51 -1.24
CA GLN C 34 28.16 -9.99 -2.07
C GLN C 34 28.00 -8.50 -2.26
N TYR C 35 26.79 -8.06 -2.58
CA TYR C 35 26.44 -6.67 -2.81
C TYR C 35 25.22 -6.32 -1.98
N PRO C 36 25.02 -5.06 -1.69
CA PRO C 36 23.68 -4.61 -1.31
C PRO C 36 22.80 -4.62 -2.54
N THR C 37 21.56 -4.19 -2.41
CA THR C 37 20.71 -3.99 -3.59
C THR C 37 21.30 -2.86 -4.42
N ILE C 38 21.77 -3.17 -5.62
CA ILE C 38 22.32 -2.16 -6.52
C ILE C 38 21.55 -2.15 -7.83
N ALA C 39 20.95 -3.27 -8.19
CA ALA C 39 20.13 -3.32 -9.38
C ALA C 39 18.86 -2.48 -9.18
N PRO C 40 18.48 -1.67 -10.17
CA PRO C 40 17.21 -0.96 -10.05
C PRO C 40 16.04 -1.92 -10.15
N PRO C 41 14.93 -1.63 -9.47
CA PRO C 41 13.82 -2.58 -9.47
C PRO C 41 13.08 -2.59 -10.80
N ALA C 42 12.45 -3.73 -11.10
CA ALA C 42 11.74 -3.92 -12.34
C ALA C 42 10.40 -4.57 -12.06
N VAL C 43 9.40 -4.24 -12.89
CA VAL C 43 8.06 -4.80 -12.83
C VAL C 43 7.73 -5.34 -14.21
N THR C 44 7.20 -6.55 -14.26
CA THR C 44 6.87 -7.19 -15.53
C THR C 44 5.39 -7.49 -15.62
N ILE C 45 4.80 -7.14 -16.76
CA ILE C 45 3.42 -7.48 -17.11
C ILE C 45 3.48 -8.65 -18.08
N SER C 46 2.72 -9.71 -17.79
CA SER C 46 2.71 -10.90 -18.63
C SER C 46 1.28 -11.20 -19.04
N ALA C 47 1.09 -11.42 -20.34
CA ALA C 47 -0.23 -11.70 -20.89
C ALA C 47 -0.09 -12.79 -21.94
N SER C 48 -1.21 -13.45 -22.24
CA SER C 48 -1.23 -14.53 -23.21
C SER C 48 -2.48 -14.45 -24.07
N TYR C 49 -2.28 -14.57 -25.38
CA TYR C 49 -3.35 -14.61 -26.38
C TYR C 49 -3.20 -15.95 -27.08
N PRO C 50 -3.76 -17.02 -26.52
CA PRO C 50 -3.49 -18.36 -27.06
C PRO C 50 -3.81 -18.44 -28.55
N GLY C 51 -2.87 -19.00 -29.31
CA GLY C 51 -3.02 -19.17 -30.74
C GLY C 51 -2.66 -17.97 -31.59
N ALA C 52 -2.51 -16.80 -30.98
CA ALA C 52 -2.26 -15.58 -31.75
C ALA C 52 -0.78 -15.44 -32.10
N ASP C 53 -0.52 -14.92 -33.28
CA ASP C 53 0.82 -14.67 -33.76
C ASP C 53 1.39 -13.41 -33.10
N ALA C 54 2.68 -13.17 -33.34
CA ALA C 54 3.36 -12.06 -32.67
C ALA C 54 2.79 -10.71 -33.09
N LYS C 55 2.52 -10.55 -34.38
CA LYS C 55 1.98 -9.29 -34.88
C LYS C 55 0.57 -9.04 -34.34
N THR C 56 -0.28 -10.08 -34.36
CA THR C 56 -1.62 -9.93 -33.81
C THR C 56 -1.57 -9.57 -32.33
N VAL C 57 -0.72 -10.24 -31.56
CA VAL C 57 -0.73 -9.97 -30.13
C VAL C 57 -0.07 -8.63 -29.82
N GLN C 58 0.91 -8.18 -30.62
CA GLN C 58 1.44 -6.84 -30.45
C GLN C 58 0.38 -5.77 -30.69
N ASP C 59 -0.46 -5.97 -31.72
CA ASP C 59 -1.44 -4.95 -32.08
C ASP C 59 -2.61 -4.93 -31.11
N THR C 60 -3.01 -6.11 -30.61
CA THR C 60 -4.20 -6.19 -29.76
C THR C 60 -3.90 -6.18 -28.26
N VAL C 61 -2.63 -6.33 -27.86
CA VAL C 61 -2.30 -6.43 -26.44
C VAL C 61 -1.15 -5.51 -26.10
N THR C 62 0.02 -5.79 -26.66
CA THR C 62 1.24 -5.10 -26.23
C THR C 62 1.12 -3.58 -26.38
N GLN C 63 0.67 -3.12 -27.56
CA GLN C 63 0.57 -1.69 -27.77
C GLN C 63 -0.53 -1.08 -26.91
N VAL C 64 -1.63 -1.81 -26.69
CA VAL C 64 -2.70 -1.33 -25.84
C VAL C 64 -2.18 -1.10 -24.42
N ILE C 65 -1.41 -2.06 -23.89
CA ILE C 65 -0.86 -1.89 -22.55
C ILE C 65 0.17 -0.76 -22.53
N GLU C 66 1.12 -0.79 -23.47
CA GLU C 66 2.21 0.19 -23.46
C GLU C 66 1.66 1.61 -23.53
N GLN C 67 0.57 1.82 -24.28
CA GLN C 67 0.00 3.15 -24.43
C GLN C 67 -0.51 3.70 -23.10
N ASN C 68 -0.72 2.85 -22.11
CA ASN C 68 -1.20 3.27 -20.80
C ASN C 68 -0.10 3.31 -19.74
N MET C 69 1.15 3.01 -20.11
CA MET C 69 2.24 2.98 -19.14
C MET C 69 2.91 4.33 -18.99
N ASN C 70 2.20 5.40 -19.30
CA ASN C 70 2.70 6.75 -19.19
C ASN C 70 2.39 7.30 -17.81
N GLY C 71 3.18 8.31 -17.41
CA GLY C 71 2.89 8.96 -16.14
C GLY C 71 3.00 8.06 -14.94
N ILE C 72 3.94 7.13 -14.96
CA ILE C 72 4.32 6.33 -13.79
C ILE C 72 5.59 6.96 -13.24
N ASP C 73 5.65 7.10 -11.90
CA ASP C 73 6.81 7.74 -11.28
C ASP C 73 8.08 6.90 -11.46
N ASN C 74 9.19 7.59 -11.70
CA ASN C 74 10.52 7.01 -11.59
C ASN C 74 10.80 5.94 -12.65
N LEU C 75 10.06 5.96 -13.75
CA LEU C 75 10.26 4.99 -14.83
C LEU C 75 11.50 5.38 -15.64
N MET C 76 12.48 4.47 -15.69
CA MET C 76 13.68 4.70 -16.49
C MET C 76 13.51 4.25 -17.94
N TYR C 77 13.06 3.03 -18.16
CA TYR C 77 12.79 2.57 -19.51
C TYR C 77 11.82 1.40 -19.45
N MET C 78 11.31 1.04 -20.63
CA MET C 78 10.33 -0.02 -20.80
C MET C 78 10.74 -0.87 -22.00
N SER C 79 10.71 -2.20 -21.83
CA SER C 79 11.03 -3.12 -22.92
C SER C 79 9.96 -4.21 -22.98
N SER C 80 9.66 -4.66 -24.19
CA SER C 80 8.63 -5.68 -24.36
C SER C 80 8.96 -6.59 -25.52
N ASN C 81 8.43 -7.81 -25.46
CA ASN C 81 8.42 -8.68 -26.63
C ASN C 81 7.05 -9.33 -26.76
N SER C 82 6.67 -9.53 -28.02
CA SER C 82 5.45 -10.22 -28.40
C SER C 82 5.87 -11.35 -29.34
N ASP C 83 5.41 -12.58 -29.07
CA ASP C 83 5.95 -13.70 -29.85
C ASP C 83 4.84 -14.62 -30.35
N SER C 84 5.27 -15.63 -31.10
CA SER C 84 4.39 -16.47 -31.91
C SER C 84 3.57 -17.44 -31.09
N THR C 85 3.82 -17.58 -29.80
CA THR C 85 2.96 -18.35 -28.92
C THR C 85 1.81 -17.53 -28.36
N GLY C 86 1.69 -16.26 -28.75
CA GLY C 86 0.71 -15.36 -28.17
C GLY C 86 1.15 -14.71 -26.88
N THR C 87 2.39 -14.92 -26.46
CA THR C 87 2.85 -14.44 -25.16
C THR C 87 3.38 -13.02 -25.27
N VAL C 88 3.04 -12.20 -24.28
CA VAL C 88 3.52 -10.83 -24.19
C VAL C 88 4.19 -10.65 -22.84
N GLN C 89 5.34 -10.00 -22.83
CA GLN C 89 6.00 -9.59 -21.61
C GLN C 89 6.47 -8.16 -21.78
N ILE C 90 6.06 -7.30 -20.85
CA ILE C 90 6.43 -5.90 -20.83
C ILE C 90 7.12 -5.65 -19.50
N THR C 91 8.36 -5.20 -19.54
CA THR C 91 9.15 -4.97 -18.35
C THR C 91 9.46 -3.49 -18.20
N LEU C 92 9.09 -2.94 -17.05
CA LEU C 92 9.32 -1.54 -16.71
C LEU C 92 10.41 -1.50 -15.64
N THR C 93 11.46 -0.72 -15.90
CA THR C 93 12.59 -0.61 -14.99
C THR C 93 12.64 0.79 -14.42
N PHE C 94 12.78 0.88 -13.09
CA PHE C 94 12.63 2.11 -12.34
C PHE C 94 13.97 2.59 -11.81
N GLU C 95 14.03 3.89 -11.49
CA GLU C 95 15.26 4.49 -11.00
C GLU C 95 15.70 3.80 -9.72
N SER C 96 17.01 3.84 -9.48
CA SER C 96 17.54 3.30 -8.24
C SER C 96 16.90 3.99 -7.05
N GLY C 97 16.59 3.21 -6.00
CA GLY C 97 15.95 3.73 -4.82
C GLY C 97 14.43 3.76 -4.87
N THR C 98 13.83 3.44 -6.02
CA THR C 98 12.38 3.39 -6.11
C THR C 98 11.84 2.28 -5.21
N ASP C 99 10.74 2.59 -4.52
CA ASP C 99 10.00 1.59 -3.76
C ASP C 99 9.32 0.63 -4.72
N ALA C 100 9.81 -0.61 -4.79
CA ALA C 100 9.36 -1.53 -5.83
C ALA C 100 7.90 -1.93 -5.64
N ASP C 101 7.41 -1.93 -4.39
CA ASP C 101 6.01 -2.25 -4.15
C ASP C 101 5.10 -1.12 -4.65
N ILE C 102 5.52 0.13 -4.45
CA ILE C 102 4.75 1.26 -4.99
C ILE C 102 4.81 1.25 -6.52
N ALA C 103 5.96 0.91 -7.09
CA ALA C 103 6.04 0.78 -8.54
C ALA C 103 5.05 -0.26 -9.05
N GLN C 104 5.00 -1.44 -8.41
CA GLN C 104 4.04 -2.45 -8.83
C GLN C 104 2.62 -1.90 -8.77
N VAL C 105 2.28 -1.20 -7.69
CA VAL C 105 0.93 -0.64 -7.56
C VAL C 105 0.65 0.35 -8.69
N GLN C 106 1.60 1.25 -8.95
CA GLN C 106 1.39 2.23 -10.01
C GLN C 106 1.24 1.57 -11.38
N VAL C 107 2.04 0.53 -11.65
CA VAL C 107 1.90 -0.20 -12.90
C VAL C 107 0.54 -0.89 -12.97
N GLN C 108 0.15 -1.56 -11.90
CA GLN C 108 -1.14 -2.26 -11.92
C GLN C 108 -2.29 -1.29 -12.11
N ASN C 109 -2.21 -0.11 -11.49
CA ASN C 109 -3.26 0.88 -11.64
C ASN C 109 -3.38 1.36 -13.08
N LYS C 110 -2.24 1.52 -13.77
CA LYS C 110 -2.31 1.89 -15.18
C LYS C 110 -2.73 0.71 -16.04
N LEU C 111 -2.31 -0.50 -15.69
CA LEU C 111 -2.73 -1.66 -16.47
C LEU C 111 -4.24 -1.85 -16.43
N GLN C 112 -4.90 -1.48 -15.32
CA GLN C 112 -6.33 -1.71 -15.23
C GLN C 112 -7.08 -0.97 -16.33
N LEU C 113 -6.58 0.21 -16.72
CA LEU C 113 -7.20 0.96 -17.81
C LEU C 113 -7.13 0.19 -19.12
N ALA C 114 -6.03 -0.53 -19.35
CA ALA C 114 -5.90 -1.25 -20.61
C ALA C 114 -6.70 -2.54 -20.60
N MET C 115 -6.93 -3.14 -19.42
CA MET C 115 -7.61 -4.41 -19.31
C MET C 115 -8.91 -4.46 -20.10
N PRO C 116 -9.83 -3.50 -19.94
CA PRO C 116 -11.01 -3.47 -20.81
C PRO C 116 -10.72 -3.72 -22.28
N LEU C 117 -9.74 -3.00 -22.83
CA LEU C 117 -9.51 -2.96 -24.27
C LEU C 117 -8.86 -4.22 -24.79
N LEU C 118 -8.49 -5.16 -23.92
CA LEU C 118 -7.83 -6.37 -24.38
C LEU C 118 -8.85 -7.39 -24.84
N PRO C 119 -8.45 -8.31 -25.71
CA PRO C 119 -9.39 -9.35 -26.15
C PRO C 119 -9.87 -10.16 -24.96
N GLN C 120 -11.10 -10.66 -25.07
CA GLN C 120 -11.67 -11.42 -23.97
C GLN C 120 -10.82 -12.64 -23.66
N GLU C 121 -10.28 -13.29 -24.69
CA GLU C 121 -9.44 -14.48 -24.45
C GLU C 121 -8.17 -14.14 -23.67
N VAL C 122 -7.68 -12.91 -23.81
CA VAL C 122 -6.51 -12.50 -23.04
C VAL C 122 -6.90 -12.22 -21.59
N GLN C 123 -8.01 -11.52 -21.39
CA GLN C 123 -8.52 -11.33 -20.04
C GLN C 123 -8.79 -12.66 -19.35
N GLN C 124 -9.19 -13.68 -20.11
CA GLN C 124 -9.53 -14.98 -19.53
C GLN C 124 -8.30 -15.76 -19.11
N GLN C 125 -7.12 -15.44 -19.64
CA GLN C 125 -5.90 -16.05 -19.15
C GLN C 125 -5.35 -15.35 -17.92
N GLY C 126 -5.83 -14.14 -17.62
CA GLY C 126 -5.26 -13.35 -16.54
C GLY C 126 -3.98 -12.64 -16.93
N VAL C 127 -3.82 -11.41 -16.46
CA VAL C 127 -2.64 -10.59 -16.72
C VAL C 127 -1.94 -10.37 -15.39
N SER C 128 -0.70 -10.84 -15.29
CA SER C 128 0.08 -10.71 -14.06
C SER C 128 0.94 -9.45 -14.10
N VAL C 129 1.01 -8.78 -12.95
CA VAL C 129 1.82 -7.59 -12.75
C VAL C 129 2.58 -7.79 -11.46
N GLU C 130 3.89 -8.01 -11.56
CA GLU C 130 4.70 -8.32 -10.40
C GLU C 130 6.14 -7.90 -10.61
N LYS C 131 6.81 -7.60 -9.49
CA LYS C 131 8.23 -7.36 -9.48
C LYS C 131 8.96 -8.53 -10.12
N SER C 132 10.03 -8.23 -10.86
CA SER C 132 10.71 -9.25 -11.66
C SER C 132 12.22 -9.05 -11.66
N SER C 133 12.92 -10.12 -12.02
CA SER C 133 14.36 -10.09 -12.29
C SER C 133 14.66 -11.03 -13.46
N SER C 134 15.84 -10.88 -14.03
CA SER C 134 16.16 -11.57 -15.28
C SER C 134 17.04 -12.80 -15.11
N SER C 135 17.88 -12.88 -14.09
CA SER C 135 18.83 -13.98 -13.97
C SER C 135 18.43 -14.95 -12.87
N PHE C 136 18.76 -16.21 -13.10
CA PHE C 136 18.52 -17.25 -12.11
C PHE C 136 19.57 -17.20 -11.01
N LEU C 137 19.10 -17.28 -9.77
CA LEU C 137 20.00 -17.49 -8.63
C LEU C 137 20.65 -18.86 -8.71
N MET C 138 19.88 -19.87 -9.10
CA MET C 138 20.37 -21.25 -9.18
C MET C 138 19.42 -22.04 -10.05
N VAL C 139 19.91 -23.16 -10.55
CA VAL C 139 19.08 -24.20 -11.14
C VAL C 139 19.21 -25.42 -10.24
N VAL C 140 18.09 -25.93 -9.74
CA VAL C 140 18.06 -27.19 -9.01
C VAL C 140 17.68 -28.28 -10.01
N GLY C 141 18.61 -29.22 -10.23
CA GLY C 141 18.32 -30.34 -11.12
C GLY C 141 17.75 -31.53 -10.36
N VAL C 142 17.03 -32.38 -11.08
CA VAL C 142 16.45 -33.58 -10.49
C VAL C 142 16.63 -34.72 -11.49
N ILE C 143 17.17 -35.84 -11.02
CA ILE C 143 17.41 -37.02 -11.83
C ILE C 143 16.89 -38.25 -11.10
N ASN C 144 16.85 -39.36 -11.81
CA ASN C 144 16.47 -40.65 -11.25
C ASN C 144 17.61 -41.64 -11.51
N THR C 145 18.08 -42.29 -10.44
CA THR C 145 19.28 -43.13 -10.53
C THR C 145 19.00 -44.61 -10.63
N ASP C 146 17.79 -45.08 -10.32
CA ASP C 146 17.48 -46.50 -10.35
C ASP C 146 16.65 -46.90 -11.57
N GLY C 147 16.58 -46.03 -12.58
CA GLY C 147 15.93 -46.36 -13.84
C GLY C 147 14.44 -46.58 -13.76
N THR C 148 13.81 -46.20 -12.65
CA THR C 148 12.38 -46.41 -12.49
C THR C 148 11.52 -45.22 -12.93
N MET C 149 12.10 -44.04 -13.16
CA MET C 149 11.34 -42.87 -13.58
C MET C 149 11.94 -42.28 -14.84
N THR C 150 11.09 -41.99 -15.81
CA THR C 150 11.54 -41.29 -16.99
C THR C 150 11.64 -39.79 -16.71
N GLN C 151 12.24 -39.10 -17.67
CA GLN C 151 12.31 -37.64 -17.67
C GLN C 151 10.95 -37.03 -17.41
N GLU C 152 9.94 -37.48 -18.16
CA GLU C 152 8.59 -36.94 -18.04
C GLU C 152 8.01 -37.24 -16.67
N ASP C 153 8.33 -38.41 -16.11
CA ASP C 153 7.91 -38.74 -14.75
C ASP C 153 8.58 -37.84 -13.72
N ILE C 154 9.88 -37.60 -13.87
CA ILE C 154 10.57 -36.71 -12.94
C ILE C 154 9.94 -35.32 -12.98
N SER C 155 9.67 -34.81 -14.18
CA SER C 155 9.14 -33.46 -14.30
C SER C 155 7.78 -33.37 -13.64
N ASP C 156 6.93 -34.39 -13.81
CA ASP C 156 5.64 -34.38 -13.13
C ASP C 156 5.82 -34.41 -11.62
N TYR C 157 6.72 -35.25 -11.12
CA TYR C 157 6.92 -35.29 -9.68
C TYR C 157 7.34 -33.92 -9.16
N VAL C 158 8.25 -33.25 -9.87
CA VAL C 158 8.74 -31.95 -9.44
C VAL C 158 7.61 -30.94 -9.48
N ALA C 159 6.88 -30.88 -10.60
CA ALA C 159 5.78 -29.94 -10.74
C ALA C 159 4.70 -30.17 -9.69
N ALA C 160 4.39 -31.43 -9.39
CA ALA C 160 3.25 -31.77 -8.57
C ALA C 160 3.55 -31.79 -7.08
N ASN C 161 4.81 -31.90 -6.70
CA ASN C 161 5.18 -32.11 -5.30
C ASN C 161 6.25 -31.18 -4.77
N MET C 162 6.96 -30.46 -5.62
CA MET C 162 8.07 -29.63 -5.18
C MET C 162 7.94 -28.17 -5.57
N LYS C 163 7.48 -27.89 -6.79
CA LYS C 163 7.56 -26.54 -7.34
C LYS C 163 6.76 -25.55 -6.50
N ASP C 164 5.51 -25.89 -6.15
CA ASP C 164 4.65 -24.94 -5.45
C ASP C 164 5.28 -24.50 -4.14
N ALA C 165 5.75 -25.46 -3.35
CA ALA C 165 6.41 -25.12 -2.08
C ALA C 165 7.66 -24.29 -2.31
N ILE C 166 8.50 -24.68 -3.28
CA ILE C 166 9.69 -23.86 -3.56
C ILE C 166 9.27 -22.44 -3.92
N SER C 167 8.22 -22.29 -4.72
CA SER C 167 7.78 -20.99 -5.17
C SER C 167 7.22 -20.13 -4.04
N ARG C 168 6.91 -20.72 -2.88
CA ARG C 168 6.46 -19.98 -1.71
C ARG C 168 7.54 -19.90 -0.64
N THR C 169 8.76 -20.32 -0.97
CA THR C 169 9.86 -20.30 -0.02
C THR C 169 10.45 -18.90 0.10
N SER C 170 10.93 -18.58 1.29
CA SER C 170 11.41 -17.25 1.61
C SER C 170 12.43 -16.76 0.59
N GLY C 171 12.16 -15.61 -0.01
CA GLY C 171 13.10 -15.01 -0.94
C GLY C 171 13.01 -15.49 -2.37
N VAL C 172 12.17 -16.47 -2.67
CA VAL C 172 12.05 -16.96 -4.03
C VAL C 172 11.10 -16.07 -4.81
N GLY C 173 11.55 -15.58 -5.96
CA GLY C 173 10.74 -14.65 -6.74
C GLY C 173 9.89 -15.33 -7.78
N ASP C 174 10.52 -16.09 -8.66
CA ASP C 174 9.85 -16.80 -9.74
C ASP C 174 10.54 -18.14 -9.91
N VAL C 175 9.79 -19.14 -10.37
CA VAL C 175 10.31 -20.49 -10.52
C VAL C 175 9.92 -21.01 -11.90
N GLN C 176 10.91 -21.44 -12.65
CA GLN C 176 10.71 -22.00 -13.99
C GLN C 176 10.94 -23.51 -13.92
N LEU C 177 9.95 -24.27 -14.38
CA LEU C 177 10.10 -25.72 -14.51
C LEU C 177 10.74 -26.05 -15.86
N PHE C 178 11.82 -26.83 -15.84
CA PHE C 178 12.46 -27.27 -17.08
C PHE C 178 11.87 -28.63 -17.45
N GLY C 179 10.65 -28.56 -17.93
CA GLY C 179 9.80 -29.71 -18.17
C GLY C 179 8.37 -29.30 -17.97
N SER C 180 7.49 -30.28 -17.78
CA SER C 180 6.07 -30.01 -17.70
C SER C 180 5.40 -31.01 -16.77
N GLN C 181 4.41 -30.52 -16.01
CA GLN C 181 3.55 -31.38 -15.22
C GLN C 181 2.74 -32.28 -16.15
N TYR C 182 2.39 -33.46 -15.66
CA TYR C 182 1.48 -34.31 -16.42
C TYR C 182 0.12 -33.64 -16.53
N ALA C 183 -0.50 -33.83 -17.69
CA ALA C 183 -1.92 -33.65 -17.92
C ALA C 183 -2.48 -34.98 -18.39
N MET C 184 -3.79 -35.08 -18.39
CA MET C 184 -4.48 -36.21 -19.05
C MET C 184 -4.48 -35.91 -20.54
N ARG C 185 -3.77 -36.72 -21.32
CA ARG C 185 -3.64 -36.48 -22.75
C ARG C 185 -4.56 -37.41 -23.51
N ILE C 186 -5.42 -36.82 -24.34
CA ILE C 186 -6.30 -37.54 -25.25
C ILE C 186 -5.73 -37.30 -26.64
N TRP C 187 -5.08 -38.34 -27.20
CA TRP C 187 -4.45 -38.24 -28.51
C TRP C 187 -5.41 -38.79 -29.56
N MET C 188 -6.03 -37.90 -30.33
CA MET C 188 -7.12 -38.27 -31.21
C MET C 188 -6.59 -38.86 -32.52
N ASN C 189 -7.35 -39.81 -33.06
CA ASN C 189 -7.06 -40.44 -34.34
C ASN C 189 -8.12 -39.99 -35.34
N PRO C 190 -7.78 -39.25 -36.38
CA PRO C 190 -8.82 -38.72 -37.27
C PRO C 190 -9.50 -39.80 -38.10
N ASN C 191 -8.78 -40.89 -38.41
CA ASN C 191 -9.39 -41.98 -39.16
C ASN C 191 -10.47 -42.68 -38.34
N GLU C 192 -10.17 -42.96 -37.06
CA GLU C 192 -11.17 -43.60 -36.21
C GLU C 192 -12.32 -42.65 -35.91
N LEU C 193 -12.05 -41.36 -35.75
CA LEU C 193 -13.14 -40.40 -35.59
C LEU C 193 -14.05 -40.42 -36.81
N ASN C 194 -13.47 -40.33 -38.00
CA ASN C 194 -14.27 -40.40 -39.23
C ASN C 194 -15.05 -41.71 -39.31
N LYS C 195 -14.41 -42.82 -38.95
CA LYS C 195 -15.07 -44.13 -39.01
C LYS C 195 -16.38 -44.14 -38.23
N PHE C 196 -16.39 -43.54 -37.04
CA PHE C 196 -17.60 -43.48 -36.23
C PHE C 196 -18.37 -42.17 -36.42
N GLN C 197 -18.01 -41.38 -37.43
CA GLN C 197 -18.70 -40.13 -37.75
C GLN C 197 -18.71 -39.18 -36.54
N LEU C 198 -17.52 -38.93 -36.00
CA LEU C 198 -17.33 -38.06 -34.86
C LEU C 198 -16.25 -37.03 -35.18
N THR C 199 -16.20 -35.98 -34.37
CA THR C 199 -15.18 -34.94 -34.47
C THR C 199 -14.59 -34.64 -33.10
N PRO C 200 -13.54 -33.83 -33.04
CA PRO C 200 -13.06 -33.35 -31.74
C PRO C 200 -14.12 -32.58 -30.96
N VAL C 201 -15.10 -31.98 -31.63
CA VAL C 201 -16.20 -31.33 -30.92
C VAL C 201 -16.92 -32.35 -30.03
N ASP C 202 -17.25 -33.51 -30.60
CA ASP C 202 -17.94 -34.55 -29.84
C ASP C 202 -17.09 -35.04 -28.68
N VAL C 203 -15.79 -35.15 -28.88
CA VAL C 203 -14.89 -35.57 -27.81
C VAL C 203 -14.93 -34.56 -26.67
N ILE C 204 -14.74 -33.29 -27.01
CA ILE C 204 -14.71 -32.23 -26.01
C ILE C 204 -16.04 -32.17 -25.26
N THR C 205 -17.15 -32.26 -25.99
CA THR C 205 -18.45 -32.26 -25.33
C THR C 205 -18.55 -33.40 -24.32
N ALA C 206 -18.16 -34.61 -24.72
CA ALA C 206 -18.32 -35.76 -23.85
C ALA C 206 -17.42 -35.66 -22.62
N ILE C 207 -16.20 -35.18 -22.80
CA ILE C 207 -15.30 -35.01 -21.65
C ILE C 207 -15.88 -34.02 -20.66
N LYS C 208 -16.40 -32.90 -21.16
CA LYS C 208 -17.00 -31.90 -20.26
C LYS C 208 -18.19 -32.50 -19.52
N ALA C 209 -18.98 -33.34 -20.19
CA ALA C 209 -20.15 -33.93 -19.56
C ALA C 209 -19.80 -35.10 -18.63
N GLN C 210 -18.74 -35.84 -18.89
CA GLN C 210 -18.47 -37.06 -18.13
C GLN C 210 -17.25 -36.97 -17.25
N ASN C 211 -16.46 -35.90 -17.34
CA ASN C 211 -15.42 -35.58 -16.37
C ASN C 211 -15.87 -34.28 -15.72
N ALA C 212 -16.84 -34.38 -14.81
CA ALA C 212 -17.51 -33.22 -14.24
C ALA C 212 -17.54 -33.34 -12.73
N GLN C 213 -17.62 -32.18 -12.08
CA GLN C 213 -17.68 -32.08 -10.63
C GLN C 213 -18.88 -31.20 -10.29
N VAL C 214 -19.93 -31.84 -9.77
CA VAL C 214 -21.27 -31.27 -9.75
C VAL C 214 -21.65 -30.88 -8.33
N ALA C 215 -22.11 -29.66 -8.15
CA ALA C 215 -22.73 -29.25 -6.89
C ALA C 215 -24.18 -29.71 -6.92
N ALA C 216 -24.53 -30.61 -6.01
CA ALA C 216 -25.83 -31.27 -6.07
C ALA C 216 -26.70 -31.03 -4.84
N GLY C 217 -26.24 -30.24 -3.87
CA GLY C 217 -27.09 -29.87 -2.75
C GLY C 217 -27.06 -30.81 -1.58
N GLN C 218 -28.16 -30.84 -0.82
CA GLN C 218 -28.24 -31.60 0.42
C GLN C 218 -29.64 -32.17 0.63
N LEU C 219 -29.70 -33.27 1.37
CA LEU C 219 -30.92 -33.73 2.01
C LEU C 219 -31.03 -33.06 3.37
N GLY C 220 -32.22 -32.55 3.68
CA GLY C 220 -32.42 -31.89 4.95
C GLY C 220 -31.66 -30.60 5.09
N GLY C 221 -31.35 -29.93 3.98
CA GLY C 221 -30.69 -28.64 4.05
C GLY C 221 -31.62 -27.53 4.50
N THR C 222 -31.02 -26.40 4.89
CA THR C 222 -31.81 -25.26 5.32
C THR C 222 -32.43 -24.54 4.13
N PRO C 223 -33.62 -23.96 4.30
CA PRO C 223 -34.52 -24.14 5.45
C PRO C 223 -35.17 -25.52 5.38
N PRO C 224 -35.19 -26.28 6.46
CA PRO C 224 -35.77 -27.62 6.43
C PRO C 224 -37.23 -27.60 6.84
N VAL C 225 -37.88 -28.75 6.70
CA VAL C 225 -39.12 -29.00 7.42
C VAL C 225 -38.73 -29.33 8.85
N LYS C 226 -39.21 -28.54 9.81
CA LYS C 226 -38.87 -28.82 11.21
C LYS C 226 -39.26 -30.24 11.56
N GLY C 227 -38.44 -30.89 12.40
CA GLY C 227 -38.57 -32.30 12.69
C GLY C 227 -37.67 -33.19 11.85
N GLN C 228 -37.01 -32.63 10.83
CA GLN C 228 -36.06 -33.38 10.02
C GLN C 228 -34.95 -33.96 10.90
N GLN C 229 -34.56 -35.20 10.62
CA GLN C 229 -33.48 -35.85 11.34
C GLN C 229 -32.21 -35.95 10.52
N LEU C 230 -32.32 -36.11 9.21
CA LEU C 230 -31.19 -36.36 8.33
C LEU C 230 -30.72 -35.06 7.70
N ASN C 231 -29.42 -34.81 7.76
CA ASN C 231 -28.75 -33.80 6.93
C ASN C 231 -27.54 -34.47 6.30
N ALA C 232 -27.55 -34.59 4.97
CA ALA C 232 -26.48 -35.26 4.24
C ALA C 232 -26.25 -34.56 2.91
N SER C 233 -24.98 -34.41 2.53
CA SER C 233 -24.64 -33.93 1.20
C SER C 233 -25.09 -34.92 0.15
N ILE C 234 -25.58 -34.41 -0.96
CA ILE C 234 -25.76 -35.20 -2.17
C ILE C 234 -24.47 -35.09 -2.98
N ILE C 235 -23.90 -36.23 -3.35
CA ILE C 235 -22.69 -36.31 -4.16
C ILE C 235 -23.09 -36.87 -5.52
N ALA C 236 -22.86 -36.10 -6.57
CA ALA C 236 -23.15 -36.56 -7.92
C ALA C 236 -21.83 -36.87 -8.61
N GLN C 237 -21.69 -36.48 -9.87
CA GLN C 237 -20.44 -36.75 -10.59
C GLN C 237 -19.24 -36.14 -9.87
N THR C 238 -18.11 -36.84 -9.93
CA THR C 238 -16.83 -36.31 -9.49
C THR C 238 -15.82 -36.40 -10.64
N ARG C 239 -14.79 -35.56 -10.56
CA ARG C 239 -13.73 -35.58 -11.57
C ARG C 239 -13.17 -36.99 -11.72
N LEU C 240 -12.88 -37.36 -12.98
CA LEU C 240 -12.16 -38.60 -13.23
C LEU C 240 -10.72 -38.49 -12.74
N THR C 241 -10.10 -39.66 -12.51
CA THR C 241 -8.82 -39.73 -11.82
C THR C 241 -7.78 -40.60 -12.52
N SER C 242 -8.08 -41.17 -13.69
CA SER C 242 -7.19 -42.17 -14.27
C SER C 242 -7.47 -42.30 -15.75
N THR C 243 -6.44 -42.77 -16.48
CA THR C 243 -6.63 -43.02 -17.91
C THR C 243 -7.74 -44.05 -18.14
N GLU C 244 -7.86 -45.03 -17.25
CA GLU C 244 -8.93 -46.01 -17.40
C GLU C 244 -10.30 -45.34 -17.45
N GLU C 245 -10.55 -44.42 -16.52
CA GLU C 245 -11.86 -43.77 -16.49
C GLU C 245 -12.07 -42.91 -17.72
N PHE C 246 -11.04 -42.22 -18.20
CA PHE C 246 -11.22 -41.41 -19.39
C PHE C 246 -11.48 -42.30 -20.61
N GLY C 247 -10.79 -43.44 -20.70
CA GLY C 247 -10.95 -44.31 -21.86
C GLY C 247 -12.36 -44.82 -22.05
N LYS C 248 -13.10 -45.03 -20.96
CA LYS C 248 -14.47 -45.55 -21.06
C LYS C 248 -15.51 -44.45 -21.08
N ILE C 249 -15.11 -43.20 -21.32
CA ILE C 249 -16.07 -42.15 -21.60
C ILE C 249 -16.89 -42.55 -22.81
N LEU C 250 -18.21 -42.44 -22.69
CA LEU C 250 -19.11 -42.91 -23.74
C LEU C 250 -19.36 -41.80 -24.73
N LEU C 251 -18.95 -42.01 -25.98
CA LEU C 251 -19.17 -41.01 -27.03
C LEU C 251 -20.53 -41.15 -27.68
N LYS C 252 -20.93 -42.38 -28.01
CA LYS C 252 -22.27 -42.63 -28.54
C LYS C 252 -22.52 -44.13 -28.52
N VAL C 253 -23.79 -44.48 -28.69
CA VAL C 253 -24.22 -45.86 -28.88
C VAL C 253 -24.74 -46.00 -30.30
N ASN C 254 -24.29 -47.02 -31.01
CA ASN C 254 -24.76 -47.26 -32.36
C ASN C 254 -26.11 -47.96 -32.34
N GLN C 255 -26.74 -48.03 -33.51
CA GLN C 255 -28.08 -48.62 -33.61
C GLN C 255 -28.05 -50.10 -33.23
N ASP C 256 -26.98 -50.80 -33.59
CA ASP C 256 -26.83 -52.20 -33.17
C ASP C 256 -26.52 -52.35 -31.70
N GLY C 257 -26.58 -51.29 -30.90
CA GLY C 257 -26.25 -51.34 -29.49
C GLY C 257 -24.77 -51.31 -29.19
N SER C 258 -23.90 -51.41 -30.21
CA SER C 258 -22.47 -51.34 -29.96
C SER C 258 -22.10 -49.95 -29.45
N ARG C 259 -21.17 -49.91 -28.51
CA ARG C 259 -20.80 -48.67 -27.83
C ARG C 259 -19.47 -48.15 -28.37
N VAL C 260 -19.41 -46.85 -28.64
CA VAL C 260 -18.19 -46.17 -29.05
C VAL C 260 -17.67 -45.43 -27.83
N LEU C 261 -16.51 -45.87 -27.32
CA LEU C 261 -15.87 -45.25 -26.17
C LEU C 261 -14.72 -44.36 -26.62
N LEU C 262 -14.27 -43.48 -25.72
CA LEU C 262 -13.21 -42.55 -26.08
C LEU C 262 -11.94 -43.29 -26.49
N ARG C 263 -11.61 -44.38 -25.79
CA ARG C 263 -10.43 -45.16 -26.12
C ARG C 263 -10.53 -45.82 -27.49
N ASP C 264 -11.70 -45.81 -28.12
CA ASP C 264 -11.85 -46.34 -29.48
C ASP C 264 -11.47 -45.33 -30.55
N VAL C 265 -11.32 -44.05 -30.19
CA VAL C 265 -10.92 -43.02 -31.14
C VAL C 265 -9.67 -42.28 -30.71
N ALA C 266 -9.03 -42.67 -29.61
CA ALA C 266 -7.87 -41.94 -29.12
C ALA C 266 -7.06 -42.81 -28.19
N LYS C 267 -5.77 -42.50 -28.09
CA LYS C 267 -4.92 -43.07 -27.07
C LYS C 267 -4.97 -42.18 -25.83
N ILE C 268 -5.06 -42.81 -24.66
CA ILE C 268 -5.24 -42.11 -23.39
C ILE C 268 -4.00 -42.35 -22.56
N GLU C 269 -3.29 -41.28 -22.21
CA GLU C 269 -2.11 -41.41 -21.37
C GLU C 269 -1.87 -40.12 -20.60
N LEU C 270 -1.26 -40.24 -19.43
CA LEU C 270 -0.66 -39.09 -18.78
C LEU C 270 0.53 -38.60 -19.58
N GLY C 271 0.59 -37.29 -19.82
CA GLY C 271 1.65 -36.67 -20.58
C GLY C 271 1.73 -35.20 -20.23
N GLY C 272 2.83 -34.57 -20.64
CA GLY C 272 3.05 -33.19 -20.28
C GLY C 272 1.96 -32.27 -20.79
N GLU C 273 1.67 -31.23 -19.99
CA GLU C 273 0.83 -30.14 -20.49
C GLU C 273 1.37 -29.61 -21.79
N ASN C 274 2.69 -29.54 -21.92
CA ASN C 274 3.35 -29.20 -23.16
C ASN C 274 4.62 -30.03 -23.24
N TYR C 275 5.15 -30.16 -24.45
CA TYR C 275 6.28 -31.03 -24.71
C TYR C 275 7.48 -30.26 -25.26
N ASP C 276 7.57 -28.97 -24.97
CA ASP C 276 8.56 -28.11 -25.60
C ASP C 276 9.91 -28.12 -24.90
N ILE C 277 9.99 -28.52 -23.63
CA ILE C 277 11.21 -28.37 -22.85
C ILE C 277 11.71 -29.74 -22.45
N ILE C 278 12.96 -30.03 -22.80
CA ILE C 278 13.62 -31.29 -22.48
C ILE C 278 15.04 -30.96 -22.00
N ALA C 279 15.35 -31.34 -20.76
CA ALA C 279 16.61 -30.99 -20.13
C ALA C 279 17.46 -32.25 -19.93
N GLU C 280 18.77 -32.03 -19.84
CA GLU C 280 19.73 -33.08 -19.54
C GLU C 280 20.75 -32.58 -18.53
N PHE C 281 21.16 -33.45 -17.63
CA PHE C 281 22.23 -33.20 -16.67
C PHE C 281 23.38 -34.11 -17.05
N ASN C 282 24.50 -33.52 -17.48
CA ASN C 282 25.67 -34.28 -17.92
C ASN C 282 25.26 -35.39 -18.89
N GLY C 283 24.43 -35.03 -19.86
CA GLY C 283 24.03 -35.96 -20.90
C GLY C 283 22.92 -36.91 -20.53
N GLN C 284 22.44 -36.90 -19.28
CA GLN C 284 21.43 -37.81 -18.78
C GLN C 284 20.06 -37.11 -18.63
N PRO C 285 18.95 -37.79 -18.91
CA PRO C 285 17.64 -37.12 -18.80
C PRO C 285 17.42 -36.54 -17.40
N ALA C 286 16.81 -35.36 -17.36
CA ALA C 286 16.63 -34.69 -16.08
C ALA C 286 15.44 -33.74 -16.15
N SER C 287 15.04 -33.27 -14.98
CA SER C 287 14.21 -32.08 -14.85
C SER C 287 14.94 -31.09 -13.96
N GLY C 288 14.30 -29.97 -13.67
CA GLY C 288 14.92 -28.98 -12.81
C GLY C 288 14.01 -27.80 -12.58
N LEU C 289 14.47 -26.91 -11.72
CA LEU C 289 13.80 -25.67 -11.37
C LEU C 289 14.80 -24.55 -11.52
N GLY C 290 14.51 -23.59 -12.40
CA GLY C 290 15.27 -22.35 -12.43
C GLY C 290 14.66 -21.36 -11.47
N ILE C 291 15.41 -20.95 -10.45
CA ILE C 291 14.89 -20.16 -9.33
C ILE C 291 15.46 -18.76 -9.40
N LYS C 292 14.57 -17.76 -9.37
CA LYS C 292 14.92 -16.35 -9.33
C LYS C 292 14.87 -15.84 -7.90
N LEU C 293 15.78 -14.92 -7.58
CA LEU C 293 15.78 -14.25 -6.30
C LEU C 293 14.75 -13.11 -6.30
N ALA C 294 13.88 -13.08 -5.30
CA ALA C 294 12.92 -11.99 -5.20
C ALA C 294 13.64 -10.66 -4.98
N THR C 295 13.05 -9.60 -5.54
CA THR C 295 13.60 -8.26 -5.39
C THR C 295 13.80 -7.93 -3.92
N GLY C 296 15.02 -7.54 -3.57
CA GLY C 296 15.34 -7.16 -2.22
C GLY C 296 15.64 -8.30 -1.27
N ALA C 297 15.51 -9.55 -1.71
CA ALA C 297 15.80 -10.66 -0.82
C ALA C 297 17.31 -10.87 -0.71
N ASN C 298 17.72 -11.53 0.37
CA ASN C 298 19.11 -11.86 0.60
C ASN C 298 19.44 -13.20 -0.06
N ALA C 299 20.46 -13.21 -0.91
CA ALA C 299 20.75 -14.38 -1.73
C ALA C 299 21.15 -15.58 -0.88
N LEU C 300 22.04 -15.36 0.10
CA LEU C 300 22.49 -16.46 0.95
C LEU C 300 21.35 -17.02 1.79
N ASP C 301 20.52 -16.15 2.37
CA ASP C 301 19.40 -16.64 3.16
C ASP C 301 18.42 -17.41 2.28
N THR C 302 18.25 -16.99 1.03
CA THR C 302 17.30 -17.66 0.15
C THR C 302 17.83 -19.02 -0.26
N ALA C 303 19.11 -19.11 -0.62
CA ALA C 303 19.67 -20.42 -0.94
C ALA C 303 19.54 -21.37 0.25
N ALA C 304 19.79 -20.87 1.45
CA ALA C 304 19.65 -21.71 2.64
C ALA C 304 18.19 -22.14 2.82
N ALA C 305 17.25 -21.22 2.62
CA ALA C 305 15.84 -21.57 2.78
C ALA C 305 15.42 -22.58 1.71
N ILE C 306 15.95 -22.44 0.50
CA ILE C 306 15.65 -23.39 -0.57
C ILE C 306 16.13 -24.79 -0.18
N ARG C 307 17.36 -24.87 0.34
CA ARG C 307 17.90 -26.17 0.72
C ARG C 307 17.15 -26.77 1.90
N ALA C 308 16.78 -25.94 2.88
CA ALA C 308 16.01 -26.44 4.01
C ALA C 308 14.68 -27.01 3.56
N GLU C 309 14.05 -26.40 2.56
CA GLU C 309 12.78 -26.89 2.06
C GLU C 309 12.97 -28.17 1.25
N LEU C 310 14.04 -28.26 0.47
CA LEU C 310 14.33 -29.49 -0.25
C LEU C 310 14.60 -30.64 0.71
N ALA C 311 15.28 -30.34 1.83
CA ALA C 311 15.53 -31.36 2.83
C ALA C 311 14.23 -31.90 3.42
N LYS C 312 13.23 -31.03 3.58
CA LYS C 312 11.92 -31.47 4.06
C LYS C 312 11.25 -32.40 3.06
N MET C 313 11.56 -32.26 1.78
CA MET C 313 10.92 -33.04 0.74
C MET C 313 11.61 -34.37 0.50
N GLU C 314 12.92 -34.44 0.75
CA GLU C 314 13.68 -35.64 0.39
C GLU C 314 13.12 -36.91 1.02
N PRO C 315 12.76 -36.95 2.30
CA PRO C 315 12.27 -38.20 2.88
C PRO C 315 11.10 -38.81 2.14
N PHE C 316 10.33 -38.01 1.40
CA PHE C 316 9.11 -38.50 0.75
C PHE C 316 9.31 -38.79 -0.73
N PHE C 317 10.55 -38.72 -1.22
CA PHE C 317 10.83 -38.98 -2.63
C PHE C 317 10.55 -40.43 -2.98
N PRO C 318 10.14 -40.71 -4.21
CA PRO C 318 10.18 -42.09 -4.71
C PRO C 318 11.62 -42.57 -4.79
N SER C 319 11.77 -43.89 -4.97
CA SER C 319 13.11 -44.47 -5.03
C SER C 319 13.88 -43.92 -6.22
N GLY C 320 15.17 -43.68 -6.00
CA GLY C 320 16.06 -43.26 -7.07
C GLY C 320 16.06 -41.79 -7.38
N LEU C 321 15.07 -41.04 -6.92
CA LEU C 321 15.03 -39.61 -7.21
C LEU C 321 16.14 -38.91 -6.44
N LYS C 322 16.93 -38.09 -7.15
CA LYS C 322 18.07 -37.43 -6.54
C LYS C 322 18.13 -35.98 -6.98
N ILE C 323 18.39 -35.10 -6.01
CA ILE C 323 18.63 -33.68 -6.28
C ILE C 323 20.09 -33.50 -6.67
N VAL C 324 20.32 -32.76 -7.76
CA VAL C 324 21.66 -32.33 -8.12
C VAL C 324 21.65 -30.81 -8.27
N TYR C 325 22.84 -30.22 -8.19
CA TYR C 325 23.01 -28.77 -8.14
C TYR C 325 23.93 -28.35 -9.29
N PRO C 326 23.38 -28.17 -10.50
CA PRO C 326 24.23 -27.93 -11.67
C PRO C 326 24.60 -26.47 -11.90
N TYR C 327 24.02 -25.53 -11.16
CA TYR C 327 24.26 -24.11 -11.42
C TYR C 327 23.80 -23.28 -10.25
N ASP C 328 24.76 -22.69 -9.53
CA ASP C 328 24.46 -21.93 -8.32
C ASP C 328 25.48 -20.81 -8.21
N THR C 329 24.98 -19.57 -8.09
CA THR C 329 25.84 -18.41 -7.90
C THR C 329 26.26 -18.19 -6.45
N THR C 330 25.66 -18.89 -5.50
CA THR C 330 25.92 -18.55 -4.11
C THR C 330 27.25 -19.11 -3.61
N PRO C 331 27.79 -20.21 -4.17
CA PRO C 331 29.17 -20.56 -3.80
C PRO C 331 30.16 -19.45 -4.08
N PHE C 332 29.95 -18.70 -5.17
CA PHE C 332 30.82 -17.56 -5.44
C PHE C 332 30.66 -16.46 -4.40
N VAL C 333 29.42 -16.21 -3.99
CA VAL C 333 29.16 -15.20 -2.96
C VAL C 333 29.94 -15.55 -1.70
N LYS C 334 29.89 -16.81 -1.27
CA LYS C 334 30.54 -17.20 -0.02
C LYS C 334 32.06 -17.06 -0.13
N ILE C 335 32.65 -17.62 -1.19
CA ILE C 335 34.11 -17.55 -1.34
C ILE C 335 34.57 -16.10 -1.47
N SER C 336 33.86 -15.29 -2.27
CA SER C 336 34.28 -13.90 -2.44
C SER C 336 34.23 -13.14 -1.12
N ILE C 337 33.25 -13.45 -0.26
CA ILE C 337 33.24 -12.83 1.06
C ILE C 337 34.39 -13.35 1.90
N HIS C 338 34.64 -14.67 1.85
CA HIS C 338 35.77 -15.23 2.58
C HIS C 338 37.07 -14.57 2.15
N GLU C 339 37.23 -14.31 0.85
CA GLU C 339 38.48 -13.73 0.36
C GLU C 339 38.65 -12.28 0.80
N VAL C 340 37.57 -11.51 0.91
CA VAL C 340 37.72 -10.13 1.38
C VAL C 340 38.03 -10.10 2.87
N VAL C 341 37.44 -11.02 3.65
CA VAL C 341 37.78 -11.13 5.06
C VAL C 341 39.25 -11.49 5.22
N LYS C 342 39.73 -12.42 4.40
CA LYS C 342 41.15 -12.78 4.40
C LYS C 342 42.00 -11.55 4.07
N THR C 343 41.62 -10.80 3.05
CA THR C 343 42.34 -9.57 2.72
C THR C 343 42.31 -8.58 3.88
N LEU C 344 41.17 -8.49 4.58
CA LEU C 344 41.08 -7.55 5.69
C LEU C 344 42.01 -7.95 6.82
N VAL C 345 42.05 -9.24 7.15
CA VAL C 345 42.94 -9.71 8.20
C VAL C 345 44.40 -9.47 7.82
N GLU C 346 44.74 -9.72 6.55
CA GLU C 346 46.09 -9.48 6.08
C GLU C 346 46.46 -8.00 6.17
N ALA C 347 45.53 -7.12 5.81
CA ALA C 347 45.78 -5.68 5.92
C ALA C 347 46.10 -5.29 7.37
N ILE C 348 45.34 -5.81 8.32
CA ILE C 348 45.59 -5.48 9.72
C ILE C 348 46.98 -5.92 10.14
N ILE C 349 47.38 -7.13 9.74
CA ILE C 349 48.71 -7.63 10.09
C ILE C 349 49.78 -6.74 9.49
N LEU C 350 49.64 -6.39 8.21
CA LEU C 350 50.65 -5.57 7.55
C LEU C 350 50.71 -4.18 8.18
N VAL C 351 49.55 -3.61 8.51
CA VAL C 351 49.54 -2.30 9.15
C VAL C 351 50.19 -2.38 10.52
N PHE C 352 49.92 -3.46 11.27
CA PHE C 352 50.61 -3.68 12.53
C PHE C 352 52.11 -3.71 12.32
N LEU C 353 52.58 -4.46 11.31
CA LEU C 353 54.02 -4.61 11.09
C LEU C 353 54.67 -3.28 10.71
N VAL C 354 53.98 -2.47 9.91
CA VAL C 354 54.51 -1.15 9.57
C VAL C 354 54.70 -0.33 10.83
N MET C 355 53.71 -0.34 11.73
CA MET C 355 53.82 0.43 12.95
C MET C 355 54.93 -0.12 13.84
N TYR C 356 55.09 -1.45 13.87
CA TYR C 356 56.17 -2.05 14.63
C TYR C 356 57.53 -1.65 14.07
N LEU C 357 57.65 -1.61 12.74
CA LEU C 357 58.91 -1.20 12.13
C LEU C 357 59.39 0.14 12.69
N PHE C 358 58.48 1.11 12.79
CA PHE C 358 58.86 2.45 13.21
C PHE C 358 58.88 2.61 14.73
N LEU C 359 57.93 1.99 15.44
CA LEU C 359 57.82 2.17 16.88
C LEU C 359 58.65 1.17 17.66
N GLN C 360 58.92 -0.01 17.08
CA GLN C 360 59.99 -0.90 17.52
C GLN C 360 59.85 -1.34 18.96
N ASN C 361 58.67 -1.16 19.53
CA ASN C 361 58.42 -1.50 20.93
C ASN C 361 56.99 -1.97 21.04
N PHE C 362 56.76 -3.07 21.76
CA PHE C 362 55.42 -3.65 21.80
C PHE C 362 54.43 -2.69 22.45
N ARG C 363 54.81 -2.06 23.56
CA ARG C 363 53.92 -1.11 24.21
C ARG C 363 53.54 0.03 23.27
N ALA C 364 54.53 0.63 22.61
CA ALA C 364 54.25 1.77 21.74
C ALA C 364 53.48 1.33 20.49
N THR C 365 53.79 0.14 19.98
CA THR C 365 53.09 -0.35 18.79
C THR C 365 51.66 -0.72 19.11
N LEU C 366 51.43 -1.27 20.30
CA LEU C 366 50.08 -1.70 20.69
C LEU C 366 49.12 -0.53 20.81
N ILE C 367 49.61 0.66 21.15
CA ILE C 367 48.70 1.80 21.37
C ILE C 367 47.90 2.13 20.12
N PRO C 368 48.51 2.37 18.95
CA PRO C 368 47.70 2.59 17.75
C PRO C 368 47.04 1.32 17.22
N THR C 369 47.60 0.15 17.50
CA THR C 369 46.97 -1.10 17.08
C THR C 369 45.60 -1.26 17.72
N ILE C 370 45.45 -0.80 18.97
CA ILE C 370 44.16 -0.89 19.66
C ILE C 370 43.08 -0.09 18.94
N ALA C 371 43.47 0.93 18.17
CA ALA C 371 42.48 1.68 17.40
C ALA C 371 41.73 0.79 16.43
N VAL C 372 42.36 -0.29 15.96
CA VAL C 372 41.77 -1.11 14.91
C VAL C 372 40.51 -1.79 15.44
N PRO C 373 40.56 -2.56 16.52
CA PRO C 373 39.31 -3.14 17.05
C PRO C 373 38.25 -2.12 17.39
N VAL C 374 38.63 -1.02 18.04
CA VAL C 374 37.64 -0.04 18.47
C VAL C 374 36.94 0.58 17.26
N VAL C 375 37.73 1.04 16.28
CA VAL C 375 37.13 1.73 15.15
C VAL C 375 36.33 0.76 14.29
N LEU C 376 36.89 -0.41 14.00
CA LEU C 376 36.20 -1.35 13.13
C LEU C 376 34.90 -1.83 13.77
N LEU C 377 34.96 -2.26 15.02
CA LEU C 377 33.73 -2.70 15.69
C LEU C 377 32.73 -1.57 15.79
N GLY C 378 33.20 -0.35 16.09
CA GLY C 378 32.32 0.79 16.08
C GLY C 378 31.64 0.98 14.74
N THR C 379 32.38 0.73 13.65
CA THR C 379 31.82 0.90 12.31
C THR C 379 30.76 -0.17 12.03
N PHE C 380 31.02 -1.42 12.44
CA PHE C 380 29.99 -2.45 12.34
C PHE C 380 28.71 -2.03 13.06
N ALA C 381 28.85 -1.43 14.24
CA ALA C 381 27.68 -0.94 14.96
C ALA C 381 26.92 0.09 14.14
N VAL C 382 27.64 1.01 13.50
CA VAL C 382 26.99 2.03 12.67
C VAL C 382 26.31 1.37 11.47
N LEU C 383 26.96 0.39 10.85
CA LEU C 383 26.33 -0.33 9.75
C LEU C 383 25.00 -0.92 10.20
N ALA C 384 24.98 -1.59 11.35
CA ALA C 384 23.74 -2.16 11.86
C ALA C 384 22.71 -1.06 12.12
N ALA C 385 23.15 0.08 12.64
CA ALA C 385 22.20 1.12 13.03
C ALA C 385 21.48 1.71 11.82
N PHE C 386 22.15 1.80 10.67
CA PHE C 386 21.55 2.35 9.47
C PHE C 386 21.11 1.28 8.49
N GLY C 387 21.08 0.02 8.90
CA GLY C 387 20.51 -1.03 8.08
C GLY C 387 21.37 -1.50 6.93
N PHE C 388 22.69 -1.33 7.00
CA PHE C 388 23.58 -1.85 5.97
C PHE C 388 23.94 -3.30 6.28
N SER C 389 24.54 -3.95 5.30
CA SER C 389 24.98 -5.34 5.42
C SER C 389 26.49 -5.43 5.38
N ILE C 390 27.00 -6.57 5.85
CA ILE C 390 28.38 -6.98 5.61
C ILE C 390 28.43 -7.52 4.18
N ASN C 391 28.98 -6.75 3.25
CA ASN C 391 29.11 -7.19 1.87
C ASN C 391 30.52 -6.86 1.38
N THR C 392 30.81 -7.20 0.13
CA THR C 392 32.18 -6.98 -0.35
C THR C 392 32.51 -5.51 -0.38
N LEU C 393 31.52 -4.65 -0.59
CA LEU C 393 31.75 -3.21 -0.70
C LEU C 393 32.02 -2.58 0.66
N THR C 394 31.19 -2.89 1.67
CA THR C 394 31.49 -2.35 2.99
C THR C 394 32.78 -2.94 3.54
N MET C 395 33.08 -4.19 3.18
CA MET C 395 34.35 -4.78 3.59
C MET C 395 35.52 -4.12 2.87
N PHE C 396 35.37 -3.80 1.57
CA PHE C 396 36.41 -3.02 0.91
C PHE C 396 36.64 -1.70 1.64
N GLY C 397 35.55 -1.04 2.03
CA GLY C 397 35.69 0.20 2.78
C GLY C 397 36.52 0.02 4.04
N MET C 398 36.33 -1.10 4.73
CA MET C 398 37.11 -1.35 5.93
C MET C 398 38.58 -1.61 5.60
N VAL C 399 38.84 -2.36 4.52
CA VAL C 399 40.22 -2.58 4.09
C VAL C 399 40.91 -1.27 3.77
N LEU C 400 40.24 -0.40 3.00
CA LEU C 400 40.79 0.92 2.75
C LEU C 400 41.01 1.68 4.05
N ALA C 401 40.15 1.45 5.04
CA ALA C 401 40.19 2.22 6.28
C ALA C 401 41.34 1.83 7.21
N ILE C 402 41.82 0.58 7.14
CA ILE C 402 42.77 0.11 8.16
C ILE C 402 43.97 1.04 8.24
N GLY C 403 44.57 1.34 7.08
CA GLY C 403 45.73 2.22 7.03
C GLY C 403 45.43 3.69 7.17
N LEU C 404 44.15 4.02 7.36
CA LEU C 404 43.71 5.39 7.60
C LEU C 404 43.24 5.62 9.02
N LEU C 405 42.50 4.67 9.59
CA LEU C 405 41.97 4.83 10.93
C LEU C 405 43.05 4.81 11.99
N VAL C 406 44.22 4.24 11.70
CA VAL C 406 45.33 4.27 12.65
C VAL C 406 46.12 5.57 12.58
N ASP C 407 45.81 6.45 11.62
CA ASP C 407 46.66 7.60 11.36
C ASP C 407 46.70 8.56 12.53
N ASP C 408 45.54 8.99 13.02
CA ASP C 408 45.53 9.97 14.10
C ASP C 408 46.19 9.41 15.36
N ALA C 409 45.94 8.15 15.68
CA ALA C 409 46.60 7.53 16.82
C ALA C 409 48.11 7.47 16.63
N ILE C 410 48.56 7.20 15.40
CA ILE C 410 49.99 7.20 15.11
C ILE C 410 50.57 8.59 15.34
N VAL C 411 49.88 9.62 14.84
CA VAL C 411 50.37 10.99 14.99
C VAL C 411 50.50 11.35 16.47
N VAL C 412 49.58 10.88 17.30
CA VAL C 412 49.70 11.09 18.75
C VAL C 412 50.94 10.38 19.28
N VAL C 413 51.01 9.06 19.11
CA VAL C 413 52.10 8.30 19.70
C VAL C 413 53.44 8.79 19.18
N GLU C 414 53.52 9.12 17.89
CA GLU C 414 54.80 9.53 17.32
C GLU C 414 55.23 10.89 17.85
N ASN C 415 54.28 11.82 18.01
CA ASN C 415 54.63 13.14 18.53
C ASN C 415 55.09 13.06 19.98
N VAL C 416 54.42 12.22 20.78
CA VAL C 416 54.84 12.03 22.17
C VAL C 416 56.27 11.50 22.22
N GLU C 417 56.59 10.53 21.35
CA GLU C 417 57.94 10.00 21.31
C GLU C 417 58.95 11.10 20.95
N ARG C 418 58.60 11.96 20.00
CA ARG C 418 59.51 13.02 19.59
C ARG C 418 59.71 14.03 20.70
N VAL C 419 58.64 14.40 21.40
CA VAL C 419 58.75 15.36 22.49
C VAL C 419 59.65 14.82 23.60
N MET C 420 59.56 13.51 23.86
CA MET C 420 60.44 12.91 24.86
C MET C 420 61.89 12.91 24.39
N ALA C 421 62.11 12.55 23.12
CA ALA C 421 63.47 12.56 22.59
C ALA C 421 64.07 13.96 22.59
N GLU C 422 63.25 14.97 22.28
CA GLU C 422 63.76 16.33 22.19
C GLU C 422 63.94 16.95 23.58
N GLU C 423 62.98 16.75 24.49
CA GLU C 423 62.98 17.44 25.77
C GLU C 423 63.17 16.53 26.97
N GLY C 424 63.03 15.21 26.82
CA GLY C 424 63.17 14.33 27.96
C GLY C 424 62.04 14.37 28.96
N LEU C 425 60.89 14.92 28.58
CA LEU C 425 59.75 14.96 29.48
C LEU C 425 59.23 13.55 29.76
N PRO C 426 58.65 13.31 30.93
CA PRO C 426 58.01 12.02 31.19
C PRO C 426 56.83 11.80 30.26
N PRO C 427 56.44 10.55 30.02
CA PRO C 427 55.33 10.29 29.08
C PRO C 427 54.09 11.13 29.34
N LYS C 428 53.67 11.27 30.60
CA LYS C 428 52.46 12.01 30.90
C LYS C 428 52.58 13.47 30.49
N GLU C 429 53.69 14.12 30.87
CA GLU C 429 53.91 15.50 30.47
C GLU C 429 54.05 15.62 28.95
N ALA C 430 54.76 14.68 28.33
CA ALA C 430 54.91 14.71 26.88
C ALA C 430 53.56 14.63 26.18
N THR C 431 52.66 13.78 26.68
CA THR C 431 51.36 13.62 26.04
C THR C 431 50.54 14.90 26.14
N ARG C 432 50.47 15.49 27.33
CA ARG C 432 49.78 16.77 27.47
C ARG C 432 50.28 17.78 26.45
N LYS C 433 51.61 17.97 26.40
CA LYS C 433 52.17 18.91 25.45
C LYS C 433 51.82 18.54 24.02
N SER C 434 51.94 17.26 23.68
CA SER C 434 51.67 16.82 22.31
C SER C 434 50.25 17.15 21.88
N MET C 435 49.26 16.82 22.72
CA MET C 435 47.87 17.03 22.32
C MET C 435 47.62 18.49 21.95
N GLY C 436 48.28 19.42 22.67
CA GLY C 436 48.15 20.82 22.32
C GLY C 436 48.79 21.20 21.00
N GLN C 437 49.70 20.37 20.49
CA GLN C 437 50.37 20.66 19.23
C GLN C 437 49.70 20.05 18.02
N ILE C 438 48.96 18.95 18.19
CA ILE C 438 48.56 18.11 17.06
C ILE C 438 47.05 18.05 16.85
N GLN C 439 46.23 18.59 17.76
CA GLN C 439 44.79 18.47 17.61
C GLN C 439 44.32 18.97 16.25
N GLY C 440 44.92 20.05 15.76
CA GLY C 440 44.52 20.57 14.46
C GLY C 440 44.83 19.63 13.32
N ALA C 441 45.92 18.86 13.44
CA ALA C 441 46.20 17.84 12.46
C ALA C 441 45.26 16.65 12.62
N LEU C 442 44.99 16.24 13.87
CA LEU C 442 44.12 15.10 14.10
C LEU C 442 42.74 15.34 13.49
N VAL C 443 42.19 16.53 13.68
CA VAL C 443 40.84 16.82 13.19
C VAL C 443 40.85 17.03 11.68
N GLY C 444 41.90 17.66 11.16
CA GLY C 444 41.96 17.93 9.73
C GLY C 444 42.08 16.65 8.91
N ILE C 445 42.88 15.69 9.40
CA ILE C 445 43.01 14.41 8.74
C ILE C 445 41.66 13.71 8.67
N ALA C 446 41.01 13.55 9.83
CA ALA C 446 39.72 12.90 9.85
C ALA C 446 38.70 13.65 9.01
N MET C 447 38.80 14.98 8.97
CA MET C 447 37.83 15.77 8.22
C MET C 447 37.97 15.56 6.72
N VAL C 448 39.19 15.65 6.19
CA VAL C 448 39.33 15.59 4.73
C VAL C 448 39.07 14.18 4.23
N LEU C 449 39.40 13.17 5.04
CA LEU C 449 39.14 11.80 4.67
C LEU C 449 37.72 11.35 4.99
N SER C 450 36.94 12.20 5.68
CA SER C 450 35.50 12.01 5.79
C SER C 450 34.76 12.77 4.69
N ALA C 451 35.11 14.05 4.53
CA ALA C 451 34.34 14.93 3.67
C ALA C 451 34.40 14.51 2.21
N VAL C 452 35.54 13.95 1.75
CA VAL C 452 35.63 13.55 0.35
C VAL C 452 34.63 12.46 0.02
N PHE C 453 34.11 11.76 1.02
CA PHE C 453 33.20 10.64 0.81
C PHE C 453 31.74 11.00 1.07
N VAL C 454 31.42 12.27 1.32
CA VAL C 454 30.07 12.67 1.65
C VAL C 454 29.26 12.91 0.38
N PRO C 455 29.74 13.72 -0.57
CA PRO C 455 28.91 13.98 -1.76
C PRO C 455 28.53 12.72 -2.53
N MET C 456 29.43 11.74 -2.63
CA MET C 456 29.15 10.54 -3.40
C MET C 456 27.91 9.82 -2.90
N ALA C 457 27.61 9.90 -1.60
CA ALA C 457 26.44 9.22 -1.06
C ALA C 457 25.13 9.74 -1.62
N PHE C 458 25.14 10.93 -2.22
CA PHE C 458 23.94 11.56 -2.76
C PHE C 458 23.75 11.30 -4.23
N PHE C 459 24.68 10.61 -4.89
CA PHE C 459 24.55 10.35 -6.31
C PHE C 459 23.64 9.13 -6.53
N GLY C 460 23.19 8.98 -7.77
CA GLY C 460 22.14 8.05 -8.11
C GLY C 460 22.64 6.87 -8.92
N GLY C 461 21.68 6.05 -9.35
CA GLY C 461 21.96 4.87 -10.13
C GLY C 461 22.54 3.76 -9.28
N SER C 462 22.90 2.66 -9.96
CA SER C 462 23.61 1.59 -9.29
C SER C 462 24.93 2.10 -8.71
N THR C 463 25.57 3.03 -9.43
CA THR C 463 26.83 3.60 -8.95
C THR C 463 26.63 4.26 -7.59
N GLY C 464 25.54 5.02 -7.42
CA GLY C 464 25.27 5.62 -6.13
C GLY C 464 25.10 4.61 -5.01
N ALA C 465 24.45 3.49 -5.30
CA ALA C 465 24.30 2.43 -4.30
C ALA C 465 25.65 1.88 -3.90
N ILE C 466 26.56 1.74 -4.87
CA ILE C 466 27.91 1.28 -4.56
C ILE C 466 28.65 2.32 -3.73
N TYR C 467 28.58 3.59 -4.17
CA TYR C 467 29.27 4.66 -3.45
C TYR C 467 28.89 4.70 -1.97
N ARG C 468 27.60 4.52 -1.68
CA ARG C 468 27.13 4.69 -0.31
C ARG C 468 27.72 3.64 0.63
N GLN C 469 28.05 2.46 0.12
CA GLN C 469 28.70 1.46 0.96
C GLN C 469 30.05 1.96 1.44
N PHE C 470 30.81 2.61 0.56
CA PHE C 470 32.11 3.14 0.95
C PHE C 470 31.94 4.35 1.86
N SER C 471 30.97 5.19 1.55
CA SER C 471 30.76 6.42 2.31
C SER C 471 30.47 6.11 3.78
N ILE C 472 29.47 5.26 4.06
CA ILE C 472 29.11 5.00 5.44
C ILE C 472 30.27 4.36 6.19
N THR C 473 31.00 3.47 5.52
CA THR C 473 32.06 2.73 6.21
C THR C 473 33.24 3.64 6.53
N ILE C 474 33.72 4.40 5.54
CA ILE C 474 34.95 5.17 5.73
C ILE C 474 34.68 6.42 6.57
N VAL C 475 33.53 7.08 6.37
CA VAL C 475 33.20 8.24 7.21
C VAL C 475 33.11 7.81 8.67
N SER C 476 32.41 6.71 8.92
CA SER C 476 32.28 6.23 10.29
C SER C 476 33.64 5.87 10.86
N ALA C 477 34.48 5.19 10.07
CA ALA C 477 35.79 4.79 10.57
C ALA C 477 36.65 6.00 10.90
N MET C 478 36.57 7.06 10.09
CA MET C 478 37.43 8.22 10.32
C MET C 478 36.92 9.04 11.50
N ALA C 479 35.60 9.23 11.59
CA ALA C 479 35.02 9.90 12.75
C ALA C 479 35.40 9.17 14.03
N LEU C 480 35.30 7.86 14.04
CA LEU C 480 35.72 7.08 15.21
C LEU C 480 37.23 7.17 15.44
N SER C 481 38.02 7.29 14.37
CA SER C 481 39.47 7.30 14.54
C SER C 481 39.95 8.55 15.27
N VAL C 482 39.30 9.69 15.06
CA VAL C 482 39.73 10.88 15.78
C VAL C 482 39.18 10.90 17.19
N LEU C 483 38.00 10.30 17.42
CA LEU C 483 37.52 10.14 18.79
C LEU C 483 38.44 9.22 19.58
N VAL C 484 38.92 8.13 18.95
CA VAL C 484 39.87 7.25 19.64
C VAL C 484 41.16 8.00 19.96
N ALA C 485 41.61 8.86 19.04
CA ALA C 485 42.88 9.54 19.21
C ALA C 485 42.80 10.69 20.19
N LEU C 486 41.61 11.23 20.43
CA LEU C 486 41.43 12.30 21.40
C LEU C 486 41.08 11.80 22.79
N ILE C 487 40.61 10.56 22.91
CA ILE C 487 40.09 10.00 24.16
C ILE C 487 40.98 8.87 24.67
N LEU C 488 41.16 7.83 23.87
CA LEU C 488 41.86 6.64 24.33
C LEU C 488 43.36 6.73 24.12
N THR C 489 43.81 7.20 22.95
CA THR C 489 45.24 7.20 22.67
C THR C 489 46.02 8.07 23.66
N PRO C 490 45.58 9.28 24.02
CA PRO C 490 46.34 10.05 25.01
C PRO C 490 46.42 9.35 26.36
N ALA C 491 45.31 8.76 26.81
CA ALA C 491 45.32 8.05 28.09
C ALA C 491 46.32 6.89 28.06
N LEU C 492 46.41 6.18 26.95
CA LEU C 492 47.34 5.07 26.86
C LEU C 492 48.79 5.56 26.82
N CYS C 493 49.05 6.61 26.04
CA CYS C 493 50.40 7.17 26.01
C CYS C 493 50.86 7.56 27.40
N ALA C 494 49.96 8.11 28.21
CA ALA C 494 50.31 8.57 29.55
C ALA C 494 50.47 7.44 30.56
N THR C 495 50.01 6.22 30.24
CA THR C 495 50.09 5.10 31.17
C THR C 495 50.88 3.91 30.65
N MET C 496 51.05 3.77 29.34
CA MET C 496 51.73 2.62 28.75
C MET C 496 53.13 2.94 28.23
N LEU C 497 53.33 4.09 27.58
CA LEU C 497 54.59 4.36 26.91
C LEU C 497 55.76 4.38 27.89
N LYS C 498 56.85 3.72 27.49
CA LYS C 498 58.08 3.79 28.25
C LYS C 498 58.70 5.19 28.11
N PRO C 499 59.36 5.69 29.16
CA PRO C 499 60.08 6.97 29.02
C PRO C 499 61.23 6.85 28.02
N ILE C 500 61.48 7.93 27.31
CA ILE C 500 62.61 8.05 26.38
C ILE C 500 63.49 9.19 26.86
N ALA C 501 64.79 8.95 26.89
CA ALA C 501 65.74 9.94 27.37
C ALA C 501 65.97 11.02 26.32
N LYS C 502 66.28 12.22 26.80
CA LYS C 502 66.64 13.30 25.90
C LYS C 502 67.79 12.87 25.00
N GLY C 503 67.65 13.14 23.70
CA GLY C 503 68.67 12.82 22.73
C GLY C 503 68.60 11.41 22.16
N ASP C 504 67.86 10.51 22.78
CA ASP C 504 67.80 9.13 22.32
C ASP C 504 66.84 9.00 21.15
N HIS C 505 67.36 8.66 19.98
CA HIS C 505 66.57 8.41 18.79
C HIS C 505 66.72 6.96 18.31
N GLY C 506 66.98 6.05 19.23
CA GLY C 506 67.11 4.65 18.90
C GLY C 506 68.31 4.29 18.07
N GLU C 507 69.21 5.23 17.80
CA GLU C 507 70.40 4.93 17.03
C GLU C 507 71.35 3.98 17.76
N GLY C 508 71.27 3.94 19.09
CA GLY C 508 72.08 3.03 19.87
C GLY C 508 71.60 1.60 19.87
N LYS C 509 70.40 1.34 19.35
CA LYS C 509 69.88 -0.01 19.32
C LYS C 509 70.80 -0.92 18.52
N LYS C 510 70.75 -2.21 18.84
CA LYS C 510 71.53 -3.21 18.14
C LYS C 510 70.63 -4.02 17.23
N GLY C 511 71.18 -4.48 16.11
CA GLY C 511 70.44 -5.30 15.17
C GLY C 511 69.77 -4.50 14.09
N PHE C 512 68.60 -4.97 13.64
CA PHE C 512 67.93 -4.34 12.51
C PHE C 512 67.42 -2.95 12.86
N PHE C 513 66.77 -2.81 14.02
CA PHE C 513 66.18 -1.53 14.39
C PHE C 513 67.24 -0.45 14.56
N GLY C 514 68.42 -0.82 15.05
CA GLY C 514 69.51 0.16 15.12
C GLY C 514 69.94 0.61 13.74
N TRP C 515 70.10 -0.33 12.82
CA TRP C 515 70.45 0.01 11.45
C TRP C 515 69.36 0.86 10.79
N PHE C 516 68.10 0.56 11.09
CA PHE C 516 66.98 1.29 10.47
C PHE C 516 66.92 2.72 11.01
N ASN C 517 67.02 2.88 12.32
CA ASN C 517 66.95 4.22 12.90
C ASN C 517 68.10 5.10 12.42
N ARG C 518 69.31 4.54 12.34
CA ARG C 518 70.43 5.30 11.81
C ARG C 518 70.18 5.67 10.35
N MET C 519 69.66 4.72 9.56
CA MET C 519 69.36 5.01 8.17
C MET C 519 68.28 6.07 8.06
N PHE C 520 67.28 6.04 8.96
CA PHE C 520 66.19 7.00 8.87
C PHE C 520 66.61 8.38 9.33
N GLU C 521 67.41 8.47 10.39
CA GLU C 521 67.93 9.77 10.82
C GLU C 521 68.80 10.37 9.72
N LYS C 522 69.61 9.55 9.07
CA LYS C 522 70.44 10.04 7.97
C LYS C 522 69.58 10.51 6.81
N SER C 523 68.56 9.73 6.44
CA SER C 523 67.69 10.13 5.34
C SER C 523 66.90 11.39 5.68
N THR C 524 66.55 11.59 6.94
CA THR C 524 65.86 12.82 7.32
C THR C 524 66.74 14.04 7.06
N HIS C 525 68.05 13.91 7.30
CA HIS C 525 68.95 15.01 7.01
C HIS C 525 69.03 15.27 5.51
N HIS C 526 69.19 14.21 4.71
CA HIS C 526 69.15 14.36 3.27
C HIS C 526 67.88 15.09 2.84
N TYR C 527 66.74 14.70 3.43
CA TYR C 527 65.46 15.25 3.01
C TYR C 527 65.36 16.73 3.39
N THR C 528 65.68 17.07 4.64
CA THR C 528 65.54 18.46 5.07
C THR C 528 66.51 19.36 4.32
N ASP C 529 67.72 18.89 4.05
CA ASP C 529 68.63 19.67 3.20
C ASP C 529 68.06 19.84 1.80
N SER C 530 67.52 18.77 1.23
CA SER C 530 66.95 18.85 -0.11
C SER C 530 65.83 19.89 -0.17
N VAL C 531 64.95 19.90 0.82
CA VAL C 531 63.83 20.85 0.80
C VAL C 531 64.36 22.27 0.90
N GLY C 532 65.40 22.49 1.71
CA GLY C 532 66.02 23.81 1.76
C GLY C 532 66.45 24.29 0.39
N GLY C 533 67.09 23.41 -0.39
CA GLY C 533 67.48 23.78 -1.74
C GLY C 533 66.29 24.00 -2.66
N ILE C 534 65.24 23.18 -2.51
CA ILE C 534 64.04 23.40 -3.31
C ILE C 534 63.48 24.79 -3.04
N LEU C 535 63.45 25.22 -1.78
CA LEU C 535 62.82 26.49 -1.44
C LEU C 535 63.63 27.68 -1.93
N ARG C 536 64.91 27.50 -2.23
CA ARG C 536 65.69 28.51 -2.92
C ARG C 536 65.51 28.46 -4.44
N SER C 537 64.67 27.57 -4.95
CA SER C 537 64.50 27.41 -6.39
C SER C 537 63.07 26.99 -6.69
N THR C 538 62.10 27.73 -6.15
CA THR C 538 60.70 27.30 -6.26
C THR C 538 60.19 27.44 -7.70
N GLY C 539 60.75 28.36 -8.47
CA GLY C 539 60.22 28.61 -9.80
C GLY C 539 60.24 27.38 -10.69
N ARG C 540 61.34 26.62 -10.65
CA ARG C 540 61.44 25.45 -11.50
C ARG C 540 60.46 24.37 -11.09
N TYR C 541 60.12 24.28 -9.81
CA TYR C 541 59.15 23.30 -9.35
C TYR C 541 57.72 23.69 -9.65
N LEU C 542 57.46 24.98 -9.89
CA LEU C 542 56.16 25.37 -10.40
C LEU C 542 55.98 24.90 -11.84
N VAL C 543 57.03 24.99 -12.64
CA VAL C 543 56.98 24.47 -14.01
C VAL C 543 56.82 22.96 -13.98
N LEU C 544 57.60 22.27 -13.13
CA LEU C 544 57.47 20.83 -13.02
C LEU C 544 56.07 20.43 -12.58
N TYR C 545 55.48 21.20 -11.67
CA TYR C 545 54.12 20.92 -11.23
C TYR C 545 53.15 21.03 -12.40
N LEU C 546 53.30 22.07 -13.23
CA LEU C 546 52.48 22.19 -14.42
C LEU C 546 52.63 20.96 -15.32
N ILE C 547 53.84 20.42 -15.43
CA ILE C 547 54.06 19.26 -16.27
C ILE C 547 53.34 18.04 -15.70
N ILE C 548 53.33 17.91 -14.38
CA ILE C 548 52.60 16.82 -13.74
C ILE C 548 51.10 16.96 -14.00
N VAL C 549 50.58 18.19 -13.92
CA VAL C 549 49.16 18.40 -14.14
C VAL C 549 48.79 18.03 -15.57
N VAL C 550 49.61 18.44 -16.54
CA VAL C 550 49.34 18.10 -17.93
C VAL C 550 49.43 16.59 -18.15
N GLY C 551 50.43 15.95 -17.55
CA GLY C 551 50.53 14.51 -17.66
C GLY C 551 49.37 13.79 -17.00
N MET C 552 48.92 14.30 -15.85
CA MET C 552 47.69 13.80 -15.23
C MET C 552 46.55 13.84 -16.23
N ALA C 553 46.35 14.99 -16.87
CA ALA C 553 45.21 15.13 -17.77
C ALA C 553 45.33 14.21 -18.97
N TYR C 554 46.55 14.04 -19.49
CA TYR C 554 46.74 13.17 -20.65
C TYR C 554 46.42 11.72 -20.29
N LEU C 555 46.91 11.25 -19.14
CA LEU C 555 46.65 9.88 -18.72
C LEU C 555 45.17 9.65 -18.49
N PHE C 556 44.48 10.63 -17.89
CA PHE C 556 43.05 10.49 -17.65
C PHE C 556 42.29 10.35 -18.96
N VAL C 557 42.61 11.19 -19.95
CA VAL C 557 41.89 11.16 -21.20
C VAL C 557 42.13 9.86 -21.94
N ARG C 558 43.30 9.24 -21.77
CA ARG C 558 43.63 8.02 -22.50
C ARG C 558 43.20 6.75 -21.78
N LEU C 559 42.92 6.82 -20.48
CA LEU C 559 42.60 5.60 -19.75
C LEU C 559 41.22 5.11 -20.15
N PRO C 560 41.09 3.92 -20.74
CA PRO C 560 39.77 3.43 -21.12
C PRO C 560 38.86 3.27 -19.90
N SER C 561 37.56 3.39 -20.12
CA SER C 561 36.58 3.31 -19.05
C SER C 561 35.80 1.99 -19.13
N SER C 562 35.27 1.58 -17.98
CA SER C 562 34.35 0.46 -17.91
C SER C 562 33.45 0.66 -16.70
N PHE C 563 32.64 -0.34 -16.37
CA PHE C 563 31.73 -0.22 -15.23
C PHE C 563 32.25 -0.98 -14.02
N LEU C 564 32.16 -2.31 -14.07
CA LEU C 564 32.65 -3.18 -13.01
C LEU C 564 33.40 -4.35 -13.64
N PRO C 565 34.44 -4.85 -12.97
CA PRO C 565 35.19 -5.98 -13.54
C PRO C 565 34.36 -7.26 -13.57
N ASP C 566 34.53 -8.03 -14.64
CA ASP C 566 34.04 -9.40 -14.65
C ASP C 566 34.80 -10.23 -13.63
N GLU C 567 34.13 -11.26 -13.11
CA GLU C 567 34.73 -12.20 -12.17
C GLU C 567 34.54 -13.62 -12.69
N ASP C 568 35.36 -14.52 -12.18
CA ASP C 568 35.14 -15.95 -12.35
C ASP C 568 34.25 -16.39 -11.19
N GLN C 569 32.98 -16.63 -11.49
CA GLN C 569 32.00 -17.01 -10.48
C GLN C 569 31.75 -18.52 -10.45
N GLY C 570 32.62 -19.30 -11.09
CA GLY C 570 32.49 -20.74 -11.12
C GLY C 570 31.37 -21.27 -12.00
N VAL C 571 30.67 -20.40 -12.72
CA VAL C 571 29.56 -20.79 -13.57
C VAL C 571 29.53 -19.86 -14.77
N PHE C 572 28.87 -20.32 -15.84
CA PHE C 572 28.58 -19.47 -17.00
C PHE C 572 27.50 -20.15 -17.81
N MET C 573 27.08 -19.48 -18.89
CA MET C 573 25.98 -19.96 -19.71
C MET C 573 26.40 -20.01 -21.17
N THR C 574 25.65 -20.81 -21.93
CA THR C 574 25.82 -20.91 -23.37
C THR C 574 24.44 -20.75 -24.00
N MET C 575 24.33 -19.84 -24.96
CA MET C 575 23.10 -19.70 -25.73
C MET C 575 23.19 -20.50 -27.02
N VAL C 576 22.07 -21.08 -27.42
CA VAL C 576 21.92 -21.81 -28.67
C VAL C 576 20.67 -21.30 -29.37
N GLN C 577 20.82 -20.86 -30.62
CA GLN C 577 19.69 -20.42 -31.43
C GLN C 577 19.87 -20.95 -32.85
N LEU C 578 18.92 -21.76 -33.29
CA LEU C 578 18.97 -22.31 -34.63
C LEU C 578 18.09 -21.52 -35.58
N PRO C 579 18.29 -21.68 -36.89
CA PRO C 579 17.53 -20.90 -37.86
C PRO C 579 16.02 -21.09 -37.70
N ALA C 580 15.30 -20.19 -38.35
CA ALA C 580 13.85 -20.25 -38.37
C ALA C 580 13.37 -21.59 -38.91
N GLY C 581 12.39 -22.18 -38.22
CA GLY C 581 11.78 -23.42 -38.64
C GLY C 581 12.47 -24.68 -38.15
N ALA C 582 13.63 -24.57 -37.54
CA ALA C 582 14.37 -25.75 -37.09
C ALA C 582 13.63 -26.45 -35.97
N THR C 583 13.85 -27.76 -35.88
CA THR C 583 13.11 -28.62 -34.96
C THR C 583 13.90 -28.90 -33.68
N GLN C 584 13.16 -29.40 -32.70
CA GLN C 584 13.73 -29.86 -31.44
C GLN C 584 14.86 -30.86 -31.67
N GLU C 585 14.69 -31.74 -32.66
CA GLU C 585 15.71 -32.74 -32.94
C GLU C 585 16.99 -32.10 -33.43
N ARG C 586 16.89 -31.12 -34.33
CA ARG C 586 18.08 -30.40 -34.78
C ARG C 586 18.71 -29.61 -33.64
N THR C 587 17.89 -28.99 -32.78
CA THR C 587 18.47 -28.29 -31.65
C THR C 587 19.21 -29.24 -30.72
N GLN C 588 18.68 -30.46 -30.57
CA GLN C 588 19.35 -31.45 -29.71
C GLN C 588 20.70 -31.86 -30.28
N LYS C 589 20.82 -31.94 -31.61
CA LYS C 589 22.13 -32.21 -32.20
C LYS C 589 23.14 -31.14 -31.83
N VAL C 590 22.72 -29.87 -31.88
CA VAL C 590 23.62 -28.78 -31.51
C VAL C 590 23.93 -28.83 -30.02
N LEU C 591 22.91 -29.05 -29.18
CA LEU C 591 23.14 -29.12 -27.75
C LEU C 591 24.06 -30.29 -27.39
N ASN C 592 23.92 -31.41 -28.10
CA ASN C 592 24.86 -32.51 -27.91
C ASN C 592 26.29 -32.07 -28.19
N GLU C 593 26.51 -31.33 -29.28
CA GLU C 593 27.86 -30.88 -29.58
C GLU C 593 28.37 -29.91 -28.53
N VAL C 594 27.49 -29.06 -28.00
CA VAL C 594 27.90 -28.13 -26.96
C VAL C 594 28.28 -28.89 -25.69
N THR C 595 27.41 -29.81 -25.27
CA THR C 595 27.68 -30.63 -24.09
C THR C 595 28.93 -31.46 -24.28
N HIS C 596 29.09 -32.07 -25.44
CA HIS C 596 30.28 -32.86 -25.74
C HIS C 596 31.54 -32.05 -25.51
N TYR C 597 31.59 -30.83 -26.04
CA TYR C 597 32.77 -29.98 -25.87
C TYR C 597 33.13 -29.83 -24.40
N TYR C 598 32.14 -29.50 -23.55
CA TYR C 598 32.44 -29.27 -22.15
C TYR C 598 32.84 -30.55 -21.42
N LEU C 599 32.28 -31.69 -21.82
CA LEU C 599 32.54 -32.94 -21.13
C LEU C 599 33.79 -33.64 -21.63
N THR C 600 34.35 -33.22 -22.76
CA THR C 600 35.60 -33.80 -23.27
C THR C 600 36.74 -32.79 -23.27
N LYS C 601 36.63 -31.74 -24.07
CA LYS C 601 37.74 -30.78 -24.16
C LYS C 601 37.97 -30.03 -22.85
N GLU C 602 36.92 -29.80 -22.05
CA GLU C 602 37.08 -29.05 -20.81
C GLU C 602 36.80 -29.89 -19.58
N LYS C 603 37.04 -31.20 -19.67
CA LYS C 603 36.68 -32.08 -18.57
C LYS C 603 37.51 -31.81 -17.32
N ASN C 604 38.67 -31.17 -17.47
CA ASN C 604 39.46 -30.78 -16.29
C ASN C 604 38.93 -29.53 -15.61
N ASN C 605 38.05 -28.77 -16.26
CA ASN C 605 37.52 -27.54 -15.70
C ASN C 605 36.02 -27.57 -15.43
N VAL C 606 35.26 -28.35 -16.20
CA VAL C 606 33.81 -28.35 -16.11
C VAL C 606 33.36 -29.48 -15.19
N GLU C 607 32.60 -29.11 -14.15
CA GLU C 607 32.01 -30.12 -13.27
C GLU C 607 30.69 -30.65 -13.82
N SER C 608 29.80 -29.77 -14.28
CA SER C 608 28.51 -30.25 -14.78
C SER C 608 27.95 -29.33 -15.86
N VAL C 609 27.09 -29.91 -16.68
CA VAL C 609 26.36 -29.21 -17.74
C VAL C 609 24.89 -29.55 -17.55
N PHE C 610 24.05 -28.51 -17.45
CA PHE C 610 22.59 -28.66 -17.43
C PHE C 610 22.11 -27.94 -18.67
N ALA C 611 21.70 -28.72 -19.67
CA ALA C 611 21.31 -28.22 -20.97
C ALA C 611 19.81 -28.38 -21.16
N VAL C 612 19.18 -27.38 -21.75
CA VAL C 612 17.74 -27.34 -21.91
C VAL C 612 17.42 -27.07 -23.36
N ASN C 613 16.69 -27.99 -23.97
CA ASN C 613 16.17 -27.86 -25.33
C ASN C 613 14.77 -27.26 -25.25
N GLY C 614 14.53 -26.18 -26.00
CA GLY C 614 13.23 -25.54 -26.00
C GLY C 614 13.08 -24.38 -25.05
N PHE C 615 14.19 -23.85 -24.54
CA PHE C 615 14.19 -22.76 -23.58
C PHE C 615 15.48 -21.98 -23.78
N GLY C 616 15.37 -20.67 -23.94
CA GLY C 616 16.57 -19.86 -24.04
C GLY C 616 16.27 -18.39 -23.91
N PHE C 617 17.26 -17.58 -24.29
CA PHE C 617 17.14 -16.14 -24.14
C PHE C 617 16.17 -15.53 -25.13
N ALA C 618 15.81 -16.25 -26.19
CA ALA C 618 14.90 -15.73 -27.22
C ALA C 618 13.51 -16.35 -27.19
N GLY C 619 13.26 -17.30 -26.30
CA GLY C 619 11.92 -17.84 -26.15
C GLY C 619 11.95 -19.32 -25.84
N ARG C 620 10.85 -20.00 -26.17
CA ARG C 620 10.71 -21.43 -25.94
C ARG C 620 10.49 -22.20 -27.25
N GLY C 621 10.88 -21.62 -28.36
CA GLY C 621 10.72 -22.31 -29.63
C GLY C 621 11.55 -23.57 -29.69
N GLN C 622 11.17 -24.43 -30.64
CA GLN C 622 11.91 -25.67 -30.86
C GLN C 622 13.35 -25.41 -31.27
N ASN C 623 13.66 -24.22 -31.78
CA ASN C 623 14.97 -23.89 -32.30
C ASN C 623 15.84 -23.12 -31.31
N THR C 624 15.51 -23.19 -30.02
CA THR C 624 16.20 -22.44 -28.98
C THR C 624 16.64 -23.38 -27.87
N GLY C 625 17.80 -23.09 -27.28
CA GLY C 625 18.29 -23.88 -26.17
C GLY C 625 19.28 -23.10 -25.34
N ILE C 626 19.66 -23.70 -24.20
CA ILE C 626 20.60 -23.07 -23.30
C ILE C 626 21.34 -24.15 -22.52
N ALA C 627 22.59 -23.86 -22.16
CA ALA C 627 23.36 -24.75 -21.31
C ALA C 627 23.89 -23.96 -20.13
N PHE C 628 23.59 -24.43 -18.92
CA PHE C 628 24.16 -23.92 -17.69
C PHE C 628 25.38 -24.76 -17.35
N VAL C 629 26.53 -24.10 -17.13
CA VAL C 629 27.79 -24.79 -16.90
C VAL C 629 28.33 -24.40 -15.53
N SER C 630 28.67 -25.40 -14.73
CA SER C 630 29.33 -25.20 -13.45
C SER C 630 30.75 -25.74 -13.55
N LEU C 631 31.70 -24.99 -13.01
CA LEU C 631 33.11 -25.36 -13.07
C LEU C 631 33.51 -26.09 -11.79
N LYS C 632 34.63 -26.81 -11.87
CA LYS C 632 35.21 -27.33 -10.65
C LYS C 632 35.69 -26.18 -9.79
N ASP C 633 36.03 -26.48 -8.54
CA ASP C 633 36.39 -25.45 -7.59
C ASP C 633 37.56 -24.62 -8.08
N TRP C 634 37.54 -23.32 -7.74
CA TRP C 634 38.59 -22.40 -8.14
C TRP C 634 39.98 -22.97 -7.84
N ALA C 635 40.14 -23.59 -6.67
CA ALA C 635 41.46 -24.06 -6.27
C ALA C 635 42.00 -25.14 -7.20
N ASP C 636 41.12 -25.88 -7.88
CA ASP C 636 41.53 -26.90 -8.83
C ASP C 636 41.65 -26.38 -10.25
N ARG C 637 41.56 -25.06 -10.45
CA ARG C 637 41.64 -24.47 -11.79
C ARG C 637 42.72 -23.39 -11.83
N PRO C 638 43.94 -23.71 -11.40
CA PRO C 638 45.00 -22.71 -11.40
C PRO C 638 45.36 -22.28 -12.81
N GLY C 639 45.73 -21.01 -12.94
CA GLY C 639 46.16 -20.51 -14.23
C GLY C 639 45.06 -19.78 -14.97
N GLU C 640 45.43 -18.66 -15.60
CA GLU C 640 44.47 -17.85 -16.33
C GLU C 640 43.77 -18.66 -17.42
N GLU C 641 44.43 -19.66 -18.00
CA GLU C 641 43.82 -20.40 -19.08
C GLU C 641 42.65 -21.26 -18.58
N ASN C 642 42.56 -21.52 -17.28
CA ASN C 642 41.52 -22.35 -16.70
C ASN C 642 40.44 -21.52 -16.00
N LYS C 643 40.38 -20.22 -16.28
CA LYS C 643 39.34 -19.36 -15.72
C LYS C 643 38.26 -19.10 -16.76
N VAL C 644 37.14 -18.55 -16.29
CA VAL C 644 35.94 -18.46 -17.11
C VAL C 644 36.20 -17.66 -18.37
N GLU C 645 36.96 -16.57 -18.27
CA GLU C 645 37.20 -15.74 -19.45
C GLU C 645 37.85 -16.55 -20.56
N ALA C 646 38.93 -17.27 -20.24
CA ALA C 646 39.59 -18.07 -21.27
C ALA C 646 38.72 -19.23 -21.72
N ILE C 647 38.03 -19.88 -20.78
CA ILE C 647 37.18 -21.02 -21.12
C ILE C 647 36.09 -20.59 -22.10
N THR C 648 35.39 -19.49 -21.80
CA THR C 648 34.31 -19.08 -22.69
C THR C 648 34.84 -18.59 -24.03
N MET C 649 36.03 -17.98 -24.05
CA MET C 649 36.64 -17.59 -25.31
C MET C 649 36.92 -18.81 -26.18
N ARG C 650 37.59 -19.82 -25.61
CA ARG C 650 37.86 -21.03 -26.38
C ARG C 650 36.58 -21.72 -26.81
N ALA C 651 35.58 -21.74 -25.94
CA ALA C 651 34.35 -22.46 -26.27
C ALA C 651 33.61 -21.78 -27.41
N THR C 652 33.49 -20.45 -27.36
CA THR C 652 32.80 -19.73 -28.43
C THR C 652 33.53 -19.90 -29.75
N ARG C 653 34.86 -19.89 -29.71
CA ARG C 653 35.66 -20.12 -30.90
C ARG C 653 35.38 -21.51 -31.48
N ALA C 654 35.42 -22.54 -30.65
CA ALA C 654 35.08 -23.88 -31.13
C ALA C 654 33.66 -23.94 -31.68
N PHE C 655 32.71 -23.29 -30.99
CA PHE C 655 31.32 -23.40 -31.41
C PHE C 655 31.05 -22.63 -32.70
N SER C 656 31.94 -21.72 -33.09
CA SER C 656 31.76 -21.04 -34.37
C SER C 656 31.80 -22.04 -35.53
N GLN C 657 32.39 -23.21 -35.31
CA GLN C 657 32.42 -24.24 -36.35
C GLN C 657 31.10 -24.98 -36.47
N ILE C 658 30.21 -24.88 -35.47
CA ILE C 658 28.94 -25.59 -35.56
C ILE C 658 28.12 -25.01 -36.70
N LYS C 659 27.51 -25.90 -37.48
CA LYS C 659 26.89 -25.52 -38.75
C LYS C 659 25.45 -25.09 -38.54
N ASP C 660 25.09 -23.96 -39.15
CA ASP C 660 23.71 -23.46 -39.17
C ASP C 660 23.16 -23.32 -37.74
N ALA C 661 23.96 -22.70 -36.87
CA ALA C 661 23.49 -22.39 -35.54
C ALA C 661 24.31 -21.24 -34.98
N MET C 662 23.65 -20.45 -34.13
CA MET C 662 24.28 -19.35 -33.42
C MET C 662 24.50 -19.83 -31.98
N VAL C 663 25.77 -19.96 -31.57
CA VAL C 663 26.12 -20.55 -30.28
C VAL C 663 27.19 -19.70 -29.61
N PHE C 664 26.92 -19.22 -28.40
CA PHE C 664 27.86 -18.35 -27.70
C PHE C 664 27.95 -18.75 -26.23
N ALA C 665 29.18 -18.89 -25.75
CA ALA C 665 29.46 -19.07 -24.33
C ALA C 665 29.93 -17.74 -23.76
N PHE C 666 29.38 -17.35 -22.62
CA PHE C 666 29.68 -16.03 -22.08
C PHE C 666 29.63 -16.05 -20.56
N ASN C 667 30.49 -15.23 -19.97
CA ASN C 667 30.51 -15.00 -18.53
C ASN C 667 29.29 -14.18 -18.11
N LEU C 668 29.03 -14.19 -16.81
CA LEU C 668 27.95 -13.37 -16.29
C LEU C 668 28.43 -11.93 -16.10
N PRO C 669 27.51 -10.98 -16.10
CA PRO C 669 27.86 -9.60 -15.73
C PRO C 669 27.96 -9.41 -14.22
N ALA C 670 27.87 -8.17 -13.78
CA ALA C 670 27.94 -7.83 -12.36
C ALA C 670 26.58 -7.60 -11.72
N ILE C 671 25.61 -7.04 -12.47
CA ILE C 671 24.27 -6.77 -11.96
C ILE C 671 23.32 -7.78 -12.59
N VAL C 672 23.39 -9.03 -12.13
CA VAL C 672 22.69 -10.14 -12.76
C VAL C 672 21.20 -9.84 -12.90
N GLU C 673 20.68 -8.90 -12.10
CA GLU C 673 19.28 -8.54 -12.24
C GLU C 673 19.00 -7.84 -13.57
N LEU C 674 20.00 -7.22 -14.17
CA LEU C 674 19.81 -6.47 -15.41
C LEU C 674 20.30 -7.22 -16.64
N GLY C 675 21.55 -7.65 -16.64
CA GLY C 675 22.18 -8.27 -17.79
C GLY C 675 22.34 -9.77 -17.60
N THR C 676 22.01 -10.52 -18.64
CA THR C 676 22.25 -11.96 -18.60
C THR C 676 23.71 -12.29 -18.93
N ALA C 677 24.38 -11.43 -19.69
CA ALA C 677 25.72 -11.71 -20.17
C ALA C 677 26.64 -10.51 -19.95
N THR C 678 27.94 -10.81 -19.90
CA THR C 678 28.96 -9.78 -19.92
C THR C 678 28.88 -8.99 -21.23
N GLY C 679 29.50 -7.81 -21.22
CA GLY C 679 29.57 -6.99 -22.42
C GLY C 679 28.62 -5.81 -22.44
N PHE C 680 28.08 -5.49 -23.62
CA PHE C 680 27.21 -4.35 -23.76
C PHE C 680 25.82 -4.78 -24.20
N ASP C 681 24.87 -3.88 -24.04
CA ASP C 681 23.45 -4.19 -24.23
C ASP C 681 22.82 -3.03 -24.97
N PHE C 682 22.62 -3.22 -26.27
CA PHE C 682 22.35 -2.16 -27.23
C PHE C 682 20.94 -2.33 -27.79
N GLU C 683 20.23 -1.21 -27.96
CA GLU C 683 18.89 -1.21 -28.52
C GLU C 683 18.88 -0.41 -29.81
N LEU C 684 18.55 -1.06 -30.91
CA LEU C 684 18.29 -0.38 -32.18
C LEU C 684 16.80 -0.09 -32.25
N ILE C 685 16.43 1.15 -32.59
CA ILE C 685 15.07 1.64 -32.41
C ILE C 685 14.54 2.24 -33.71
N ASP C 686 13.37 1.77 -34.15
CA ASP C 686 12.66 2.39 -35.27
C ASP C 686 11.96 3.64 -34.74
N GLN C 687 12.47 4.81 -35.12
CA GLN C 687 11.96 6.08 -34.60
C GLN C 687 11.20 6.89 -35.65
N ALA C 688 10.90 6.30 -36.81
CA ALA C 688 10.20 7.03 -37.86
C ALA C 688 9.14 6.20 -38.56
N GLY C 689 8.60 5.17 -37.92
CA GLY C 689 7.63 4.32 -38.59
C GLY C 689 8.18 3.62 -39.82
N LEU C 690 9.45 3.25 -39.78
CA LEU C 690 10.06 2.59 -40.94
C LEU C 690 9.50 1.17 -41.14
N GLY C 691 9.18 0.48 -40.05
CA GLY C 691 8.60 -0.84 -40.14
C GLY C 691 9.61 -1.94 -39.90
N HIS C 692 9.07 -3.14 -39.67
CA HIS C 692 9.88 -4.29 -39.27
C HIS C 692 10.97 -4.61 -40.29
N GLU C 693 10.62 -4.63 -41.57
CA GLU C 693 11.56 -5.06 -42.60
C GLU C 693 12.75 -4.10 -42.68
N LYS C 694 12.49 -2.80 -42.66
CA LYS C 694 13.59 -1.84 -42.75
C LYS C 694 14.40 -1.79 -41.47
N LEU C 695 13.79 -2.04 -40.31
CA LEU C 695 14.59 -2.18 -39.10
C LEU C 695 15.53 -3.37 -39.20
N THR C 696 15.04 -4.50 -39.71
CA THR C 696 15.91 -5.66 -39.90
C THR C 696 17.08 -5.32 -40.80
N GLN C 697 16.83 -4.58 -41.88
CA GLN C 697 17.92 -4.23 -42.78
C GLN C 697 18.93 -3.34 -42.09
N ALA C 698 18.47 -2.39 -41.27
CA ALA C 698 19.40 -1.55 -40.53
C ALA C 698 20.17 -2.36 -39.51
N ARG C 699 19.52 -3.31 -38.84
CA ARG C 699 20.25 -4.22 -37.95
C ARG C 699 21.36 -4.94 -38.70
N ASN C 700 21.00 -5.60 -39.81
CA ASN C 700 22.00 -6.35 -40.59
C ASN C 700 23.14 -5.44 -41.04
N GLN C 701 22.82 -4.19 -41.43
CA GLN C 701 23.87 -3.25 -41.79
C GLN C 701 24.78 -2.95 -40.62
N LEU C 702 24.22 -2.74 -39.44
CA LEU C 702 25.04 -2.51 -38.25
C LEU C 702 25.89 -3.74 -37.94
N LEU C 703 25.29 -4.94 -37.98
CA LEU C 703 26.05 -6.13 -37.64
C LEU C 703 27.17 -6.37 -38.64
N ALA C 704 26.90 -6.11 -39.92
CA ALA C 704 27.94 -6.30 -40.93
C ALA C 704 29.11 -5.35 -40.71
N GLU C 705 28.81 -4.09 -40.36
CA GLU C 705 29.87 -3.14 -40.07
C GLU C 705 30.63 -3.53 -38.80
N ALA C 706 29.91 -3.98 -37.77
CA ALA C 706 30.58 -4.42 -36.55
C ALA C 706 31.58 -5.53 -36.83
N ALA C 707 31.20 -6.47 -37.69
CA ALA C 707 32.07 -7.61 -37.99
C ALA C 707 33.38 -7.20 -38.66
N LYS C 708 33.45 -5.99 -39.21
CA LYS C 708 34.71 -5.51 -39.78
C LYS C 708 35.67 -4.97 -38.72
N HIS C 709 35.27 -4.97 -37.44
CA HIS C 709 36.10 -4.45 -36.36
C HIS C 709 36.35 -5.54 -35.32
N PRO C 710 36.93 -6.67 -35.72
CA PRO C 710 37.20 -7.74 -34.74
C PRO C 710 38.26 -7.36 -33.72
N ASP C 711 39.02 -6.29 -33.97
CA ASP C 711 39.95 -5.75 -32.98
C ASP C 711 39.25 -5.02 -31.83
N MET C 712 37.97 -4.75 -31.95
CA MET C 712 37.24 -3.98 -30.95
C MET C 712 36.01 -4.69 -30.42
N LEU C 713 35.29 -5.42 -31.28
CA LEU C 713 34.01 -6.04 -30.96
C LEU C 713 34.09 -7.54 -31.23
N THR C 714 33.51 -8.32 -30.32
CA THR C 714 33.40 -9.77 -30.55
C THR C 714 32.09 -10.28 -29.96
N SER C 715 31.65 -11.44 -30.46
CA SER C 715 30.42 -12.08 -30.00
C SER C 715 29.23 -11.12 -30.10
N VAL C 716 29.23 -10.32 -31.15
CA VAL C 716 28.09 -9.45 -31.43
C VAL C 716 26.97 -10.31 -32.00
N ARG C 717 25.77 -10.16 -31.44
CA ARG C 717 24.67 -11.05 -31.79
C ARG C 717 23.34 -10.36 -31.50
N PRO C 718 22.32 -10.54 -32.34
CA PRO C 718 20.98 -10.08 -31.96
C PRO C 718 20.45 -10.93 -30.82
N ASN C 719 19.75 -10.29 -29.89
CA ASN C 719 18.99 -10.99 -28.86
C ASN C 719 17.52 -11.07 -29.27
N GLY C 720 17.32 -11.78 -30.36
CA GLY C 720 16.01 -11.92 -30.95
C GLY C 720 16.02 -13.00 -32.00
N LEU C 721 14.94 -13.08 -32.76
CA LEU C 721 14.71 -14.18 -33.70
C LEU C 721 14.52 -13.64 -35.11
N GLU C 722 14.91 -14.44 -36.08
CA GLU C 722 14.68 -14.14 -37.49
C GLU C 722 13.24 -14.49 -37.88
N ASP C 723 12.77 -13.84 -38.93
CA ASP C 723 11.44 -14.10 -39.47
C ASP C 723 11.27 -15.58 -39.79
N THR C 724 10.05 -16.08 -39.59
CA THR C 724 9.73 -17.49 -39.75
C THR C 724 8.67 -17.70 -40.84
N PRO C 725 8.74 -18.81 -41.56
CA PRO C 725 7.62 -19.17 -42.44
C PRO C 725 6.38 -19.50 -41.63
N GLN C 726 5.23 -19.15 -42.21
CA GLN C 726 3.93 -19.37 -41.59
C GLN C 726 3.01 -20.05 -42.59
N PHE C 727 2.27 -21.03 -42.11
CA PHE C 727 1.33 -21.79 -42.94
C PHE C 727 -0.05 -21.15 -42.76
N LYS C 728 -0.50 -20.42 -43.78
CA LYS C 728 -1.79 -19.74 -43.74
C LYS C 728 -2.86 -20.65 -44.34
N ILE C 729 -3.90 -20.93 -43.55
CA ILE C 729 -5.05 -21.72 -44.01
C ILE C 729 -6.27 -20.81 -44.04
N ASP C 730 -7.01 -20.85 -45.14
CA ASP C 730 -8.20 -20.04 -45.34
C ASP C 730 -9.42 -20.95 -45.41
N ILE C 731 -10.33 -20.79 -44.44
CA ILE C 731 -11.57 -21.55 -44.41
C ILE C 731 -12.62 -20.80 -45.23
N ASP C 732 -13.10 -21.42 -46.31
CA ASP C 732 -14.16 -20.84 -47.13
C ASP C 732 -15.49 -21.09 -46.41
N GLN C 733 -15.95 -20.09 -45.65
CA GLN C 733 -17.15 -20.27 -44.85
C GLN C 733 -18.40 -20.44 -45.71
N GLU C 734 -18.38 -19.92 -46.94
CA GLU C 734 -19.54 -20.09 -47.82
C GLU C 734 -19.62 -21.51 -48.36
N LYS C 735 -18.49 -22.08 -48.79
CA LYS C 735 -18.46 -23.49 -49.18
C LYS C 735 -18.87 -24.38 -48.01
N ALA C 736 -18.32 -24.10 -46.83
CA ALA C 736 -18.71 -24.85 -45.64
C ALA C 736 -20.21 -24.77 -45.42
N GLN C 737 -20.78 -23.57 -45.55
CA GLN C 737 -22.23 -23.42 -45.40
C GLN C 737 -22.96 -24.24 -46.45
N ALA C 738 -22.53 -24.15 -47.71
CA ALA C 738 -23.16 -24.91 -48.78
C ALA C 738 -23.14 -26.40 -48.49
N LEU C 739 -22.09 -26.89 -47.83
CA LEU C 739 -21.96 -28.30 -47.50
C LEU C 739 -22.61 -28.66 -46.17
N GLY C 740 -23.23 -27.70 -45.48
CA GLY C 740 -23.92 -28.00 -44.23
C GLY C 740 -23.01 -28.13 -43.03
N VAL C 741 -21.86 -27.46 -43.04
CA VAL C 741 -20.82 -27.63 -42.02
C VAL C 741 -20.75 -26.37 -41.17
N SER C 742 -20.82 -26.54 -39.86
CA SER C 742 -20.74 -25.43 -38.94
C SER C 742 -19.32 -24.85 -38.90
N ILE C 743 -19.23 -23.52 -38.90
CA ILE C 743 -17.92 -22.89 -38.82
C ILE C 743 -17.30 -23.12 -37.45
N ASN C 744 -18.11 -23.18 -36.39
CA ASN C 744 -17.57 -23.43 -35.07
C ASN C 744 -17.01 -24.84 -34.96
N ASP C 745 -17.66 -25.81 -35.61
CA ASP C 745 -17.11 -27.16 -35.63
C ASP C 745 -15.78 -27.19 -36.37
N ILE C 746 -15.66 -26.41 -37.43
CA ILE C 746 -14.43 -26.37 -38.20
C ILE C 746 -13.30 -25.79 -37.36
N ASN C 747 -13.54 -24.64 -36.73
CA ASN C 747 -12.50 -23.99 -35.94
C ASN C 747 -12.03 -24.87 -34.80
N THR C 748 -12.97 -25.53 -34.12
CA THR C 748 -12.60 -26.36 -32.99
C THR C 748 -11.85 -27.61 -33.45
N THR C 749 -12.25 -28.19 -34.59
CA THR C 749 -11.57 -29.37 -35.09
C THR C 749 -10.13 -29.05 -35.44
N LEU C 750 -9.91 -27.97 -36.19
CA LEU C 750 -8.55 -27.58 -36.57
C LEU C 750 -7.73 -27.24 -35.33
N GLY C 751 -8.26 -26.38 -34.46
CA GLY C 751 -7.50 -25.96 -33.30
C GLY C 751 -7.22 -27.09 -32.33
N ALA C 752 -8.24 -27.90 -32.03
CA ALA C 752 -8.02 -29.03 -31.13
C ALA C 752 -7.00 -30.00 -31.72
N ALA C 753 -7.11 -30.29 -33.01
CA ALA C 753 -6.26 -31.31 -33.62
C ALA C 753 -4.80 -30.86 -33.68
N TRP C 754 -4.55 -29.67 -34.23
CA TRP C 754 -3.19 -29.23 -34.51
C TRP C 754 -2.55 -28.44 -33.37
N GLY C 755 -3.36 -27.74 -32.57
CA GLY C 755 -2.80 -26.93 -31.49
C GLY C 755 -3.05 -27.54 -30.12
N GLY C 756 -4.05 -28.42 -30.03
CA GLY C 756 -4.45 -28.99 -28.75
C GLY C 756 -5.45 -28.08 -28.07
N SER C 757 -6.35 -28.64 -27.25
CA SER C 757 -7.37 -27.84 -26.56
C SER C 757 -7.39 -28.25 -25.09
N TYR C 758 -7.23 -27.28 -24.21
CA TYR C 758 -7.41 -27.46 -22.78
C TYR C 758 -8.90 -27.56 -22.49
N VAL C 759 -9.38 -28.75 -22.11
CA VAL C 759 -10.81 -28.99 -22.01
C VAL C 759 -11.31 -28.59 -20.62
N ASN C 760 -10.81 -29.28 -19.60
CA ASN C 760 -11.13 -28.98 -18.20
C ASN C 760 -10.09 -29.69 -17.34
N ASP C 761 -10.35 -29.79 -16.04
CA ASP C 761 -9.41 -30.37 -15.09
C ASP C 761 -9.87 -31.74 -14.60
N PHE C 762 -8.90 -32.49 -14.09
CA PHE C 762 -9.15 -33.78 -13.45
C PHE C 762 -8.29 -33.82 -12.20
N ILE C 763 -8.35 -34.94 -11.47
CA ILE C 763 -7.66 -35.07 -10.20
C ILE C 763 -6.69 -36.24 -10.30
N ASP C 764 -5.40 -35.95 -10.31
CA ASP C 764 -4.34 -36.95 -10.42
C ASP C 764 -3.72 -37.12 -9.05
N ARG C 765 -4.04 -38.25 -8.41
CA ARG C 765 -3.49 -38.59 -7.10
C ARG C 765 -3.67 -37.44 -6.12
N GLY C 766 -4.87 -36.85 -6.13
CA GLY C 766 -5.23 -35.81 -5.18
C GLY C 766 -4.94 -34.39 -5.61
N ARG C 767 -4.30 -34.19 -6.75
CA ARG C 767 -3.92 -32.86 -7.22
C ARG C 767 -4.67 -32.54 -8.50
N VAL C 768 -5.30 -31.36 -8.54
CA VAL C 768 -5.97 -30.91 -9.75
C VAL C 768 -4.93 -30.68 -10.86
N LYS C 769 -5.23 -31.20 -12.05
CA LYS C 769 -4.37 -31.09 -13.21
C LYS C 769 -5.26 -30.97 -14.43
N LYS C 770 -4.64 -30.69 -15.58
CA LYS C 770 -5.36 -30.36 -16.80
C LYS C 770 -5.67 -31.60 -17.66
N VAL C 771 -6.68 -31.45 -18.52
CA VAL C 771 -7.06 -32.43 -19.54
C VAL C 771 -6.91 -31.77 -20.90
N TYR C 772 -6.16 -32.40 -21.80
CA TYR C 772 -5.91 -31.88 -23.14
C TYR C 772 -6.32 -32.89 -24.19
N VAL C 773 -6.99 -32.42 -25.24
CA VAL C 773 -7.22 -33.20 -26.45
C VAL C 773 -6.34 -32.62 -27.55
N MET C 774 -5.79 -33.50 -28.38
CA MET C 774 -4.91 -33.10 -29.45
C MET C 774 -4.76 -34.28 -30.40
N SER C 775 -4.41 -33.98 -31.65
CA SER C 775 -4.13 -35.06 -32.59
C SER C 775 -2.89 -35.82 -32.14
N GLU C 776 -2.95 -37.15 -32.27
CA GLU C 776 -1.73 -37.92 -32.26
C GLU C 776 -0.74 -37.32 -33.26
N ALA C 777 0.56 -37.45 -32.93
CA ALA C 777 1.59 -36.71 -33.66
C ALA C 777 1.56 -36.99 -35.15
N LYS C 778 1.38 -38.25 -35.55
CA LYS C 778 1.56 -38.60 -36.96
C LYS C 778 0.51 -37.96 -37.86
N TYR C 779 -0.59 -37.47 -37.32
CA TYR C 779 -1.63 -36.83 -38.12
C TYR C 779 -1.56 -35.31 -38.08
N ARG C 780 -0.51 -34.72 -37.51
CA ARG C 780 -0.37 -33.27 -37.48
C ARG C 780 1.06 -32.85 -37.78
N MET C 781 1.72 -33.55 -38.71
CA MET C 781 3.10 -33.24 -39.08
C MET C 781 3.21 -32.50 -40.42
N LEU C 782 2.38 -32.84 -41.40
CA LEU C 782 2.57 -32.40 -42.77
C LEU C 782 1.39 -31.58 -43.26
N PRO C 783 1.63 -30.58 -44.12
CA PRO C 783 0.50 -29.80 -44.66
C PRO C 783 -0.63 -30.64 -45.23
N ASP C 784 -0.31 -31.72 -45.94
CA ASP C 784 -1.36 -32.55 -46.53
C ASP C 784 -2.19 -33.27 -45.49
N ASP C 785 -1.72 -33.38 -44.24
CA ASP C 785 -2.53 -33.99 -43.21
C ASP C 785 -3.79 -33.19 -42.91
N ILE C 786 -3.84 -31.92 -43.33
CA ILE C 786 -5.01 -31.09 -43.07
C ILE C 786 -6.27 -31.75 -43.61
N GLY C 787 -6.20 -32.30 -44.82
CA GLY C 787 -7.37 -32.85 -45.48
C GLY C 787 -7.86 -34.19 -44.94
N ASP C 788 -7.10 -34.80 -44.03
CA ASP C 788 -7.52 -36.05 -43.41
C ASP C 788 -8.46 -35.84 -42.23
N TRP C 789 -8.73 -34.59 -41.85
CA TRP C 789 -9.63 -34.29 -40.76
C TRP C 789 -11.01 -34.00 -41.32
N TYR C 790 -12.02 -34.66 -40.74
CA TYR C 790 -13.39 -34.57 -41.20
C TYR C 790 -14.27 -33.89 -40.16
N VAL C 791 -15.26 -33.16 -40.65
CA VAL C 791 -16.28 -32.52 -39.82
C VAL C 791 -17.64 -33.06 -40.24
N ARG C 792 -18.53 -33.24 -39.28
CA ARG C 792 -19.86 -33.78 -39.55
C ARG C 792 -20.80 -32.63 -39.94
N ALA C 793 -21.49 -32.82 -41.06
CA ALA C 793 -22.43 -31.83 -41.57
C ALA C 793 -23.82 -32.06 -40.95
N ALA C 794 -24.72 -31.11 -41.23
CA ALA C 794 -26.06 -31.17 -40.67
C ALA C 794 -26.77 -32.47 -41.06
N ASP C 795 -26.62 -32.90 -42.31
CA ASP C 795 -27.26 -34.11 -42.77
C ASP C 795 -26.58 -35.37 -42.25
N GLY C 796 -25.44 -35.25 -41.58
CA GLY C 796 -24.75 -36.38 -41.00
C GLY C 796 -23.56 -36.88 -41.80
N GLN C 797 -23.34 -36.36 -42.99
CA GLN C 797 -22.18 -36.76 -43.78
C GLN C 797 -20.91 -36.11 -43.23
N MET C 798 -19.79 -36.81 -43.40
CA MET C 798 -18.49 -36.31 -42.98
C MET C 798 -17.79 -35.63 -44.16
N VAL C 799 -17.31 -34.42 -43.94
CA VAL C 799 -16.77 -33.57 -44.99
C VAL C 799 -15.30 -33.32 -44.71
N PRO C 800 -14.39 -33.66 -45.63
CA PRO C 800 -12.96 -33.39 -45.37
C PRO C 800 -12.63 -31.92 -45.46
N PHE C 801 -11.58 -31.52 -44.73
CA PHE C 801 -11.13 -30.14 -44.77
C PHE C 801 -10.79 -29.70 -46.18
N SER C 802 -10.34 -30.63 -47.03
CA SER C 802 -10.00 -30.28 -48.41
C SER C 802 -11.19 -29.71 -49.16
N ALA C 803 -12.41 -30.00 -48.72
CA ALA C 803 -13.60 -29.54 -49.44
C ALA C 803 -13.95 -28.09 -49.16
N PHE C 804 -13.35 -27.45 -48.15
CA PHE C 804 -13.75 -26.10 -47.80
C PHE C 804 -12.58 -25.27 -47.28
N SER C 805 -11.35 -25.60 -47.67
CA SER C 805 -10.20 -24.84 -47.20
C SER C 805 -9.09 -24.93 -48.23
N SER C 806 -8.20 -23.93 -48.18
CA SER C 806 -7.01 -23.86 -49.00
C SER C 806 -5.90 -23.26 -48.16
N SER C 807 -4.66 -23.37 -48.63
CA SER C 807 -3.52 -22.95 -47.84
C SER C 807 -2.48 -22.28 -48.72
N ARG C 808 -1.53 -21.63 -48.06
CA ARG C 808 -0.42 -20.96 -48.72
C ARG C 808 0.60 -20.57 -47.66
N TRP C 809 1.82 -20.29 -48.10
CA TRP C 809 2.91 -19.97 -47.18
C TRP C 809 3.09 -18.46 -47.10
N GLU C 810 3.19 -17.96 -45.87
CA GLU C 810 3.50 -16.57 -45.58
C GLU C 810 4.76 -16.52 -44.73
N TYR C 811 5.16 -15.30 -44.38
CA TYR C 811 6.35 -15.06 -43.58
C TYR C 811 6.07 -13.94 -42.61
N GLY C 812 6.53 -14.09 -41.38
CA GLY C 812 6.33 -13.09 -40.35
C GLY C 812 7.33 -13.28 -39.24
N SER C 813 7.35 -12.30 -38.32
CA SER C 813 8.24 -12.37 -37.19
C SER C 813 7.67 -13.28 -36.11
N PRO C 814 8.49 -14.14 -35.50
CA PRO C 814 8.04 -14.91 -34.34
C PRO C 814 8.28 -14.19 -33.01
N ARG C 815 8.96 -13.04 -33.03
CA ARG C 815 9.21 -12.29 -31.81
CA ARG C 815 9.20 -12.29 -31.80
C ARG C 815 9.43 -10.83 -32.18
N LEU C 816 8.48 -9.98 -31.85
CA LEU C 816 8.56 -8.54 -32.11
C LEU C 816 8.90 -7.83 -30.81
N GLU C 817 9.95 -7.01 -30.84
CA GLU C 817 10.46 -6.33 -29.66
C GLU C 817 10.12 -4.84 -29.72
N ARG C 818 9.97 -4.24 -28.55
CA ARG C 818 9.76 -2.80 -28.44
C ARG C 818 10.59 -2.27 -27.28
N TYR C 819 11.03 -1.02 -27.42
CA TYR C 819 11.83 -0.34 -26.40
C TYR C 819 11.27 1.07 -26.23
N ASN C 820 10.86 1.40 -25.01
CA ASN C 820 10.20 2.67 -24.73
C ASN C 820 9.08 2.95 -25.73
N GLY C 821 8.36 1.88 -26.09
CA GLY C 821 7.14 2.02 -26.87
C GLY C 821 7.30 2.03 -28.37
N LEU C 822 8.53 1.93 -28.87
CA LEU C 822 8.80 1.92 -30.31
C LEU C 822 9.43 0.60 -30.73
N PRO C 823 9.21 0.14 -31.96
CA PRO C 823 9.84 -1.11 -32.41
C PRO C 823 11.34 -1.06 -32.24
N SER C 824 11.93 -2.19 -31.85
CA SER C 824 13.34 -2.22 -31.49
C SER C 824 13.92 -3.60 -31.76
N MET C 825 15.24 -3.66 -31.75
CA MET C 825 15.96 -4.92 -31.80
C MET C 825 17.15 -4.81 -30.87
N GLU C 826 17.19 -5.69 -29.87
CA GLU C 826 18.30 -5.72 -28.93
C GLU C 826 19.49 -6.44 -29.54
N ILE C 827 20.68 -5.88 -29.33
CA ILE C 827 21.93 -6.42 -29.82
C ILE C 827 22.90 -6.52 -28.65
N LEU C 828 23.48 -7.70 -28.45
CA LEU C 828 24.48 -7.92 -27.41
C LEU C 828 25.85 -8.06 -28.05
N GLY C 829 26.88 -7.89 -27.24
CA GLY C 829 28.24 -8.02 -27.74
C GLY C 829 29.23 -7.78 -26.62
N GLN C 830 30.50 -8.01 -26.96
CA GLN C 830 31.60 -7.89 -26.02
C GLN C 830 32.68 -7.01 -26.63
N ALA C 831 33.45 -6.38 -25.74
CA ALA C 831 34.71 -5.76 -26.15
C ALA C 831 35.72 -6.85 -26.46
N ALA C 832 36.52 -6.63 -27.50
CA ALA C 832 37.56 -7.59 -27.84
C ALA C 832 38.60 -7.65 -26.74
N PRO C 833 39.38 -8.73 -26.68
CA PRO C 833 40.44 -8.81 -25.67
C PRO C 833 41.34 -7.59 -25.69
N GLY C 834 41.70 -7.10 -24.51
CA GLY C 834 42.51 -5.91 -24.41
C GLY C 834 41.76 -4.61 -24.58
N LYS C 835 40.46 -4.64 -24.85
CA LYS C 835 39.64 -3.45 -24.98
C LYS C 835 38.59 -3.42 -23.88
N SER C 836 38.13 -2.22 -23.54
CA SER C 836 37.14 -2.01 -22.49
C SER C 836 35.75 -1.91 -23.07
N THR C 837 34.75 -2.17 -22.21
CA THR C 837 33.36 -1.99 -22.64
C THR C 837 33.14 -0.55 -23.09
N GLY C 838 33.78 0.42 -22.43
CA GLY C 838 33.64 1.79 -22.85
C GLY C 838 34.15 2.02 -24.26
N GLU C 839 35.28 1.42 -24.61
CA GLU C 839 35.76 1.52 -25.99
C GLU C 839 34.79 0.85 -26.96
N ALA C 840 34.21 -0.29 -26.57
CA ALA C 840 33.24 -0.96 -27.42
C ALA C 840 31.98 -0.13 -27.61
N MET C 841 31.46 0.46 -26.53
CA MET C 841 30.29 1.30 -26.66
C MET C 841 30.54 2.48 -27.59
N GLU C 842 31.71 3.12 -27.45
CA GLU C 842 32.05 4.25 -28.32
C GLU C 842 32.00 3.85 -29.80
N LEU C 843 32.58 2.71 -30.14
CA LEU C 843 32.56 2.28 -31.54
C LEU C 843 31.14 1.99 -32.00
N MET C 844 30.35 1.29 -31.17
CA MET C 844 28.96 1.02 -31.55
C MET C 844 28.20 2.31 -31.83
N GLU C 845 28.44 3.35 -31.03
CA GLU C 845 27.75 4.62 -31.27
C GLU C 845 28.19 5.23 -32.59
N GLN C 846 29.49 5.16 -32.91
CA GLN C 846 29.97 5.66 -34.19
C GLN C 846 29.34 4.91 -35.35
N LEU C 847 29.33 3.58 -35.28
CA LEU C 847 28.69 2.79 -36.33
C LEU C 847 27.21 3.08 -36.43
N ALA C 848 26.53 3.27 -35.29
CA ALA C 848 25.09 3.51 -35.34
C ALA C 848 24.78 4.86 -35.99
N SER C 849 25.70 5.82 -35.90
CA SER C 849 25.46 7.13 -36.50
C SER C 849 25.44 7.09 -38.02
N LYS C 850 25.89 6.00 -38.64
CA LYS C 850 25.90 5.87 -40.10
C LYS C 850 24.68 5.15 -40.64
N LEU C 851 23.69 4.88 -39.80
CA LEU C 851 22.55 4.06 -40.21
C LEU C 851 21.47 4.93 -40.83
N PRO C 852 20.53 4.32 -41.56
CA PRO C 852 19.51 5.11 -42.25
C PRO C 852 18.77 6.05 -41.30
N THR C 853 18.39 7.22 -41.84
CA THR C 853 17.63 8.19 -41.08
C THR C 853 16.34 7.56 -40.55
N GLY C 854 15.98 7.91 -39.33
CA GLY C 854 14.86 7.30 -38.65
C GLY C 854 15.22 6.13 -37.77
N VAL C 855 16.43 5.59 -37.91
CA VAL C 855 16.92 4.52 -37.04
C VAL C 855 17.77 5.16 -35.96
N GLY C 856 17.36 4.99 -34.70
CA GLY C 856 18.11 5.49 -33.57
C GLY C 856 18.57 4.35 -32.68
N TYR C 857 19.10 4.66 -31.51
CA TYR C 857 19.57 3.63 -30.61
C TYR C 857 19.57 4.16 -29.19
N ASP C 858 19.70 3.25 -28.23
CA ASP C 858 19.89 3.59 -26.83
C ASP C 858 20.66 2.46 -26.17
N TRP C 859 21.23 2.75 -25.00
CA TRP C 859 21.86 1.75 -24.16
C TRP C 859 20.91 1.33 -23.05
N THR C 860 20.87 0.03 -22.75
CA THR C 860 19.98 -0.47 -21.71
C THR C 860 20.78 -1.32 -20.73
N GLY C 861 20.10 -1.67 -19.63
CA GLY C 861 20.66 -2.54 -18.61
C GLY C 861 22.03 -2.12 -18.13
N MET C 862 22.99 -3.05 -18.24
CA MET C 862 24.35 -2.80 -17.80
C MET C 862 24.95 -1.59 -18.48
N SER C 863 24.69 -1.44 -19.78
CA SER C 863 25.30 -0.33 -20.52
C SER C 863 24.69 1.00 -20.13
N TYR C 864 23.40 1.01 -19.81
CA TYR C 864 22.77 2.21 -19.28
C TYR C 864 23.46 2.65 -17.99
N GLN C 865 23.69 1.71 -17.07
CA GLN C 865 24.38 2.05 -15.84
C GLN C 865 25.81 2.53 -16.11
N GLU C 866 26.49 1.90 -17.07
CA GLU C 866 27.84 2.32 -17.40
C GLU C 866 27.86 3.75 -17.93
N ARG C 867 26.91 4.08 -18.81
CA ARG C 867 26.87 5.43 -19.35
C ARG C 867 26.64 6.46 -18.25
N LEU C 868 25.68 6.19 -17.36
CA LEU C 868 25.39 7.09 -16.26
C LEU C 868 26.62 7.27 -15.37
N SER C 869 27.30 6.18 -15.05
CA SER C 869 28.47 6.22 -14.17
C SER C 869 29.52 7.19 -14.70
N GLY C 870 29.82 7.11 -15.99
CA GLY C 870 30.82 8.00 -16.56
C GLY C 870 30.33 9.43 -16.68
N ASN C 871 29.04 9.61 -16.98
CA ASN C 871 28.53 10.96 -17.24
C ASN C 871 28.49 11.80 -15.96
N GLN C 872 28.35 11.18 -14.79
CA GLN C 872 28.28 11.95 -13.56
C GLN C 872 29.62 12.06 -12.83
N ALA C 873 30.65 11.31 -13.23
CA ALA C 873 31.91 11.37 -12.50
C ALA C 873 32.52 12.77 -12.45
N PRO C 874 32.51 13.57 -13.52
CA PRO C 874 33.14 14.90 -13.43
C PRO C 874 32.50 15.79 -12.38
N SER C 875 31.17 15.81 -12.31
CA SER C 875 30.51 16.61 -11.29
C SER C 875 30.80 16.07 -9.90
N LEU C 876 30.89 14.74 -9.77
CA LEU C 876 31.24 14.14 -8.48
C LEU C 876 32.62 14.61 -8.01
N TYR C 877 33.61 14.61 -8.92
CA TYR C 877 34.94 15.07 -8.52
C TYR C 877 34.92 16.55 -8.17
N ALA C 878 34.18 17.35 -8.95
CA ALA C 878 34.15 18.79 -8.73
C ALA C 878 33.53 19.12 -7.38
N ILE C 879 32.38 18.53 -7.06
CA ILE C 879 31.74 18.85 -5.79
C ILE C 879 32.55 18.34 -4.63
N SER C 880 33.20 17.17 -4.79
CA SER C 880 34.02 16.64 -3.70
C SER C 880 35.22 17.53 -3.44
N LEU C 881 35.83 18.08 -4.49
CA LEU C 881 36.96 18.98 -4.31
C LEU C 881 36.53 20.27 -3.61
N ILE C 882 35.40 20.83 -4.04
CA ILE C 882 34.91 22.06 -3.41
C ILE C 882 34.59 21.82 -1.95
N VAL C 883 33.94 20.70 -1.63
CA VAL C 883 33.56 20.44 -0.24
C VAL C 883 34.80 20.33 0.64
N VAL C 884 35.84 19.64 0.18
CA VAL C 884 37.05 19.50 0.98
C VAL C 884 37.68 20.86 1.20
N PHE C 885 37.79 21.66 0.13
CA PHE C 885 38.34 23.01 0.24
C PHE C 885 37.58 23.84 1.27
N LEU C 886 36.26 23.87 1.17
CA LEU C 886 35.46 24.67 2.09
C LEU C 886 35.61 24.16 3.53
N CYS C 887 35.67 22.83 3.70
CA CYS C 887 35.84 22.30 5.05
C CYS C 887 37.19 22.73 5.63
N LEU C 888 38.23 22.74 4.80
CA LEU C 888 39.54 23.20 5.26
C LEU C 888 39.50 24.69 5.62
N ALA C 889 38.89 25.51 4.76
CA ALA C 889 38.81 26.94 5.02
C ALA C 889 38.16 27.23 6.36
N ALA C 890 37.09 26.50 6.69
CA ALA C 890 36.40 26.74 7.95
C ALA C 890 37.21 26.23 9.14
N LEU C 891 37.79 25.03 9.02
CA LEU C 891 38.53 24.46 10.14
C LEU C 891 39.72 25.35 10.52
N TYR C 892 40.41 25.89 9.52
CA TYR C 892 41.65 26.62 9.74
C TYR C 892 41.48 28.13 9.58
N GLU C 893 40.26 28.60 9.40
CA GLU C 893 39.97 30.03 9.27
C GLU C 893 40.97 30.68 8.32
N SER C 894 41.00 30.15 7.10
CA SER C 894 42.03 30.55 6.15
C SER C 894 41.57 30.21 4.73
N TRP C 895 41.96 31.05 3.79
CA TRP C 895 41.88 30.71 2.38
C TRP C 895 43.20 30.18 1.83
N SER C 896 44.34 30.64 2.39
CA SER C 896 45.65 30.29 1.86
C SER C 896 46.06 28.87 2.23
N ILE C 897 45.74 28.44 3.45
CA ILE C 897 46.01 27.05 3.84
C ILE C 897 45.22 26.12 2.95
N PRO C 898 43.91 26.26 2.80
CA PRO C 898 43.18 25.36 1.89
C PRO C 898 43.75 25.30 0.48
N PHE C 899 44.04 26.46 -0.13
CA PHE C 899 44.56 26.43 -1.49
C PHE C 899 45.90 25.72 -1.55
N SER C 900 46.77 25.98 -0.58
CA SER C 900 48.07 25.31 -0.54
C SER C 900 47.90 23.79 -0.44
N VAL C 901 46.92 23.36 0.34
CA VAL C 901 46.67 21.92 0.51
C VAL C 901 46.14 21.33 -0.79
N MET C 902 45.12 21.95 -1.39
CA MET C 902 44.44 21.34 -2.51
C MET C 902 45.32 21.22 -3.75
N LEU C 903 46.37 22.05 -3.87
CA LEU C 903 47.31 21.91 -4.99
C LEU C 903 47.98 20.53 -4.98
N VAL C 904 47.93 19.81 -3.86
CA VAL C 904 48.54 18.49 -3.78
C VAL C 904 47.77 17.45 -4.57
N VAL C 905 46.51 17.71 -4.91
CA VAL C 905 45.64 16.66 -5.43
C VAL C 905 46.18 16.04 -6.71
N PRO C 906 46.64 16.82 -7.71
CA PRO C 906 47.22 16.19 -8.90
C PRO C 906 48.40 15.28 -8.61
N LEU C 907 49.13 15.53 -7.52
CA LEU C 907 50.25 14.66 -7.17
C LEU C 907 49.77 13.26 -6.81
N GLY C 908 48.61 13.16 -6.17
CA GLY C 908 48.04 11.85 -5.89
C GLY C 908 47.39 11.24 -7.11
N VAL C 909 46.63 12.05 -7.85
CA VAL C 909 45.85 11.52 -8.97
C VAL C 909 46.78 10.92 -10.02
N ILE C 910 47.92 11.56 -10.30
CA ILE C 910 48.79 11.05 -11.35
C ILE C 910 49.27 9.64 -11.00
N GLY C 911 49.54 9.39 -9.71
CA GLY C 911 49.96 8.06 -9.31
C GLY C 911 48.87 7.02 -9.49
N ALA C 912 47.63 7.40 -9.22
CA ALA C 912 46.52 6.48 -9.43
C ALA C 912 46.39 6.14 -10.91
N LEU C 913 46.50 7.17 -11.77
CA LEU C 913 46.42 6.93 -13.20
C LEU C 913 47.57 6.06 -13.68
N LEU C 914 48.79 6.31 -13.19
CA LEU C 914 49.94 5.53 -13.62
C LEU C 914 49.79 4.06 -13.23
N ALA C 915 49.32 3.81 -12.01
CA ALA C 915 49.14 2.43 -11.56
C ALA C 915 48.11 1.70 -12.40
N ALA C 916 46.97 2.34 -12.65
CA ALA C 916 45.93 1.68 -13.44
C ALA C 916 46.39 1.50 -14.88
N THR C 917 47.03 2.52 -15.46
CA THR C 917 47.47 2.44 -16.85
C THR C 917 48.46 1.29 -17.04
N PHE C 918 49.44 1.17 -16.15
CA PHE C 918 50.47 0.16 -16.33
C PHE C 918 50.03 -1.22 -15.87
N ARG C 919 49.01 -1.32 -15.02
CA ARG C 919 48.48 -2.63 -14.70
C ARG C 919 47.45 -3.10 -15.72
N GLY C 920 47.06 -2.25 -16.67
CA GLY C 920 46.03 -2.60 -17.61
C GLY C 920 44.63 -2.53 -17.05
N LEU C 921 44.40 -1.75 -16.00
CA LEU C 921 43.07 -1.57 -15.46
C LEU C 921 42.37 -0.41 -16.17
N THR C 922 41.12 -0.16 -15.80
CA THR C 922 40.31 0.82 -16.48
C THR C 922 39.77 1.83 -15.49
N ASN C 923 39.21 2.90 -16.05
CA ASN C 923 38.50 3.92 -15.28
C ASN C 923 37.09 3.40 -15.04
N ASP C 924 36.95 2.59 -13.99
CA ASP C 924 35.69 1.98 -13.64
C ASP C 924 35.18 2.53 -12.30
N VAL C 925 34.08 1.98 -11.81
CA VAL C 925 33.47 2.51 -10.59
C VAL C 925 34.44 2.44 -9.42
N TYR C 926 35.22 1.36 -9.34
CA TYR C 926 36.20 1.23 -8.28
C TYR C 926 37.32 2.26 -8.41
N PHE C 927 37.71 2.60 -9.64
CA PHE C 927 38.71 3.65 -9.82
C PHE C 927 38.14 5.01 -9.45
N GLN C 928 36.86 5.24 -9.74
CA GLN C 928 36.21 6.48 -9.32
C GLN C 928 36.28 6.64 -7.81
N VAL C 929 35.97 5.56 -7.08
CA VAL C 929 36.12 5.58 -5.63
C VAL C 929 37.58 5.82 -5.24
N GLY C 930 38.52 5.24 -5.99
CA GLY C 930 39.92 5.44 -5.66
C GLY C 930 40.39 6.85 -5.90
N LEU C 931 39.86 7.50 -6.93
CA LEU C 931 40.21 8.91 -7.15
C LEU C 931 39.70 9.78 -6.01
N LEU C 932 38.47 9.53 -5.54
CA LEU C 932 37.96 10.29 -4.40
C LEU C 932 38.82 10.04 -3.17
N THR C 933 39.18 8.78 -2.93
CA THR C 933 40.05 8.46 -1.82
C THR C 933 41.39 9.17 -1.96
N THR C 934 41.92 9.20 -3.19
CA THR C 934 43.22 9.83 -3.42
C THR C 934 43.18 11.33 -3.12
N ILE C 935 42.05 12.00 -3.41
CA ILE C 935 41.91 13.39 -2.97
C ILE C 935 42.15 13.49 -1.47
N GLY C 936 41.48 12.63 -0.70
CA GLY C 936 41.62 12.66 0.74
C GLY C 936 43.01 12.28 1.21
N LEU C 937 43.60 11.25 0.61
CA LEU C 937 44.95 10.83 0.94
C LEU C 937 45.95 11.96 0.72
N SER C 938 45.85 12.62 -0.43
CA SER C 938 46.79 13.68 -0.77
C SER C 938 46.63 14.87 0.16
N ALA C 939 45.38 15.26 0.44
CA ALA C 939 45.15 16.36 1.38
C ALA C 939 45.66 16.01 2.77
N LYS C 940 45.50 14.74 3.17
CA LYS C 940 45.98 14.31 4.47
C LYS C 940 47.48 14.54 4.62
N ASN C 941 48.27 14.10 3.63
CA ASN C 941 49.71 14.33 3.72
C ASN C 941 50.04 15.82 3.67
N ALA C 942 49.36 16.56 2.80
CA ALA C 942 49.61 18.00 2.72
C ALA C 942 49.31 18.68 4.05
N ILE C 943 48.21 18.28 4.71
CA ILE C 943 47.84 18.89 5.98
C ILE C 943 48.94 18.70 7.02
N LEU C 944 49.54 17.52 7.05
CA LEU C 944 50.55 17.24 8.05
C LEU C 944 51.76 18.18 7.94
N ILE C 945 51.99 18.78 6.76
CA ILE C 945 53.04 19.79 6.62
C ILE C 945 52.47 21.19 6.81
N VAL C 946 51.40 21.53 6.06
CA VAL C 946 50.95 22.91 5.97
C VAL C 946 50.43 23.41 7.31
N GLU C 947 49.58 22.63 7.97
CA GLU C 947 48.97 23.11 9.21
C GLU C 947 50.03 23.28 10.30
N PHE C 948 51.02 22.39 10.34
CA PHE C 948 52.07 22.49 11.34
C PHE C 948 52.96 23.70 11.09
N ALA C 949 53.27 23.98 9.81
CA ALA C 949 54.08 25.15 9.48
C ALA C 949 53.39 26.45 9.89
N LYS C 950 52.12 26.62 9.51
CA LYS C 950 51.39 27.82 9.90
C LYS C 950 51.33 27.96 11.42
N ASP C 951 51.11 26.84 12.11
CA ASP C 951 51.03 26.89 13.57
C ASP C 951 52.34 27.34 14.18
N LEU C 952 53.47 26.93 13.59
CA LEU C 952 54.77 27.36 14.10
C LEU C 952 54.99 28.85 13.87
N MET C 953 54.56 29.36 12.72
CA MET C 953 54.67 30.79 12.47
C MET C 953 53.83 31.57 13.48
N ASP C 954 52.64 31.07 13.81
CA ASP C 954 51.75 31.78 14.71
C ASP C 954 52.20 31.67 16.16
N LYS C 955 52.34 30.44 16.65
CA LYS C 955 52.60 30.22 18.07
C LYS C 955 54.04 30.51 18.45
N GLU C 956 55.00 30.14 17.61
CA GLU C 956 56.42 30.32 17.91
C GLU C 956 57.06 31.45 17.12
N GLY C 957 56.30 32.17 16.31
CA GLY C 957 56.81 33.34 15.63
C GLY C 957 57.99 33.08 14.71
N LYS C 958 58.02 31.93 14.06
CA LYS C 958 59.09 31.62 13.12
C LYS C 958 58.77 32.18 11.75
N GLY C 959 59.82 32.50 11.00
CA GLY C 959 59.66 32.95 9.64
C GLY C 959 59.10 31.85 8.74
N LEU C 960 58.71 32.28 7.54
CA LEU C 960 58.07 31.35 6.60
C LEU C 960 58.98 30.17 6.29
N ILE C 961 60.21 30.43 5.87
CA ILE C 961 61.11 29.35 5.47
C ILE C 961 61.46 28.48 6.66
N GLU C 962 61.76 29.09 7.81
CA GLU C 962 62.17 28.32 8.98
C GLU C 962 61.04 27.42 9.47
N ALA C 963 59.81 27.96 9.52
CA ALA C 963 58.67 27.16 9.97
C ALA C 963 58.43 25.97 9.04
N THR C 964 58.51 26.21 7.72
CA THR C 964 58.33 25.12 6.75
C THR C 964 59.38 24.03 6.96
N LEU C 965 60.66 24.43 7.07
CA LEU C 965 61.71 23.43 7.24
C LEU C 965 61.59 22.69 8.56
N ASP C 966 61.22 23.39 9.63
CA ASP C 966 60.96 22.70 10.89
C ASP C 966 59.82 21.71 10.74
N ALA C 967 58.76 22.12 10.03
CA ALA C 967 57.58 21.26 9.88
C ALA C 967 57.92 19.98 9.14
N VAL C 968 58.57 20.09 7.97
CA VAL C 968 58.85 18.89 7.19
C VAL C 968 59.78 17.96 7.96
N ARG C 969 60.71 18.53 8.72
CA ARG C 969 61.64 17.71 9.50
C ARG C 969 60.88 16.89 10.54
N MET C 970 60.04 17.53 11.35
CA MET C 970 59.35 16.83 12.42
C MET C 970 58.24 15.93 11.90
N ARG C 971 57.75 16.16 10.68
CA ARG C 971 56.59 15.43 10.17
C ARG C 971 56.93 14.36 9.15
N LEU C 972 58.19 14.27 8.71
CA LEU C 972 58.54 13.22 7.76
C LEU C 972 58.21 11.84 8.31
N ARG C 973 58.57 11.58 9.57
N ARG C 973 58.57 11.59 9.57
CA ARG C 973 58.34 10.25 10.13
CA ARG C 973 58.35 10.28 10.17
C ARG C 973 56.86 9.90 10.19
C ARG C 973 56.88 9.89 10.24
N PRO C 974 55.98 10.70 10.81
CA PRO C 974 54.56 10.32 10.82
C PRO C 974 53.97 10.28 9.43
N ILE C 975 54.41 11.13 8.51
CA ILE C 975 53.90 11.10 7.15
C ILE C 975 54.24 9.75 6.50
N LEU C 976 55.50 9.32 6.62
CA LEU C 976 55.89 8.05 6.01
C LEU C 976 55.27 6.88 6.76
N MET C 977 55.15 6.96 8.08
CA MET C 977 54.50 5.91 8.85
C MET C 977 53.08 5.68 8.37
N THR C 978 52.25 6.71 8.43
CA THR C 978 50.84 6.54 8.08
C THR C 978 50.68 6.22 6.60
N SER C 979 51.53 6.80 5.76
CA SER C 979 51.43 6.57 4.32
C SER C 979 51.76 5.12 3.99
N LEU C 980 52.80 4.57 4.61
CA LEU C 980 53.15 3.18 4.38
C LEU C 980 52.11 2.23 4.97
N ALA C 981 51.49 2.61 6.09
CA ALA C 981 50.40 1.81 6.63
C ALA C 981 49.32 1.60 5.58
N PHE C 982 48.92 2.67 4.90
CA PHE C 982 47.88 2.56 3.89
C PHE C 982 48.38 1.76 2.68
N ILE C 983 49.60 2.04 2.21
CA ILE C 983 50.13 1.38 1.02
C ILE C 983 50.19 -0.12 1.24
N LEU C 984 50.71 -0.55 2.39
CA LEU C 984 50.75 -1.98 2.68
C LEU C 984 49.37 -2.51 3.05
N GLY C 985 48.53 -1.67 3.65
CA GLY C 985 47.20 -2.12 4.01
C GLY C 985 46.37 -2.53 2.81
N VAL C 986 46.51 -1.81 1.70
CA VAL C 986 45.77 -2.16 0.48
C VAL C 986 46.53 -3.12 -0.41
N MET C 987 47.80 -3.41 -0.11
CA MET C 987 48.59 -4.38 -0.87
C MET C 987 47.87 -5.70 -1.08
N PRO C 988 47.27 -6.33 -0.06
CA PRO C 988 46.56 -7.59 -0.31
C PRO C 988 45.49 -7.48 -1.38
N LEU C 989 44.81 -6.33 -1.48
CA LEU C 989 43.85 -6.14 -2.55
C LEU C 989 44.54 -6.14 -3.91
N VAL C 990 45.72 -5.50 -3.98
CA VAL C 990 46.38 -5.30 -5.25
C VAL C 990 46.90 -6.62 -5.81
N ILE C 991 47.37 -7.52 -4.93
CA ILE C 991 48.03 -8.74 -5.37
C ILE C 991 47.11 -9.95 -5.30
N SER C 992 45.85 -9.76 -4.90
CA SER C 992 44.92 -10.88 -4.81
C SER C 992 44.73 -11.55 -6.16
N THR C 993 44.61 -12.88 -6.14
CA THR C 993 44.32 -13.66 -7.34
C THR C 993 43.14 -14.61 -7.15
N GLY C 994 42.49 -14.60 -5.99
CA GLY C 994 41.42 -15.53 -5.71
C GLY C 994 40.11 -15.14 -6.36
N ALA C 995 39.06 -15.87 -5.98
CA ALA C 995 37.73 -15.56 -6.47
C ALA C 995 37.36 -14.15 -6.04
N GLY C 996 36.84 -13.37 -6.98
CA GLY C 996 36.51 -11.98 -6.70
C GLY C 996 37.67 -11.03 -6.76
N SER C 997 38.84 -11.48 -7.22
CA SER C 997 40.03 -10.64 -7.26
C SER C 997 39.95 -9.54 -8.31
N GLY C 998 39.01 -9.61 -9.25
CA GLY C 998 38.83 -8.50 -10.17
C GLY C 998 38.45 -7.23 -9.44
N ALA C 999 37.48 -7.34 -8.53
CA ALA C 999 37.08 -6.19 -7.72
C ALA C 999 38.19 -5.80 -6.75
N GLN C 1000 38.83 -6.78 -6.11
CA GLN C 1000 39.91 -6.47 -5.17
C GLN C 1000 41.03 -5.71 -5.86
N ASN C 1001 41.49 -6.19 -7.02
CA ASN C 1001 42.55 -5.50 -7.74
C ASN C 1001 42.14 -4.09 -8.14
N ALA C 1002 40.88 -3.92 -8.56
CA ALA C 1002 40.42 -2.62 -9.02
C ALA C 1002 40.31 -1.61 -7.86
N VAL C 1003 39.90 -2.08 -6.68
CA VAL C 1003 39.76 -1.19 -5.53
C VAL C 1003 41.11 -0.77 -5.00
N GLY C 1004 42.09 -1.68 -5.04
CA GLY C 1004 43.37 -1.44 -4.42
C GLY C 1004 44.42 -0.76 -5.27
N THR C 1005 44.40 -1.01 -6.59
CA THR C 1005 45.53 -0.64 -7.43
C THR C 1005 45.64 0.88 -7.58
N GLY C 1006 44.55 1.54 -7.96
CA GLY C 1006 44.61 2.98 -8.15
C GLY C 1006 45.02 3.71 -6.88
N VAL C 1007 44.37 3.37 -5.75
CA VAL C 1007 44.63 4.10 -4.51
C VAL C 1007 46.03 3.81 -3.98
N MET C 1008 46.56 2.62 -4.24
CA MET C 1008 47.94 2.34 -3.85
C MET C 1008 48.91 3.27 -4.58
N GLY C 1009 48.78 3.35 -5.90
CA GLY C 1009 49.64 4.26 -6.65
C GLY C 1009 49.40 5.70 -6.27
N GLY C 1010 48.15 6.05 -5.98
CA GLY C 1010 47.84 7.42 -5.55
C GLY C 1010 48.51 7.78 -4.25
N MET C 1011 48.54 6.86 -3.29
CA MET C 1011 49.23 7.16 -2.05
C MET C 1011 50.74 7.22 -2.25
N VAL C 1012 51.26 6.40 -3.17
CA VAL C 1012 52.70 6.40 -3.44
C VAL C 1012 53.15 7.78 -3.91
N THR C 1013 52.49 8.31 -4.94
CA THR C 1013 52.91 9.61 -5.46
C THR C 1013 52.48 10.75 -4.53
N ALA C 1014 51.34 10.61 -3.86
CA ALA C 1014 50.91 11.59 -2.86
C ALA C 1014 51.80 11.61 -1.63
N THR C 1015 52.73 10.66 -1.51
CA THR C 1015 53.74 10.68 -0.47
C THR C 1015 55.08 11.14 -1.03
N VAL C 1016 55.59 10.41 -2.03
CA VAL C 1016 56.90 10.71 -2.62
C VAL C 1016 56.94 12.12 -3.16
N LEU C 1017 55.91 12.51 -3.93
CA LEU C 1017 55.93 13.84 -4.53
C LEU C 1017 55.55 14.92 -3.52
N ALA C 1018 54.61 14.62 -2.61
CA ALA C 1018 54.08 15.67 -1.75
C ALA C 1018 55.12 16.20 -0.78
N ILE C 1019 56.01 15.32 -0.26
CA ILE C 1019 56.97 15.78 0.74
C ILE C 1019 57.95 16.79 0.15
N PHE C 1020 58.07 16.86 -1.17
CA PHE C 1020 58.89 17.87 -1.82
C PHE C 1020 58.07 19.04 -2.36
N PHE C 1021 56.87 18.79 -2.87
CA PHE C 1021 56.11 19.85 -3.53
C PHE C 1021 55.25 20.65 -2.55
N VAL C 1022 54.72 20.03 -1.49
CA VAL C 1022 53.86 20.76 -0.56
C VAL C 1022 54.60 21.93 0.07
N PRO C 1023 55.85 21.79 0.51
CA PRO C 1023 56.58 22.99 0.96
C PRO C 1023 56.60 24.11 -0.05
N VAL C 1024 56.71 23.77 -1.35
CA VAL C 1024 56.70 24.80 -2.39
C VAL C 1024 55.34 25.49 -2.43
N PHE C 1025 54.25 24.71 -2.47
CA PHE C 1025 52.92 25.30 -2.51
C PHE C 1025 52.73 26.31 -1.39
N PHE C 1026 53.10 25.91 -0.16
CA PHE C 1026 52.86 26.76 1.00
C PHE C 1026 53.66 28.05 0.92
N VAL C 1027 54.96 27.94 0.63
CA VAL C 1027 55.82 29.12 0.55
C VAL C 1027 55.34 30.07 -0.55
N VAL C 1028 55.12 29.53 -1.76
CA VAL C 1028 54.72 30.40 -2.87
C VAL C 1028 53.38 31.05 -2.59
N VAL C 1029 52.40 30.27 -2.13
CA VAL C 1029 51.07 30.83 -1.90
C VAL C 1029 51.11 31.90 -0.82
N ARG C 1030 51.84 31.62 0.27
CA ARG C 1030 51.95 32.60 1.35
C ARG C 1030 52.66 33.87 0.88
N ARG C 1031 53.65 33.73 -0.02
CA ARG C 1031 54.37 34.92 -0.45
C ARG C 1031 53.54 35.79 -1.37
N ARG C 1032 52.64 35.20 -2.16
CA ARG C 1032 51.79 36.01 -3.03
C ARG C 1032 50.56 36.54 -2.30
N PHE C 1033 49.91 35.71 -1.47
CA PHE C 1033 48.55 35.99 -1.02
C PHE C 1033 48.47 36.21 0.50
N SER C 1034 49.54 36.69 1.11
CA SER C 1034 49.44 37.28 2.45
C SER C 1034 50.76 37.91 2.82
N SER D 12 -45.98 29.46 -27.01
CA SER D 12 -46.24 30.55 -26.09
C SER D 12 -45.22 30.58 -24.96
N ASP D 13 -44.81 31.79 -24.56
CA ASP D 13 -43.97 31.92 -23.37
C ASP D 13 -44.74 31.50 -22.12
N LEU D 14 -45.94 32.03 -21.94
CA LEU D 14 -46.72 31.70 -20.75
C LEU D 14 -47.30 30.30 -20.83
N GLY D 15 -47.51 29.78 -22.05
CA GLY D 15 -47.91 28.39 -22.17
C GLY D 15 -46.87 27.46 -21.59
N LYS D 16 -45.59 27.77 -21.78
CA LYS D 16 -44.54 26.92 -21.24
C LYS D 16 -44.41 27.09 -19.75
N LYS D 17 -44.58 28.32 -19.24
CA LYS D 17 -44.56 28.50 -17.80
C LYS D 17 -45.76 27.83 -17.15
N LEU D 18 -46.87 27.69 -17.87
CA LEU D 18 -48.03 27.03 -17.30
C LEU D 18 -47.85 25.51 -17.28
N LEU D 19 -47.29 24.95 -18.34
CA LEU D 19 -46.91 23.54 -18.33
C LEU D 19 -46.03 23.25 -17.13
N GLU D 20 -45.04 24.11 -16.87
CA GLU D 20 -44.12 23.89 -15.76
C GLU D 20 -44.81 24.09 -14.42
N ALA D 21 -45.61 25.16 -14.28
CA ALA D 21 -46.27 25.39 -13.01
C ALA D 21 -47.32 24.31 -12.72
N ALA D 22 -47.97 23.77 -13.75
CA ALA D 22 -48.95 22.71 -13.52
C ALA D 22 -48.29 21.42 -13.06
N ARG D 23 -47.14 21.09 -13.66
CA ARG D 23 -46.38 19.93 -13.21
C ARG D 23 -45.92 20.10 -11.77
N ALA D 24 -45.38 21.27 -11.44
CA ALA D 24 -44.79 21.52 -10.13
C ALA D 24 -45.83 21.75 -9.03
N GLY D 25 -47.11 21.77 -9.36
CA GLY D 25 -48.11 22.00 -8.34
C GLY D 25 -48.05 23.37 -7.72
N ARG D 26 -47.61 24.37 -8.46
CA ARG D 26 -47.53 25.74 -7.95
C ARG D 26 -48.89 26.42 -8.15
N ASP D 27 -49.82 26.12 -7.23
CA ASP D 27 -51.17 26.67 -7.30
C ASP D 27 -51.15 28.18 -7.47
N ASP D 28 -50.35 28.87 -6.65
CA ASP D 28 -50.34 30.33 -6.68
C ASP D 28 -49.89 30.84 -8.04
N GLU D 29 -48.86 30.22 -8.62
CA GLU D 29 -48.39 30.66 -9.93
C GLU D 29 -49.42 30.37 -11.02
N VAL D 30 -50.12 29.24 -10.92
CA VAL D 30 -51.14 28.92 -11.90
C VAL D 30 -52.27 29.96 -11.84
N ARG D 31 -52.65 30.36 -10.63
CA ARG D 31 -53.59 31.45 -10.44
C ARG D 31 -53.20 32.66 -11.28
N ILE D 32 -51.99 33.18 -11.06
CA ILE D 32 -51.51 34.36 -11.79
C ILE D 32 -51.58 34.11 -13.30
N LEU D 33 -51.16 32.91 -13.73
CA LEU D 33 -51.09 32.62 -15.16
C LEU D 33 -52.48 32.55 -15.79
N MET D 34 -53.46 32.05 -15.05
CA MET D 34 -54.84 32.04 -15.57
C MET D 34 -55.34 33.46 -15.74
N ALA D 35 -54.98 34.36 -14.82
CA ALA D 35 -55.37 35.76 -14.94
C ALA D 35 -54.79 36.37 -16.21
N ASN D 36 -53.52 36.09 -16.49
CA ASN D 36 -52.83 36.66 -17.64
C ASN D 36 -53.15 35.93 -18.94
N GLY D 37 -54.02 34.92 -18.92
CA GLY D 37 -54.45 34.27 -20.14
C GLY D 37 -53.48 33.25 -20.70
N ALA D 38 -52.68 32.60 -19.87
CA ALA D 38 -51.79 31.54 -20.35
C ALA D 38 -52.58 30.43 -21.03
N ASP D 39 -52.06 29.94 -22.15
CA ASP D 39 -52.78 28.99 -23.00
C ASP D 39 -52.98 27.67 -22.27
N VAL D 40 -54.23 27.38 -21.88
CA VAL D 40 -54.54 26.11 -21.22
C VAL D 40 -54.47 24.93 -22.14
N ASN D 41 -54.40 25.16 -23.46
CA ASN D 41 -54.26 24.10 -24.43
C ASN D 41 -52.83 23.96 -24.93
N ALA D 42 -51.86 24.58 -24.26
CA ALA D 42 -50.48 24.40 -24.64
C ALA D 42 -50.10 22.93 -24.49
N ALA D 43 -49.17 22.47 -25.33
CA ALA D 43 -48.77 21.07 -25.29
C ALA D 43 -47.30 20.97 -25.58
N ASP D 44 -46.63 20.04 -24.88
CA ASP D 44 -45.21 19.82 -25.07
C ASP D 44 -45.01 18.84 -26.23
N VAL D 45 -43.76 18.42 -26.45
CA VAL D 45 -43.43 17.63 -27.62
C VAL D 45 -44.12 16.26 -27.61
N VAL D 46 -44.50 15.75 -26.44
CA VAL D 46 -45.20 14.47 -26.40
C VAL D 46 -46.71 14.66 -26.35
N GLY D 47 -47.20 15.89 -26.41
CA GLY D 47 -48.62 16.15 -26.48
C GLY D 47 -49.32 16.28 -25.16
N TRP D 48 -48.59 16.51 -24.08
CA TRP D 48 -49.18 16.67 -22.76
C TRP D 48 -49.55 18.13 -22.53
N THR D 49 -50.81 18.35 -22.17
CA THR D 49 -51.30 19.66 -21.77
C THR D 49 -51.05 19.87 -20.29
N PRO D 50 -51.26 21.09 -19.79
CA PRO D 50 -51.18 21.30 -18.34
C PRO D 50 -52.10 20.37 -17.58
N LEU D 51 -53.25 20.00 -18.17
CA LEU D 51 -54.17 19.11 -17.49
C LEU D 51 -53.60 17.70 -17.41
N HIS D 52 -52.95 17.23 -18.48
CA HIS D 52 -52.21 15.98 -18.42
C HIS D 52 -51.24 15.98 -17.25
N LEU D 53 -50.40 17.03 -17.17
CA LEU D 53 -49.35 17.10 -16.16
C LEU D 53 -49.92 17.17 -14.75
N ALA D 54 -50.98 17.97 -14.55
CA ALA D 54 -51.57 18.04 -13.23
C ALA D 54 -52.22 16.72 -12.85
N ALA D 55 -52.78 16.00 -13.82
CA ALA D 55 -53.40 14.72 -13.52
C ALA D 55 -52.35 13.66 -13.22
N TYR D 56 -51.23 13.69 -13.95
CA TYR D 56 -50.14 12.75 -13.71
C TYR D 56 -49.57 12.92 -12.31
N TRP D 57 -49.24 14.15 -11.93
CA TRP D 57 -48.55 14.40 -10.67
C TRP D 57 -49.52 14.62 -9.51
N GLY D 58 -50.83 14.55 -9.73
CA GLY D 58 -51.78 14.54 -8.64
C GLY D 58 -52.11 15.90 -8.03
N HIS D 59 -52.09 16.96 -8.84
CA HIS D 59 -52.35 18.31 -8.32
C HIS D 59 -53.83 18.61 -8.54
N LEU D 60 -54.62 18.30 -7.50
CA LEU D 60 -56.07 18.37 -7.61
C LEU D 60 -56.56 19.79 -7.86
N GLU D 61 -56.10 20.74 -7.04
CA GLU D 61 -56.57 22.12 -7.16
C GLU D 61 -56.29 22.67 -8.54
N ILE D 62 -55.13 22.34 -9.12
CA ILE D 62 -54.77 22.87 -10.43
C ILE D 62 -55.62 22.23 -11.52
N VAL D 63 -55.94 20.94 -11.37
CA VAL D 63 -56.86 20.30 -12.31
C VAL D 63 -58.18 21.06 -12.34
N GLU D 64 -58.68 21.47 -11.17
CA GLU D 64 -59.96 22.17 -11.10
C GLU D 64 -59.86 23.56 -11.72
N VAL D 65 -58.78 24.29 -11.43
CA VAL D 65 -58.60 25.62 -12.01
C VAL D 65 -58.50 25.54 -13.53
N LEU D 66 -57.77 24.56 -14.04
CA LEU D 66 -57.62 24.41 -15.49
C LEU D 66 -58.95 24.12 -16.16
N LEU D 67 -59.76 23.26 -15.56
CA LEU D 67 -61.05 22.94 -16.15
C LEU D 67 -61.99 24.14 -16.11
N LYS D 68 -61.93 24.94 -15.04
CA LYS D 68 -62.71 26.18 -14.99
C LYS D 68 -62.32 27.14 -16.09
N ASN D 69 -61.05 27.09 -16.54
CA ASN D 69 -60.54 28.00 -17.54
C ASN D 69 -60.49 27.36 -18.93
N GLY D 70 -61.40 26.43 -19.21
CA GLY D 70 -61.62 25.98 -20.57
C GLY D 70 -60.66 24.93 -21.09
N ALA D 71 -59.91 24.27 -20.21
CA ALA D 71 -59.02 23.20 -20.68
C ALA D 71 -59.82 22.05 -21.25
N ASP D 72 -59.26 21.40 -22.27
CA ASP D 72 -59.89 20.26 -22.92
C ASP D 72 -59.73 19.03 -22.01
N VAL D 73 -60.85 18.58 -21.45
CA VAL D 73 -60.83 17.47 -20.50
C VAL D 73 -60.44 16.16 -21.18
N ASN D 74 -60.61 16.08 -22.51
CA ASN D 74 -60.35 14.87 -23.26
C ASN D 74 -59.19 15.03 -24.25
N ALA D 75 -58.29 15.97 -23.97
CA ALA D 75 -57.09 16.08 -24.78
C ALA D 75 -56.32 14.78 -24.74
N TYR D 76 -55.70 14.42 -25.87
CA TYR D 76 -54.92 13.19 -25.97
C TYR D 76 -53.51 13.51 -26.44
N ASP D 77 -52.55 12.73 -25.93
CA ASP D 77 -51.15 12.90 -26.27
C ASP D 77 -50.85 12.17 -27.57
N THR D 78 -49.59 12.16 -27.99
CA THR D 78 -49.27 11.58 -29.29
C THR D 78 -49.44 10.06 -29.34
N LEU D 79 -49.77 9.41 -28.22
CA LEU D 79 -50.08 7.99 -28.21
C LEU D 79 -51.52 7.74 -27.76
N GLY D 80 -52.37 8.77 -27.79
CA GLY D 80 -53.79 8.59 -27.57
C GLY D 80 -54.25 8.61 -26.14
N SER D 81 -53.40 9.00 -25.20
CA SER D 81 -53.73 8.94 -23.78
C SER D 81 -54.24 10.29 -23.29
N THR D 82 -55.25 10.25 -22.43
CA THR D 82 -55.97 11.40 -21.89
C THR D 82 -55.61 11.62 -20.43
N PRO D 83 -55.96 12.78 -19.87
CA PRO D 83 -55.72 13.00 -18.44
C PRO D 83 -56.42 11.98 -17.56
N LEU D 84 -57.54 11.41 -18.00
CA LEU D 84 -58.21 10.40 -17.20
C LEU D 84 -57.39 9.12 -17.15
N HIS D 85 -56.78 8.74 -18.27
CA HIS D 85 -55.82 7.63 -18.28
C HIS D 85 -54.80 7.81 -17.17
N LEU D 86 -54.15 8.97 -17.13
CA LEU D 86 -53.06 9.20 -16.20
C LEU D 86 -53.54 9.20 -14.76
N ALA D 87 -54.66 9.88 -14.49
CA ALA D 87 -55.17 9.96 -13.12
C ALA D 87 -55.61 8.58 -12.64
N ALA D 88 -56.27 7.81 -13.50
CA ALA D 88 -56.69 6.47 -13.10
C ALA D 88 -55.49 5.57 -12.90
N HIS D 89 -54.49 5.69 -13.76
CA HIS D 89 -53.33 4.80 -13.66
C HIS D 89 -52.56 5.03 -12.37
N PHE D 90 -52.42 6.29 -11.95
CA PHE D 90 -51.58 6.64 -10.82
C PHE D 90 -52.38 6.91 -9.55
N GLY D 91 -53.63 6.45 -9.50
CA GLY D 91 -54.33 6.36 -8.24
C GLY D 91 -54.84 7.67 -7.69
N HIS D 92 -55.01 8.70 -8.52
CA HIS D 92 -55.48 10.00 -8.05
C HIS D 92 -57.01 10.00 -8.10
N LEU D 93 -57.61 9.48 -7.02
CA LEU D 93 -59.06 9.26 -7.00
C LEU D 93 -59.83 10.57 -7.15
N GLU D 94 -59.47 11.59 -6.37
CA GLU D 94 -60.20 12.85 -6.43
C GLU D 94 -60.13 13.47 -7.83
N ILE D 95 -58.98 13.32 -8.50
CA ILE D 95 -58.85 13.87 -9.85
C ILE D 95 -59.71 13.08 -10.83
N VAL D 96 -59.74 11.76 -10.69
CA VAL D 96 -60.61 10.94 -11.54
C VAL D 96 -62.04 11.44 -11.46
N GLU D 97 -62.53 11.66 -10.24
CA GLU D 97 -63.91 12.10 -10.05
C GLU D 97 -64.14 13.46 -10.68
N VAL D 98 -63.24 14.42 -10.43
CA VAL D 98 -63.36 15.75 -11.01
C VAL D 98 -63.36 15.67 -12.54
N LEU D 99 -62.45 14.88 -13.10
CA LEU D 99 -62.38 14.77 -14.56
C LEU D 99 -63.69 14.23 -15.14
N LEU D 100 -64.26 13.21 -14.49
CA LEU D 100 -65.49 12.62 -15.01
C LEU D 100 -66.68 13.56 -14.83
N LYS D 101 -66.74 14.29 -13.72
CA LYS D 101 -67.80 15.28 -13.54
C LYS D 101 -67.74 16.36 -14.61
N ASN D 102 -66.56 16.61 -15.18
CA ASN D 102 -66.39 17.63 -16.20
C ASN D 102 -66.37 17.04 -17.61
N GLY D 103 -66.90 15.84 -17.78
CA GLY D 103 -67.11 15.28 -19.11
C GLY D 103 -66.01 14.39 -19.66
N ALA D 104 -65.03 13.98 -18.85
CA ALA D 104 -63.99 13.12 -19.36
C ALA D 104 -64.62 11.86 -19.97
N ASP D 105 -64.06 11.41 -21.09
CA ASP D 105 -64.54 10.19 -21.74
C ASP D 105 -64.11 8.97 -20.92
N VAL D 106 -65.08 8.31 -20.29
CA VAL D 106 -64.77 7.20 -19.41
C VAL D 106 -64.29 5.97 -20.17
N ASN D 107 -64.57 5.88 -21.48
CA ASN D 107 -64.17 4.75 -22.29
C ASN D 107 -63.08 5.11 -23.30
N ALA D 108 -62.34 6.18 -23.06
CA ALA D 108 -61.30 6.59 -23.99
C ALA D 108 -60.28 5.47 -24.17
N LYS D 109 -59.90 5.23 -25.41
CA LYS D 109 -58.89 4.23 -25.77
C LYS D 109 -57.65 4.95 -26.28
N ASP D 110 -56.48 4.57 -25.77
CA ASP D 110 -55.24 5.09 -26.34
C ASP D 110 -54.91 4.27 -27.59
N ASP D 111 -53.76 4.57 -28.20
CA ASP D 111 -53.39 3.87 -29.42
C ASP D 111 -53.28 2.36 -29.22
N ASN D 112 -53.13 1.91 -27.98
CA ASN D 112 -53.01 0.48 -27.70
C ASN D 112 -54.36 -0.18 -27.42
N GLY D 113 -55.44 0.58 -27.44
CA GLY D 113 -56.73 0.06 -27.02
C GLY D 113 -56.90 0.02 -25.52
N ILE D 114 -56.03 0.68 -24.77
CA ILE D 114 -56.05 0.64 -23.32
C ILE D 114 -56.93 1.77 -22.80
N THR D 115 -57.84 1.44 -21.90
CA THR D 115 -58.78 2.38 -21.31
C THR D 115 -58.36 2.74 -19.91
N PRO D 116 -58.96 3.78 -19.33
CA PRO D 116 -58.66 4.09 -17.92
C PRO D 116 -58.99 2.95 -16.98
N LEU D 117 -60.01 2.14 -17.30
CA LEU D 117 -60.36 0.99 -16.48
C LEU D 117 -59.24 -0.05 -16.50
N HIS D 118 -58.70 -0.35 -17.68
CA HIS D 118 -57.54 -1.22 -17.80
C HIS D 118 -56.42 -0.78 -16.85
N LEU D 119 -56.08 0.51 -16.90
CA LEU D 119 -54.95 1.00 -16.12
C LEU D 119 -55.24 0.98 -14.63
N ALA D 120 -56.43 1.40 -14.22
CA ALA D 120 -56.78 1.33 -12.81
C ALA D 120 -56.75 -0.11 -12.31
N ALA D 121 -57.32 -1.03 -13.09
CA ALA D 121 -57.30 -2.44 -12.72
C ALA D 121 -55.86 -2.95 -12.59
N ASN D 122 -55.00 -2.56 -13.52
CA ASN D 122 -53.64 -3.10 -13.54
C ASN D 122 -52.89 -2.72 -12.27
N ARG D 123 -53.12 -1.51 -11.77
CA ARG D 123 -52.46 -1.05 -10.55
C ARG D 123 -53.29 -1.32 -9.30
N GLY D 124 -54.42 -1.99 -9.43
CA GLY D 124 -55.21 -2.37 -8.27
C GLY D 124 -55.86 -1.22 -7.53
N HIS D 125 -56.26 -0.16 -8.24
CA HIS D 125 -56.92 0.99 -7.62
C HIS D 125 -58.42 0.71 -7.56
N LEU D 126 -58.85 0.06 -6.47
CA LEU D 126 -60.23 -0.42 -6.40
C LEU D 126 -61.23 0.72 -6.41
N GLU D 127 -61.00 1.75 -5.58
CA GLU D 127 -61.93 2.87 -5.52
C GLU D 127 -62.11 3.51 -6.90
N ILE D 128 -61.01 3.68 -7.63
CA ILE D 128 -61.09 4.30 -8.95
C ILE D 128 -61.85 3.40 -9.91
N VAL D 129 -61.68 2.09 -9.79
CA VAL D 129 -62.41 1.17 -10.66
C VAL D 129 -63.91 1.34 -10.46
N GLU D 130 -64.34 1.52 -9.22
CA GLU D 130 -65.77 1.64 -8.95
C GLU D 130 -66.32 2.98 -9.41
N VAL D 131 -65.53 4.05 -9.25
CA VAL D 131 -65.92 5.35 -9.80
C VAL D 131 -66.04 5.28 -11.32
N LEU D 132 -65.05 4.65 -11.98
CA LEU D 132 -65.12 4.52 -13.42
C LEU D 132 -66.34 3.71 -13.85
N LEU D 133 -66.61 2.60 -13.17
CA LEU D 133 -67.76 1.79 -13.52
C LEU D 133 -69.07 2.54 -13.26
N LYS D 134 -69.13 3.28 -12.16
CA LYS D 134 -70.31 4.07 -11.87
C LYS D 134 -70.61 5.06 -12.97
N TYR D 135 -69.58 5.59 -13.62
CA TYR D 135 -69.75 6.53 -14.72
C TYR D 135 -69.85 5.85 -16.08
N GLY D 136 -70.07 4.54 -16.11
CA GLY D 136 -70.34 3.86 -17.35
C GLY D 136 -69.14 3.25 -18.04
N ALA D 137 -68.02 3.06 -17.34
CA ALA D 137 -66.89 2.37 -17.95
C ALA D 137 -67.33 1.03 -18.49
N ASP D 138 -66.93 0.74 -19.73
CA ASP D 138 -67.28 -0.49 -20.42
C ASP D 138 -66.41 -1.62 -19.90
N VAL D 139 -67.03 -2.54 -19.15
CA VAL D 139 -66.25 -3.58 -18.48
C VAL D 139 -65.75 -4.64 -19.46
N ASN D 140 -66.36 -4.75 -20.63
CA ASN D 140 -65.96 -5.73 -21.64
C ASN D 140 -65.00 -5.16 -22.67
N ALA D 141 -64.58 -3.90 -22.52
CA ALA D 141 -63.65 -3.32 -23.47
C ALA D 141 -62.36 -4.14 -23.52
N GLN D 142 -61.90 -4.43 -24.73
CA GLN D 142 -60.68 -5.18 -24.97
C GLN D 142 -59.59 -4.26 -25.50
N ASP D 143 -58.35 -4.50 -25.09
CA ASP D 143 -57.21 -3.78 -25.65
C ASP D 143 -56.73 -4.52 -26.89
N LYS D 144 -55.63 -4.06 -27.47
CA LYS D 144 -55.14 -4.62 -28.73
C LYS D 144 -54.79 -6.10 -28.63
N PHE D 145 -54.67 -6.64 -27.41
CA PHE D 145 -54.37 -8.05 -27.22
C PHE D 145 -55.61 -8.86 -26.81
N GLY D 146 -56.78 -8.23 -26.81
CA GLY D 146 -58.01 -8.91 -26.47
C GLY D 146 -58.32 -8.96 -24.99
N LYS D 147 -57.57 -8.24 -24.16
CA LYS D 147 -57.68 -8.36 -22.71
C LYS D 147 -58.61 -7.31 -22.15
N THR D 148 -59.40 -7.72 -21.16
CA THR D 148 -60.29 -6.85 -20.42
C THR D 148 -59.71 -6.58 -19.03
N ALA D 149 -60.28 -5.59 -18.36
CA ALA D 149 -59.89 -5.32 -16.98
C ALA D 149 -59.98 -6.57 -16.13
N PHE D 150 -60.94 -7.45 -16.42
CA PHE D 150 -61.09 -8.69 -15.66
C PHE D 150 -59.93 -9.64 -15.91
N ASP D 151 -59.53 -9.82 -17.17
CA ASP D 151 -58.35 -10.60 -17.48
C ASP D 151 -57.13 -10.11 -16.70
N ILE D 152 -56.99 -8.79 -16.59
CA ILE D 152 -55.86 -8.20 -15.88
C ILE D 152 -55.90 -8.56 -14.40
N SER D 153 -57.10 -8.52 -13.80
CA SER D 153 -57.23 -8.83 -12.38
C SER D 153 -56.91 -10.30 -12.10
N ILE D 154 -57.32 -11.20 -12.99
CA ILE D 154 -57.03 -12.62 -12.80
C ILE D 154 -55.53 -12.86 -12.95
N ASN D 155 -54.93 -12.30 -14.00
CA ASN D 155 -53.50 -12.51 -14.22
C ASN D 155 -52.68 -11.95 -13.07
N ASN D 156 -53.05 -10.77 -12.56
CA ASN D 156 -52.36 -10.17 -11.43
C ASN D 156 -52.67 -10.86 -10.11
N GLY D 157 -53.69 -11.70 -10.07
CA GLY D 157 -54.05 -12.36 -8.83
C GLY D 157 -54.73 -11.46 -7.82
N ASN D 158 -55.47 -10.45 -8.29
CA ASN D 158 -56.18 -9.51 -7.43
C ASN D 158 -57.61 -10.03 -7.28
N GLU D 159 -57.87 -10.75 -6.19
CA GLU D 159 -59.19 -11.36 -6.01
C GLU D 159 -60.26 -10.30 -5.74
N ASP D 160 -59.97 -9.32 -4.88
CA ASP D 160 -60.93 -8.25 -4.62
C ASP D 160 -61.37 -7.59 -5.92
N LEU D 161 -60.41 -7.26 -6.77
CA LEU D 161 -60.74 -6.61 -8.03
C LEU D 161 -61.56 -7.52 -8.93
N ALA D 162 -61.22 -8.81 -8.98
CA ALA D 162 -61.94 -9.74 -9.84
C ALA D 162 -63.41 -9.85 -9.44
N GLU D 163 -63.72 -9.69 -8.15
CA GLU D 163 -65.11 -9.75 -7.71
C GLU D 163 -65.87 -8.50 -8.10
N ILE D 164 -65.20 -7.34 -8.09
CA ILE D 164 -65.87 -6.10 -8.48
C ILE D 164 -66.22 -6.09 -9.96
N LEU D 165 -65.47 -6.83 -10.77
CA LEU D 165 -65.63 -6.82 -12.23
C LEU D 165 -66.53 -7.96 -12.70
N GLN D 166 -67.73 -8.05 -12.14
CA GLN D 166 -68.71 -9.04 -12.57
C GLN D 166 -69.90 -8.36 -13.23
N LEU E 14 -27.36 -46.77 24.13
CA LEU E 14 -27.49 -48.22 24.01
C LEU E 14 -26.88 -48.70 22.69
N GLY E 15 -27.68 -48.67 21.62
CA GLY E 15 -27.18 -49.05 20.31
C GLY E 15 -26.32 -47.99 19.67
N LYS E 16 -26.61 -46.72 19.94
CA LYS E 16 -25.78 -45.64 19.42
C LYS E 16 -24.33 -45.80 19.91
N LYS E 17 -24.16 -46.12 21.19
CA LYS E 17 -22.82 -46.41 21.70
C LYS E 17 -22.16 -47.50 20.86
N LEU E 18 -22.91 -48.54 20.50
CA LEU E 18 -22.35 -49.65 19.74
C LEU E 18 -22.11 -49.27 18.29
N LEU E 19 -23.03 -48.50 17.70
CA LEU E 19 -22.81 -48.04 16.33
C LEU E 19 -21.51 -47.26 16.20
N GLU E 20 -21.25 -46.36 17.14
CA GLU E 20 -20.01 -45.60 17.12
C GLU E 20 -18.80 -46.50 17.37
N ALA E 21 -18.89 -47.36 18.39
CA ALA E 21 -17.76 -48.20 18.73
C ALA E 21 -17.39 -49.12 17.57
N ALA E 22 -18.40 -49.61 16.83
CA ALA E 22 -18.11 -50.44 15.68
C ALA E 22 -17.42 -49.64 14.58
N ARG E 23 -17.87 -48.40 14.38
CA ARG E 23 -17.22 -47.54 13.39
C ARG E 23 -15.77 -47.29 13.76
N ALA E 24 -15.52 -46.86 15.00
CA ALA E 24 -14.17 -46.52 15.42
C ALA E 24 -13.25 -47.73 15.43
N GLY E 25 -13.80 -48.94 15.39
CA GLY E 25 -12.98 -50.13 15.43
C GLY E 25 -12.51 -50.50 16.82
N ARG E 26 -13.32 -50.24 17.85
CA ARG E 26 -12.90 -50.44 19.24
C ARG E 26 -13.36 -51.84 19.66
N ASP E 27 -12.44 -52.81 19.60
CA ASP E 27 -12.79 -54.19 19.84
C ASP E 27 -13.30 -54.39 21.27
N ASP E 28 -12.56 -53.87 22.25
CA ASP E 28 -12.99 -54.01 23.65
C ASP E 28 -14.37 -53.39 23.86
N GLU E 29 -14.50 -52.10 23.54
CA GLU E 29 -15.77 -51.40 23.75
C GLU E 29 -16.95 -52.20 23.22
N VAL E 30 -16.82 -52.72 21.99
CA VAL E 30 -17.91 -53.49 21.39
C VAL E 30 -18.28 -54.66 22.28
N ARG E 31 -17.27 -55.35 22.83
CA ARG E 31 -17.55 -56.48 23.71
C ARG E 31 -18.26 -56.03 24.97
N ILE E 32 -17.75 -54.97 25.61
CA ILE E 32 -18.36 -54.50 26.86
C ILE E 32 -19.79 -54.06 26.62
N LEU E 33 -20.05 -53.41 25.48
CA LEU E 33 -21.38 -52.89 25.22
C LEU E 33 -22.38 -54.01 24.95
N MET E 34 -21.92 -55.14 24.41
CA MET E 34 -22.81 -56.27 24.19
C MET E 34 -22.92 -57.13 25.45
N ALA E 35 -21.89 -57.16 26.28
CA ALA E 35 -22.04 -57.77 27.60
C ALA E 35 -23.11 -57.07 28.41
N ASN E 36 -23.32 -55.78 28.17
CA ASN E 36 -24.39 -55.02 28.79
C ASN E 36 -25.72 -55.14 28.04
N GLY E 37 -25.76 -55.91 26.95
CA GLY E 37 -27.01 -56.19 26.28
C GLY E 37 -27.46 -55.14 25.30
N ALA E 38 -26.53 -54.48 24.61
CA ALA E 38 -26.89 -53.51 23.59
C ALA E 38 -27.40 -54.21 22.34
N ASP E 39 -28.36 -53.56 21.68
CA ASP E 39 -28.91 -54.11 20.45
C ASP E 39 -27.83 -54.21 19.38
N VAL E 40 -27.62 -55.43 18.86
CA VAL E 40 -26.60 -55.64 17.84
C VAL E 40 -27.10 -55.35 16.43
N ASN E 41 -28.41 -55.15 16.25
CA ASN E 41 -28.97 -54.73 14.97
C ASN E 41 -29.45 -53.28 15.01
N ALA E 42 -28.98 -52.50 15.96
CA ALA E 42 -29.30 -51.08 16.00
C ALA E 42 -29.00 -50.44 14.64
N ALA E 43 -29.84 -49.49 14.24
CA ALA E 43 -29.71 -48.82 12.95
C ALA E 43 -29.56 -47.33 13.15
N ASP E 44 -28.70 -46.69 12.35
CA ASP E 44 -28.54 -45.25 12.40
C ASP E 44 -29.50 -44.60 11.41
N VAL E 45 -29.35 -43.29 11.21
CA VAL E 45 -30.33 -42.53 10.45
C VAL E 45 -30.40 -42.95 8.98
N VAL E 46 -29.39 -43.64 8.45
CA VAL E 46 -29.45 -44.15 7.09
C VAL E 46 -29.63 -45.66 7.06
N GLY E 47 -30.02 -46.26 8.19
CA GLY E 47 -30.28 -47.69 8.22
C GLY E 47 -29.05 -48.57 8.31
N TRP E 48 -27.91 -48.01 8.71
CA TRP E 48 -26.68 -48.80 8.83
C TRP E 48 -26.59 -49.40 10.23
N THR E 49 -26.28 -50.68 10.29
CA THR E 49 -26.08 -51.40 11.54
C THR E 49 -24.62 -51.38 11.93
N PRO E 50 -24.28 -51.80 13.15
CA PRO E 50 -22.86 -51.93 13.49
C PRO E 50 -22.11 -52.82 12.52
N LEU E 51 -22.80 -53.80 11.92
CA LEU E 51 -22.14 -54.68 10.95
C LEU E 51 -21.87 -53.96 9.65
N HIS E 52 -22.78 -53.07 9.22
CA HIS E 52 -22.52 -52.22 8.06
C HIS E 52 -21.25 -51.42 8.26
N LEU E 53 -21.14 -50.72 9.39
CA LEU E 53 -20.01 -49.86 9.66
C LEU E 53 -18.71 -50.66 9.71
N ALA E 54 -18.71 -51.75 10.46
CA ALA E 54 -17.52 -52.60 10.54
C ALA E 54 -17.10 -53.09 9.17
N ALA E 55 -18.07 -53.49 8.34
CA ALA E 55 -17.75 -53.95 6.99
C ALA E 55 -17.20 -52.82 6.13
N TYR E 56 -17.79 -51.63 6.23
CA TYR E 56 -17.35 -50.50 5.43
C TYR E 56 -15.92 -50.10 5.78
N TRP E 57 -15.64 -49.88 7.06
CA TRP E 57 -14.33 -49.41 7.50
C TRP E 57 -13.31 -50.53 7.63
N GLY E 58 -13.70 -51.79 7.38
CA GLY E 58 -12.73 -52.88 7.35
C GLY E 58 -12.27 -53.38 8.71
N HIS E 59 -13.18 -53.54 9.66
CA HIS E 59 -12.86 -54.05 10.98
C HIS E 59 -13.33 -55.50 11.04
N LEU E 60 -12.44 -56.43 10.67
CA LEU E 60 -12.82 -57.83 10.61
C LEU E 60 -13.17 -58.39 11.97
N GLU E 61 -12.36 -58.08 12.99
CA GLU E 61 -12.61 -58.62 14.32
C GLU E 61 -13.99 -58.23 14.82
N ILE E 62 -14.37 -56.96 14.67
CA ILE E 62 -15.68 -56.53 15.12
C ILE E 62 -16.78 -57.21 14.31
N VAL E 63 -16.53 -57.49 13.03
CA VAL E 63 -17.51 -58.22 12.23
C VAL E 63 -17.74 -59.61 12.83
N GLU E 64 -16.66 -60.33 13.10
CA GLU E 64 -16.77 -61.67 13.68
C GLU E 64 -17.48 -61.61 15.04
N VAL E 65 -17.00 -60.74 15.93
CA VAL E 65 -17.60 -60.63 17.25
C VAL E 65 -19.07 -60.21 17.15
N LEU E 66 -19.42 -59.43 16.13
CA LEU E 66 -20.81 -59.02 15.96
C LEU E 66 -21.67 -60.18 15.48
N LEU E 67 -21.18 -60.94 14.50
CA LEU E 67 -21.94 -62.08 13.99
C LEU E 67 -22.11 -63.15 15.07
N LYS E 68 -21.07 -63.35 15.88
CA LYS E 68 -21.15 -64.32 16.97
C LYS E 68 -22.31 -64.00 17.92
N ASN E 69 -22.61 -62.72 18.10
CA ASN E 69 -23.69 -62.29 18.97
C ASN E 69 -25.02 -62.13 18.24
N GLY E 70 -25.17 -62.78 17.10
CA GLY E 70 -26.45 -62.78 16.41
C GLY E 70 -26.72 -61.58 15.54
N ALA E 71 -25.68 -60.90 15.07
CA ALA E 71 -25.87 -59.80 14.13
C ALA E 71 -26.59 -60.31 12.89
N ASP E 72 -27.63 -59.59 12.48
CA ASP E 72 -28.33 -59.91 11.23
C ASP E 72 -27.37 -59.68 10.06
N VAL E 73 -26.93 -60.77 9.43
CA VAL E 73 -25.95 -60.66 8.36
C VAL E 73 -26.55 -60.15 7.06
N ASN E 74 -27.87 -60.17 6.93
CA ASN E 74 -28.55 -59.70 5.72
C ASN E 74 -29.29 -58.39 5.96
N ALA E 75 -28.98 -57.69 7.04
CA ALA E 75 -29.52 -56.35 7.24
C ALA E 75 -29.27 -55.50 6.01
N TYR E 76 -30.21 -54.59 5.73
CA TYR E 76 -30.11 -53.70 4.58
C TYR E 76 -30.46 -52.28 5.01
N ASP E 77 -29.78 -51.31 4.40
CA ASP E 77 -29.96 -49.90 4.75
C ASP E 77 -31.17 -49.35 4.01
N THR E 78 -31.41 -48.03 4.11
CA THR E 78 -32.61 -47.46 3.50
C THR E 78 -32.56 -47.46 1.98
N LEU E 79 -31.43 -47.84 1.37
CA LEU E 79 -31.35 -48.02 -0.07
C LEU E 79 -31.17 -49.49 -0.45
N GLY E 80 -31.24 -50.39 0.52
CA GLY E 80 -31.25 -51.81 0.25
C GLY E 80 -29.90 -52.48 0.18
N SER E 81 -28.82 -51.81 0.61
CA SER E 81 -27.49 -52.41 0.55
C SER E 81 -27.17 -53.10 1.87
N THR E 82 -26.51 -54.24 1.77
CA THR E 82 -26.15 -55.10 2.88
C THR E 82 -24.69 -54.93 3.23
N PRO E 83 -24.25 -55.45 4.39
CA PRO E 83 -22.82 -55.40 4.70
C PRO E 83 -21.95 -56.10 3.66
N LEU E 84 -22.50 -57.09 2.95
CA LEU E 84 -21.73 -57.77 1.91
C LEU E 84 -21.50 -56.85 0.71
N HIS E 85 -22.50 -56.04 0.35
CA HIS E 85 -22.27 -55.00 -0.65
C HIS E 85 -21.06 -54.16 -0.27
N LEU E 86 -21.03 -53.68 0.96
CA LEU E 86 -19.96 -52.77 1.38
C LEU E 86 -18.61 -53.46 1.38
N ALA E 87 -18.52 -54.64 2.01
CA ALA E 87 -17.24 -55.33 2.09
C ALA E 87 -16.71 -55.68 0.72
N ALA E 88 -17.58 -56.16 -0.17
CA ALA E 88 -17.14 -56.48 -1.52
C ALA E 88 -16.72 -55.22 -2.27
N HIS E 89 -17.46 -54.12 -2.09
CA HIS E 89 -17.17 -52.91 -2.84
C HIS E 89 -15.81 -52.35 -2.49
N PHE E 90 -15.45 -52.38 -1.22
CA PHE E 90 -14.24 -51.74 -0.71
C PHE E 90 -13.07 -52.71 -0.54
N GLY E 91 -13.15 -53.89 -1.14
CA GLY E 91 -12.00 -54.77 -1.22
C GLY E 91 -11.61 -55.45 0.07
N HIS E 92 -12.57 -55.69 0.97
CA HIS E 92 -12.27 -56.33 2.25
C HIS E 92 -12.50 -57.84 2.09
N LEU E 93 -11.48 -58.51 1.57
CA LEU E 93 -11.59 -59.93 1.24
C LEU E 93 -12.02 -60.76 2.46
N GLU E 94 -11.26 -60.65 3.56
CA GLU E 94 -11.53 -61.48 4.72
C GLU E 94 -12.95 -61.27 5.22
N ILE E 95 -13.44 -60.03 5.19
CA ILE E 95 -14.78 -59.76 5.69
C ILE E 95 -15.83 -60.38 4.78
N VAL E 96 -15.58 -60.38 3.47
CA VAL E 96 -16.50 -61.02 2.54
C VAL E 96 -16.66 -62.50 2.88
N GLU E 97 -15.53 -63.19 3.09
CA GLU E 97 -15.59 -64.61 3.42
C GLU E 97 -16.37 -64.84 4.70
N VAL E 98 -16.00 -64.13 5.77
CA VAL E 98 -16.69 -64.27 7.05
C VAL E 98 -18.19 -64.07 6.88
N LEU E 99 -18.58 -62.99 6.20
CA LEU E 99 -20.00 -62.72 5.98
C LEU E 99 -20.68 -63.89 5.28
N LEU E 100 -20.08 -64.36 4.18
CA LEU E 100 -20.66 -65.48 3.44
C LEU E 100 -20.71 -66.73 4.30
N LYS E 101 -19.61 -67.05 4.99
CA LYS E 101 -19.59 -68.19 5.89
C LYS E 101 -20.76 -68.15 6.86
N ASN E 102 -21.22 -66.96 7.25
CA ASN E 102 -22.29 -66.82 8.23
C ASN E 102 -23.63 -66.52 7.57
N GLY E 103 -23.84 -66.99 6.35
CA GLY E 103 -25.16 -66.95 5.75
C GLY E 103 -25.51 -65.67 5.01
N ALA E 104 -24.54 -64.91 4.53
CA ALA E 104 -24.82 -63.68 3.83
C ALA E 104 -25.34 -63.99 2.42
N ASP E 105 -26.47 -63.39 2.07
CA ASP E 105 -27.05 -63.56 0.74
C ASP E 105 -26.08 -63.07 -0.31
N VAL E 106 -25.52 -64.00 -1.10
CA VAL E 106 -24.51 -63.63 -2.08
C VAL E 106 -25.13 -62.90 -3.27
N ASN E 107 -26.43 -63.07 -3.49
CA ASN E 107 -27.12 -62.45 -4.63
C ASN E 107 -28.00 -61.28 -4.21
N ALA E 108 -27.78 -60.75 -3.01
CA ALA E 108 -28.57 -59.62 -2.52
C ALA E 108 -28.53 -58.46 -3.50
N LYS E 109 -29.70 -57.92 -3.82
CA LYS E 109 -29.85 -56.74 -4.66
C LYS E 109 -30.26 -55.55 -3.81
N ASP E 110 -29.61 -54.41 -4.05
CA ASP E 110 -30.07 -53.16 -3.45
C ASP E 110 -31.17 -52.57 -4.33
N ASP E 111 -31.68 -51.40 -3.94
CA ASP E 111 -32.80 -50.81 -4.65
C ASP E 111 -32.49 -50.58 -6.13
N ASN E 112 -31.21 -50.51 -6.49
CA ASN E 112 -30.83 -50.33 -7.89
C ASN E 112 -30.66 -51.65 -8.63
N GLY E 113 -30.93 -52.77 -7.98
CA GLY E 113 -30.63 -54.05 -8.57
C GLY E 113 -29.15 -54.37 -8.63
N ILE E 114 -28.34 -53.74 -7.78
CA ILE E 114 -26.90 -53.94 -7.77
C ILE E 114 -26.57 -54.99 -6.72
N THR E 115 -25.71 -55.94 -7.09
CA THR E 115 -25.29 -57.04 -6.24
C THR E 115 -23.85 -56.86 -5.79
N PRO E 116 -23.41 -57.58 -4.77
CA PRO E 116 -21.99 -57.49 -4.38
C PRO E 116 -21.05 -57.85 -5.52
N LEU E 117 -21.46 -58.75 -6.42
CA LEU E 117 -20.61 -59.10 -7.55
C LEU E 117 -20.44 -57.91 -8.49
N HIS E 118 -21.53 -57.16 -8.74
CA HIS E 118 -21.44 -55.94 -9.52
C HIS E 118 -20.40 -55.00 -8.92
N LEU E 119 -20.50 -54.75 -7.62
CA LEU E 119 -19.60 -53.80 -6.96
C LEU E 119 -18.16 -54.28 -7.00
N ALA E 120 -17.91 -55.54 -6.60
CA ALA E 120 -16.57 -56.08 -6.66
C ALA E 120 -16.01 -56.01 -8.07
N ALA E 121 -16.82 -56.38 -9.06
CA ALA E 121 -16.39 -56.33 -10.45
C ALA E 121 -16.01 -54.91 -10.86
N ASN E 122 -16.80 -53.92 -10.44
CA ASN E 122 -16.56 -52.55 -10.90
C ASN E 122 -15.23 -52.03 -10.39
N ARG E 123 -14.86 -52.37 -9.15
CA ARG E 123 -13.60 -51.95 -8.56
C ARG E 123 -12.46 -52.93 -8.84
N GLY E 124 -12.69 -53.96 -9.64
CA GLY E 124 -11.62 -54.87 -10.04
C GLY E 124 -10.99 -55.64 -8.90
N HIS E 125 -11.80 -56.08 -7.93
CA HIS E 125 -11.30 -56.89 -6.81
C HIS E 125 -11.41 -58.36 -7.20
N LEU E 126 -10.39 -58.83 -7.94
CA LEU E 126 -10.44 -60.17 -8.54
C LEU E 126 -10.62 -61.25 -7.48
N GLU E 127 -9.83 -61.19 -6.40
CA GLU E 127 -9.94 -62.20 -5.37
C GLU E 127 -11.36 -62.28 -4.81
N ILE E 128 -11.99 -61.13 -4.57
CA ILE E 128 -13.32 -61.11 -3.99
C ILE E 128 -14.34 -61.65 -4.98
N VAL E 129 -14.17 -61.36 -6.26
CA VAL E 129 -15.07 -61.91 -7.28
C VAL E 129 -15.06 -63.42 -7.22
N GLU E 130 -13.87 -64.03 -7.14
CA GLU E 130 -13.77 -65.48 -7.11
C GLU E 130 -14.52 -66.05 -5.91
N VAL E 131 -14.36 -65.45 -4.74
CA VAL E 131 -15.06 -65.93 -3.55
C VAL E 131 -16.58 -65.86 -3.76
N LEU E 132 -17.06 -64.75 -4.35
CA LEU E 132 -18.49 -64.61 -4.57
C LEU E 132 -19.00 -65.67 -5.53
N LEU E 133 -18.28 -65.91 -6.62
CA LEU E 133 -18.67 -66.98 -7.54
C LEU E 133 -18.62 -68.32 -6.84
N LYS E 134 -17.63 -68.54 -5.98
CA LYS E 134 -17.52 -69.78 -5.23
C LYS E 134 -18.79 -70.06 -4.45
N TYR E 135 -19.36 -69.02 -3.82
CA TYR E 135 -20.56 -69.17 -3.02
C TYR E 135 -21.84 -69.05 -3.85
N GLY E 136 -21.74 -69.10 -5.17
CA GLY E 136 -22.92 -69.14 -6.01
C GLY E 136 -23.50 -67.80 -6.39
N ALA E 137 -22.68 -66.89 -6.90
CA ALA E 137 -23.14 -65.60 -7.37
C ALA E 137 -23.58 -65.72 -8.83
N ASP E 138 -24.79 -65.26 -9.12
CA ASP E 138 -25.35 -65.33 -10.47
C ASP E 138 -24.62 -64.34 -11.37
N VAL E 139 -23.72 -64.87 -12.22
CA VAL E 139 -22.96 -64.04 -13.15
C VAL E 139 -23.87 -63.30 -14.10
N ASN E 140 -25.09 -63.78 -14.32
CA ASN E 140 -26.01 -63.18 -15.28
C ASN E 140 -27.00 -62.24 -14.61
N ALA E 141 -26.83 -61.96 -13.32
CA ALA E 141 -27.69 -60.98 -12.66
C ALA E 141 -27.51 -59.62 -13.31
N GLN E 142 -28.63 -58.96 -13.59
CA GLN E 142 -28.66 -57.64 -14.19
C GLN E 142 -29.07 -56.61 -13.15
N ASP E 143 -28.50 -55.41 -13.26
CA ASP E 143 -28.96 -54.30 -12.45
C ASP E 143 -30.10 -53.60 -13.18
N LYS E 144 -30.59 -52.48 -12.61
CA LYS E 144 -31.73 -51.80 -13.19
C LYS E 144 -31.49 -51.37 -14.63
N PHE E 145 -30.23 -51.29 -15.06
CA PHE E 145 -29.90 -50.89 -16.42
C PHE E 145 -29.58 -52.07 -17.32
N GLY E 146 -29.79 -53.29 -16.85
CA GLY E 146 -29.56 -54.46 -17.66
C GLY E 146 -28.12 -54.91 -17.73
N LYS E 147 -27.27 -54.42 -16.83
CA LYS E 147 -25.84 -54.66 -16.87
C LYS E 147 -25.46 -55.82 -15.96
N THR E 148 -24.57 -56.68 -16.45
CA THR E 148 -24.01 -57.76 -15.67
C THR E 148 -22.59 -57.42 -15.25
N ALA E 149 -22.06 -58.22 -14.31
CA ALA E 149 -20.66 -58.07 -13.94
C ALA E 149 -19.75 -58.21 -15.14
N PHE E 150 -20.16 -59.00 -16.14
CA PHE E 150 -19.35 -59.12 -17.35
C PHE E 150 -19.38 -57.83 -18.17
N ASP E 151 -20.58 -57.25 -18.33
CA ASP E 151 -20.66 -55.96 -19.01
C ASP E 151 -19.75 -54.94 -18.35
N ILE E 152 -19.70 -54.94 -17.01
CA ILE E 152 -18.85 -54.00 -16.28
C ILE E 152 -17.39 -54.24 -16.63
N SER E 153 -16.96 -55.51 -16.65
CA SER E 153 -15.56 -55.80 -16.92
C SER E 153 -15.18 -55.40 -18.34
N ILE E 154 -16.10 -55.55 -19.30
CA ILE E 154 -15.81 -55.16 -20.67
C ILE E 154 -15.70 -53.64 -20.77
N ASN E 155 -16.70 -52.93 -20.25
CA ASN E 155 -16.69 -51.47 -20.29
C ASN E 155 -15.43 -50.91 -19.63
N ASN E 156 -15.03 -51.49 -18.50
CA ASN E 156 -13.85 -51.03 -17.79
C ASN E 156 -12.55 -51.43 -18.47
N GLY E 157 -12.60 -52.41 -19.38
CA GLY E 157 -11.38 -52.89 -20.00
C GLY E 157 -10.52 -53.74 -19.09
N ASN E 158 -11.13 -54.42 -18.12
CA ASN E 158 -10.38 -55.26 -17.18
C ASN E 158 -10.30 -56.66 -17.77
N GLU E 159 -9.19 -56.94 -18.47
CA GLU E 159 -9.04 -58.21 -19.16
C GLU E 159 -9.07 -59.38 -18.17
N ASP E 160 -8.25 -59.30 -17.12
CA ASP E 160 -8.18 -60.38 -16.14
C ASP E 160 -9.56 -60.75 -15.63
N LEU E 161 -10.39 -59.74 -15.33
CA LEU E 161 -11.73 -60.00 -14.79
C LEU E 161 -12.65 -60.56 -15.86
N ALA E 162 -12.57 -60.04 -17.08
CA ALA E 162 -13.46 -60.47 -18.15
C ALA E 162 -13.40 -61.99 -18.34
N GLU E 163 -12.19 -62.56 -18.37
CA GLU E 163 -12.08 -63.99 -18.63
C GLU E 163 -12.61 -64.81 -17.46
N ILE E 164 -12.40 -64.33 -16.22
CA ILE E 164 -12.91 -65.05 -15.06
C ILE E 164 -14.43 -65.21 -15.14
N LEU E 165 -15.11 -64.31 -15.85
CA LEU E 165 -16.57 -64.35 -15.99
C LEU E 165 -16.99 -65.03 -17.28
N GLN E 166 -16.34 -66.13 -17.64
CA GLN E 166 -16.68 -66.86 -18.85
C GLN E 166 -16.30 -68.33 -18.71
#